data_6UDP
#
_entry.id   6UDP
#
_cell.length_a   1.00
_cell.length_b   1.00
_cell.length_c   1.00
_cell.angle_alpha   90.00
_cell.angle_beta   90.00
_cell.angle_gamma   90.00
#
_symmetry.space_group_name_H-M   'P 1'
#
loop_
_entity.id
_entity.type
_entity.pdbx_description
1 polymer "Inosine-5'-monophosphate dehydrogenase 2"
2 non-polymer 'INOSINIC ACID'
#
_entity_poly.entity_id   1
_entity_poly.type   'polypeptide(L)'
_entity_poly.pdbx_seq_one_letter_code
;SEFELMADYLISGGTSYVPDDGLTAQQLFNCGDGLTYNDFLILPGYIDFTADQVDLTSALTKKITLKTPLVSSPMDTVTE
AGMAIAMALTGGIGFIHHNCTPEFQANEVRKVKKYEQGFITDPVVLSPKDRVRDVFEAKARHGFCGIPITDTGRMGSRLV
GIISSRDIDFLKEEEHDCFLEEIMTKREDLVVAPAGITLKEANEILQRSKKGKLPIVNEDDELVAIIARTDLKKNRDYPL
ASKDAKKQLLCGAAIGTHEDDKYRLDLLAQAGVDVVVLDSSQGNSIFQINMIKYIKDKYPNLQVIGGNVVTAAQAKNLID
AGVDALRVGMGSGSICITQEVLACGRPQATAVYKVSEYARRFGVPVIADGGIQNVGHIAKALALGASTVMMGSLLAATTE
APGEYFFSDGIRLKKYRGMGSLDAMDKHLSSQNRYFSEADKIKVAQGVSGAVQDKGSIHKFVPYLIAGIQHSCQDIGAKS
LTQVRAMMYSGELKFEKRTSSAQVEGGVHSLHSYEKRLF
;
_entity_poly.pdbx_strand_id   A,B,C,D,E,F,G,H
#
# COMPACT_ATOMS: atom_id res chain seq x y z
N MET A 6 -42.86 -2.12 6.17
CA MET A 6 -42.36 -3.05 5.16
C MET A 6 -40.93 -2.73 4.75
N ALA A 7 -40.49 -3.25 3.60
CA ALA A 7 -39.08 -3.28 3.23
C ALA A 7 -38.51 -1.92 2.86
N ASP A 8 -39.34 -0.90 2.70
CA ASP A 8 -38.81 0.44 2.46
C ASP A 8 -38.13 1.02 3.70
N TYR A 9 -38.48 0.51 4.88
CA TYR A 9 -37.90 0.96 6.14
C TYR A 9 -37.08 -0.11 6.84
N LEU A 10 -37.43 -1.38 6.69
CA LEU A 10 -36.84 -2.44 7.49
C LEU A 10 -35.45 -2.86 7.04
N ILE A 11 -34.98 -2.42 5.87
CA ILE A 11 -33.67 -2.84 5.41
C ILE A 11 -32.56 -2.00 6.03
N SER A 12 -32.60 -0.70 5.79
CA SER A 12 -31.52 0.19 6.24
C SER A 12 -31.96 1.15 7.34
N GLY A 13 -33.13 0.95 7.92
CA GLY A 13 -33.57 1.79 9.01
C GLY A 13 -34.03 3.18 8.62
N GLY A 14 -34.51 3.35 7.39
CA GLY A 14 -35.04 4.60 6.93
C GLY A 14 -34.02 5.55 6.31
N THR A 15 -32.75 5.42 6.68
CA THR A 15 -31.71 6.25 6.09
C THR A 15 -31.48 5.85 4.64
N SER A 16 -31.28 6.86 3.79
CA SER A 16 -31.18 6.64 2.36
C SER A 16 -29.83 6.03 1.99
N TYR A 17 -29.63 5.83 0.69
CA TYR A 17 -28.44 5.12 0.21
C TYR A 17 -27.18 5.97 0.37
N VAL A 18 -27.16 7.16 -0.24
CA VAL A 18 -26.08 8.15 -0.17
C VAL A 18 -24.77 7.55 -0.69
N PRO A 19 -24.57 7.50 -2.01
CA PRO A 19 -23.38 6.85 -2.60
C PRO A 19 -22.07 7.42 -2.08
N ASP A 20 -21.20 6.53 -1.60
CA ASP A 20 -19.96 6.96 -0.95
C ASP A 20 -18.99 7.48 -2.00
N ASP A 21 -18.57 8.73 -1.84
CA ASP A 21 -17.69 9.37 -2.81
C ASP A 21 -16.93 10.48 -2.12
N GLY A 22 -15.61 10.36 -2.07
CA GLY A 22 -14.77 11.32 -1.38
C GLY A 22 -14.08 10.69 -0.17
N LEU A 23 -13.32 11.53 0.52
CA LEU A 23 -12.55 11.11 1.67
C LEU A 23 -13.00 11.87 2.90
N THR A 24 -13.08 11.17 4.04
CA THR A 24 -13.35 11.84 5.30
C THR A 24 -12.11 12.57 5.78
N ALA A 25 -12.26 13.32 6.88
CA ALA A 25 -11.13 14.07 7.41
C ALA A 25 -10.12 13.15 8.07
N GLN A 26 -10.57 12.01 8.59
CA GLN A 26 -9.63 11.04 9.15
C GLN A 26 -8.86 10.31 8.05
N GLN A 27 -9.48 10.10 6.90
CA GLN A 27 -8.80 9.44 5.79
C GLN A 27 -7.90 10.39 5.01
N LEU A 28 -8.05 11.70 5.19
CA LEU A 28 -7.29 12.69 4.45
C LEU A 28 -6.05 13.17 5.19
N PHE A 29 -6.14 13.38 6.50
CA PHE A 29 -5.05 13.95 7.28
C PHE A 29 -4.25 12.89 8.03
N ASN A 30 -4.48 11.62 7.74
CA ASN A 30 -3.66 10.53 8.29
C ASN A 30 -2.88 9.83 7.19
N CYS A 31 -2.70 10.48 6.05
CA CYS A 31 -1.86 9.96 4.98
C CYS A 31 -0.38 10.25 5.21
N GLY A 32 -0.05 11.00 6.25
CA GLY A 32 1.31 11.39 6.54
C GLY A 32 1.75 12.67 5.87
N ASP A 33 1.14 13.02 4.74
CA ASP A 33 1.48 14.23 4.02
C ASP A 33 0.82 15.44 4.66
N GLY A 34 1.55 16.55 4.71
CA GLY A 34 1.07 17.75 5.38
C GLY A 34 0.35 18.71 4.47
N LEU A 35 -0.94 18.91 4.71
CA LEU A 35 -1.78 19.72 3.83
C LEU A 35 -2.05 21.07 4.46
N THR A 36 -2.07 22.10 3.63
CA THR A 36 -2.50 23.43 4.03
C THR A 36 -3.92 23.68 3.52
N TYR A 37 -4.39 24.92 3.65
CA TYR A 37 -5.76 25.26 3.27
C TYR A 37 -6.00 25.13 1.78
N ASN A 38 -4.99 25.43 0.96
CA ASN A 38 -5.16 25.39 -0.49
C ASN A 38 -4.96 24.01 -1.08
N ASP A 39 -4.69 22.99 -0.27
CA ASP A 39 -4.42 21.66 -0.77
C ASP A 39 -5.64 20.75 -0.79
N PHE A 40 -6.79 21.23 -0.36
CA PHE A 40 -7.98 20.41 -0.34
C PHE A 40 -9.19 21.31 -0.53
N LEU A 41 -10.37 20.70 -0.53
CA LEU A 41 -11.65 21.38 -0.61
C LEU A 41 -12.74 20.45 -0.07
N ILE A 42 -13.88 21.05 0.25
CA ILE A 42 -14.99 20.37 0.89
C ILE A 42 -15.99 19.93 -0.16
N LEU A 43 -16.41 18.68 -0.11
CA LEU A 43 -17.44 18.23 -1.05
C LEU A 43 -18.82 18.67 -0.58
N PRO A 44 -19.66 19.17 -1.48
CA PRO A 44 -20.98 19.66 -1.09
C PRO A 44 -21.98 18.55 -0.80
N GLY A 45 -23.11 18.96 -0.23
CA GLY A 45 -24.15 18.04 0.18
C GLY A 45 -25.55 18.50 -0.18
N TYR A 46 -26.48 18.38 0.76
CA TYR A 46 -27.90 18.60 0.52
C TYR A 46 -28.37 19.88 1.21
N ILE A 47 -29.19 20.66 0.51
CA ILE A 47 -29.73 21.92 1.01
C ILE A 47 -31.22 21.77 1.25
N ASP A 48 -31.66 22.08 2.47
CA ASP A 48 -33.08 22.27 2.74
C ASP A 48 -33.32 23.52 3.59
N PHE A 49 -32.51 24.56 3.37
CA PHE A 49 -32.55 25.76 4.20
C PHE A 49 -31.87 26.90 3.44
N THR A 50 -32.33 28.12 3.70
CA THR A 50 -31.69 29.29 3.12
C THR A 50 -30.44 29.66 3.89
N ALA A 51 -29.64 30.55 3.32
CA ALA A 51 -28.36 30.90 3.89
C ALA A 51 -28.46 31.81 5.11
N ASP A 52 -29.53 32.60 5.22
CA ASP A 52 -29.65 33.56 6.31
C ASP A 52 -29.99 32.93 7.65
N GLN A 53 -30.43 31.68 7.67
CA GLN A 53 -30.75 30.97 8.91
C GLN A 53 -29.68 29.96 9.29
N VAL A 54 -28.43 30.27 8.97
CA VAL A 54 -27.29 29.47 9.40
C VAL A 54 -26.74 30.09 10.67
N ASP A 55 -26.80 29.34 11.77
CA ASP A 55 -26.37 29.83 13.07
C ASP A 55 -24.85 29.74 13.19
N LEU A 56 -24.22 30.83 13.62
CA LEU A 56 -22.77 30.92 13.68
C LEU A 56 -22.24 30.97 15.11
N THR A 57 -22.98 30.39 16.05
CA THR A 57 -22.57 30.43 17.45
C THR A 57 -21.36 29.53 17.66
N SER A 58 -20.28 30.11 18.18
CA SER A 58 -19.05 29.38 18.39
C SER A 58 -18.49 29.72 19.75
N ALA A 59 -17.77 28.77 20.34
CA ALA A 59 -17.23 28.90 21.68
C ALA A 59 -15.77 29.37 21.59
N LEU A 60 -15.47 30.50 22.22
CA LEU A 60 -14.10 30.96 22.29
C LEU A 60 -13.28 30.11 23.25
N THR A 61 -13.67 30.11 24.52
CA THR A 61 -13.09 29.27 25.54
C THR A 61 -14.18 28.33 26.07
N LYS A 62 -13.88 27.64 27.17
CA LYS A 62 -14.82 26.70 27.76
C LYS A 62 -16.02 27.37 28.40
N LYS A 63 -15.99 28.68 28.64
CA LYS A 63 -17.12 29.40 29.20
C LYS A 63 -17.50 30.66 28.45
N ILE A 64 -16.63 31.19 27.59
CA ILE A 64 -16.97 32.36 26.78
C ILE A 64 -17.56 31.87 25.46
N THR A 65 -18.74 32.38 25.12
CA THR A 65 -19.44 32.00 23.90
C THR A 65 -19.65 33.24 23.04
N LEU A 66 -19.17 33.18 21.81
CA LEU A 66 -19.31 34.26 20.84
C LEU A 66 -20.42 33.95 19.84
N LYS A 67 -20.85 34.99 19.15
CA LYS A 67 -21.90 34.86 18.15
C LYS A 67 -21.38 34.72 16.73
N THR A 68 -20.14 35.16 16.47
CA THR A 68 -19.48 34.93 15.20
C THR A 68 -18.12 34.30 15.47
N PRO A 69 -17.67 33.37 14.63
CA PRO A 69 -16.39 32.68 14.86
C PRO A 69 -15.18 33.44 14.32
N LEU A 70 -15.11 34.74 14.61
CA LEU A 70 -14.07 35.61 14.08
C LEU A 70 -13.46 36.39 15.23
N VAL A 71 -12.27 35.99 15.65
CA VAL A 71 -11.52 36.73 16.64
C VAL A 71 -10.36 37.40 15.92
N SER A 72 -9.77 38.39 16.56
CA SER A 72 -8.75 39.22 15.93
C SER A 72 -7.45 39.14 16.71
N SER A 73 -6.35 39.32 15.98
CA SER A 73 -5.03 38.91 16.46
C SER A 73 -4.41 39.98 17.36
N PRO A 74 -3.72 39.57 18.42
CA PRO A 74 -3.01 40.53 19.29
C PRO A 74 -1.67 40.99 18.73
N MET A 75 -1.75 41.87 17.75
CA MET A 75 -0.58 42.44 17.10
C MET A 75 -0.65 43.96 17.19
N ASP A 76 0.52 44.61 17.15
CA ASP A 76 0.57 46.05 17.34
C ASP A 76 0.06 46.84 16.14
N THR A 77 -0.13 46.20 14.99
CA THR A 77 -0.74 46.84 13.83
C THR A 77 -2.04 46.17 13.42
N VAL A 78 -2.64 45.38 14.30
CA VAL A 78 -3.96 44.81 14.07
C VAL A 78 -4.98 45.36 15.06
N THR A 79 -4.79 45.12 16.35
CA THR A 79 -5.79 45.44 17.35
C THR A 79 -5.29 46.38 18.43
N GLU A 80 -6.11 47.37 18.75
CA GLU A 80 -6.05 48.16 19.97
C GLU A 80 -7.51 48.27 20.42
N ALA A 81 -7.83 49.24 21.27
CA ALA A 81 -9.20 49.32 21.78
C ALA A 81 -10.22 49.69 20.70
N GLY A 82 -9.81 50.34 19.60
CA GLY A 82 -10.74 50.58 18.52
C GLY A 82 -11.18 49.29 17.85
N MET A 83 -10.22 48.42 17.53
CA MET A 83 -10.54 47.11 17.00
C MET A 83 -11.17 46.20 18.04
N ALA A 84 -10.82 46.36 19.33
CA ALA A 84 -11.45 45.55 20.36
C ALA A 84 -12.92 45.94 20.56
N ILE A 85 -13.26 47.20 20.33
CA ILE A 85 -14.68 47.59 20.30
C ILE A 85 -15.34 47.06 19.03
N ALA A 86 -14.72 47.30 17.87
CA ALA A 86 -15.41 47.09 16.61
C ALA A 86 -15.51 45.62 16.24
N MET A 87 -14.61 44.76 16.74
CA MET A 87 -14.79 43.33 16.57
C MET A 87 -15.82 42.76 17.53
N ALA A 88 -15.93 43.34 18.72
CA ALA A 88 -16.92 42.86 19.67
C ALA A 88 -18.33 43.24 19.25
N LEU A 89 -18.51 44.44 18.68
CA LEU A 89 -19.85 44.87 18.29
C LEU A 89 -20.41 44.07 17.12
N THR A 90 -19.55 43.53 16.27
CA THR A 90 -20.00 42.71 15.15
C THR A 90 -20.08 41.23 15.48
N GLY A 91 -19.86 40.85 16.73
CA GLY A 91 -20.06 39.49 17.19
C GLY A 91 -18.82 38.81 17.73
N GLY A 92 -17.64 39.21 17.29
CA GLY A 92 -16.39 38.57 17.69
C GLY A 92 -15.84 39.10 18.99
N ILE A 93 -14.51 39.06 19.10
CA ILE A 93 -13.80 39.57 20.27
C ILE A 93 -12.45 40.07 19.77
N GLY A 94 -11.83 40.97 20.53
CA GLY A 94 -10.53 41.50 20.20
C GLY A 94 -9.52 41.20 21.29
N PHE A 95 -8.28 40.96 20.87
CA PHE A 95 -7.17 40.73 21.78
C PHE A 95 -6.19 41.88 21.62
N ILE A 96 -5.95 42.62 22.69
CA ILE A 96 -5.10 43.81 22.66
C ILE A 96 -3.66 43.38 22.89
N HIS A 97 -2.75 43.87 22.04
CA HIS A 97 -1.37 43.43 22.02
C HIS A 97 -0.62 43.87 23.27
N HIS A 98 0.56 43.28 23.47
CA HIS A 98 1.41 43.59 24.60
C HIS A 98 2.74 44.22 24.19
N ASN A 99 2.78 44.86 23.03
CA ASN A 99 3.96 45.59 22.59
C ASN A 99 3.91 47.04 23.08
N CYS A 100 3.72 47.19 24.39
CA CYS A 100 3.50 48.49 25.01
C CYS A 100 3.71 48.34 26.51
N THR A 101 3.64 49.47 27.20
CA THR A 101 3.70 49.46 28.65
C THR A 101 2.42 48.84 29.21
N PRO A 102 2.48 48.21 30.40
CA PRO A 102 1.26 47.61 30.98
C PRO A 102 0.18 48.61 31.32
N GLU A 103 0.55 49.85 31.64
CA GLU A 103 -0.46 50.88 31.90
C GLU A 103 -1.20 51.24 30.62
N PHE A 104 -0.50 51.25 29.48
CA PHE A 104 -1.15 51.52 28.20
C PHE A 104 -2.12 50.41 27.82
N GLN A 105 -1.72 49.16 28.02
CA GLN A 105 -2.58 48.04 27.67
C GLN A 105 -3.79 47.95 28.59
N ALA A 106 -3.60 48.25 29.88
CA ALA A 106 -4.74 48.33 30.80
C ALA A 106 -5.65 49.51 30.46
N ASN A 107 -5.08 50.60 29.94
CA ASN A 107 -5.89 51.72 29.46
C ASN A 107 -6.73 51.32 28.26
N GLU A 108 -6.17 50.53 27.35
CA GLU A 108 -6.94 50.10 26.18
C GLU A 108 -8.04 49.12 26.58
N VAL A 109 -7.76 48.24 27.56
CA VAL A 109 -8.77 47.29 28.03
C VAL A 109 -9.90 48.00 28.77
N ARG A 110 -9.58 49.00 29.60
CA ARG A 110 -10.66 49.76 30.22
C ARG A 110 -11.32 50.72 29.24
N LYS A 111 -10.67 51.03 28.10
CA LYS A 111 -11.31 51.85 27.09
C LYS A 111 -12.37 51.06 26.31
N VAL A 112 -12.07 49.80 25.99
CA VAL A 112 -13.09 48.97 25.35
C VAL A 112 -14.15 48.52 26.36
N LYS A 113 -13.77 48.34 27.63
CA LYS A 113 -14.72 47.84 28.61
C LYS A 113 -15.71 48.90 29.06
N LYS A 114 -15.35 50.18 28.97
CA LYS A 114 -16.22 51.29 29.33
C LYS A 114 -17.00 51.81 28.11
N TYR A 115 -17.12 51.00 27.05
CA TYR A 115 -17.82 51.46 25.86
C TYR A 115 -19.33 51.34 26.03
N TYR A 238 -24.25 45.30 16.27
CA TYR A 238 -24.90 45.54 17.57
C TYR A 238 -26.17 44.71 17.97
N PRO A 239 -26.92 44.07 17.04
CA PRO A 239 -27.91 43.09 17.52
C PRO A 239 -27.29 41.89 18.21
N LEU A 240 -26.12 41.44 17.76
CA LEU A 240 -25.42 40.29 18.33
C LEU A 240 -24.01 40.78 18.65
N ALA A 241 -23.86 41.32 19.85
CA ALA A 241 -22.72 42.18 20.19
C ALA A 241 -21.76 41.59 21.21
N SER A 242 -21.93 40.32 21.60
CA SER A 242 -20.98 39.54 22.39
C SER A 242 -20.63 40.18 23.73
N LYS A 243 -21.62 40.35 24.60
CA LYS A 243 -21.42 41.11 25.83
C LYS A 243 -21.70 40.23 27.04
N ASP A 244 -21.06 40.57 28.16
CA ASP A 244 -21.03 39.71 29.34
C ASP A 244 -22.27 39.96 30.21
N ALA A 245 -22.22 39.46 31.45
CA ALA A 245 -23.37 39.55 32.35
C ALA A 245 -23.63 40.98 32.82
N LYS A 246 -22.60 41.82 32.83
CA LYS A 246 -22.76 43.22 33.20
C LYS A 246 -23.03 44.12 31.99
N LYS A 247 -23.38 43.52 30.85
CA LYS A 247 -23.73 44.20 29.59
C LYS A 247 -22.60 45.08 29.06
N GLN A 248 -21.36 44.72 29.38
CA GLN A 248 -20.16 45.36 28.85
C GLN A 248 -19.56 44.50 27.76
N LEU A 249 -18.77 45.14 26.90
CA LEU A 249 -18.21 44.43 25.75
C LEU A 249 -17.11 43.47 26.19
N LEU A 250 -17.09 42.30 25.57
CA LEU A 250 -16.03 41.32 25.80
C LEU A 250 -14.70 41.83 25.27
N CYS A 251 -13.63 41.54 25.99
CA CYS A 251 -12.30 41.95 25.56
C CYS A 251 -11.28 40.89 25.96
N GLY A 252 -10.20 40.84 25.19
CA GLY A 252 -9.08 39.98 25.50
C GLY A 252 -7.79 40.75 25.45
N ALA A 253 -6.76 40.18 26.06
CA ALA A 253 -5.47 40.85 26.09
C ALA A 253 -4.37 39.79 26.10
N ALA A 254 -3.26 40.11 25.44
CA ALA A 254 -2.13 39.21 25.37
C ALA A 254 -1.12 39.54 26.45
N ILE A 255 -0.57 38.51 27.08
CA ILE A 255 0.54 38.65 28.01
C ILE A 255 1.60 37.63 27.62
N GLY A 256 2.85 37.91 28.01
CA GLY A 256 3.91 36.96 27.84
C GLY A 256 3.96 35.98 28.99
N THR A 257 5.04 35.20 29.01
CA THR A 257 5.22 34.17 30.04
C THR A 257 6.39 34.49 30.97
N HIS A 258 6.94 35.69 30.88
CA HIS A 258 8.03 36.09 31.75
C HIS A 258 7.48 36.45 33.14
N GLU A 259 8.37 36.50 34.12
CA GLU A 259 7.96 36.78 35.49
C GLU A 259 7.52 38.24 35.66
N ASP A 260 8.03 39.15 34.84
CA ASP A 260 7.60 40.54 34.89
C ASP A 260 6.18 40.75 34.39
N ASP A 261 5.60 39.77 33.70
CA ASP A 261 4.27 39.89 33.16
C ASP A 261 3.18 39.53 34.15
N LYS A 262 3.54 39.08 35.36
CA LYS A 262 2.53 38.91 36.40
C LYS A 262 1.96 40.25 36.85
N TYR A 263 2.80 41.29 36.86
CA TYR A 263 2.30 42.64 37.15
C TYR A 263 1.40 43.16 36.04
N ARG A 264 1.72 42.84 34.79
CA ARG A 264 0.84 43.17 33.67
C ARG A 264 -0.48 42.44 33.78
N LEU A 265 -0.45 41.16 34.19
CA LEU A 265 -1.67 40.39 34.40
C LEU A 265 -2.52 40.97 35.50
N ASP A 266 -1.90 41.40 36.61
CA ASP A 266 -2.64 42.02 37.70
C ASP A 266 -3.25 43.35 37.26
N LEU A 267 -2.51 44.14 36.48
CA LEU A 267 -3.03 45.43 36.04
C LEU A 267 -4.07 45.30 34.94
N LEU A 268 -4.08 44.19 34.21
CA LEU A 268 -5.16 43.92 33.25
C LEU A 268 -6.38 43.32 33.92
N ALA A 269 -6.20 42.50 34.96
CA ALA A 269 -7.33 41.94 35.68
C ALA A 269 -8.00 42.97 36.58
N GLN A 270 -7.29 44.01 37.00
CA GLN A 270 -7.96 45.13 37.66
C GLN A 270 -8.79 45.93 36.67
N ALA A 271 -8.38 45.96 35.39
CA ALA A 271 -9.19 46.60 34.36
C ALA A 271 -10.39 45.77 33.95
N GLY A 272 -10.44 44.51 34.34
CA GLY A 272 -11.59 43.67 34.09
C GLY A 272 -11.54 42.93 32.77
N VAL A 273 -10.37 42.38 32.42
CA VAL A 273 -10.25 41.59 31.21
C VAL A 273 -10.97 40.25 31.40
N ASP A 274 -11.58 39.76 30.33
CA ASP A 274 -12.38 38.56 30.40
C ASP A 274 -11.62 37.30 30.01
N VAL A 275 -10.60 37.44 29.17
CA VAL A 275 -9.82 36.30 28.70
C VAL A 275 -8.42 36.81 28.38
N VAL A 276 -7.42 35.99 28.68
CA VAL A 276 -6.04 36.32 28.34
C VAL A 276 -5.49 35.22 27.44
N VAL A 277 -4.68 35.63 26.46
CA VAL A 277 -3.95 34.72 25.60
C VAL A 277 -2.48 34.86 25.92
N LEU A 278 -1.80 33.73 26.03
CA LEU A 278 -0.39 33.69 26.41
C LEU A 278 0.41 33.65 25.11
N ASP A 279 0.89 34.81 24.68
CA ASP A 279 1.40 34.98 23.33
C ASP A 279 2.84 34.47 23.27
N SER A 280 3.03 33.35 22.57
CA SER A 280 4.36 32.83 22.27
C SER A 280 4.26 31.97 21.03
N SER A 281 5.35 31.94 20.26
CA SER A 281 5.38 31.13 19.05
C SER A 281 5.54 29.66 19.35
N GLN A 282 5.95 29.30 20.57
CA GLN A 282 6.12 27.91 20.99
C GLN A 282 5.49 27.78 22.37
N GLY A 283 4.32 27.15 22.41
CA GLY A 283 3.52 27.14 23.63
C GLY A 283 3.83 26.04 24.62
N ASN A 284 4.63 25.06 24.24
CA ASN A 284 4.90 23.91 25.12
C ASN A 284 6.20 24.13 25.88
N SER A 285 6.20 25.13 26.75
CA SER A 285 7.35 25.42 27.59
C SER A 285 6.95 25.27 29.05
N ILE A 286 7.96 25.15 29.91
CA ILE A 286 7.71 25.10 31.34
C ILE A 286 7.24 26.47 31.84
N PHE A 287 7.66 27.54 31.16
CA PHE A 287 7.31 28.90 31.56
C PHE A 287 5.82 29.16 31.40
N GLN A 288 5.26 28.73 30.26
CA GLN A 288 3.84 28.93 30.01
C GLN A 288 2.98 28.00 30.86
N ILE A 289 3.45 26.80 31.16
CA ILE A 289 2.70 25.90 32.03
C ILE A 289 2.67 26.43 33.47
N ASN A 290 3.79 26.98 33.95
CA ASN A 290 3.78 27.62 35.26
C ASN A 290 2.93 28.88 35.28
N MET A 291 2.89 29.62 34.17
CA MET A 291 2.02 30.80 34.13
C MET A 291 0.55 30.43 34.12
N ILE A 292 0.19 29.34 33.42
CA ILE A 292 -1.20 28.87 33.42
C ILE A 292 -1.60 28.38 34.81
N LYS A 293 -0.72 27.63 35.49
CA LYS A 293 -1.02 27.22 36.85
C LYS A 293 -0.97 28.37 37.86
N TYR A 294 -0.35 29.49 37.49
CA TYR A 294 -0.44 30.69 38.32
C TYR A 294 -1.78 31.41 38.14
N ILE A 295 -2.26 31.47 36.89
CA ILE A 295 -3.52 32.17 36.64
C ILE A 295 -4.70 31.37 37.16
N LYS A 296 -4.68 30.04 37.00
CA LYS A 296 -5.82 29.22 37.36
C LYS A 296 -6.04 29.08 38.86
N ASP A 297 -5.14 29.56 39.71
CA ASP A 297 -5.46 29.67 41.12
C ASP A 297 -5.43 31.09 41.65
N LYS A 298 -4.67 32.01 41.04
CA LYS A 298 -4.78 33.39 41.51
C LYS A 298 -6.03 34.06 40.99
N TYR A 299 -6.44 33.75 39.75
CA TYR A 299 -7.64 34.34 39.14
C TYR A 299 -8.52 33.21 38.65
N PRO A 300 -9.40 32.68 39.51
CA PRO A 300 -10.13 31.46 39.16
C PRO A 300 -11.24 31.67 38.14
N ASN A 301 -11.71 32.90 37.94
CA ASN A 301 -12.75 33.17 36.96
C ASN A 301 -12.21 33.78 35.67
N LEU A 302 -10.90 33.70 35.44
CA LEU A 302 -10.26 34.24 34.26
C LEU A 302 -9.94 33.12 33.29
N GLN A 303 -10.33 33.30 32.03
CA GLN A 303 -10.12 32.30 31.00
C GLN A 303 -8.76 32.49 30.36
N VAL A 304 -8.03 31.39 30.14
CA VAL A 304 -6.72 31.46 29.52
C VAL A 304 -6.76 30.76 28.17
N ILE A 305 -5.93 31.25 27.25
CA ILE A 305 -5.76 30.66 25.93
C ILE A 305 -4.27 30.39 25.74
N GLY A 306 -3.92 29.13 25.58
CA GLY A 306 -2.53 28.73 25.43
C GLY A 306 -2.17 28.57 23.97
N GLY A 307 -0.90 28.77 23.66
CA GLY A 307 -0.42 28.67 22.30
C GLY A 307 0.96 29.26 22.18
N ASN A 308 1.56 29.08 20.99
CA ASN A 308 0.98 28.36 19.86
C ASN A 308 1.33 26.87 19.88
N VAL A 309 0.35 26.04 19.53
CA VAL A 309 0.55 24.60 19.46
C VAL A 309 0.22 24.13 18.06
N VAL A 310 0.94 23.10 17.61
CA VAL A 310 0.63 22.45 16.34
C VAL A 310 0.49 20.95 16.45
N THR A 311 1.05 20.29 17.46
CA THR A 311 0.93 18.85 17.61
C THR A 311 0.02 18.53 18.77
N ALA A 312 -0.27 17.24 18.93
CA ALA A 312 -1.17 16.80 20.00
C ALA A 312 -0.46 16.64 21.33
N ALA A 313 0.86 16.47 21.35
CA ALA A 313 1.59 16.35 22.60
C ALA A 313 1.64 17.70 23.33
N GLN A 314 1.73 18.78 22.57
CA GLN A 314 1.71 20.12 23.15
C GLN A 314 0.33 20.45 23.69
N ALA A 315 -0.70 20.02 22.98
CA ALA A 315 -2.06 20.14 23.48
C ALA A 315 -2.27 19.32 24.74
N LYS A 316 -1.59 18.17 24.84
CA LYS A 316 -1.67 17.39 26.07
C LYS A 316 -1.01 18.11 27.24
N ASN A 317 0.17 18.68 27.00
CA ASN A 317 0.87 19.37 28.09
C ASN A 317 0.17 20.66 28.50
N LEU A 318 -0.59 21.29 27.60
CA LEU A 318 -1.28 22.51 28.01
C LEU A 318 -2.70 22.27 28.54
N ILE A 319 -3.42 21.27 28.04
CA ILE A 319 -4.75 20.97 28.57
C ILE A 319 -4.64 20.39 29.98
N ASP A 320 -3.64 19.56 30.23
CA ASP A 320 -3.42 19.02 31.57
C ASP A 320 -2.95 20.09 32.56
N ALA A 321 -2.40 21.20 32.07
CA ALA A 321 -2.07 22.33 32.93
C ALA A 321 -3.30 23.15 33.31
N GLY A 322 -4.44 22.91 32.67
CA GLY A 322 -5.67 23.59 32.98
C GLY A 322 -6.06 24.71 32.05
N VAL A 323 -5.69 24.63 30.78
CA VAL A 323 -5.98 25.72 29.85
C VAL A 323 -7.45 25.63 29.42
N ASP A 324 -7.99 26.75 28.97
CA ASP A 324 -9.40 26.83 28.57
C ASP A 324 -9.60 26.90 27.07
N ALA A 325 -8.58 27.27 26.31
CA ALA A 325 -8.65 27.24 24.85
C ALA A 325 -7.23 27.13 24.31
N LEU A 326 -7.12 26.69 23.07
CA LEU A 326 -5.83 26.56 22.41
C LEU A 326 -5.77 27.49 21.21
N ARG A 327 -4.56 27.77 20.76
CA ARG A 327 -4.30 28.70 19.67
C ARG A 327 -3.37 27.98 18.69
N VAL A 328 -3.91 27.54 17.57
CA VAL A 328 -3.24 26.57 16.70
C VAL A 328 -2.59 27.27 15.53
N GLY A 329 -1.29 27.03 15.34
CA GLY A 329 -0.58 27.52 14.18
C GLY A 329 0.80 28.08 14.48
N MET A 330 1.80 27.53 13.80
CA MET A 330 3.19 27.95 13.94
C MET A 330 3.85 27.87 12.57
N GLY A 331 4.28 29.02 12.05
CA GLY A 331 4.97 29.05 10.79
C GLY A 331 4.11 29.29 9.58
N SER A 332 2.86 29.67 9.76
CA SER A 332 1.93 29.83 8.64
C SER A 332 1.41 31.25 8.49
N GLY A 333 1.90 32.19 9.28
CA GLY A 333 1.50 33.57 9.11
C GLY A 333 2.07 34.19 7.85
N SER A 334 1.40 35.24 7.40
CA SER A 334 1.83 35.94 6.20
C SER A 334 3.07 36.78 6.46
N ILE A 335 3.28 37.23 7.69
CA ILE A 335 4.46 37.96 8.09
C ILE A 335 5.44 37.07 8.86
N CYS A 336 5.41 35.77 8.61
CA CYS A 336 6.11 34.80 9.43
C CYS A 336 7.23 34.14 8.64
N ILE A 337 8.44 34.16 9.21
CA ILE A 337 9.59 33.46 8.64
C ILE A 337 10.16 32.47 9.65
N THR A 338 9.30 31.91 10.51
CA THR A 338 9.75 30.91 11.47
C THR A 338 10.19 29.63 10.79
N GLN A 339 9.47 29.21 9.75
CA GLN A 339 9.86 27.99 9.04
C GLN A 339 11.10 28.19 8.19
N GLU A 340 11.45 29.42 7.85
CA GLU A 340 12.60 29.71 7.00
C GLU A 340 13.79 30.24 7.79
N VAL A 341 13.68 30.38 9.11
CA VAL A 341 14.79 30.72 9.97
C VAL A 341 15.00 29.67 11.05
N LEU A 342 13.93 29.26 11.72
CA LEU A 342 14.01 28.30 12.81
C LEU A 342 13.60 26.89 12.40
N ALA A 343 13.18 26.70 11.14
CA ALA A 343 12.98 25.39 10.51
C ALA A 343 11.93 24.54 11.22
N CYS A 344 10.89 25.17 11.76
CA CYS A 344 10.00 24.47 12.66
C CYS A 344 8.56 24.93 12.43
N GLY A 345 7.62 24.09 12.81
CA GLY A 345 6.21 24.30 12.57
C GLY A 345 5.61 23.11 11.86
N ARG A 346 4.42 23.32 11.31
CA ARG A 346 3.78 22.36 10.41
C ARG A 346 2.74 23.11 9.58
N PRO A 347 2.27 22.53 8.46
CA PRO A 347 1.20 23.18 7.69
C PRO A 347 -0.08 23.35 8.49
N GLN A 348 -0.84 24.39 8.13
CA GLN A 348 -1.86 24.95 9.02
C GLN A 348 -3.09 24.05 9.12
N ALA A 349 -3.56 23.49 8.00
CA ALA A 349 -4.78 22.69 8.02
C ALA A 349 -4.60 21.39 8.79
N THR A 350 -3.44 20.74 8.60
CA THR A 350 -3.12 19.54 9.36
C THR A 350 -2.96 19.87 10.84
N ALA A 351 -2.40 21.05 11.16
CA ALA A 351 -2.25 21.49 12.54
C ALA A 351 -3.61 21.67 13.21
N VAL A 352 -4.54 22.34 12.50
CA VAL A 352 -5.88 22.59 13.04
C VAL A 352 -6.62 21.28 13.27
N TYR A 353 -6.50 20.33 12.32
CA TYR A 353 -7.19 19.05 12.49
C TYR A 353 -6.59 18.23 13.62
N LYS A 354 -5.25 18.17 13.71
CA LYS A 354 -4.63 17.31 14.71
C LYS A 354 -4.77 17.88 16.11
N VAL A 355 -4.82 19.20 16.27
CA VAL A 355 -5.03 19.71 17.62
C VAL A 355 -6.52 19.71 17.97
N SER A 356 -7.41 19.90 16.98
CA SER A 356 -8.84 19.89 17.27
C SER A 356 -9.34 18.49 17.64
N GLU A 357 -8.83 17.47 16.95
CA GLU A 357 -9.24 16.10 17.23
C GLU A 357 -8.76 15.64 18.60
N TYR A 358 -7.66 16.21 19.09
CA TYR A 358 -7.24 15.89 20.46
C TYR A 358 -7.99 16.75 21.47
N ALA A 359 -8.25 18.01 21.16
CA ALA A 359 -8.83 18.92 22.14
C ALA A 359 -10.34 18.75 22.28
N ARG A 360 -10.99 18.05 21.35
CA ARG A 360 -12.40 17.74 21.56
C ARG A 360 -12.60 16.60 22.56
N ARG A 361 -11.54 15.87 22.91
CA ARG A 361 -11.65 14.82 23.91
C ARG A 361 -11.92 15.39 25.29
N PHE A 362 -11.48 16.62 25.53
CA PHE A 362 -11.57 17.26 26.84
C PHE A 362 -12.49 18.46 26.85
N GLY A 363 -13.16 18.75 25.73
CA GLY A 363 -14.05 19.89 25.66
C GLY A 363 -13.33 21.22 25.65
N VAL A 364 -12.27 21.34 24.87
CA VAL A 364 -11.45 22.54 24.81
C VAL A 364 -11.49 23.07 23.37
N PRO A 365 -12.00 24.27 23.13
CA PRO A 365 -11.96 24.82 21.78
C PRO A 365 -10.55 25.23 21.39
N VAL A 366 -10.31 25.31 20.08
CA VAL A 366 -9.04 25.79 19.57
C VAL A 366 -9.30 27.01 18.69
N ILE A 367 -8.23 27.75 18.44
CA ILE A 367 -8.29 28.99 17.66
C ILE A 367 -7.26 28.87 16.54
N ALA A 368 -7.72 28.90 15.31
CA ALA A 368 -6.83 28.82 14.16
C ALA A 368 -6.31 30.21 13.80
N ASP A 369 -5.01 30.43 13.96
CA ASP A 369 -4.38 31.63 13.44
C ASP A 369 -3.30 31.29 12.43
N GLY A 370 -3.10 32.19 11.48
CA GLY A 370 -2.11 31.97 10.44
C GLY A 370 -2.70 31.29 9.22
N GLY A 371 -2.27 31.75 8.05
CA GLY A 371 -2.67 31.15 6.80
C GLY A 371 -3.99 31.62 6.23
N ILE A 372 -4.76 32.41 6.97
CA ILE A 372 -6.06 32.86 6.49
C ILE A 372 -5.86 34.01 5.52
N GLN A 373 -6.33 33.82 4.28
CA GLN A 373 -6.20 34.80 3.23
C GLN A 373 -7.53 35.30 2.70
N ASN A 374 -8.60 34.53 2.86
CA ASN A 374 -9.90 34.87 2.29
C ASN A 374 -10.98 34.18 3.12
N VAL A 375 -12.21 34.18 2.59
CA VAL A 375 -13.33 33.61 3.33
C VAL A 375 -13.29 32.08 3.27
N GLY A 376 -12.75 31.53 2.17
CA GLY A 376 -12.68 30.09 2.01
C GLY A 376 -11.76 29.43 3.01
N HIS A 377 -10.66 30.10 3.36
CA HIS A 377 -9.77 29.56 4.39
C HIS A 377 -10.43 29.58 5.76
N ILE A 378 -11.27 30.58 6.03
CA ILE A 378 -12.03 30.60 7.29
C ILE A 378 -13.03 29.45 7.33
N ALA A 379 -13.71 29.20 6.21
CA ALA A 379 -14.68 28.11 6.16
C ALA A 379 -14.01 26.75 6.29
N LYS A 380 -12.84 26.56 5.67
CA LYS A 380 -12.11 25.30 5.82
C LYS A 380 -11.57 25.13 7.23
N ALA A 381 -11.11 26.22 7.86
CA ALA A 381 -10.62 26.11 9.23
C ALA A 381 -11.73 25.79 10.20
N LEU A 382 -12.91 26.37 10.00
CA LEU A 382 -14.05 26.02 10.86
C LEU A 382 -14.56 24.62 10.57
N ALA A 383 -14.40 24.13 9.35
CA ALA A 383 -14.82 22.76 9.04
C ALA A 383 -13.82 21.72 9.49
N LEU A 384 -12.57 22.09 9.79
CA LEU A 384 -11.60 21.11 10.28
C LEU A 384 -11.55 20.99 11.79
N GLY A 385 -12.37 21.74 12.52
CA GLY A 385 -12.44 21.53 13.95
C GLY A 385 -12.16 22.76 14.79
N ALA A 386 -11.70 23.84 14.16
CA ALA A 386 -11.46 25.07 14.90
C ALA A 386 -12.78 25.74 15.25
N SER A 387 -12.92 26.17 16.50
CA SER A 387 -14.15 26.83 16.91
C SER A 387 -14.18 28.28 16.45
N THR A 388 -13.08 29.00 16.63
CA THR A 388 -12.96 30.37 16.14
C THR A 388 -11.70 30.50 15.29
N VAL A 389 -11.66 31.56 14.49
CA VAL A 389 -10.58 31.81 13.54
C VAL A 389 -9.98 33.17 13.84
N MET A 390 -8.66 33.23 13.97
CA MET A 390 -7.94 34.45 14.29
C MET A 390 -7.28 35.01 13.03
N MET A 391 -7.44 36.30 12.80
CA MET A 391 -7.01 36.95 11.57
C MET A 391 -6.20 38.19 11.93
N GLY A 392 -4.96 38.25 11.45
CA GLY A 392 -4.18 39.46 11.57
C GLY A 392 -4.05 40.25 10.28
N SER A 393 -3.78 39.55 9.18
CA SER A 393 -3.52 40.24 7.92
C SER A 393 -4.79 40.57 7.16
N LEU A 394 -5.83 39.74 7.29
CA LEU A 394 -7.09 40.02 6.62
C LEU A 394 -7.86 41.14 7.31
N LEU A 395 -7.52 41.46 8.56
CA LEU A 395 -8.09 42.60 9.26
C LEU A 395 -7.15 43.79 9.36
N ALA A 396 -5.91 43.65 8.89
CA ALA A 396 -5.01 44.78 8.84
C ALA A 396 -5.40 45.72 7.71
N ALA A 397 -4.94 46.97 7.83
CA ALA A 397 -5.28 48.09 6.95
C ALA A 397 -6.79 48.31 6.84
N THR A 398 -7.50 48.04 7.92
CA THR A 398 -8.89 48.43 8.05
C THR A 398 -8.89 49.82 8.70
N THR A 399 -10.07 50.44 8.78
CA THR A 399 -10.16 51.78 9.35
C THR A 399 -9.87 51.76 10.85
N GLU A 400 -10.30 50.71 11.55
CA GLU A 400 -10.12 50.64 12.99
C GLU A 400 -8.74 50.12 13.40
N ALA A 401 -7.92 49.65 12.46
CA ALA A 401 -6.59 49.17 12.80
C ALA A 401 -5.68 50.36 13.13
N PRO A 402 -4.78 50.22 14.10
CA PRO A 402 -3.93 51.36 14.48
C PRO A 402 -2.88 51.66 13.41
N GLY A 403 -2.50 52.93 13.35
CA GLY A 403 -1.60 53.42 12.34
C GLY A 403 -2.28 54.44 11.45
N GLU A 404 -1.53 54.90 10.44
CA GLU A 404 -2.04 55.87 9.49
C GLU A 404 -1.66 55.45 8.08
N TYR A 405 -2.45 55.90 7.13
CA TYR A 405 -2.29 55.52 5.74
C TYR A 405 -1.15 56.29 5.08
N PHE A 406 -0.60 55.69 4.03
CA PHE A 406 0.36 56.34 3.16
C PHE A 406 0.24 55.72 1.79
N PHE A 407 1.09 56.16 0.87
CA PHE A 407 0.99 55.74 -0.52
C PHE A 407 2.32 55.18 -1.02
N SER A 408 2.22 54.19 -1.90
CA SER A 408 3.38 53.56 -2.51
C SER A 408 2.97 53.03 -3.88
N ASP A 409 3.58 53.59 -4.94
CA ASP A 409 3.24 53.32 -6.34
C ASP A 409 1.76 53.60 -6.61
N GLY A 410 1.25 54.68 -6.01
CA GLY A 410 -0.13 55.07 -6.20
C GLY A 410 -1.15 54.15 -5.57
N ILE A 411 -0.78 53.46 -4.49
CA ILE A 411 -1.67 52.50 -3.83
C ILE A 411 -1.78 52.88 -2.36
N ARG A 412 -3.00 53.09 -1.89
CA ARG A 412 -3.27 53.41 -0.48
C ARG A 412 -3.12 52.15 0.37
N LEU A 413 -2.18 52.17 1.31
CA LEU A 413 -1.90 50.99 2.10
C LEU A 413 -1.34 51.37 3.47
N LYS A 414 -1.63 50.55 4.46
CA LYS A 414 -1.23 50.75 5.85
C LYS A 414 -0.12 49.77 6.21
N LYS A 415 0.80 50.22 7.06
CA LYS A 415 1.92 49.39 7.50
C LYS A 415 1.44 48.25 8.38
N TYR A 416 2.07 47.08 8.22
CA TYR A 416 1.68 45.87 8.94
C TYR A 416 2.93 45.02 9.15
N ARG A 417 3.39 44.93 10.39
CA ARG A 417 4.59 44.16 10.72
C ARG A 417 4.27 43.10 11.75
N GLY A 418 5.09 42.05 11.75
CA GLY A 418 4.95 41.00 12.73
C GLY A 418 5.58 41.37 14.06
N MET A 419 5.25 40.58 15.07
CA MET A 419 5.74 40.85 16.42
C MET A 419 7.20 40.46 16.57
N GLY A 420 7.67 39.47 15.80
CA GLY A 420 9.05 39.06 15.84
C GLY A 420 9.97 39.86 14.96
N SER A 421 9.43 40.75 14.14
CA SER A 421 10.24 41.62 13.30
C SER A 421 11.05 42.58 14.16
N LEU A 422 12.27 42.90 13.69
CA LEU A 422 13.17 43.75 14.45
C LEU A 422 12.71 45.19 14.51
N ASP A 423 11.79 45.62 13.65
CA ASP A 423 11.18 46.92 13.78
C ASP A 423 10.12 46.96 14.87
N ALA A 424 9.67 45.80 15.37
CA ALA A 424 8.71 45.73 16.45
C ALA A 424 9.36 45.36 17.79
N MET A 425 10.60 44.89 17.79
CA MET A 425 11.29 44.59 19.04
C MET A 425 11.94 45.83 19.64
N ILE A 442 22.30 39.09 20.73
CA ILE A 442 21.82 39.22 19.36
C ILE A 442 20.38 38.72 19.23
N LYS A 443 19.55 39.50 18.56
CA LYS A 443 18.14 39.18 18.40
C LYS A 443 17.90 38.60 17.01
N VAL A 444 17.28 37.43 16.97
CA VAL A 444 16.87 36.81 15.71
C VAL A 444 15.46 37.27 15.37
N ALA A 445 15.23 37.52 14.09
CA ALA A 445 13.93 38.00 13.63
C ALA A 445 13.07 36.85 13.18
N GLN A 446 11.85 36.77 13.70
CA GLN A 446 10.85 35.80 13.27
C GLN A 446 9.75 36.46 12.45
N GLY A 447 9.95 37.69 12.00
CA GLY A 447 8.92 38.39 11.27
C GLY A 447 9.47 39.41 10.30
N VAL A 448 8.63 39.79 9.35
CA VAL A 448 8.96 40.82 8.39
C VAL A 448 8.09 42.04 8.67
N SER A 449 8.42 43.15 8.03
CA SER A 449 7.73 44.42 8.25
C SER A 449 7.23 44.92 6.90
N GLY A 450 5.98 44.59 6.60
CA GLY A 450 5.44 44.92 5.29
C GLY A 450 4.25 45.85 5.35
N ALA A 451 3.40 45.79 4.32
CA ALA A 451 2.22 46.62 4.24
C ALA A 451 1.19 45.92 3.38
N VAL A 452 -0.08 46.23 3.64
CA VAL A 452 -1.19 45.59 2.94
C VAL A 452 -2.22 46.67 2.59
N GLN A 453 -2.96 46.44 1.52
CA GLN A 453 -3.84 47.44 0.94
C GLN A 453 -5.09 47.65 1.82
N ASP A 454 -5.69 48.82 1.66
CA ASP A 454 -6.85 49.23 2.45
C ASP A 454 -8.06 48.36 2.18
N LYS A 455 -8.81 48.06 3.25
CA LYS A 455 -10.00 47.23 3.17
C LYS A 455 -11.24 47.96 3.69
N GLY A 456 -11.18 49.27 3.82
CA GLY A 456 -12.35 50.03 4.23
C GLY A 456 -12.58 49.96 5.73
N SER A 457 -13.86 49.98 6.11
CA SER A 457 -14.25 49.85 7.51
C SER A 457 -14.55 48.39 7.81
N ILE A 458 -14.71 48.10 9.11
CA ILE A 458 -14.85 46.72 9.55
C ILE A 458 -16.31 46.37 9.87
N HIS A 459 -17.19 47.36 9.99
CA HIS A 459 -18.61 47.08 10.04
C HIS A 459 -19.19 46.78 8.67
N LYS A 460 -18.41 47.00 7.62
CA LYS A 460 -18.75 46.62 6.25
C LYS A 460 -18.04 45.36 5.80
N PHE A 461 -16.98 44.96 6.51
CA PHE A 461 -16.15 43.83 6.11
C PHE A 461 -16.46 42.54 6.87
N VAL A 462 -16.70 42.62 8.17
CA VAL A 462 -17.08 41.45 8.97
C VAL A 462 -18.46 40.90 8.58
N PRO A 463 -19.52 41.69 8.29
CA PRO A 463 -20.73 41.05 7.74
C PRO A 463 -20.54 40.38 6.40
N TYR A 464 -19.57 40.81 5.58
CA TYR A 464 -19.23 40.07 4.38
C TYR A 464 -18.65 38.70 4.72
N LEU A 465 -17.78 38.63 5.74
CA LEU A 465 -17.25 37.35 6.17
C LEU A 465 -18.34 36.47 6.76
N ILE A 466 -19.30 37.08 7.46
CA ILE A 466 -20.45 36.36 8.02
C ILE A 466 -21.28 35.73 6.91
N ALA A 467 -21.59 36.51 5.87
CA ALA A 467 -22.38 36.01 4.76
C ALA A 467 -21.62 34.97 3.95
N GLY A 468 -20.29 35.10 3.86
CA GLY A 468 -19.51 34.09 3.17
C GLY A 468 -19.47 32.77 3.91
N ILE A 469 -19.32 32.82 5.23
CA ILE A 469 -19.35 31.60 6.05
C ILE A 469 -20.73 30.96 6.01
N GLN A 470 -21.80 31.78 5.98
CA GLN A 470 -23.15 31.23 5.89
C GLN A 470 -23.42 30.57 4.54
N HIS A 471 -22.95 31.17 3.45
CA HIS A 471 -23.13 30.53 2.14
C HIS A 471 -22.26 29.28 2.01
N SER A 472 -21.09 29.26 2.64
CA SER A 472 -20.26 28.06 2.60
C SER A 472 -20.86 26.93 3.45
N CYS A 473 -21.47 27.27 4.59
CA CYS A 473 -22.19 26.27 5.37
C CYS A 473 -23.49 25.86 4.70
N GLN A 474 -24.04 26.68 3.80
CA GLN A 474 -25.18 26.23 3.01
C GLN A 474 -24.74 25.21 1.97
N ASP A 475 -23.63 25.47 1.28
CA ASP A 475 -23.16 24.50 0.28
C ASP A 475 -22.63 23.22 0.91
N ILE A 476 -22.08 23.30 2.12
CA ILE A 476 -21.77 22.08 2.88
C ILE A 476 -23.05 21.32 3.19
N GLY A 477 -24.10 22.03 3.60
CA GLY A 477 -25.37 21.43 3.92
C GLY A 477 -25.71 21.37 5.38
N ALA A 478 -25.14 22.23 6.22
CA ALA A 478 -25.36 22.21 7.65
C ALA A 478 -25.84 23.57 8.12
N LYS A 479 -26.78 23.58 9.05
CA LYS A 479 -27.41 24.80 9.52
C LYS A 479 -26.62 25.50 10.62
N SER A 480 -25.50 24.93 11.07
CA SER A 480 -24.70 25.53 12.12
C SER A 480 -23.29 24.98 12.04
N LEU A 481 -22.35 25.71 12.65
CA LEU A 481 -20.97 25.25 12.70
C LEU A 481 -20.81 24.01 13.57
N THR A 482 -21.64 23.87 14.60
CA THR A 482 -21.65 22.63 15.38
C THR A 482 -22.08 21.47 14.53
N GLN A 483 -23.03 21.70 13.62
CA GLN A 483 -23.44 20.65 12.69
C GLN A 483 -22.35 20.37 11.66
N VAL A 484 -21.58 21.40 11.27
CA VAL A 484 -20.46 21.19 10.34
C VAL A 484 -19.41 20.28 10.96
N ARG A 485 -19.00 20.58 12.20
CA ARG A 485 -18.02 19.74 12.86
C ARG A 485 -18.58 18.37 13.23
N ALA A 486 -19.88 18.28 13.52
CA ALA A 486 -20.48 16.99 13.81
C ALA A 486 -20.56 16.12 12.57
N MET A 487 -20.85 16.71 11.42
CA MET A 487 -20.78 15.97 10.15
C MET A 487 -19.35 15.60 9.80
N MET A 488 -18.37 16.42 10.21
CA MET A 488 -16.99 16.12 9.88
C MET A 488 -16.46 14.96 10.72
N TYR A 489 -16.70 14.97 12.03
CA TYR A 489 -16.19 13.89 12.86
C TYR A 489 -16.96 12.60 12.72
N SER A 490 -18.21 12.64 12.23
CA SER A 490 -18.98 11.42 12.01
C SER A 490 -18.65 10.75 10.68
N GLY A 491 -17.86 11.39 9.83
CA GLY A 491 -17.57 10.85 8.51
C GLY A 491 -18.57 11.19 7.44
N GLU A 492 -19.59 11.98 7.76
CA GLU A 492 -20.59 12.34 6.76
C GLU A 492 -20.10 13.45 5.83
N LEU A 493 -19.36 14.41 6.38
CA LEU A 493 -18.81 15.50 5.59
C LEU A 493 -17.48 15.05 5.00
N LYS A 494 -17.37 15.10 3.68
CA LYS A 494 -16.25 14.51 2.97
C LYS A 494 -15.43 15.57 2.24
N PHE A 495 -14.16 15.23 2.02
CA PHE A 495 -13.14 16.12 1.48
C PHE A 495 -12.56 15.52 0.20
N GLU A 496 -11.67 16.28 -0.44
CA GLU A 496 -11.01 15.84 -1.66
C GLU A 496 -9.70 16.60 -1.78
N LYS A 497 -8.60 15.85 -1.99
CA LYS A 497 -7.30 16.46 -2.15
C LYS A 497 -7.21 17.16 -3.51
N ARG A 498 -6.40 18.21 -3.59
CA ARG A 498 -6.36 19.05 -4.77
C ARG A 498 -4.92 19.26 -5.22
N THR A 499 -4.64 18.99 -6.50
CA THR A 499 -3.30 19.11 -7.05
C THR A 499 -2.99 20.57 -7.36
N SER A 500 -1.81 20.83 -7.93
CA SER A 500 -1.37 22.20 -8.18
C SER A 500 -2.09 22.82 -9.37
N SER A 501 -2.29 22.07 -10.45
CA SER A 501 -3.02 22.60 -11.60
C SER A 501 -4.53 22.63 -11.35
N ALA A 502 -5.02 21.89 -10.37
CA ALA A 502 -6.38 22.08 -9.89
C ALA A 502 -6.49 23.21 -8.88
N GLN A 503 -5.37 23.68 -8.32
CA GLN A 503 -5.36 24.95 -7.62
C GLN A 503 -5.32 26.11 -8.58
N VAL A 504 -4.73 25.90 -9.76
CA VAL A 504 -4.72 26.94 -10.79
C VAL A 504 -6.12 27.18 -11.34
N GLU A 505 -6.89 26.11 -11.57
CA GLU A 505 -8.25 26.31 -12.06
C GLU A 505 -9.21 26.77 -10.97
N GLY A 506 -8.82 26.62 -9.70
CA GLY A 506 -9.72 27.00 -8.62
C GLY A 506 -9.85 28.50 -8.46
N GLY A 507 -8.82 29.24 -8.83
CA GLY A 507 -8.87 30.69 -8.87
C GLY A 507 -9.38 31.20 -10.19
N VAL A 508 -8.85 32.34 -10.62
CA VAL A 508 -9.23 32.96 -11.89
C VAL A 508 -8.15 32.65 -12.91
N HIS A 509 -8.56 32.15 -14.08
CA HIS A 509 -7.67 31.86 -15.18
C HIS A 509 -8.34 32.28 -16.48
N SER A 510 -7.62 32.07 -17.59
CA SER A 510 -8.14 32.18 -18.96
C SER A 510 -8.72 33.57 -19.29
N LEU A 511 -8.24 34.60 -18.60
CA LEU A 511 -8.69 35.96 -18.83
C LEU A 511 -7.49 36.86 -19.08
N HIS A 512 -7.74 37.99 -19.74
CA HIS A 512 -6.69 38.97 -19.93
C HIS A 512 -6.45 39.78 -18.67
N SER A 513 -7.52 40.35 -18.10
CA SER A 513 -7.44 41.13 -16.88
C SER A 513 -8.84 41.21 -16.30
N TYR A 514 -8.95 41.07 -14.97
CA TYR A 514 -10.24 41.04 -14.31
C TYR A 514 -10.29 42.08 -13.19
N GLU A 515 -11.50 42.48 -12.84
CA GLU A 515 -11.79 43.49 -11.83
C GLU A 515 -12.61 42.80 -10.74
N LYS A 516 -11.92 42.26 -9.75
CA LYS A 516 -12.57 41.51 -8.68
C LYS A 516 -13.08 42.45 -7.60
N ARG A 517 -14.38 42.37 -7.32
CA ARG A 517 -15.01 43.14 -6.26
C ARG A 517 -15.70 42.15 -5.33
N LEU A 518 -15.15 41.97 -4.13
CA LEU A 518 -15.70 40.98 -3.22
C LEU A 518 -17.00 41.47 -2.60
N PHE A 519 -17.04 42.75 -2.22
CA PHE A 519 -18.20 43.31 -1.55
C PHE A 519 -18.33 44.79 -1.91
N MET B 6 -7.05 -24.27 -35.21
CA MET B 6 -5.88 -24.67 -34.44
C MET B 6 -5.49 -23.61 -33.42
N ALA B 7 -4.24 -23.70 -32.92
CA ALA B 7 -3.84 -22.94 -31.73
C ALA B 7 -3.69 -21.45 -31.95
N ASP B 8 -3.73 -20.97 -33.19
CA ASP B 8 -3.73 -19.53 -33.42
C ASP B 8 -5.03 -18.86 -32.97
N TYR B 9 -6.11 -19.63 -32.89
CA TYR B 9 -7.41 -19.14 -32.46
C TYR B 9 -7.88 -19.72 -31.15
N LEU B 10 -7.52 -20.97 -30.84
CA LEU B 10 -8.10 -21.68 -29.72
C LEU B 10 -7.55 -21.27 -28.36
N ILE B 11 -6.46 -20.50 -28.31
CA ILE B 11 -5.87 -20.14 -27.03
C ILE B 11 -6.61 -18.96 -26.41
N SER B 12 -6.61 -17.82 -27.11
CA SER B 12 -7.17 -16.59 -26.57
C SER B 12 -8.43 -16.13 -27.29
N GLY B 13 -8.99 -16.98 -28.14
CA GLY B 13 -10.24 -16.64 -28.80
C GLY B 13 -10.11 -15.63 -29.92
N GLY B 14 -8.94 -15.55 -30.56
CA GLY B 14 -8.73 -14.69 -31.70
C GLY B 14 -8.26 -13.29 -31.35
N THR B 15 -8.56 -12.81 -30.16
CA THR B 15 -8.10 -11.50 -29.73
C THR B 15 -6.59 -11.52 -29.51
N SER B 16 -5.92 -10.44 -29.92
CA SER B 16 -4.47 -10.39 -29.90
C SER B 16 -3.96 -10.18 -28.48
N TYR B 17 -2.64 -10.06 -28.35
CA TYR B 17 -2.01 -10.00 -27.03
C TYR B 17 -2.27 -8.67 -26.35
N VAL B 18 -1.88 -7.56 -26.98
CA VAL B 18 -2.09 -6.17 -26.53
C VAL B 18 -1.44 -5.96 -25.17
N PRO B 19 -0.13 -5.73 -25.12
CA PRO B 19 0.60 -5.59 -23.84
C PRO B 19 0.04 -4.51 -22.93
N ASP B 20 -0.25 -4.90 -21.69
CA ASP B 20 -0.92 -4.01 -20.76
C ASP B 20 0.05 -2.92 -20.29
N ASP B 21 -0.31 -1.67 -20.54
CA ASP B 21 0.56 -0.55 -20.20
C ASP B 21 -0.30 0.69 -20.01
N GLY B 22 -0.28 1.25 -18.82
CA GLY B 22 -1.10 2.40 -18.47
C GLY B 22 -2.15 2.04 -17.43
N LEU B 23 -2.97 3.04 -17.12
CA LEU B 23 -4.00 2.92 -16.11
C LEU B 23 -5.36 3.17 -16.72
N THR B 24 -6.35 2.39 -16.31
CA THR B 24 -7.72 2.64 -16.73
C THR B 24 -8.29 3.83 -15.96
N ALA B 25 -9.50 4.24 -16.34
CA ALA B 25 -10.12 5.37 -15.66
C ALA B 25 -10.58 5.01 -14.26
N GLN B 26 -10.90 3.74 -14.03
CA GLN B 26 -11.25 3.30 -12.69
C GLN B 26 -10.02 3.23 -11.79
N GLN B 27 -8.87 2.89 -12.35
CA GLN B 27 -7.64 2.83 -11.57
C GLN B 27 -7.01 4.20 -11.35
N LEU B 28 -7.43 5.21 -12.10
CA LEU B 28 -6.84 6.55 -12.02
C LEU B 28 -7.61 7.47 -11.09
N PHE B 29 -8.94 7.44 -11.13
CA PHE B 29 -9.77 8.36 -10.38
C PHE B 29 -10.31 7.76 -9.09
N ASN B 30 -9.81 6.59 -8.68
CA ASN B 30 -10.12 6.02 -7.38
C ASN B 30 -8.90 5.95 -6.49
N CYS B 31 -7.87 6.75 -6.80
CA CYS B 31 -6.71 6.88 -5.93
C CYS B 31 -6.94 7.84 -4.78
N GLY B 32 -8.09 8.51 -4.74
CA GLY B 32 -8.40 9.49 -3.72
C GLY B 32 -7.95 10.90 -4.05
N ASP B 33 -6.93 11.04 -4.87
CA ASP B 33 -6.41 12.34 -5.26
C ASP B 33 -7.28 12.95 -6.35
N GLY B 34 -7.49 14.26 -6.26
CA GLY B 34 -8.39 14.94 -7.19
C GLY B 34 -7.68 15.53 -8.39
N LEU B 35 -7.99 15.01 -9.57
CA LEU B 35 -7.31 15.39 -10.80
C LEU B 35 -8.17 16.34 -11.62
N THR B 36 -7.53 17.32 -12.25
CA THR B 36 -8.18 18.16 -13.23
C THR B 36 -7.76 17.73 -14.62
N TYR B 37 -8.11 18.54 -15.63
CA TYR B 37 -7.85 18.20 -17.02
C TYR B 37 -6.36 18.16 -17.34
N ASN B 38 -5.59 19.03 -16.71
CA ASN B 38 -4.16 19.13 -17.00
C ASN B 38 -3.32 18.13 -16.22
N ASP B 39 -3.94 17.28 -15.40
CA ASP B 39 -3.20 16.35 -14.56
C ASP B 39 -3.05 14.97 -15.16
N PHE B 40 -3.61 14.73 -16.35
CA PHE B 40 -3.52 13.43 -16.97
C PHE B 40 -3.52 13.61 -18.47
N LEU B 41 -3.45 12.50 -19.19
CA LEU B 41 -3.54 12.44 -20.64
C LEU B 41 -3.94 11.03 -21.07
N ILE B 42 -4.39 10.92 -22.31
CA ILE B 42 -4.95 9.68 -22.85
C ILE B 42 -3.85 8.96 -23.63
N LEU B 43 -3.70 7.66 -23.37
CA LEU B 43 -2.73 6.90 -24.14
C LEU B 43 -3.31 6.50 -25.49
N PRO B 44 -2.54 6.63 -26.56
CA PRO B 44 -3.06 6.34 -27.91
C PRO B 44 -3.17 4.84 -28.19
N GLY B 45 -3.85 4.54 -29.30
CA GLY B 45 -4.12 3.18 -29.70
C GLY B 45 -3.89 2.91 -31.17
N TYR B 46 -4.83 2.21 -31.80
CA TYR B 46 -4.68 1.72 -33.17
C TYR B 46 -5.59 2.48 -34.12
N ILE B 47 -5.05 2.82 -35.29
CA ILE B 47 -5.80 3.56 -36.32
C ILE B 47 -6.05 2.64 -37.50
N ASP B 48 -7.32 2.52 -37.90
CA ASP B 48 -7.66 1.93 -39.18
C ASP B 48 -8.73 2.76 -39.91
N PHE B 49 -8.68 4.08 -39.74
CA PHE B 49 -9.70 4.98 -40.27
C PHE B 49 -9.14 6.39 -40.34
N THR B 50 -9.62 7.16 -41.31
CA THR B 50 -9.23 8.56 -41.39
C THR B 50 -10.02 9.40 -40.41
N ALA B 51 -9.59 10.65 -40.23
CA ALA B 51 -10.18 11.51 -39.22
C ALA B 51 -11.53 12.06 -39.62
N ASP B 52 -11.82 12.18 -40.91
CA ASP B 52 -13.06 12.80 -41.36
C ASP B 52 -14.27 11.90 -41.19
N GLN B 53 -14.08 10.61 -40.95
CA GLN B 53 -15.20 9.68 -40.74
C GLN B 53 -15.36 9.31 -39.27
N VAL B 54 -15.06 10.24 -38.38
CA VAL B 54 -15.31 10.08 -36.95
C VAL B 54 -16.65 10.71 -36.64
N ASP B 55 -17.60 9.90 -36.20
CA ASP B 55 -18.95 10.35 -35.92
C ASP B 55 -19.01 11.03 -34.55
N LEU B 56 -19.61 12.21 -34.49
CA LEU B 56 -19.62 13.01 -33.27
C LEU B 56 -21.03 13.12 -32.68
N THR B 57 -21.88 12.14 -32.93
CA THR B 57 -23.25 12.18 -32.43
C THR B 57 -23.26 11.99 -30.91
N SER B 58 -23.83 12.96 -30.21
CA SER B 58 -23.86 12.94 -28.76
C SER B 58 -25.26 13.33 -28.29
N ALA B 59 -25.64 12.79 -27.13
CA ALA B 59 -26.96 13.00 -26.57
C ALA B 59 -26.91 14.13 -25.55
N LEU B 60 -27.72 15.17 -25.78
CA LEU B 60 -27.82 16.25 -24.81
C LEU B 60 -28.60 15.80 -23.58
N THR B 61 -29.85 15.43 -23.78
CA THR B 61 -30.70 14.86 -22.73
C THR B 61 -31.09 13.45 -23.16
N LYS B 62 -32.04 12.86 -22.43
CA LYS B 62 -32.48 11.50 -22.70
C LYS B 62 -33.27 11.38 -24.00
N LYS B 63 -33.73 12.49 -24.59
CA LYS B 63 -34.45 12.44 -25.85
C LYS B 63 -33.95 13.44 -26.89
N ILE B 64 -33.17 14.45 -26.51
CA ILE B 64 -32.58 15.38 -27.46
C ILE B 64 -31.22 14.85 -27.88
N THR B 65 -31.02 14.73 -29.19
CA THR B 65 -29.77 14.22 -29.75
C THR B 65 -29.15 15.28 -30.64
N LEU B 66 -27.91 15.65 -30.34
CA LEU B 66 -27.14 16.62 -31.10
C LEU B 66 -26.16 15.94 -32.02
N LYS B 67 -25.66 16.71 -32.99
CA LYS B 67 -24.69 16.20 -33.95
C LYS B 67 -23.26 16.54 -33.59
N THR B 68 -23.04 17.56 -32.76
CA THR B 68 -21.72 17.89 -32.23
C THR B 68 -21.84 18.00 -30.72
N PRO B 69 -20.83 17.54 -29.97
CA PRO B 69 -20.90 17.57 -28.51
C PRO B 69 -20.47 18.91 -27.89
N LEU B 70 -20.98 20.00 -28.43
CA LEU B 70 -20.57 21.34 -28.03
C LEU B 70 -21.82 22.15 -27.76
N VAL B 71 -22.12 22.37 -26.48
CA VAL B 71 -23.21 23.24 -26.09
C VAL B 71 -22.58 24.50 -25.50
N SER B 72 -23.37 25.55 -25.40
CA SER B 72 -22.86 26.86 -25.00
C SER B 72 -23.57 27.34 -23.75
N SER B 73 -22.86 28.14 -22.98
CA SER B 73 -23.21 28.40 -21.58
C SER B 73 -24.27 29.50 -21.47
N PRO B 74 -25.21 29.35 -20.54
CA PRO B 74 -26.22 30.41 -20.30
C PRO B 74 -25.70 31.55 -19.44
N MET B 75 -24.89 32.40 -20.06
CA MET B 75 -24.32 33.56 -19.40
C MET B 75 -24.69 34.80 -20.20
N ASP B 76 -24.71 35.96 -19.52
CA ASP B 76 -25.15 37.18 -20.16
C ASP B 76 -24.13 37.77 -21.12
N THR B 77 -22.89 37.28 -21.11
CA THR B 77 -21.89 37.68 -22.09
C THR B 77 -21.41 36.51 -22.93
N VAL B 78 -22.15 35.41 -22.95
CA VAL B 78 -21.87 34.29 -23.84
C VAL B 78 -22.96 34.11 -24.87
N THR B 79 -24.20 33.83 -24.44
CA THR B 79 -25.27 33.46 -25.35
C THR B 79 -26.47 34.37 -25.25
N GLU B 80 -26.98 34.75 -26.41
CA GLU B 80 -28.33 35.28 -26.61
C GLU B 80 -28.83 34.58 -27.86
N ALA B 81 -29.85 35.13 -28.52
CA ALA B 81 -30.41 34.45 -29.68
C ALA B 81 -29.45 34.40 -30.87
N GLY B 82 -28.47 35.29 -30.96
CA GLY B 82 -27.48 35.18 -32.01
C GLY B 82 -26.60 33.95 -31.83
N MET B 83 -26.10 33.74 -30.62
CA MET B 83 -25.37 32.53 -30.31
C MET B 83 -26.25 31.29 -30.28
N ALA B 84 -27.52 31.44 -29.91
CA ALA B 84 -28.42 30.29 -29.94
C ALA B 84 -28.73 29.84 -31.36
N ILE B 85 -28.73 30.78 -32.31
CA ILE B 85 -28.82 30.41 -33.73
C ILE B 85 -27.51 29.79 -34.19
N ALA B 86 -26.39 30.46 -33.90
CA ALA B 86 -25.12 30.11 -34.54
C ALA B 86 -24.50 28.85 -33.95
N MET B 87 -24.82 28.50 -32.69
CA MET B 87 -24.40 27.22 -32.16
C MET B 87 -25.28 26.09 -32.66
N ALA B 88 -26.56 26.37 -32.90
CA ALA B 88 -27.44 25.33 -33.41
C ALA B 88 -27.13 25.00 -34.86
N LEU B 89 -26.79 26.00 -35.67
CA LEU B 89 -26.53 25.75 -37.09
C LEU B 89 -25.25 24.95 -37.32
N THR B 90 -24.30 25.02 -36.40
CA THR B 90 -23.06 24.26 -36.51
C THR B 90 -23.13 22.91 -35.82
N GLY B 91 -24.29 22.52 -35.30
CA GLY B 91 -24.50 21.20 -34.74
C GLY B 91 -24.88 21.17 -33.28
N GLY B 92 -24.48 22.18 -32.51
CA GLY B 92 -24.72 22.20 -31.07
C GLY B 92 -26.08 22.75 -30.71
N ILE B 93 -26.14 23.37 -29.53
CA ILE B 93 -27.34 24.01 -29.03
C ILE B 93 -26.91 25.19 -28.17
N GLY B 94 -27.80 26.15 -27.99
CA GLY B 94 -27.52 27.31 -27.16
C GLY B 94 -28.50 27.42 -26.02
N PHE B 95 -28.01 27.90 -24.88
CA PHE B 95 -28.83 28.15 -23.71
C PHE B 95 -28.85 29.64 -23.44
N ILE B 96 -30.03 30.25 -23.48
CA ILE B 96 -30.17 31.69 -23.33
C ILE B 96 -30.28 32.02 -21.85
N HIS B 97 -29.50 33.01 -21.41
CA HIS B 97 -29.35 33.34 -20.00
C HIS B 97 -30.64 33.93 -19.43
N HIS B 98 -30.70 33.99 -18.10
CA HIS B 98 -31.84 34.51 -17.38
C HIS B 98 -31.50 35.78 -16.59
N ASN B 99 -30.47 36.51 -17.01
CA ASN B 99 -30.14 37.79 -16.40
C ASN B 99 -30.87 38.93 -17.09
N CYS B 100 -32.19 38.79 -17.19
CA CYS B 100 -33.04 39.70 -17.94
C CYS B 100 -34.48 39.48 -17.52
N THR B 101 -35.37 40.31 -18.05
CA THR B 101 -36.79 40.13 -17.83
C THR B 101 -37.27 38.87 -18.56
N PRO B 102 -38.33 38.22 -18.07
CA PRO B 102 -38.82 37.01 -18.75
C PRO B 102 -39.37 37.27 -20.14
N GLU B 103 -39.90 38.46 -20.39
CA GLU B 103 -40.36 38.80 -21.73
C GLU B 103 -39.19 38.91 -22.70
N PHE B 104 -38.06 39.42 -22.24
CA PHE B 104 -36.86 39.51 -23.08
C PHE B 104 -36.32 38.12 -23.42
N GLN B 105 -36.28 37.22 -22.43
CA GLN B 105 -35.77 35.88 -22.66
C GLN B 105 -36.70 35.08 -23.56
N ALA B 106 -38.02 35.24 -23.39
CA ALA B 106 -38.97 34.62 -24.31
C ALA B 106 -38.87 35.21 -25.70
N ASN B 107 -38.53 36.50 -25.82
CA ASN B 107 -38.30 37.11 -27.12
C ASN B 107 -37.07 36.50 -27.79
N GLU B 108 -36.01 36.24 -27.02
CA GLU B 108 -34.80 35.64 -27.60
C GLU B 108 -35.06 34.19 -28.03
N VAL B 109 -35.86 33.45 -27.24
CA VAL B 109 -36.18 32.08 -27.59
C VAL B 109 -37.08 32.01 -28.82
N ARG B 110 -38.05 32.92 -28.95
CA ARG B 110 -38.83 32.93 -30.18
C ARG B 110 -38.06 33.55 -31.34
N LYS B 111 -36.98 34.28 -31.06
CA LYS B 111 -36.14 34.81 -32.14
C LYS B 111 -35.28 33.72 -32.75
N VAL B 112 -34.72 32.83 -31.91
CA VAL B 112 -33.98 31.70 -32.46
C VAL B 112 -34.93 30.64 -33.03
N LYS B 113 -36.14 30.51 -32.47
CA LYS B 113 -37.05 29.45 -32.92
C LYS B 113 -37.70 29.80 -34.25
N LYS B 114 -37.83 31.09 -34.58
CA LYS B 114 -38.40 31.55 -35.83
C LYS B 114 -37.32 31.76 -36.91
N TYR B 115 -36.15 31.17 -36.74
CA TYR B 115 -35.07 31.35 -37.70
C TYR B 115 -35.27 30.46 -38.92
N TYR B 238 -24.76 24.18 -41.32
CA TYR B 238 -26.09 23.87 -41.86
C TYR B 238 -26.39 22.47 -42.50
N PRO B 239 -25.38 21.68 -42.93
CA PRO B 239 -25.72 20.27 -43.25
C PRO B 239 -26.16 19.46 -42.04
N LEU B 240 -25.60 19.73 -40.86
CA LEU B 240 -25.94 19.03 -39.63
C LEU B 240 -26.29 20.12 -38.62
N ALA B 241 -27.57 20.49 -38.62
CA ALA B 241 -28.01 21.75 -38.02
C ALA B 241 -28.89 21.59 -36.79
N SER B 242 -29.05 20.37 -36.26
CA SER B 242 -29.66 20.08 -34.96
C SER B 242 -31.08 20.62 -34.82
N LYS B 243 -31.99 20.15 -35.66
CA LYS B 243 -33.33 20.72 -35.73
C LYS B 243 -34.38 19.66 -35.38
N ASP B 244 -35.52 20.13 -34.87
CA ASP B 244 -36.52 19.25 -34.29
C ASP B 244 -37.47 18.72 -35.38
N ALA B 245 -38.60 18.14 -34.95
CA ALA B 245 -39.53 17.52 -35.87
C ALA B 245 -40.25 18.54 -36.74
N LYS B 246 -40.39 19.78 -36.28
CA LYS B 246 -41.00 20.84 -37.06
C LYS B 246 -39.98 21.63 -37.88
N LYS B 247 -38.76 21.10 -38.01
CA LYS B 247 -37.66 21.68 -38.79
C LYS B 247 -37.25 23.07 -38.30
N GLN B 248 -37.46 23.34 -37.03
CA GLN B 248 -37.01 24.57 -36.38
C GLN B 248 -35.77 24.29 -35.56
N LEU B 249 -35.01 25.35 -35.29
CA LEU B 249 -33.74 25.18 -34.59
C LEU B 249 -33.97 24.87 -33.12
N LEU B 250 -33.15 23.95 -32.60
CA LEU B 250 -33.17 23.63 -31.18
C LEU B 250 -32.69 24.81 -30.34
N CYS B 251 -33.32 25.00 -29.19
CA CYS B 251 -32.93 26.07 -28.29
C CYS B 251 -33.10 25.64 -26.84
N GLY B 252 -32.30 26.24 -25.97
CA GLY B 252 -32.42 26.02 -24.56
C GLY B 252 -32.45 27.35 -23.83
N ALA B 253 -32.94 27.30 -22.58
CA ALA B 253 -33.04 28.51 -21.79
C ALA B 253 -32.82 28.17 -20.33
N ALA B 254 -32.19 29.09 -19.60
CA ALA B 254 -31.93 28.89 -18.19
C ALA B 254 -33.02 29.55 -17.36
N ILE B 255 -33.44 28.86 -16.30
CA ILE B 255 -34.35 29.41 -15.31
C ILE B 255 -33.75 29.13 -13.94
N GLY B 256 -34.15 29.94 -12.97
CA GLY B 256 -33.78 29.70 -11.59
C GLY B 256 -34.74 28.73 -10.93
N THR B 257 -34.59 28.59 -9.61
CA THR B 257 -35.40 27.68 -8.83
C THR B 257 -36.33 28.41 -7.87
N HIS B 258 -36.45 29.73 -8.00
CA HIS B 258 -37.35 30.49 -7.15
C HIS B 258 -38.78 30.34 -7.64
N GLU B 259 -39.74 30.70 -6.79
CA GLU B 259 -41.15 30.55 -7.12
C GLU B 259 -41.59 31.53 -8.19
N ASP B 260 -40.92 32.68 -8.30
CA ASP B 260 -41.23 33.65 -9.35
C ASP B 260 -40.82 33.18 -10.74
N ASP B 261 -39.99 32.15 -10.84
CA ASP B 261 -39.51 31.64 -12.12
C ASP B 261 -40.46 30.65 -12.75
N LYS B 262 -41.56 30.29 -12.09
CA LYS B 262 -42.59 29.49 -12.75
C LYS B 262 -43.29 30.28 -13.84
N TYR B 263 -43.45 31.59 -13.63
CA TYR B 263 -43.99 32.45 -14.69
C TYR B 263 -43.02 32.58 -15.85
N ARG B 264 -41.71 32.65 -15.56
CA ARG B 264 -40.70 32.64 -16.62
C ARG B 264 -40.73 31.33 -17.38
N LEU B 265 -40.90 30.20 -16.68
CA LEU B 265 -41.01 28.90 -17.33
C LEU B 265 -42.23 28.82 -18.22
N ASP B 266 -43.37 29.35 -17.77
CA ASP B 266 -44.58 29.35 -18.59
C ASP B 266 -44.40 30.24 -19.82
N LEU B 267 -43.74 31.38 -19.67
CA LEU B 267 -43.56 32.29 -20.79
C LEU B 267 -42.49 31.80 -21.76
N LEU B 268 -41.57 30.95 -21.30
CA LEU B 268 -40.62 30.31 -22.21
C LEU B 268 -41.21 29.09 -22.89
N ALA B 269 -42.08 28.35 -22.21
CA ALA B 269 -42.73 27.20 -22.83
C ALA B 269 -43.81 27.61 -23.81
N GLN B 270 -44.39 28.80 -23.66
CA GLN B 270 -45.25 29.33 -24.71
C GLN B 270 -44.45 29.73 -25.94
N ALA B 271 -43.18 30.13 -25.75
CA ALA B 271 -42.31 30.41 -26.88
C ALA B 271 -41.80 29.15 -27.56
N GLY B 272 -41.96 27.99 -26.93
CA GLY B 272 -41.60 26.74 -27.54
C GLY B 272 -40.17 26.31 -27.28
N VAL B 273 -39.71 26.48 -26.04
CA VAL B 273 -38.36 26.03 -25.69
C VAL B 273 -38.33 24.51 -25.64
N ASP B 274 -37.22 23.93 -26.05
CA ASP B 274 -37.10 22.48 -26.13
C ASP B 274 -36.46 21.84 -24.91
N VAL B 275 -35.63 22.60 -24.19
CA VAL B 275 -34.94 22.09 -23.01
C VAL B 275 -34.66 23.26 -22.09
N VAL B 276 -34.80 23.04 -20.79
CA VAL B 276 -34.48 24.06 -19.80
C VAL B 276 -33.37 23.53 -18.89
N VAL B 277 -32.46 24.41 -18.51
CA VAL B 277 -31.42 24.11 -17.54
C VAL B 277 -31.73 24.93 -16.29
N LEU B 278 -31.61 24.29 -15.13
CA LEU B 278 -31.93 24.94 -13.85
C LEU B 278 -30.63 25.47 -13.29
N ASP B 279 -30.39 26.76 -13.50
CA ASP B 279 -29.07 27.36 -13.30
C ASP B 279 -28.88 27.65 -11.82
N SER B 280 -27.99 26.89 -11.18
CA SER B 280 -27.56 27.16 -9.81
C SER B 280 -26.19 26.55 -9.62
N SER B 281 -25.39 27.18 -8.76
CA SER B 281 -24.06 26.67 -8.47
C SER B 281 -24.09 25.44 -7.57
N GLN B 282 -25.22 25.18 -6.90
CA GLN B 282 -25.37 24.03 -6.02
C GLN B 282 -26.72 23.40 -6.34
N GLY B 283 -26.70 22.28 -7.04
CA GLY B 283 -27.91 21.70 -7.57
C GLY B 283 -28.69 20.79 -6.66
N ASN B 284 -28.12 20.39 -5.52
CA ASN B 284 -28.77 19.44 -4.63
C ASN B 284 -29.52 20.17 -3.53
N SER B 285 -30.55 20.91 -3.92
CA SER B 285 -31.39 21.62 -2.96
C SER B 285 -32.80 21.09 -3.06
N ILE B 286 -33.60 21.38 -2.04
CA ILE B 286 -35.02 21.01 -2.08
C ILE B 286 -35.76 21.88 -3.09
N PHE B 287 -35.26 23.10 -3.33
CA PHE B 287 -35.91 24.03 -4.26
C PHE B 287 -35.84 23.51 -5.68
N GLN B 288 -34.67 23.02 -6.08
CA GLN B 288 -34.51 22.51 -7.44
C GLN B 288 -35.20 21.17 -7.63
N ILE B 289 -35.28 20.34 -6.59
CA ILE B 289 -36.00 19.08 -6.71
C ILE B 289 -37.50 19.33 -6.82
N ASN B 290 -38.03 20.28 -6.07
CA ASN B 290 -39.44 20.64 -6.24
C ASN B 290 -39.70 21.30 -7.59
N MET B 291 -38.75 22.05 -8.13
CA MET B 291 -38.95 22.63 -9.46
C MET B 291 -38.92 21.57 -10.54
N ILE B 292 -38.05 20.55 -10.40
CA ILE B 292 -38.01 19.45 -11.37
C ILE B 292 -39.29 18.64 -11.31
N LYS B 293 -39.80 18.37 -10.10
CA LYS B 293 -41.09 17.67 -10.01
C LYS B 293 -42.27 18.53 -10.42
N TYR B 294 -42.10 19.86 -10.47
CA TYR B 294 -43.12 20.72 -11.04
C TYR B 294 -43.11 20.69 -12.57
N ILE B 295 -41.92 20.67 -13.16
CA ILE B 295 -41.84 20.66 -14.62
C ILE B 295 -42.24 19.31 -15.18
N LYS B 296 -41.85 18.21 -14.53
CA LYS B 296 -42.10 16.88 -15.07
C LYS B 296 -43.55 16.45 -15.02
N ASP B 297 -44.44 17.19 -14.37
CA ASP B 297 -45.85 16.93 -14.55
C ASP B 297 -46.63 18.09 -15.16
N LYS B 298 -46.16 19.34 -15.02
CA LYS B 298 -46.87 20.39 -15.74
C LYS B 298 -46.51 20.41 -17.23
N TYR B 299 -45.27 20.11 -17.56
CA TYR B 299 -44.80 20.09 -18.95
C TYR B 299 -44.14 18.75 -19.22
N PRO B 300 -44.92 17.73 -19.62
CA PRO B 300 -44.38 16.37 -19.68
C PRO B 300 -43.46 16.13 -20.86
N ASN B 301 -43.49 16.97 -21.89
CA ASN B 301 -42.61 16.81 -23.04
C ASN B 301 -41.43 17.78 -23.02
N LEU B 302 -41.16 18.40 -21.88
CA LEU B 302 -40.07 19.35 -21.74
C LEU B 302 -38.90 18.68 -21.02
N GLN B 303 -37.71 18.81 -21.59
CA GLN B 303 -36.52 18.20 -21.03
C GLN B 303 -35.87 19.15 -20.03
N VAL B 304 -35.44 18.61 -18.90
CA VAL B 304 -34.79 19.41 -17.85
C VAL B 304 -33.35 18.98 -17.71
N ILE B 305 -32.51 19.94 -17.34
CA ILE B 305 -31.10 19.70 -17.05
C ILE B 305 -30.82 20.25 -15.66
N GLY B 306 -30.43 19.38 -14.75
CA GLY B 306 -30.16 19.75 -13.38
C GLY B 306 -28.68 20.01 -13.15
N GLY B 307 -28.38 20.86 -12.19
CA GLY B 307 -27.00 21.19 -11.88
C GLY B 307 -26.94 22.41 -11.00
N ASN B 308 -25.73 22.71 -10.53
CA ASN B 308 -24.51 21.96 -10.80
C ASN B 308 -24.25 20.87 -9.78
N VAL B 309 -23.79 19.72 -10.25
CA VAL B 309 -23.46 18.61 -9.38
C VAL B 309 -22.01 18.23 -9.59
N VAL B 310 -21.37 17.77 -8.52
CA VAL B 310 -20.01 17.24 -8.61
C VAL B 310 -19.85 15.87 -7.97
N THR B 311 -20.71 15.45 -7.06
CA THR B 311 -20.61 14.15 -6.43
C THR B 311 -21.73 13.25 -6.92
N ALA B 312 -21.67 11.98 -6.52
CA ALA B 312 -22.67 11.02 -6.96
C ALA B 312 -23.94 11.05 -6.12
N ALA B 313 -23.87 11.57 -4.88
CA ALA B 313 -25.07 11.67 -4.06
C ALA B 313 -26.02 12.74 -4.59
N GLN B 314 -25.45 13.82 -5.13
CA GLN B 314 -26.26 14.87 -5.74
C GLN B 314 -26.90 14.38 -7.03
N ALA B 315 -26.15 13.59 -7.79
CA ALA B 315 -26.71 12.94 -8.97
C ALA B 315 -27.81 11.96 -8.60
N LYS B 316 -27.69 11.31 -7.44
CA LYS B 316 -28.76 10.43 -6.98
C LYS B 316 -30.01 11.22 -6.62
N ASN B 317 -29.85 12.34 -5.92
CA ASN B 317 -31.02 13.13 -5.53
C ASN B 317 -31.67 13.83 -6.72
N LEU B 318 -30.92 14.10 -7.79
CA LEU B 318 -31.56 14.73 -8.94
C LEU B 318 -32.08 13.74 -9.98
N ILE B 319 -31.44 12.58 -10.17
CA ILE B 319 -31.95 11.59 -11.11
C ILE B 319 -33.23 10.96 -10.57
N ASP B 320 -33.30 10.71 -9.25
CA ASP B 320 -34.52 10.19 -8.65
C ASP B 320 -35.66 11.20 -8.65
N ALA B 321 -35.37 12.49 -8.79
CA ALA B 321 -36.40 13.49 -8.97
C ALA B 321 -36.95 13.52 -10.38
N GLY B 322 -36.31 12.84 -11.32
CA GLY B 322 -36.79 12.77 -12.68
C GLY B 322 -36.07 13.65 -13.68
N VAL B 323 -34.79 13.94 -13.46
CA VAL B 323 -34.08 14.83 -14.36
C VAL B 323 -33.70 14.07 -15.63
N ASP B 324 -33.47 14.83 -16.71
CA ASP B 324 -33.14 14.25 -18.00
C ASP B 324 -31.67 14.39 -18.38
N ALA B 325 -30.95 15.33 -17.77
CA ALA B 325 -29.52 15.47 -17.98
C ALA B 325 -28.93 16.17 -16.77
N LEU B 326 -27.62 16.02 -16.60
CA LEU B 326 -26.92 16.66 -15.51
C LEU B 326 -25.90 17.64 -16.05
N ARG B 327 -25.46 18.55 -15.19
CA ARG B 327 -24.55 19.63 -15.55
C ARG B 327 -23.43 19.61 -14.51
N VAL B 328 -22.25 19.12 -14.88
CA VAL B 328 -21.21 18.75 -13.94
C VAL B 328 -20.16 19.83 -13.85
N GLY B 329 -19.90 20.31 -12.64
CA GLY B 329 -18.82 21.24 -12.40
C GLY B 329 -19.16 22.37 -11.45
N MET B 330 -18.37 22.50 -10.39
CA MET B 330 -18.54 23.54 -9.39
C MET B 330 -17.16 24.00 -8.94
N GLY B 331 -16.84 25.26 -9.19
CA GLY B 331 -15.58 25.82 -8.76
C GLY B 331 -14.46 25.75 -9.76
N SER B 332 -14.74 25.41 -11.01
CA SER B 332 -13.70 25.23 -12.01
C SER B 332 -13.81 26.20 -13.17
N GLY B 333 -14.74 27.14 -13.12
CA GLY B 333 -14.84 28.14 -14.17
C GLY B 333 -13.69 29.13 -14.13
N SER B 334 -13.44 29.75 -15.28
CA SER B 334 -12.38 30.73 -15.39
C SER B 334 -12.74 32.04 -14.70
N ILE B 335 -14.02 32.35 -14.60
CA ILE B 335 -14.51 33.52 -13.89
C ILE B 335 -15.09 33.15 -12.53
N CYS B 336 -14.60 32.06 -11.94
CA CYS B 336 -15.22 31.48 -10.76
C CYS B 336 -14.28 31.59 -9.56
N ILE B 337 -14.81 32.12 -8.47
CA ILE B 337 -14.10 32.19 -7.19
C ILE B 337 -14.90 31.51 -6.10
N THR B 338 -15.67 30.47 -6.47
CA THR B 338 -16.43 29.71 -5.47
C THR B 338 -15.51 28.94 -4.54
N GLN B 339 -14.44 28.35 -5.07
CA GLN B 339 -13.51 27.61 -4.22
C GLN B 339 -12.67 28.52 -3.34
N GLU B 340 -12.55 29.80 -3.70
CA GLU B 340 -11.73 30.74 -2.94
C GLU B 340 -12.56 31.69 -2.08
N VAL B 341 -13.88 31.56 -2.09
CA VAL B 341 -14.76 32.30 -1.20
C VAL B 341 -15.63 31.36 -0.37
N LEU B 342 -16.25 30.38 -1.02
CA LEU B 342 -17.15 29.45 -0.36
C LEU B 342 -16.51 28.10 -0.06
N ALA B 343 -15.25 27.91 -0.47
CA ALA B 343 -14.40 26.76 -0.08
C ALA B 343 -14.98 25.41 -0.49
N CYS B 344 -15.65 25.35 -1.63
CA CYS B 344 -16.45 24.18 -1.96
C CYS B 344 -16.35 23.88 -3.44
N GLY B 345 -16.61 22.63 -3.80
CA GLY B 345 -16.45 22.14 -5.15
C GLY B 345 -15.55 20.92 -5.16
N ARG B 346 -15.08 20.57 -6.36
CA ARG B 346 -14.05 19.55 -6.53
C ARG B 346 -13.42 19.78 -7.90
N PRO B 347 -12.21 19.21 -8.14
CA PRO B 347 -11.61 19.33 -9.48
C PRO B 347 -12.47 18.71 -10.57
N GLN B 348 -12.33 19.27 -11.78
CA GLN B 348 -13.32 19.11 -12.83
C GLN B 348 -13.31 17.72 -13.45
N ALA B 349 -12.12 17.15 -13.70
CA ALA B 349 -12.03 15.86 -14.36
C ALA B 349 -12.56 14.73 -13.47
N THR B 350 -12.21 14.78 -12.18
CA THR B 350 -12.76 13.82 -11.23
C THR B 350 -14.26 13.98 -11.08
N ALA B 351 -14.76 15.22 -11.13
CA ALA B 351 -16.20 15.48 -11.07
C ALA B 351 -16.93 14.87 -12.25
N VAL B 352 -16.39 15.06 -13.46
CA VAL B 352 -17.00 14.52 -14.67
C VAL B 352 -17.01 13.00 -14.64
N TYR B 353 -15.91 12.39 -14.19
CA TYR B 353 -15.87 10.93 -14.13
C TYR B 353 -16.83 10.36 -13.08
N LYS B 354 -16.85 10.97 -11.88
CA LYS B 354 -17.67 10.42 -10.81
C LYS B 354 -19.16 10.64 -11.04
N VAL B 355 -19.55 11.72 -11.72
CA VAL B 355 -20.96 11.86 -12.00
C VAL B 355 -21.35 11.07 -13.24
N SER B 356 -20.45 10.91 -14.22
CA SER B 356 -20.77 10.14 -15.41
C SER B 356 -20.90 8.66 -15.11
N GLU B 357 -20.03 8.13 -14.25
CA GLU B 357 -20.08 6.71 -13.90
C GLU B 357 -21.33 6.39 -13.09
N TYR B 358 -21.89 7.35 -12.37
CA TYR B 358 -23.16 7.11 -11.71
C TYR B 358 -24.33 7.32 -12.66
N ALA B 359 -24.26 8.32 -13.53
CA ALA B 359 -25.40 8.66 -14.36
C ALA B 359 -25.55 7.74 -15.56
N ARG B 360 -24.54 6.94 -15.89
CA ARG B 360 -24.74 5.93 -16.93
C ARG B 360 -25.52 4.73 -16.43
N ARG B 361 -25.70 4.59 -15.12
CA ARG B 361 -26.50 3.50 -14.57
C ARG B 361 -27.97 3.67 -14.92
N PHE B 362 -28.41 4.90 -15.12
CA PHE B 362 -29.81 5.21 -15.36
C PHE B 362 -30.05 5.77 -16.76
N GLY B 363 -29.04 5.84 -17.60
CA GLY B 363 -29.19 6.38 -18.93
C GLY B 363 -29.39 7.87 -18.98
N VAL B 364 -28.61 8.61 -18.20
CA VAL B 364 -28.74 10.06 -18.10
C VAL B 364 -27.42 10.68 -18.55
N PRO B 365 -27.41 11.49 -19.61
CA PRO B 365 -26.18 12.17 -20.01
C PRO B 365 -25.82 13.28 -19.04
N VAL B 366 -24.54 13.63 -19.03
CA VAL B 366 -24.08 14.76 -18.22
C VAL B 366 -23.45 15.78 -19.15
N ILE B 367 -23.28 17.00 -18.61
CA ILE B 367 -22.75 18.13 -19.37
C ILE B 367 -21.59 18.70 -18.56
N ALA B 368 -20.39 18.66 -19.11
CA ALA B 368 -19.23 19.20 -18.43
C ALA B 368 -19.10 20.70 -18.71
N ASP B 369 -19.26 21.52 -17.67
CA ASP B 369 -18.94 22.93 -17.79
C ASP B 369 -17.84 23.32 -16.80
N GLY B 370 -17.07 24.32 -17.18
CA GLY B 370 -15.97 24.78 -16.34
C GLY B 370 -14.68 24.06 -16.66
N GLY B 371 -13.59 24.83 -16.65
CA GLY B 371 -12.27 24.29 -16.84
C GLY B 371 -11.83 24.10 -18.28
N ILE B 372 -12.71 24.28 -19.25
CA ILE B 372 -12.37 24.08 -20.64
C ILE B 372 -11.61 25.29 -21.16
N GLN B 373 -10.38 25.06 -21.61
CA GLN B 373 -9.50 26.11 -22.10
C GLN B 373 -9.12 25.94 -23.56
N ASN B 374 -9.17 24.73 -24.08
CA ASN B 374 -8.71 24.43 -25.44
C ASN B 374 -9.44 23.18 -25.93
N VAL B 375 -8.95 22.63 -27.05
CA VAL B 375 -9.62 21.48 -27.65
C VAL B 375 -9.29 20.20 -26.87
N GLY B 376 -8.09 20.16 -26.28
CA GLY B 376 -7.69 18.99 -25.52
C GLY B 376 -8.52 18.76 -24.28
N HIS B 377 -8.95 19.83 -23.62
CA HIS B 377 -9.84 19.68 -22.46
C HIS B 377 -11.21 19.17 -22.89
N ILE B 378 -11.68 19.56 -24.07
CA ILE B 378 -12.94 19.04 -24.59
C ILE B 378 -12.81 17.55 -24.89
N ALA B 379 -11.69 17.14 -25.48
CA ALA B 379 -11.48 15.72 -25.78
C ALA B 379 -11.34 14.88 -24.52
N LYS B 380 -10.66 15.40 -23.49
CA LYS B 380 -10.56 14.67 -22.23
C LYS B 380 -11.91 14.61 -21.51
N ALA B 381 -12.70 15.68 -21.57
CA ALA B 381 -14.02 15.66 -20.94
C ALA B 381 -14.96 14.68 -21.63
N LEU B 382 -14.90 14.61 -22.96
CA LEU B 382 -15.71 13.62 -23.67
C LEU B 382 -15.20 12.21 -23.45
N ALA B 383 -13.90 12.03 -23.21
CA ALA B 383 -13.38 10.71 -22.94
C ALA B 383 -13.60 10.25 -21.51
N LEU B 384 -13.93 11.16 -20.58
CA LEU B 384 -14.19 10.75 -19.21
C LEU B 384 -15.66 10.46 -18.94
N GLY B 385 -16.54 10.59 -19.92
CA GLY B 385 -17.91 10.19 -19.71
C GLY B 385 -18.94 11.26 -19.98
N ALA B 386 -18.51 12.50 -20.19
CA ALA B 386 -19.44 13.57 -20.50
C ALA B 386 -19.93 13.42 -21.93
N SER B 387 -21.24 13.55 -22.11
CA SER B 387 -21.81 13.44 -23.45
C SER B 387 -21.61 14.72 -24.25
N THR B 388 -21.89 15.87 -23.63
CA THR B 388 -21.65 17.16 -24.26
C THR B 388 -20.79 18.02 -23.33
N VAL B 389 -20.19 19.05 -23.91
CA VAL B 389 -19.26 19.94 -23.22
C VAL B 389 -19.78 21.36 -23.34
N MET B 390 -19.88 22.06 -22.20
CA MET B 390 -20.38 23.42 -22.15
C MET B 390 -19.22 24.40 -21.99
N MET B 391 -19.23 25.45 -22.80
CA MET B 391 -18.13 26.39 -22.90
C MET B 391 -18.66 27.81 -22.76
N GLY B 392 -18.16 28.56 -21.78
CA GLY B 392 -18.47 29.96 -21.69
C GLY B 392 -17.33 30.87 -22.11
N SER B 393 -16.12 30.57 -21.66
CA SER B 393 -14.99 31.46 -21.92
C SER B 393 -14.34 31.20 -23.27
N LEU B 394 -14.37 29.95 -23.75
CA LEU B 394 -13.79 29.64 -25.04
C LEU B 394 -14.69 30.13 -26.18
N LEU B 395 -15.97 30.40 -25.90
CA LEU B 395 -16.88 30.98 -26.87
C LEU B 395 -17.15 32.45 -26.63
N ALA B 396 -16.63 33.02 -25.55
CA ALA B 396 -16.75 34.45 -25.33
C ALA B 396 -15.81 35.21 -26.26
N ALA B 397 -16.14 36.49 -26.47
CA ALA B 397 -15.47 37.40 -27.42
C ALA B 397 -15.46 36.84 -28.84
N THR B 398 -16.49 36.10 -29.19
CA THR B 398 -16.74 35.71 -30.57
C THR B 398 -17.62 36.80 -31.18
N THR B 399 -17.84 36.73 -32.49
CA THR B 399 -18.65 37.75 -33.16
C THR B 399 -20.11 37.68 -32.73
N GLU B 400 -20.62 36.46 -32.50
CA GLU B 400 -22.02 36.30 -32.13
C GLU B 400 -22.29 36.50 -30.65
N ALA B 401 -21.26 36.63 -29.82
CA ALA B 401 -21.47 36.86 -28.40
C ALA B 401 -21.97 38.29 -28.16
N PRO B 402 -22.88 38.49 -27.21
CA PRO B 402 -23.42 39.83 -26.98
C PRO B 402 -22.39 40.77 -26.36
N GLY B 403 -22.54 42.04 -26.66
CA GLY B 403 -21.61 43.06 -26.24
C GLY B 403 -20.92 43.71 -27.43
N GLU B 404 -20.00 44.61 -27.13
CA GLU B 404 -19.25 45.32 -28.15
C GLU B 404 -17.78 45.34 -27.79
N TYR B 405 -16.94 45.46 -28.80
CA TYR B 405 -15.51 45.40 -28.64
C TYR B 405 -14.95 46.72 -28.11
N PHE B 406 -13.80 46.63 -27.46
CA PHE B 406 -13.03 47.80 -27.05
C PHE B 406 -11.56 47.39 -27.00
N PHE B 407 -10.71 48.32 -26.59
CA PHE B 407 -9.28 48.10 -26.63
C PHE B 407 -8.65 48.35 -25.27
N SER B 408 -7.62 47.58 -24.97
CA SER B 408 -6.85 47.73 -23.73
C SER B 408 -5.43 47.25 -23.99
N ASP B 409 -4.48 48.18 -23.85
CA ASP B 409 -3.06 47.96 -24.17
C ASP B 409 -2.88 47.49 -25.62
N GLY B 410 -3.68 48.07 -26.52
CA GLY B 410 -3.62 47.73 -27.93
C GLY B 410 -4.10 46.36 -28.28
N ILE B 411 -5.03 45.80 -27.50
CA ILE B 411 -5.54 44.45 -27.73
C ILE B 411 -7.06 44.51 -27.83
N ARG B 412 -7.60 44.01 -28.93
CA ARG B 412 -9.04 43.95 -29.15
C ARG B 412 -9.64 42.84 -28.31
N LEU B 413 -10.55 43.20 -27.40
CA LEU B 413 -11.12 42.23 -26.49
C LEU B 413 -12.50 42.66 -26.04
N LYS B 414 -13.35 41.67 -25.77
CA LYS B 414 -14.73 41.86 -25.36
C LYS B 414 -14.88 41.52 -23.87
N LYS B 415 -15.76 42.26 -23.21
CA LYS B 415 -16.02 42.06 -21.78
C LYS B 415 -16.71 40.72 -21.53
N TYR B 416 -16.32 40.07 -20.43
CA TYR B 416 -16.82 38.74 -20.08
C TYR B 416 -16.84 38.62 -18.56
N ARG B 417 -18.03 38.61 -17.97
CA ARG B 417 -18.19 38.51 -16.52
C ARG B 417 -19.02 37.30 -16.16
N GLY B 418 -18.81 36.82 -14.94
CA GLY B 418 -19.59 35.72 -14.42
C GLY B 418 -20.94 36.17 -13.91
N MET B 419 -21.82 35.19 -13.69
CA MET B 419 -23.17 35.48 -13.24
C MET B 419 -23.20 35.87 -11.77
N GLY B 420 -22.26 35.36 -10.97
CA GLY B 420 -22.18 35.71 -9.57
C GLY B 420 -21.42 36.98 -9.28
N SER B 421 -20.80 37.58 -10.28
CA SER B 421 -20.10 38.84 -10.10
C SER B 421 -21.08 39.95 -9.78
N LEU B 422 -20.63 40.90 -8.94
CA LEU B 422 -21.51 41.98 -8.49
C LEU B 422 -21.85 42.97 -9.60
N ASP B 423 -21.09 42.98 -10.69
CA ASP B 423 -21.47 43.77 -11.85
C ASP B 423 -22.59 43.12 -12.66
N ALA B 424 -22.88 41.84 -12.41
CA ALA B 424 -23.97 41.14 -13.08
C ALA B 424 -25.19 40.97 -12.19
N MET B 425 -25.08 41.20 -10.89
CA MET B 425 -26.22 41.12 -10.00
C MET B 425 -27.02 42.43 -9.98
N ILE B 442 -26.58 41.76 2.41
CA ILE B 442 -25.27 41.82 1.77
C ILE B 442 -25.10 40.67 0.77
N LYS B 443 -24.61 41.02 -0.42
CA LYS B 443 -24.43 40.05 -1.50
C LYS B 443 -22.97 39.62 -1.58
N VAL B 444 -22.74 38.32 -1.54
CA VAL B 444 -21.41 37.76 -1.73
C VAL B 444 -21.20 37.49 -3.22
N ALA B 445 -19.99 37.76 -3.70
CA ALA B 445 -19.66 37.58 -5.10
C ALA B 445 -19.05 36.21 -5.32
N GLN B 446 -19.59 35.46 -6.28
CA GLN B 446 -19.02 34.20 -6.72
C GLN B 446 -18.37 34.31 -8.08
N GLY B 447 -18.13 35.53 -8.57
CA GLY B 447 -17.57 35.69 -9.89
C GLY B 447 -16.78 36.97 -10.03
N VAL B 448 -15.94 37.01 -11.05
CA VAL B 448 -15.16 38.19 -11.38
C VAL B 448 -15.68 38.74 -12.70
N SER B 449 -15.23 39.95 -13.04
CA SER B 449 -15.70 40.65 -14.23
C SER B 449 -14.48 41.01 -15.06
N GLY B 450 -14.15 40.14 -16.02
CA GLY B 450 -12.96 40.33 -16.80
C GLY B 450 -13.21 40.51 -18.28
N ALA B 451 -12.21 40.18 -19.10
CA ALA B 451 -12.32 40.30 -20.54
C ALA B 451 -11.38 39.30 -21.18
N VAL B 452 -11.72 38.88 -22.39
CA VAL B 452 -10.97 37.87 -23.12
C VAL B 452 -10.84 38.32 -24.57
N GLN B 453 -9.76 37.90 -25.23
CA GLN B 453 -9.41 38.39 -26.56
C GLN B 453 -10.35 37.82 -27.62
N ASP B 454 -10.42 38.54 -28.75
CA ASP B 454 -11.30 38.20 -29.85
C ASP B 454 -10.92 36.87 -30.50
N LYS B 455 -11.94 36.09 -30.87
CA LYS B 455 -11.75 34.79 -31.51
C LYS B 455 -12.43 34.72 -32.87
N GLY B 456 -12.79 35.86 -33.45
CA GLY B 456 -13.37 35.85 -34.78
C GLY B 456 -14.84 35.47 -34.77
N SER B 457 -15.26 34.80 -35.83
CA SER B 457 -16.62 34.29 -35.96
C SER B 457 -16.69 32.85 -35.45
N ILE B 458 -17.91 32.35 -35.30
CA ILE B 458 -18.09 31.04 -34.70
C ILE B 458 -18.39 29.96 -35.74
N HIS B 459 -18.71 30.35 -36.98
CA HIS B 459 -18.77 29.39 -38.07
C HIS B 459 -17.38 29.03 -38.58
N LYS B 460 -16.35 29.75 -38.13
CA LYS B 460 -14.97 29.44 -38.40
C LYS B 460 -14.27 28.78 -37.21
N PHE B 461 -14.86 28.88 -36.02
CA PHE B 461 -14.25 28.39 -34.78
C PHE B 461 -14.78 27.03 -34.34
N VAL B 462 -16.09 26.81 -34.44
CA VAL B 462 -16.68 25.51 -34.10
C VAL B 462 -16.23 24.39 -35.06
N PRO B 463 -16.12 24.57 -36.40
CA PRO B 463 -15.51 23.49 -37.19
C PRO B 463 -14.06 23.19 -36.86
N TYR B 464 -13.31 24.17 -36.32
CA TYR B 464 -11.98 23.87 -35.80
C TYR B 464 -12.05 22.95 -34.59
N LEU B 465 -13.01 23.19 -33.69
CA LEU B 465 -13.20 22.31 -32.55
C LEU B 465 -13.66 20.92 -32.99
N ILE B 466 -14.49 20.86 -34.03
CA ILE B 466 -14.94 19.59 -34.60
C ILE B 466 -13.77 18.79 -35.14
N ALA B 467 -12.89 19.45 -35.92
CA ALA B 467 -11.74 18.76 -36.48
C ALA B 467 -10.73 18.37 -35.40
N GLY B 468 -10.62 19.17 -34.34
CA GLY B 468 -9.74 18.79 -33.24
C GLY B 468 -10.24 17.59 -32.47
N ILE B 469 -11.54 17.52 -32.21
CA ILE B 469 -12.13 16.36 -31.55
C ILE B 469 -12.02 15.12 -32.44
N GLN B 470 -12.17 15.29 -33.75
CA GLN B 470 -12.03 14.15 -34.66
C GLN B 470 -10.60 13.64 -34.73
N HIS B 471 -9.61 14.53 -34.74
CA HIS B 471 -8.22 14.07 -34.73
C HIS B 471 -7.83 13.46 -33.38
N SER B 472 -8.43 13.95 -32.29
CA SER B 472 -8.15 13.35 -30.99
C SER B 472 -8.80 11.98 -30.85
N CYS B 473 -9.99 11.80 -31.41
CA CYS B 473 -10.61 10.48 -31.45
C CYS B 473 -9.92 9.55 -32.45
N GLN B 474 -9.21 10.10 -33.43
CA GLN B 474 -8.38 9.26 -34.28
C GLN B 474 -7.17 8.75 -33.52
N ASP B 475 -6.50 9.63 -32.77
CA ASP B 475 -5.33 9.18 -32.01
C ASP B 475 -5.70 8.27 -30.86
N ILE B 476 -6.90 8.44 -30.27
CA ILE B 476 -7.41 7.46 -29.33
C ILE B 476 -7.62 6.12 -30.02
N GLY B 477 -8.19 6.14 -31.22
CA GLY B 477 -8.43 4.94 -31.98
C GLY B 477 -9.88 4.52 -32.08
N ALA B 478 -10.82 5.43 -31.91
CA ALA B 478 -12.24 5.10 -31.92
C ALA B 478 -12.96 5.97 -32.95
N LYS B 479 -13.91 5.36 -33.66
CA LYS B 479 -14.61 6.02 -34.75
C LYS B 479 -15.79 6.87 -34.28
N SER B 480 -16.08 6.88 -32.99
CA SER B 480 -17.21 7.66 -32.47
C SER B 480 -16.97 7.91 -30.99
N LEU B 481 -17.68 8.92 -30.47
CA LEU B 481 -17.62 9.23 -29.04
C LEU B 481 -18.23 8.13 -28.19
N THR B 482 -19.25 7.45 -28.72
CA THR B 482 -19.81 6.28 -28.04
C THR B 482 -18.77 5.19 -27.93
N GLN B 483 -17.95 5.03 -28.98
CA GLN B 483 -16.87 4.05 -28.91
C GLN B 483 -15.76 4.50 -27.95
N VAL B 484 -15.53 5.82 -27.84
CA VAL B 484 -14.55 6.34 -26.88
C VAL B 484 -14.97 6.01 -25.46
N ARG B 485 -16.23 6.30 -25.11
CA ARG B 485 -16.71 5.99 -23.77
C ARG B 485 -16.85 4.49 -23.54
N ALA B 486 -17.16 3.72 -24.58
CA ALA B 486 -17.23 2.27 -24.43
C ALA B 486 -15.85 1.65 -24.21
N MET B 487 -14.83 2.18 -24.88
CA MET B 487 -13.46 1.76 -24.61
C MET B 487 -13.01 2.21 -23.23
N MET B 488 -13.52 3.33 -22.75
CA MET B 488 -13.11 3.83 -21.44
C MET B 488 -13.71 2.99 -20.32
N TYR B 489 -15.01 2.70 -20.38
CA TYR B 489 -15.62 1.92 -19.31
C TYR B 489 -15.26 0.45 -19.37
N SER B 490 -14.83 -0.07 -20.51
CA SER B 490 -14.43 -1.46 -20.60
C SER B 490 -12.99 -1.69 -20.14
N GLY B 491 -12.23 -0.63 -19.89
CA GLY B 491 -10.85 -0.77 -19.51
C GLY B 491 -9.88 -0.84 -20.67
N GLU B 492 -10.36 -0.72 -21.91
CA GLU B 492 -9.48 -0.78 -23.06
C GLU B 492 -8.74 0.53 -23.28
N LEU B 493 -9.42 1.66 -23.05
CA LEU B 493 -8.83 2.97 -23.20
C LEU B 493 -8.12 3.33 -21.91
N LYS B 494 -6.83 3.62 -21.99
CA LYS B 494 -5.99 3.77 -20.81
C LYS B 494 -5.43 5.18 -20.71
N PHE B 495 -5.11 5.57 -19.47
CA PHE B 495 -4.71 6.92 -19.10
C PHE B 495 -3.33 6.88 -18.45
N GLU B 496 -2.81 8.06 -18.13
CA GLU B 496 -1.50 8.19 -17.49
C GLU B 496 -1.47 9.50 -16.73
N LYS B 497 -1.10 9.46 -15.45
CA LYS B 497 -1.02 10.66 -14.65
C LYS B 497 0.20 11.47 -15.07
N ARG B 498 0.12 12.79 -14.90
CA ARG B 498 1.13 13.70 -15.42
C ARG B 498 1.58 14.65 -14.33
N THR B 499 2.90 14.74 -14.11
CA THR B 499 3.46 15.60 -13.07
C THR B 499 3.53 17.04 -13.56
N SER B 500 4.07 17.93 -12.73
CA SER B 500 4.09 19.36 -13.06
C SER B 500 5.14 19.69 -14.12
N SER B 501 6.32 19.09 -14.05
CA SER B 501 7.33 19.32 -15.07
C SER B 501 7.04 18.57 -16.36
N ALA B 502 6.18 17.54 -16.30
CA ALA B 502 5.64 16.96 -17.52
C ALA B 502 4.44 17.72 -18.06
N GLN B 503 3.84 18.62 -17.25
CA GLN B 503 2.93 19.62 -17.78
C GLN B 503 3.69 20.76 -18.43
N VAL B 504 4.90 21.04 -17.96
CA VAL B 504 5.72 22.07 -18.58
C VAL B 504 6.18 21.64 -19.97
N GLU B 505 6.56 20.37 -20.13
CA GLU B 505 6.97 19.92 -21.46
C GLU B 505 5.78 19.68 -22.39
N GLY B 506 4.57 19.57 -21.84
CA GLY B 506 3.41 19.30 -22.67
C GLY B 506 2.99 20.50 -23.51
N GLY B 507 3.25 21.70 -23.02
CA GLY B 507 3.04 22.91 -23.78
C GLY B 507 4.23 23.26 -24.64
N VAL B 508 4.47 24.56 -24.78
CA VAL B 508 5.59 25.07 -25.56
C VAL B 508 6.69 25.48 -24.59
N HIS B 509 7.92 25.02 -24.85
CA HIS B 509 9.08 25.37 -24.05
C HIS B 509 10.26 25.56 -24.98
N SER B 510 11.41 25.90 -24.39
CA SER B 510 12.73 25.92 -25.06
C SER B 510 12.79 26.86 -26.27
N LEU B 511 11.95 27.88 -26.29
CA LEU B 511 11.92 28.85 -27.37
C LEU B 511 12.04 30.26 -26.81
N HIS B 512 12.48 31.18 -27.66
CA HIS B 512 12.54 32.58 -27.26
C HIS B 512 11.16 33.22 -27.31
N SER B 513 10.46 33.08 -28.44
CA SER B 513 9.12 33.61 -28.62
C SER B 513 8.49 32.91 -29.80
N TYR B 514 7.21 32.55 -29.67
CA TYR B 514 6.52 31.79 -30.70
C TYR B 514 5.24 32.50 -31.11
N GLU B 515 4.79 32.17 -32.32
CA GLU B 515 3.60 32.76 -32.95
C GLU B 515 2.63 31.60 -33.18
N LYS B 516 1.76 31.35 -32.22
CA LYS B 516 0.82 30.23 -32.28
C LYS B 516 -0.42 30.63 -33.06
N ARG B 517 -0.72 29.87 -34.10
CA ARG B 517 -1.92 30.07 -34.91
C ARG B 517 -2.68 28.75 -34.90
N LEU B 518 -3.80 28.72 -34.20
CA LEU B 518 -4.55 27.46 -34.08
C LEU B 518 -5.30 27.14 -35.38
N PHE B 519 -5.89 28.15 -35.99
CA PHE B 519 -6.69 27.97 -37.20
C PHE B 519 -6.58 29.21 -38.09
N MET C 6 38.70 -19.43 1.78
CA MET C 6 38.05 -19.30 3.08
C MET C 6 36.87 -18.33 3.03
N ALA C 7 36.42 -17.84 4.19
CA ALA C 7 35.14 -17.17 4.31
C ALA C 7 35.10 -15.78 3.68
N ASP C 8 36.23 -15.23 3.25
CA ASP C 8 36.20 -13.97 2.53
C ASP C 8 35.61 -14.12 1.13
N TYR C 9 35.62 -15.33 0.58
CA TYR C 9 35.07 -15.62 -0.73
C TYR C 9 33.86 -16.53 -0.69
N LEU C 10 33.81 -17.46 0.26
CA LEU C 10 32.80 -18.52 0.24
C LEU C 10 31.42 -18.07 0.68
N ILE C 11 31.26 -16.87 1.24
CA ILE C 11 29.95 -16.45 1.72
C ILE C 11 29.11 -15.89 0.58
N SER C 12 29.60 -14.82 -0.07
CA SER C 12 28.83 -14.13 -1.10
C SER C 12 29.43 -14.28 -2.49
N GLY C 13 30.39 -15.17 -2.66
CA GLY C 13 30.94 -15.42 -3.98
C GLY C 13 31.88 -14.35 -4.49
N GLY C 14 32.52 -13.60 -3.59
CA GLY C 14 33.50 -12.60 -3.97
C GLY C 14 32.93 -11.22 -4.21
N THR C 15 31.65 -11.13 -4.57
CA THR C 15 31.01 -9.83 -4.77
C THR C 15 30.86 -9.11 -3.43
N SER C 16 31.09 -7.80 -3.43
CA SER C 16 31.10 -7.03 -2.21
C SER C 16 29.69 -6.79 -1.71
N TYR C 17 29.58 -6.04 -0.60
CA TYR C 17 28.29 -5.85 0.06
C TYR C 17 27.38 -4.94 -0.74
N VAL C 18 27.82 -3.71 -1.03
CA VAL C 18 27.12 -2.70 -1.83
C VAL C 18 25.76 -2.38 -1.22
N PRO C 19 25.72 -1.51 -0.20
CA PRO C 19 24.46 -1.21 0.52
C PRO C 19 23.36 -0.69 -0.40
N ASP C 20 22.20 -1.33 -0.31
CA ASP C 20 21.10 -1.04 -1.22
C ASP C 20 20.48 0.30 -0.86
N ASP C 21 20.49 1.22 -1.83
CA ASP C 21 19.99 2.57 -1.58
C ASP C 21 19.56 3.17 -2.91
N GLY C 22 18.27 3.49 -3.03
CA GLY C 22 17.72 4.01 -4.27
C GLY C 22 16.72 3.04 -4.88
N LEU C 23 16.20 3.43 -6.04
CA LEU C 23 15.20 2.67 -6.75
C LEU C 23 15.73 2.28 -8.12
N THR C 24 15.43 1.05 -8.54
CA THR C 24 15.75 0.65 -9.89
C THR C 24 14.77 1.26 -10.88
N ALA C 25 15.02 1.05 -12.17
CA ALA C 25 14.15 1.62 -13.19
C ALA C 25 12.81 0.88 -13.23
N GLN C 26 12.79 -0.40 -12.87
CA GLN C 26 11.54 -1.13 -12.80
C GLN C 26 10.71 -0.70 -11.59
N GLN C 27 11.36 -0.31 -10.50
CA GLN C 27 10.64 0.14 -9.32
C GLN C 27 10.20 1.59 -9.43
N LEU C 28 10.76 2.35 -10.38
CA LEU C 28 10.45 3.77 -10.51
C LEU C 28 9.36 4.04 -11.52
N PHE C 29 9.36 3.34 -12.65
CA PHE C 29 8.43 3.61 -13.74
C PHE C 29 7.24 2.66 -13.75
N ASN C 30 7.07 1.85 -12.71
CA ASN C 30 5.88 1.03 -12.54
C ASN C 30 5.05 1.47 -11.35
N CYS C 31 5.24 2.71 -10.90
CA CYS C 31 4.40 3.29 -9.86
C CYS C 31 3.09 3.83 -10.39
N GLY C 32 2.90 3.83 -11.71
CA GLY C 32 1.72 4.35 -12.34
C GLY C 32 1.80 5.84 -12.69
N ASP C 33 2.63 6.58 -11.97
CA ASP C 33 2.80 8.01 -12.21
C ASP C 33 3.74 8.24 -13.39
N GLY C 34 3.42 9.23 -14.21
CA GLY C 34 4.17 9.49 -15.41
C GLY C 34 5.28 10.50 -15.23
N LEU C 35 6.51 10.07 -15.38
CA LEU C 35 7.68 10.91 -15.12
C LEU C 35 8.29 11.39 -16.43
N THR C 36 8.75 12.62 -16.43
CA THR C 36 9.55 13.16 -17.52
C THR C 36 11.02 13.20 -17.10
N TYR C 37 11.85 13.84 -17.94
CA TYR C 37 13.29 13.87 -17.70
C TYR C 37 13.65 14.64 -16.43
N ASN C 38 12.91 15.69 -16.12
CA ASN C 38 13.22 16.53 -14.97
C ASN C 38 12.65 15.99 -13.66
N ASP C 39 11.97 14.85 -13.68
CA ASP C 39 11.34 14.31 -12.49
C ASP C 39 12.18 13.29 -11.75
N PHE C 40 13.37 12.97 -12.25
CA PHE C 40 14.21 11.99 -11.61
C PHE C 40 15.66 12.35 -11.88
N LEU C 41 16.57 11.53 -11.35
CA LEU C 41 18.00 11.64 -11.57
C LEU C 41 18.66 10.29 -11.26
N ILE C 42 19.89 10.14 -11.74
CA ILE C 42 20.62 8.88 -11.68
C ILE C 42 21.54 8.92 -10.46
N LEU C 43 21.52 7.86 -9.66
CA LEU C 43 22.44 7.80 -8.54
C LEU C 43 23.83 7.35 -9.00
N PRO C 44 24.88 8.00 -8.53
CA PRO C 44 26.23 7.67 -8.99
C PRO C 44 26.77 6.38 -8.38
N GLY C 45 27.90 5.93 -8.95
CA GLY C 45 28.52 4.69 -8.56
C GLY C 45 30.02 4.77 -8.39
N TYR C 46 30.75 3.79 -8.94
CA TYR C 46 32.18 3.64 -8.72
C TYR C 46 32.95 3.95 -9.99
N ILE C 47 34.06 4.68 -9.84
CA ILE C 47 34.92 5.06 -10.96
C ILE C 47 36.24 4.31 -10.86
N ASP C 48 36.61 3.62 -11.94
CA ASP C 48 37.97 3.13 -12.11
C ASP C 48 38.49 3.40 -13.51
N PHE C 49 38.11 4.52 -14.10
CA PHE C 49 38.43 4.85 -15.48
C PHE C 49 38.27 6.34 -15.70
N THR C 50 39.07 6.89 -16.61
CA THR C 50 38.93 8.29 -16.96
C THR C 50 37.77 8.47 -17.95
N ALA C 51 37.39 9.74 -18.17
CA ALA C 51 36.23 10.04 -18.99
C ALA C 51 36.48 9.87 -20.48
N ASP C 52 37.73 10.01 -20.93
CA ASP C 52 38.02 9.97 -22.36
C ASP C 52 37.98 8.57 -22.94
N GLN C 53 37.97 7.53 -22.12
CA GLN C 53 37.89 6.15 -22.59
C GLN C 53 36.51 5.55 -22.39
N VAL C 54 35.47 6.37 -22.48
CA VAL C 54 34.09 5.92 -22.44
C VAL C 54 33.63 5.74 -23.88
N ASP C 55 33.31 4.49 -24.24
CA ASP C 55 32.91 4.17 -25.60
C ASP C 55 31.45 4.53 -25.82
N LEU C 56 31.16 5.23 -26.92
CA LEU C 56 29.82 5.73 -27.18
C LEU C 56 29.17 5.03 -28.38
N THR C 57 29.56 3.80 -28.66
CA THR C 57 29.02 3.08 -29.81
C THR C 57 27.57 2.70 -29.55
N SER C 58 26.68 3.14 -30.44
CA SER C 58 25.26 2.91 -30.29
C SER C 58 24.68 2.48 -31.62
N ALA C 59 23.63 1.66 -31.55
CA ALA C 59 22.99 1.10 -32.73
C ALA C 59 21.80 1.96 -33.14
N LEU C 60 21.82 2.46 -34.37
CA LEU C 60 20.66 3.20 -34.87
C LEU C 60 19.50 2.26 -35.18
N THR C 61 19.72 1.34 -36.10
CA THR C 61 18.77 0.28 -36.43
C THR C 61 19.42 -1.06 -36.12
N LYS C 62 18.78 -2.14 -36.57
CA LYS C 62 19.29 -3.49 -36.30
C LYS C 62 20.56 -3.81 -37.08
N LYS C 63 20.92 -3.02 -38.09
CA LYS C 63 22.15 -3.25 -38.83
C LYS C 63 23.01 -2.01 -39.01
N ILE C 64 22.49 -0.81 -38.79
CA ILE C 64 23.27 0.41 -38.86
C ILE C 64 23.82 0.71 -37.47
N THR C 65 25.14 0.89 -37.39
CA THR C 65 25.82 1.16 -36.13
C THR C 65 26.53 2.51 -36.22
N LEU C 66 26.21 3.39 -35.29
CA LEU C 66 26.81 4.72 -35.21
C LEU C 66 27.87 4.76 -34.12
N LYS C 67 28.70 5.79 -34.18
CA LYS C 67 29.76 5.98 -33.21
C LYS C 67 29.40 6.96 -32.09
N THR C 68 28.41 7.82 -32.32
CA THR C 68 27.87 8.68 -31.27
C THR C 68 26.36 8.51 -31.25
N PRO C 69 25.73 8.54 -30.08
CA PRO C 69 24.28 8.32 -29.98
C PRO C 69 23.46 9.59 -30.19
N LEU C 70 23.79 10.35 -31.23
CA LEU C 70 23.17 11.64 -31.50
C LEU C 70 22.70 11.67 -32.94
N VAL C 71 21.41 11.52 -33.16
CA VAL C 71 20.83 11.66 -34.48
C VAL C 71 20.05 12.97 -34.49
N SER C 72 19.75 13.45 -35.68
CA SER C 72 19.14 14.77 -35.83
C SER C 72 17.80 14.65 -36.54
N SER C 73 16.91 15.58 -36.23
CA SER C 73 15.49 15.44 -36.50
C SER C 73 15.16 15.83 -37.93
N PRO C 74 14.23 15.10 -38.59
CA PRO C 74 13.79 15.46 -39.94
C PRO C 74 12.75 16.58 -39.96
N MET C 75 13.23 17.80 -39.75
CA MET C 75 12.39 18.99 -39.75
C MET C 75 12.95 19.97 -40.77
N ASP C 76 12.08 20.84 -41.27
CA ASP C 76 12.49 21.76 -42.34
C ASP C 76 13.36 22.91 -41.85
N THR C 77 13.47 23.11 -40.53
CA THR C 77 14.39 24.09 -39.99
C THR C 77 15.44 23.45 -39.10
N VAL C 78 15.63 22.14 -39.19
CA VAL C 78 16.72 21.46 -38.50
C VAL C 78 17.74 20.89 -39.49
N THR C 79 17.31 19.97 -40.35
CA THR C 79 18.25 19.23 -41.20
C THR C 79 17.94 19.39 -42.68
N GLU C 80 19.00 19.61 -43.44
CA GLU C 80 19.06 19.41 -44.88
C GLU C 80 20.40 18.73 -45.11
N ALA C 81 20.92 18.77 -46.35
CA ALA C 81 22.17 18.07 -46.62
C ALA C 81 23.37 18.67 -45.91
N GLY C 82 23.33 19.94 -45.52
CA GLY C 82 24.42 20.49 -44.73
C GLY C 82 24.49 19.87 -43.34
N MET C 83 23.34 19.77 -42.67
CA MET C 83 23.27 19.06 -41.40
C MET C 83 23.45 17.56 -41.56
N ALA C 84 23.02 16.99 -42.68
CA ALA C 84 23.22 15.56 -42.89
C ALA C 84 24.69 15.22 -43.10
N ILE C 85 25.46 16.15 -43.68
CA ILE C 85 26.90 15.98 -43.73
C ILE C 85 27.51 16.18 -42.35
N ALA C 86 27.14 17.28 -41.69
CA ALA C 86 27.87 17.70 -40.50
C ALA C 86 27.53 16.86 -39.27
N MET C 87 26.36 16.23 -39.23
CA MET C 87 26.07 15.28 -38.17
C MET C 87 26.73 13.94 -38.44
N ALA C 88 26.88 13.56 -39.71
CA ALA C 88 27.54 12.30 -40.02
C ALA C 88 29.04 12.37 -39.75
N LEU C 89 29.67 13.51 -40.04
CA LEU C 89 31.11 13.62 -39.85
C LEU C 89 31.51 13.61 -38.39
N THR C 90 30.63 14.04 -37.50
CA THR C 90 30.92 14.03 -36.06
C THR C 90 30.47 12.75 -35.38
N GLY C 91 29.99 11.77 -36.13
CA GLY C 91 29.67 10.46 -35.60
C GLY C 91 28.22 10.04 -35.74
N GLY C 92 27.29 10.99 -35.80
CA GLY C 92 25.87 10.69 -35.85
C GLY C 92 25.37 10.44 -37.25
N ILE C 93 24.10 10.76 -37.47
CA ILE C 93 23.46 10.63 -38.78
C ILE C 93 22.42 11.74 -38.87
N GLY C 94 22.04 12.09 -40.09
CA GLY C 94 21.04 13.11 -40.33
C GLY C 94 19.86 12.54 -41.09
N PHE C 95 18.67 13.04 -40.77
CA PHE C 95 17.45 12.68 -41.47
C PHE C 95 16.93 13.92 -42.19
N ILE C 96 16.81 13.83 -43.51
CA ILE C 96 16.41 14.97 -44.32
C ILE C 96 14.89 15.00 -44.40
N HIS C 97 14.31 16.18 -44.18
CA HIS C 97 12.87 16.34 -44.05
C HIS C 97 12.16 16.10 -45.38
N HIS C 98 10.84 15.95 -45.30
CA HIS C 98 10.01 15.73 -46.47
C HIS C 98 9.02 16.87 -46.70
N ASN C 99 9.34 18.06 -46.22
CA ASN C 99 8.52 19.25 -46.50
C ASN C 99 8.97 19.94 -47.77
N CYS C 100 9.05 19.17 -48.85
CA CYS C 100 9.60 19.62 -50.12
C CYS C 100 9.18 18.64 -51.20
N THR C 101 9.53 18.97 -52.44
CA THR C 101 9.30 18.07 -53.56
C THR C 101 10.22 16.87 -53.44
N PRO C 102 9.82 15.70 -53.96
CA PRO C 102 10.69 14.52 -53.88
C PRO C 102 11.99 14.64 -54.64
N GLU C 103 12.02 15.43 -55.72
CA GLU C 103 13.26 15.68 -56.43
C GLU C 103 14.24 16.48 -55.58
N PHE C 104 13.73 17.43 -54.81
CA PHE C 104 14.58 18.22 -53.92
C PHE C 104 15.16 17.36 -52.81
N GLN C 105 14.35 16.48 -52.22
CA GLN C 105 14.84 15.63 -51.13
C GLN C 105 15.83 14.59 -51.66
N ALA C 106 15.59 14.05 -52.86
CA ALA C 106 16.57 13.16 -53.47
C ALA C 106 17.85 13.91 -53.84
N ASN C 107 17.74 15.19 -54.20
CA ASN C 107 18.92 16.00 -54.44
C ASN C 107 19.73 16.20 -53.16
N GLU C 108 19.05 16.41 -52.03
CA GLU C 108 19.76 16.58 -50.76
C GLU C 108 20.43 15.28 -50.32
N VAL C 109 19.77 14.14 -50.56
CA VAL C 109 20.34 12.84 -50.19
C VAL C 109 21.54 12.51 -51.09
N ARG C 110 21.47 12.81 -52.38
CA ARG C 110 22.65 12.59 -53.20
C ARG C 110 23.71 13.67 -52.97
N LYS C 111 23.34 14.81 -52.38
CA LYS C 111 24.34 15.82 -52.03
C LYS C 111 25.15 15.40 -50.82
N VAL C 112 24.51 14.82 -49.81
CA VAL C 112 25.27 14.30 -48.67
C VAL C 112 25.99 13.00 -49.04
N LYS C 113 25.42 12.20 -49.95
CA LYS C 113 26.02 10.91 -50.27
C LYS C 113 27.26 11.06 -51.16
N LYS C 114 27.33 12.13 -51.94
CA LYS C 114 28.48 12.40 -52.81
C LYS C 114 29.53 13.28 -52.10
N TYR C 115 29.50 13.34 -50.78
CA TYR C 115 30.44 14.17 -50.05
C TYR C 115 31.81 13.48 -49.93
N TYR C 238 35.61 13.75 -38.05
CA TYR C 238 36.14 12.90 -39.11
C TYR C 238 37.01 11.64 -38.74
N PRO C 239 37.61 11.53 -37.54
CA PRO C 239 38.15 10.21 -37.17
C PRO C 239 37.11 9.13 -37.01
N LEU C 240 35.92 9.48 -36.53
CA LEU C 240 34.82 8.54 -36.33
C LEU C 240 33.61 9.15 -37.05
N ALA C 241 33.50 8.83 -38.34
CA ALA C 241 32.68 9.59 -39.27
C ALA C 241 31.47 8.85 -39.81
N SER C 242 31.16 7.65 -39.28
CA SER C 242 29.92 6.92 -39.52
C SER C 242 29.64 6.65 -40.99
N LYS C 243 30.52 5.89 -41.65
CA LYS C 243 30.44 5.72 -43.10
C LYS C 243 30.25 4.24 -43.43
N ASP C 244 29.63 3.99 -44.58
CA ASP C 244 29.18 2.66 -44.95
C ASP C 244 30.32 1.88 -45.64
N ALA C 245 29.96 0.76 -46.27
CA ALA C 245 30.95 -0.12 -46.88
C ALA C 245 31.61 0.51 -48.11
N LYS C 246 30.92 1.43 -48.78
CA LYS C 246 31.49 2.13 -49.92
C LYS C 246 32.19 3.43 -49.52
N LYS C 247 32.45 3.61 -48.22
CA LYS C 247 33.15 4.77 -47.65
C LYS C 247 32.44 6.09 -47.93
N GLN C 248 31.12 6.05 -48.09
CA GLN C 248 30.29 7.22 -48.24
C GLN C 248 29.57 7.50 -46.93
N LEU C 249 29.15 8.76 -46.76
CA LEU C 249 28.53 9.16 -45.50
C LEU C 249 27.13 8.58 -45.37
N LEU C 250 26.79 8.14 -44.16
CA LEU C 250 25.46 7.66 -43.86
C LEU C 250 24.44 8.79 -43.93
N CYS C 251 23.25 8.48 -44.43
CA CYS C 251 22.19 9.47 -44.52
C CYS C 251 20.84 8.82 -44.28
N GLY C 252 19.91 9.61 -43.78
CA GLY C 252 18.54 9.18 -43.62
C GLY C 252 17.59 10.19 -44.23
N ALA C 253 16.36 9.73 -44.46
CA ALA C 253 15.37 10.60 -45.06
C ALA C 253 14.00 10.23 -44.54
N ALA C 254 13.14 11.22 -44.36
CA ALA C 254 11.79 11.00 -43.88
C ALA C 254 10.83 10.89 -45.04
N ILE C 255 9.89 9.95 -44.94
CA ILE C 255 8.78 9.83 -45.88
C ILE C 255 7.51 9.70 -45.07
N GLY C 256 6.39 10.06 -45.70
CA GLY C 256 5.10 9.85 -45.10
C GLY C 256 4.59 8.45 -45.37
N THR C 257 3.32 8.23 -45.02
CA THR C 257 2.69 6.94 -45.18
C THR C 257 1.58 6.96 -46.23
N HIS C 258 1.47 8.04 -47.00
CA HIS C 258 0.48 8.12 -48.05
C HIS C 258 0.94 7.34 -49.27
N GLU C 259 0.01 7.04 -50.18
CA GLU C 259 0.32 6.24 -51.35
C GLU C 259 1.19 7.01 -52.34
N ASP C 260 1.11 8.34 -52.34
CA ASP C 260 1.96 9.15 -53.21
C ASP C 260 3.43 9.15 -52.79
N ASP C 261 3.72 8.70 -51.57
CA ASP C 261 5.09 8.69 -51.07
C ASP C 261 5.86 7.44 -51.46
N LYS C 262 5.23 6.50 -52.16
CA LYS C 262 5.99 5.38 -52.73
C LYS C 262 6.91 5.86 -53.85
N TYR C 263 6.47 6.86 -54.61
CA TYR C 263 7.33 7.47 -55.62
C TYR C 263 8.49 8.23 -54.98
N ARG C 264 8.24 8.90 -53.86
CA ARG C 264 9.30 9.55 -53.10
C ARG C 264 10.29 8.52 -52.56
N LEU C 265 9.79 7.39 -52.08
CA LEU C 265 10.65 6.30 -51.61
C LEU C 265 11.51 5.75 -52.73
N ASP C 266 10.94 5.55 -53.92
CA ASP C 266 11.70 5.07 -55.06
C ASP C 266 12.77 6.07 -55.48
N LEU C 267 12.43 7.37 -55.46
CA LEU C 267 13.38 8.38 -55.88
C LEU C 267 14.46 8.63 -54.82
N LEU C 268 14.19 8.31 -53.56
CA LEU C 268 15.22 8.38 -52.53
C LEU C 268 16.09 7.12 -52.52
N ALA C 269 15.52 5.96 -52.83
CA ALA C 269 16.31 4.74 -52.89
C ALA C 269 17.17 4.68 -54.14
N GLN C 270 16.78 5.39 -55.21
CA GLN C 270 17.71 5.54 -56.34
C GLN C 270 18.87 6.46 -55.98
N ALA C 271 18.66 7.41 -55.06
CA ALA C 271 19.74 8.25 -54.58
C ALA C 271 20.65 7.52 -53.60
N GLY C 272 20.23 6.36 -53.09
CA GLY C 272 21.07 5.56 -52.23
C GLY C 272 20.92 5.88 -50.76
N VAL C 273 19.70 6.09 -50.30
CA VAL C 273 19.48 6.35 -48.88
C VAL C 273 19.68 5.04 -48.10
N ASP C 274 20.23 5.17 -46.90
CA ASP C 274 20.57 4.01 -46.09
C ASP C 274 19.50 3.62 -45.09
N VAL C 275 18.69 4.58 -44.66
CA VAL C 275 17.64 4.33 -43.67
C VAL C 275 16.53 5.36 -43.91
N VAL C 276 15.29 4.91 -43.76
CA VAL C 276 14.14 5.81 -43.87
C VAL C 276 13.38 5.79 -42.56
N VAL C 277 12.88 6.96 -42.16
CA VAL C 277 12.00 7.09 -41.01
C VAL C 277 10.62 7.47 -41.53
N LEU C 278 9.60 6.83 -40.97
CA LEU C 278 8.22 7.04 -41.42
C LEU C 278 7.62 8.07 -40.49
N ASP C 279 7.60 9.32 -40.95
CA ASP C 279 7.34 10.46 -40.08
C ASP C 279 5.84 10.61 -39.89
N SER C 280 5.37 10.32 -38.67
CA SER C 280 3.99 10.58 -38.28
C SER C 280 3.96 10.73 -36.77
N SER C 281 3.02 11.55 -36.29
CA SER C 281 2.87 11.75 -34.86
C SER C 281 2.20 10.57 -34.18
N GLN C 282 1.55 9.69 -34.95
CA GLN C 282 0.88 8.50 -34.41
C GLN C 282 1.26 7.33 -35.30
N GLY C 283 2.16 6.48 -34.81
CA GLY C 283 2.74 5.44 -35.63
C GLY C 283 1.97 4.15 -35.75
N ASN C 284 0.95 3.95 -34.94
CA ASN C 284 0.22 2.68 -34.92
C ASN C 284 -1.03 2.78 -35.80
N SER C 285 -0.80 2.94 -37.10
CA SER C 285 -1.88 2.99 -38.05
C SER C 285 -1.75 1.84 -39.03
N ILE C 286 -2.83 1.55 -39.74
CA ILE C 286 -2.77 0.52 -40.79
C ILE C 286 -1.96 1.03 -41.97
N PHE C 287 -1.91 2.36 -42.17
CA PHE C 287 -1.18 2.94 -43.29
C PHE C 287 0.31 2.73 -43.14
N GLN C 288 0.83 2.96 -41.94
CA GLN C 288 2.26 2.80 -41.71
C GLN C 288 2.66 1.33 -41.67
N ILE C 289 1.78 0.44 -41.21
CA ILE C 289 2.09 -0.99 -41.22
C ILE C 289 2.12 -1.52 -42.65
N ASN C 290 1.19 -1.08 -43.50
CA ASN C 290 1.24 -1.45 -44.90
C ASN C 290 2.45 -0.84 -45.61
N MET C 291 2.88 0.35 -45.22
CA MET C 291 4.08 0.93 -45.83
C MET C 291 5.34 0.18 -45.40
N ILE C 292 5.41 -0.26 -44.14
CA ILE C 292 6.55 -1.04 -43.68
C ILE C 292 6.59 -2.39 -44.38
N LYS C 293 5.44 -3.05 -44.54
CA LYS C 293 5.43 -4.31 -45.29
C LYS C 293 5.64 -4.11 -46.79
N TYR C 294 5.47 -2.89 -47.30
CA TYR C 294 5.84 -2.59 -48.68
C TYR C 294 7.35 -2.41 -48.82
N ILE C 295 7.98 -1.74 -47.86
CA ILE C 295 9.42 -1.50 -47.95
C ILE C 295 10.19 -2.79 -47.70
N LYS C 296 9.75 -3.61 -46.74
CA LYS C 296 10.52 -4.80 -46.36
C LYS C 296 10.51 -5.91 -47.40
N ASP C 297 9.70 -5.81 -48.46
CA ASP C 297 9.88 -6.72 -49.57
C ASP C 297 10.24 -6.04 -50.89
N LYS C 298 9.91 -4.76 -51.08
CA LYS C 298 10.40 -4.12 -52.30
C LYS C 298 11.87 -3.72 -52.16
N TYR C 299 12.31 -3.30 -50.98
CA TYR C 299 13.68 -2.89 -50.73
C TYR C 299 14.20 -3.67 -49.53
N PRO C 300 14.75 -4.87 -49.75
CA PRO C 300 15.07 -5.75 -48.63
C PRO C 300 16.30 -5.34 -47.84
N ASN C 301 17.18 -4.49 -48.40
CA ASN C 301 18.36 -4.03 -47.70
C ASN C 301 18.20 -2.61 -47.16
N LEU C 302 16.97 -2.10 -47.09
CA LEU C 302 16.70 -0.76 -46.60
C LEU C 302 16.15 -0.84 -45.19
N GLN C 303 16.73 -0.05 -44.30
CA GLN C 303 16.33 -0.04 -42.90
C GLN C 303 15.19 0.96 -42.69
N VAL C 304 14.19 0.55 -41.92
CA VAL C 304 13.05 1.42 -41.64
C VAL C 304 13.02 1.77 -40.16
N ILE C 305 12.51 2.96 -39.87
CA ILE C 305 12.32 3.43 -38.50
C ILE C 305 10.87 3.85 -38.36
N GLY C 306 10.13 3.17 -37.49
CA GLY C 306 8.72 3.45 -37.29
C GLY C 306 8.51 4.37 -36.10
N GLY C 307 7.42 5.12 -36.16
CA GLY C 307 7.10 6.06 -35.10
C GLY C 307 6.02 7.01 -35.55
N ASN C 308 5.54 7.82 -34.59
CA ASN C 308 5.98 7.83 -33.20
C ASN C 308 5.17 6.89 -32.33
N VAL C 309 5.85 6.20 -31.42
CA VAL C 309 5.20 5.30 -30.48
C VAL C 309 5.52 5.74 -29.07
N VAL C 310 4.56 5.53 -28.16
CA VAL C 310 4.79 5.78 -26.74
C VAL C 310 4.43 4.60 -25.86
N THR C 311 3.57 3.69 -26.29
CA THR C 311 3.17 2.54 -25.49
C THR C 311 3.79 1.27 -26.06
N ALA C 312 3.62 0.17 -25.34
CA ALA C 312 4.19 -1.10 -25.78
C ALA C 312 3.31 -1.82 -26.80
N ALA C 313 2.01 -1.51 -26.85
CA ALA C 313 1.15 -2.15 -27.84
C ALA C 313 1.45 -1.65 -29.24
N GLN C 314 1.81 -0.37 -29.35
CA GLN C 314 2.19 0.20 -30.64
C GLN C 314 3.53 -0.35 -31.10
N ALA C 315 4.45 -0.55 -30.15
CA ALA C 315 5.70 -1.22 -30.45
C ALA C 315 5.47 -2.66 -30.87
N LYS C 316 4.45 -3.32 -30.31
CA LYS C 316 4.11 -4.68 -30.75
C LYS C 316 3.59 -4.67 -32.18
N ASN C 317 2.69 -3.74 -32.51
CA ASN C 317 2.15 -3.71 -33.85
C ASN C 317 3.17 -3.28 -34.90
N LEU C 318 4.20 -2.53 -34.51
CA LEU C 318 5.20 -2.15 -35.51
C LEU C 318 6.37 -3.12 -35.59
N ILE C 319 6.78 -3.74 -34.49
CA ILE C 319 7.87 -4.72 -34.56
C ILE C 319 7.41 -5.99 -35.28
N ASP C 320 6.17 -6.40 -35.07
CA ASP C 320 5.62 -7.55 -35.80
C ASP C 320 5.41 -7.27 -37.28
N ALA C 321 5.32 -6.00 -37.67
CA ALA C 321 5.29 -5.63 -39.08
C ALA C 321 6.66 -5.70 -39.73
N GLY C 322 7.73 -5.83 -38.96
CA GLY C 322 9.05 -5.96 -39.49
C GLY C 322 9.90 -4.71 -39.42
N VAL C 323 9.69 -3.85 -38.43
CA VAL C 323 10.43 -2.59 -38.36
C VAL C 323 11.82 -2.87 -37.80
N ASP C 324 12.77 -1.97 -38.11
CA ASP C 324 14.15 -2.13 -37.68
C ASP C 324 14.54 -1.20 -36.53
N ALA C 325 13.81 -0.12 -36.30
CA ALA C 325 14.03 0.74 -35.16
C ALA C 325 12.73 1.47 -34.86
N LEU C 326 12.64 1.99 -33.63
CA LEU C 326 11.46 2.74 -33.21
C LEU C 326 11.86 4.16 -32.88
N ARG C 327 10.86 5.04 -32.85
CA ARG C 327 11.06 6.47 -32.64
C ARG C 327 10.07 6.88 -31.54
N VAL C 328 10.57 7.10 -30.34
CA VAL C 328 9.73 7.18 -29.14
C VAL C 328 9.50 8.62 -28.75
N GLY C 329 8.22 8.99 -28.62
CA GLY C 329 7.86 10.31 -28.12
C GLY C 329 6.71 10.97 -28.86
N MET C 330 5.68 11.33 -28.12
CA MET C 330 4.50 11.99 -28.66
C MET C 330 4.02 13.02 -27.65
N GLY C 331 4.06 14.30 -28.02
CA GLY C 331 3.57 15.34 -27.15
C GLY C 331 4.60 15.98 -26.27
N SER C 332 5.88 15.73 -26.49
CA SER C 332 6.94 16.24 -25.62
C SER C 332 7.91 17.17 -26.33
N GLY C 333 7.66 17.49 -27.60
CA GLY C 333 8.51 18.43 -28.29
C GLY C 333 8.33 19.85 -27.79
N SER C 334 9.37 20.66 -28.01
CA SER C 334 9.32 22.05 -27.58
C SER C 334 8.40 22.89 -28.46
N ILE C 335 8.23 22.50 -29.71
CA ILE C 335 7.30 23.15 -30.62
C ILE C 335 6.01 22.36 -30.78
N CYS C 336 5.64 21.59 -29.76
CA CYS C 336 4.56 20.63 -29.86
C CYS C 336 3.39 21.03 -28.97
N ILE C 337 2.19 21.06 -29.57
CA ILE C 337 0.96 21.32 -28.84
C ILE C 337 -0.03 20.17 -29.06
N THR C 338 0.49 18.96 -29.26
CA THR C 338 -0.37 17.79 -29.43
C THR C 338 -1.13 17.46 -28.15
N GLN C 339 -0.47 17.57 -26.99
CA GLN C 339 -1.14 17.29 -25.73
C GLN C 339 -2.15 18.38 -25.35
N GLU C 340 -2.01 19.58 -25.91
CA GLU C 340 -2.90 20.68 -25.58
C GLU C 340 -3.93 20.96 -26.66
N VAL C 341 -3.94 20.18 -27.74
CA VAL C 341 -4.99 20.25 -28.77
C VAL C 341 -5.67 18.90 -28.96
N LEU C 342 -4.87 17.84 -29.08
CA LEU C 342 -5.38 16.50 -29.32
C LEU C 342 -5.41 15.63 -28.08
N ALA C 343 -4.94 16.16 -26.94
CA ALA C 343 -5.10 15.55 -25.61
C ALA C 343 -4.48 14.17 -25.48
N CYS C 344 -3.36 13.94 -26.17
CA CYS C 344 -2.86 12.58 -26.31
C CYS C 344 -1.35 12.58 -26.25
N GLY C 345 -0.78 11.44 -25.91
CA GLY C 345 0.64 11.27 -25.68
C GLY C 345 0.89 10.69 -24.31
N ARG C 346 2.15 10.79 -23.87
CA ARG C 346 2.53 10.47 -22.50
C ARG C 346 3.86 11.17 -22.22
N PRO C 347 4.23 11.32 -20.93
CA PRO C 347 5.55 11.91 -20.63
C PRO C 347 6.71 11.10 -21.19
N GLN C 348 7.80 11.82 -21.47
CA GLN C 348 8.83 11.32 -22.38
C GLN C 348 9.68 10.22 -21.75
N ALA C 349 10.07 10.37 -20.48
CA ALA C 349 10.95 9.41 -19.84
C ALA C 349 10.26 8.07 -19.64
N THR C 350 8.99 8.09 -19.23
CA THR C 350 8.20 6.87 -19.11
C THR C 350 7.98 6.23 -20.47
N ALA C 351 7.81 7.05 -21.51
CA ALA C 351 7.64 6.53 -22.87
C ALA C 351 8.90 5.80 -23.33
N VAL C 352 10.06 6.41 -23.10
CA VAL C 352 11.33 5.80 -23.51
C VAL C 352 11.57 4.50 -22.76
N TYR C 353 11.28 4.46 -21.46
CA TYR C 353 11.48 3.23 -20.70
C TYR C 353 10.50 2.13 -21.13
N LYS C 354 9.23 2.47 -21.31
CA LYS C 354 8.24 1.44 -21.62
C LYS C 354 8.39 0.91 -23.04
N VAL C 355 8.85 1.73 -23.98
CA VAL C 355 9.04 1.17 -25.31
C VAL C 355 10.40 0.47 -25.40
N SER C 356 11.41 0.93 -24.65
CA SER C 356 12.72 0.27 -24.69
C SER C 356 12.68 -1.10 -24.04
N GLU C 357 11.95 -1.23 -22.93
CA GLU C 357 11.85 -2.51 -22.23
C GLU C 357 11.08 -3.53 -23.06
N TYR C 358 10.18 -3.09 -23.93
CA TYR C 358 9.53 -4.03 -24.83
C TYR C 358 10.38 -4.32 -26.05
N ALA C 359 11.07 -3.30 -26.59
CA ALA C 359 11.80 -3.47 -27.83
C ALA C 359 13.13 -4.17 -27.65
N ARG C 360 13.63 -4.30 -26.42
CA ARG C 360 14.82 -5.12 -26.22
C ARG C 360 14.52 -6.61 -26.24
N ARG C 361 13.24 -6.99 -26.18
CA ARG C 361 12.88 -8.41 -26.27
C ARG C 361 13.15 -8.95 -27.66
N PHE C 362 13.11 -8.09 -28.67
CA PHE C 362 13.25 -8.50 -30.06
C PHE C 362 14.51 -7.95 -30.71
N GLY C 363 15.37 -7.27 -29.96
CA GLY C 363 16.58 -6.71 -30.51
C GLY C 363 16.35 -5.53 -31.42
N VAL C 364 15.49 -4.61 -31.03
CA VAL C 364 15.12 -3.45 -31.84
C VAL C 364 15.50 -2.20 -31.06
N PRO C 365 16.40 -1.36 -31.57
CA PRO C 365 16.72 -0.11 -30.89
C PRO C 365 15.57 0.89 -31.02
N VAL C 366 15.54 1.84 -30.08
CA VAL C 366 14.56 2.92 -30.16
C VAL C 366 15.31 4.24 -30.21
N ILE C 367 14.59 5.28 -30.60
CA ILE C 367 15.14 6.62 -30.79
C ILE C 367 14.28 7.58 -29.98
N ALA C 368 14.87 8.23 -28.99
CA ALA C 368 14.14 9.18 -28.17
C ALA C 368 14.15 10.56 -28.83
N ASP C 369 12.98 11.04 -29.25
CA ASP C 369 12.86 12.42 -29.68
C ASP C 369 11.85 13.16 -28.81
N GLY C 370 12.07 14.47 -28.68
CA GLY C 370 11.21 15.29 -27.86
C GLY C 370 11.68 15.38 -26.43
N GLY C 371 11.58 16.58 -25.87
CA GLY C 371 11.90 16.82 -24.48
C GLY C 371 13.36 17.07 -24.18
N ILE C 372 14.24 16.91 -25.15
CA ILE C 372 15.68 17.10 -24.91
C ILE C 372 15.99 18.59 -24.91
N GLN C 373 16.51 19.08 -23.79
CA GLN C 373 16.84 20.47 -23.61
C GLN C 373 18.31 20.73 -23.36
N ASN C 374 19.05 19.74 -22.86
CA ASN C 374 20.44 19.90 -22.48
C ASN C 374 21.13 18.54 -22.55
N VAL C 375 22.33 18.46 -21.99
CA VAL C 375 23.11 17.22 -22.07
C VAL C 375 22.58 16.21 -21.07
N GLY C 376 22.04 16.69 -19.94
CA GLY C 376 21.51 15.79 -18.93
C GLY C 376 20.31 15.00 -19.39
N HIS C 377 19.45 15.61 -20.22
CA HIS C 377 18.32 14.88 -20.78
C HIS C 377 18.78 13.81 -21.75
N ILE C 378 19.86 14.07 -22.49
CA ILE C 378 20.43 13.06 -23.38
C ILE C 378 20.99 11.89 -22.57
N ALA C 379 21.68 12.19 -21.47
CA ALA C 379 22.23 11.14 -20.63
C ALA C 379 21.14 10.31 -19.95
N LYS C 380 20.06 10.95 -19.50
CA LYS C 380 18.95 10.21 -18.90
C LYS C 380 18.21 9.38 -19.95
N ALA C 381 18.06 9.90 -21.17
CA ALA C 381 17.40 9.14 -22.23
C ALA C 381 18.21 7.92 -22.63
N LEU C 382 19.54 8.06 -22.70
CA LEU C 382 20.38 6.92 -22.99
C LEU C 382 20.44 5.94 -21.83
N ALA C 383 20.27 6.42 -20.60
CA ALA C 383 20.26 5.51 -19.47
C ALA C 383 18.92 4.81 -19.26
N LEU C 384 17.85 5.30 -19.89
CA LEU C 384 16.55 4.62 -19.76
C LEU C 384 16.29 3.60 -20.86
N GLY C 385 17.21 3.40 -21.78
CA GLY C 385 17.03 2.33 -22.75
C GLY C 385 17.07 2.77 -24.19
N ALA C 386 17.07 4.07 -24.45
CA ALA C 386 17.16 4.56 -25.82
C ALA C 386 18.57 4.37 -26.34
N SER C 387 18.70 3.86 -27.56
CA SER C 387 20.01 3.65 -28.14
C SER C 387 20.57 4.95 -28.70
N THR C 388 19.76 5.70 -29.43
CA THR C 388 20.15 7.01 -29.93
C THR C 388 19.13 8.05 -29.50
N VAL C 389 19.53 9.32 -29.56
CA VAL C 389 18.72 10.45 -29.12
C VAL C 389 18.57 11.41 -30.28
N MET C 390 17.32 11.81 -30.57
CA MET C 390 17.01 12.71 -31.67
C MET C 390 16.72 14.11 -31.14
N MET C 391 17.34 15.10 -31.75
CA MET C 391 17.30 16.48 -31.28
C MET C 391 16.90 17.40 -32.42
N GLY C 392 15.82 18.14 -32.24
CA GLY C 392 15.47 19.18 -33.20
C GLY C 392 15.76 20.58 -32.70
N SER C 393 15.41 20.88 -31.46
CA SER C 393 15.55 22.24 -30.95
C SER C 393 16.94 22.54 -30.42
N LEU C 394 17.62 21.52 -29.89
CA LEU C 394 18.97 21.73 -29.39
C LEU C 394 19.97 21.85 -30.53
N LEU C 395 19.62 21.39 -31.73
CA LEU C 395 20.44 21.56 -32.92
C LEU C 395 19.93 22.65 -33.85
N ALA C 396 18.78 23.25 -33.55
CA ALA C 396 18.31 24.37 -34.34
C ALA C 396 19.12 25.62 -34.01
N ALA C 397 19.09 26.57 -34.95
CA ALA C 397 19.89 27.82 -34.93
C ALA C 397 21.38 27.54 -34.81
N THR C 398 21.84 26.43 -35.37
CA THR C 398 23.24 26.17 -35.56
C THR C 398 23.63 26.74 -36.93
N THR C 399 24.92 26.74 -37.23
CA THR C 399 25.38 27.30 -38.51
C THR C 399 24.92 26.44 -39.68
N GLU C 400 24.90 25.11 -39.49
CA GLU C 400 24.52 24.22 -40.58
C GLU C 400 23.01 24.05 -40.75
N ALA C 401 22.21 24.57 -39.82
CA ALA C 401 20.76 24.46 -39.96
C ALA C 401 20.27 25.39 -41.05
N PRO C 402 19.25 24.98 -41.83
CA PRO C 402 18.78 25.83 -42.93
C PRO C 402 18.03 27.04 -42.43
N GLY C 403 18.10 28.10 -43.22
CA GLY C 403 17.54 29.39 -42.87
C GLY C 403 18.62 30.44 -42.74
N GLU C 404 18.19 31.64 -42.35
CA GLU C 404 19.10 32.76 -42.17
C GLU C 404 18.77 33.47 -40.87
N TYR C 405 19.78 34.13 -40.32
CA TYR C 405 19.68 34.79 -39.04
C TYR C 405 18.94 36.12 -39.15
N PHE C 406 18.36 36.54 -38.03
CA PHE C 406 17.77 37.86 -37.90
C PHE C 406 17.85 38.25 -36.43
N PHE C 407 17.31 39.41 -36.10
CA PHE C 407 17.43 39.96 -34.76
C PHE C 407 16.06 40.31 -34.18
N SER C 408 15.93 40.13 -32.88
CA SER C 408 14.72 40.47 -32.15
C SER C 408 15.09 40.80 -30.72
N ASP C 409 14.83 42.06 -30.33
CA ASP C 409 15.23 42.64 -29.04
C ASP C 409 16.74 42.52 -28.83
N GLY C 410 17.49 42.74 -29.91
CA GLY C 410 18.94 42.68 -29.85
C GLY C 410 19.52 41.31 -29.63
N ILE C 411 18.83 40.26 -30.07
CA ILE C 411 19.27 38.89 -29.86
C ILE C 411 19.31 38.19 -31.22
N ARG C 412 20.47 37.63 -31.56
CA ARG C 412 20.65 36.89 -32.80
C ARG C 412 19.99 35.52 -32.69
N LEU C 413 19.01 35.24 -33.54
CA LEU C 413 18.26 34.00 -33.44
C LEU C 413 17.70 33.60 -34.80
N LYS C 414 17.58 32.29 -35.01
CA LYS C 414 17.10 31.71 -36.25
C LYS C 414 15.70 31.14 -36.05
N LYS C 415 14.88 31.24 -37.10
CA LYS C 415 13.50 30.75 -37.04
C LYS C 415 13.47 29.22 -36.94
N TYR C 416 12.52 28.71 -36.17
CA TYR C 416 12.39 27.29 -35.90
C TYR C 416 10.92 26.96 -35.68
N ARG C 417 10.31 26.26 -36.63
CA ARG C 417 8.90 25.91 -36.55
C ARG C 417 8.71 24.40 -36.63
N GLY C 418 7.61 23.93 -36.07
CA GLY C 418 7.27 22.53 -36.16
C GLY C 418 6.64 22.16 -37.47
N MET C 419 6.57 20.86 -37.73
CA MET C 419 6.04 20.37 -38.99
C MET C 419 4.52 20.48 -39.03
N GLY C 420 3.86 20.42 -37.88
CA GLY C 420 2.41 20.55 -37.82
C GLY C 420 1.92 21.98 -37.76
N SER C 421 2.84 22.94 -37.62
CA SER C 421 2.46 24.35 -37.62
C SER C 421 1.90 24.75 -38.98
N LEU C 422 0.92 25.67 -38.96
CA LEU C 422 0.26 26.09 -40.19
C LEU C 422 1.17 26.92 -41.10
N ASP C 423 2.27 27.46 -40.58
CA ASP C 423 3.26 28.09 -41.43
C ASP C 423 4.13 27.09 -42.17
N ALA C 424 4.11 25.81 -41.76
CA ALA C 424 4.85 24.76 -42.44
C ALA C 424 3.97 23.87 -43.31
N MET C 425 2.66 23.95 -43.17
CA MET C 425 1.75 23.18 -44.02
C MET C 425 1.48 23.90 -45.34
N ILE C 442 -10.57 21.86 -43.20
CA ILE C 442 -9.92 22.66 -42.17
C ILE C 442 -8.72 21.90 -41.58
N LYS C 443 -7.59 22.60 -41.46
CA LYS C 443 -6.36 22.02 -40.95
C LYS C 443 -6.16 22.40 -39.50
N VAL C 444 -5.95 21.40 -38.66
CA VAL C 444 -5.63 21.61 -37.25
C VAL C 444 -4.12 21.69 -37.11
N ALA C 445 -3.66 22.60 -36.25
CA ALA C 445 -2.24 22.81 -36.05
C ALA C 445 -1.75 21.99 -34.87
N GLN C 446 -0.70 21.20 -35.08
CA GLN C 446 -0.02 20.47 -34.01
C GLN C 446 1.32 21.08 -33.66
N GLY C 447 1.59 22.31 -34.11
CA GLY C 447 2.88 22.91 -33.86
C GLY C 447 2.81 24.42 -33.83
N VAL C 448 3.84 25.01 -33.24
CA VAL C 448 3.98 26.45 -33.19
C VAL C 448 5.17 26.84 -34.06
N SER C 449 5.30 28.14 -34.32
CA SER C 449 6.33 28.68 -35.20
C SER C 449 7.13 29.71 -34.41
N GLY C 450 8.23 29.26 -33.82
CA GLY C 450 9.02 30.13 -32.97
C GLY C 450 10.42 30.37 -33.45
N ALA C 451 11.31 30.69 -32.51
CA ALA C 451 12.71 30.94 -32.84
C ALA C 451 13.56 30.65 -31.61
N VAL C 452 14.81 30.29 -31.84
CA VAL C 452 15.72 29.91 -30.78
C VAL C 452 17.08 30.55 -31.06
N GLN C 453 17.83 30.83 -30.00
CA GLN C 453 19.06 31.60 -30.08
C GLN C 453 20.18 30.79 -30.73
N ASP C 454 21.16 31.52 -31.28
CA ASP C 454 22.28 30.93 -32.00
C ASP C 454 23.16 30.08 -31.10
N LYS C 455 23.63 28.95 -31.64
CA LYS C 455 24.49 28.03 -30.91
C LYS C 455 25.83 27.81 -31.61
N GLY C 456 26.19 28.67 -32.56
CA GLY C 456 27.48 28.56 -33.21
C GLY C 456 27.48 27.50 -34.29
N SER C 457 28.64 26.85 -34.44
CA SER C 457 28.80 25.75 -35.37
C SER C 457 28.56 24.43 -34.67
N ILE C 458 28.46 23.36 -35.46
CA ILE C 458 28.10 22.06 -34.91
C ILE C 458 29.30 21.14 -34.76
N HIS C 459 30.44 21.47 -35.36
CA HIS C 459 31.68 20.77 -35.06
C HIS C 459 32.29 21.24 -33.75
N LYS C 460 31.75 22.31 -33.16
CA LYS C 460 32.12 22.78 -31.84
C LYS C 460 31.08 22.42 -30.79
N PHE C 461 29.88 22.03 -31.20
CA PHE C 461 28.77 21.76 -30.29
C PHE C 461 28.54 20.28 -30.03
N VAL C 462 28.65 19.43 -31.06
CA VAL C 462 28.53 17.99 -30.89
C VAL C 462 29.67 17.39 -30.07
N PRO C 463 30.96 17.78 -30.21
CA PRO C 463 31.96 17.28 -29.25
C PRO C 463 31.73 17.71 -27.81
N TYR C 464 31.05 18.84 -27.58
CA TYR C 464 30.64 19.18 -26.23
C TYR C 464 29.60 18.20 -25.69
N LEU C 465 28.65 17.80 -26.54
CA LEU C 465 27.66 16.80 -26.13
C LEU C 465 28.34 15.45 -25.90
N ILE C 466 29.35 15.12 -26.71
CA ILE C 466 30.11 13.89 -26.54
C ILE C 466 30.83 13.87 -25.20
N ALA C 467 31.51 14.97 -24.86
CA ALA C 467 32.21 15.05 -23.58
C ALA C 467 31.25 15.08 -22.40
N GLY C 468 30.07 15.67 -22.57
CA GLY C 468 29.08 15.64 -21.50
C GLY C 468 28.52 14.26 -21.24
N ILE C 469 28.23 13.51 -22.31
CA ILE C 469 27.77 12.13 -22.17
C ILE C 469 28.86 11.25 -21.57
N GLN C 470 30.13 11.50 -21.93
CA GLN C 470 31.22 10.72 -21.36
C GLN C 470 31.42 11.02 -19.87
N HIS C 471 31.31 12.28 -19.47
CA HIS C 471 31.42 12.59 -18.04
C HIS C 471 30.22 12.08 -17.26
N SER C 472 29.04 12.05 -17.87
CA SER C 472 27.87 11.50 -17.18
C SER C 472 27.96 9.98 -17.06
N CYS C 473 28.51 9.30 -18.06
CA CYS C 473 28.76 7.88 -17.95
C CYS C 473 29.92 7.57 -17.02
N GLN C 474 30.81 8.53 -16.79
CA GLN C 474 31.83 8.34 -15.75
C GLN C 474 31.22 8.42 -14.37
N ASP C 475 30.33 9.40 -14.13
CA ASP C 475 29.70 9.51 -12.82
C ASP C 475 28.71 8.38 -12.56
N ILE C 476 28.07 7.85 -13.61
CA ILE C 476 27.30 6.62 -13.45
C ILE C 476 28.21 5.46 -13.06
N GLY C 477 29.36 5.36 -13.70
CA GLY C 477 30.33 4.33 -13.41
C GLY C 477 30.45 3.25 -14.46
N ALA C 478 30.09 3.53 -15.70
CA ALA C 478 30.11 2.54 -16.77
C ALA C 478 30.95 3.04 -17.93
N LYS C 479 31.72 2.14 -18.53
CA LYS C 479 32.66 2.51 -19.59
C LYS C 479 32.01 2.57 -20.97
N SER C 480 30.73 2.24 -21.08
CA SER C 480 30.05 2.27 -22.37
C SER C 480 28.55 2.41 -22.13
N LEU C 481 27.84 2.84 -23.17
CA LEU C 481 26.39 2.94 -23.10
C LEU C 481 25.73 1.57 -22.99
N THR C 482 26.33 0.55 -23.60
CA THR C 482 25.85 -0.81 -23.43
C THR C 482 25.98 -1.24 -21.98
N GLN C 483 27.05 -0.82 -21.31
CA GLN C 483 27.19 -1.12 -19.90
C GLN C 483 26.21 -0.29 -19.05
N VAL C 484 25.87 0.92 -19.49
CA VAL C 484 24.86 1.73 -18.79
C VAL C 484 23.51 1.04 -18.82
N ARG C 485 23.08 0.61 -20.00
CA ARG C 485 21.80 -0.07 -20.11
C ARG C 485 21.83 -1.46 -19.47
N ALA C 486 22.99 -2.13 -19.47
CA ALA C 486 23.09 -3.43 -18.81
C ALA C 486 23.02 -3.29 -17.29
N MET C 487 23.63 -2.23 -16.75
CA MET C 487 23.48 -1.93 -15.32
C MET C 487 22.06 -1.51 -15.00
N MET C 488 21.36 -0.87 -15.94
CA MET C 488 20.01 -0.42 -15.67
C MET C 488 19.03 -1.60 -15.64
N TYR C 489 19.11 -2.50 -16.63
CA TYR C 489 18.16 -3.60 -16.66
C TYR C 489 18.48 -4.68 -15.63
N SER C 490 19.72 -4.74 -15.14
CA SER C 490 20.07 -5.71 -14.11
C SER C 490 19.70 -5.25 -12.70
N GLY C 491 19.28 -4.00 -12.54
CA GLY C 491 18.99 -3.47 -11.23
C GLY C 491 20.17 -2.89 -10.49
N GLU C 492 21.35 -2.85 -11.12
CA GLU C 492 22.52 -2.30 -10.45
C GLU C 492 22.53 -0.78 -10.50
N LEU C 493 22.09 -0.20 -11.61
CA LEU C 493 22.03 1.25 -11.76
C LEU C 493 20.71 1.74 -11.19
N LYS C 494 20.78 2.64 -10.21
CA LYS C 494 19.62 3.04 -9.43
C LYS C 494 19.28 4.50 -9.63
N PHE C 495 18.02 4.83 -9.40
CA PHE C 495 17.43 6.13 -9.67
C PHE C 495 16.83 6.70 -8.39
N GLU C 496 16.33 7.93 -8.49
CA GLU C 496 15.72 8.60 -7.35
C GLU C 496 14.74 9.65 -7.89
N LYS C 497 13.51 9.61 -7.39
CA LYS C 497 12.49 10.57 -7.82
C LYS C 497 12.82 11.94 -7.22
N ARG C 498 12.41 13.00 -7.91
CA ARG C 498 12.79 14.35 -7.55
C ARG C 498 11.56 15.25 -7.50
N THR C 499 11.37 15.95 -6.38
CA THR C 499 10.22 16.83 -6.19
C THR C 499 10.44 18.16 -6.91
N SER C 500 9.49 19.08 -6.79
CA SER C 500 9.56 20.35 -7.50
C SER C 500 10.58 21.30 -6.89
N SER C 501 10.65 21.38 -5.56
CA SER C 501 11.65 22.24 -4.93
C SER C 501 13.04 21.61 -4.96
N ALA C 502 13.14 20.31 -5.18
CA ALA C 502 14.43 19.69 -5.50
C ALA C 502 14.78 19.82 -6.98
N GLN C 503 13.81 20.17 -7.84
CA GLN C 503 14.13 20.63 -9.18
C GLN C 503 14.60 22.07 -9.18
N VAL C 504 14.12 22.85 -8.21
CA VAL C 504 14.57 24.23 -8.07
C VAL C 504 16.02 24.29 -7.63
N GLU C 505 16.43 23.43 -6.69
CA GLU C 505 17.82 23.43 -6.27
C GLU C 505 18.74 22.76 -7.29
N GLY C 506 18.18 21.97 -8.21
CA GLY C 506 19.01 21.27 -9.18
C GLY C 506 19.61 22.19 -10.22
N GLY C 507 18.92 23.28 -10.53
CA GLY C 507 19.45 24.31 -11.40
C GLY C 507 20.26 25.33 -10.65
N VAL C 508 20.19 26.57 -11.10
CA VAL C 508 20.89 27.68 -10.48
C VAL C 508 19.91 28.46 -9.62
N HIS C 509 20.28 28.72 -8.36
CA HIS C 509 19.47 29.50 -7.44
C HIS C 509 20.40 30.38 -6.62
N SER C 510 19.80 31.17 -5.72
CA SER C 510 20.49 31.93 -4.68
C SER C 510 21.51 32.93 -5.23
N LEU C 511 21.33 33.39 -6.47
CA LEU C 511 22.23 34.35 -7.08
C LEU C 511 21.42 35.52 -7.62
N HIS C 512 22.12 36.65 -7.77
CA HIS C 512 21.48 37.82 -8.37
C HIS C 512 21.36 37.67 -9.89
N SER C 513 22.47 37.37 -10.55
CA SER C 513 22.51 37.17 -11.99
C SER C 513 23.78 36.40 -12.32
N TYR C 514 23.67 35.44 -13.24
CA TYR C 514 24.80 34.58 -13.58
C TYR C 514 25.05 34.60 -15.08
N GLU C 515 26.27 34.25 -15.45
CA GLU C 515 26.75 34.23 -16.82
C GLU C 515 27.17 32.80 -17.13
N LYS C 516 26.22 32.01 -17.64
CA LYS C 516 26.45 30.60 -17.91
C LYS C 516 27.11 30.42 -19.27
N ARG C 517 28.26 29.76 -19.27
CA ARG C 517 28.98 29.43 -20.50
C ARG C 517 29.19 27.93 -20.50
N LEU C 518 28.47 27.22 -21.38
CA LEU C 518 28.54 25.77 -21.38
C LEU C 518 29.85 25.30 -22.03
N PHE C 519 30.26 25.95 -23.11
CA PHE C 519 31.45 25.55 -23.84
C PHE C 519 32.11 26.77 -24.46
N MET D 6 2.90 2.72 43.16
CA MET D 6 1.57 2.34 42.69
C MET D 6 1.42 2.57 41.19
N ALA D 7 0.18 2.61 40.69
CA ALA D 7 -0.11 2.52 39.27
C ALA D 7 0.28 3.77 38.48
N ASP D 8 0.63 4.87 39.13
CA ASP D 8 1.13 6.02 38.41
C ASP D 8 2.51 5.79 37.81
N TYR D 9 3.26 4.83 38.35
CA TYR D 9 4.59 4.50 37.87
C TYR D 9 4.67 3.09 37.28
N LEU D 10 3.89 2.15 37.79
CA LEU D 10 4.07 0.74 37.45
C LEU D 10 3.51 0.36 36.08
N ILE D 11 2.75 1.23 35.43
CA ILE D 11 2.16 0.87 34.14
C ILE D 11 3.16 1.08 33.00
N SER D 12 3.62 2.32 32.83
CA SER D 12 4.48 2.66 31.70
C SER D 12 5.90 3.02 32.13
N GLY D 13 6.26 2.77 33.39
CA GLY D 13 7.61 3.02 33.82
C GLY D 13 7.95 4.48 34.05
N GLY D 14 6.97 5.32 34.34
CA GLY D 14 7.19 6.71 34.65
C GLY D 14 7.17 7.63 33.45
N THR D 15 7.47 7.13 32.26
CA THR D 15 7.41 7.94 31.05
C THR D 15 5.97 8.28 30.71
N SER D 16 5.75 9.51 30.28
CA SER D 16 4.40 10.02 30.04
C SER D 16 3.82 9.44 28.75
N TYR D 17 2.59 9.87 28.43
CA TYR D 17 1.88 9.29 27.30
C TYR D 17 2.48 9.71 25.97
N VAL D 18 2.54 11.02 25.71
CA VAL D 18 3.15 11.65 24.53
C VAL D 18 2.44 11.16 23.26
N PRO D 19 1.28 11.73 22.92
CA PRO D 19 0.48 11.25 21.76
C PRO D 19 1.25 11.27 20.46
N ASP D 20 1.25 10.12 19.78
CA ASP D 20 2.05 9.93 18.58
C ASP D 20 1.46 10.73 17.42
N ASP D 21 2.24 11.65 16.87
CA ASP D 21 1.74 12.51 15.80
C ASP D 21 2.93 12.98 14.98
N GLY D 22 2.96 12.63 13.71
CA GLY D 22 4.07 12.96 12.82
C GLY D 22 4.80 11.71 12.37
N LEU D 23 5.85 11.95 11.60
CA LEU D 23 6.66 10.88 11.02
C LEU D 23 8.09 11.01 11.51
N THR D 24 8.71 9.87 11.80
CA THR D 24 10.13 9.86 12.13
C THR D 24 10.95 10.02 10.86
N ALA D 25 12.27 10.16 11.05
CA ALA D 25 13.15 10.32 9.89
C ALA D 25 13.28 9.04 9.09
N GLN D 26 13.13 7.89 9.75
CA GLN D 26 13.16 6.62 9.03
C GLN D 26 11.88 6.41 8.24
N GLN D 27 10.75 6.91 8.74
CA GLN D 27 9.49 6.78 8.03
C GLN D 27 9.32 7.81 6.93
N LEU D 28 10.14 8.86 6.92
CA LEU D 28 10.02 9.94 5.95
C LEU D 28 10.93 9.75 4.75
N PHE D 29 12.17 9.31 4.96
CA PHE D 29 13.16 9.22 3.91
C PHE D 29 13.30 7.81 3.35
N ASN D 30 12.40 6.89 3.72
CA ASN D 30 12.36 5.57 3.12
C ASN D 30 11.07 5.37 2.32
N CYS D 31 10.42 6.45 1.94
CA CYS D 31 9.27 6.39 1.05
C CYS D 31 9.66 6.27 -0.41
N GLY D 32 10.95 6.34 -0.73
CA GLY D 32 11.43 6.28 -2.09
C GLY D 32 11.52 7.63 -2.77
N ASP D 33 10.70 8.59 -2.35
CA ASP D 33 10.70 9.91 -2.94
C ASP D 33 11.84 10.74 -2.37
N GLY D 34 12.47 11.54 -3.24
CA GLY D 34 13.64 12.31 -2.85
C GLY D 34 13.31 13.71 -2.38
N LEU D 35 13.58 13.99 -1.11
CA LEU D 35 13.21 15.26 -0.49
C LEU D 35 14.43 16.15 -0.35
N THR D 36 14.22 17.44 -0.55
CA THR D 36 15.24 18.45 -0.26
C THR D 36 14.87 19.16 1.04
N TYR D 37 15.59 20.24 1.35
CA TYR D 37 15.40 20.96 2.61
C TYR D 37 14.03 21.62 2.67
N ASN D 38 13.51 22.11 1.56
CA ASN D 38 12.24 22.82 1.56
C ASN D 38 11.03 21.89 1.48
N ASP D 39 11.24 20.58 1.46
CA ASP D 39 10.13 19.64 1.30
C ASP D 39 9.62 19.10 2.62
N PHE D 40 10.21 19.49 3.75
CA PHE D 40 9.76 18.99 5.03
C PHE D 40 10.02 20.07 6.07
N LEU D 41 9.66 19.75 7.32
CA LEU D 41 9.91 20.59 8.48
C LEU D 41 9.86 19.75 9.74
N ILE D 42 10.41 20.30 10.82
CA ILE D 42 10.59 19.58 12.08
C ILE D 42 9.42 19.92 12.99
N LEU D 43 8.82 18.89 13.59
CA LEU D 43 7.74 19.15 14.55
C LEU D 43 8.33 19.53 15.90
N PRO D 44 7.78 20.55 16.56
CA PRO D 44 8.34 21.02 17.82
C PRO D 44 7.98 20.11 18.99
N GLY D 45 8.64 20.37 20.12
CA GLY D 45 8.51 19.57 21.33
C GLY D 45 8.38 20.37 22.60
N TYR D 46 9.11 19.98 23.64
CA TYR D 46 8.97 20.54 24.97
C TYR D 46 10.18 21.37 25.34
N ILE D 47 9.94 22.52 25.96
CA ILE D 47 11.00 23.45 26.38
C ILE D 47 11.08 23.46 27.89
N ASP D 48 12.28 23.21 28.43
CA ASP D 48 12.57 23.49 29.83
C ASP D 48 13.92 24.17 29.99
N PHE D 49 14.29 25.03 29.03
CA PHE D 49 15.60 25.65 28.99
C PHE D 49 15.55 26.87 28.09
N THR D 50 16.38 27.86 28.40
CA THR D 50 16.47 29.03 27.55
C THR D 50 17.37 28.74 26.35
N ALA D 51 17.35 29.66 25.38
CA ALA D 51 18.07 29.43 24.13
C ALA D 51 19.57 29.63 24.26
N ASP D 52 20.03 30.43 25.22
CA ASP D 52 21.44 30.74 25.32
C ASP D 52 22.28 29.60 25.91
N GLN D 53 21.64 28.60 26.51
CA GLN D 53 22.36 27.46 27.06
C GLN D 53 22.20 26.21 26.19
N VAL D 54 22.13 26.40 24.87
CA VAL D 54 22.12 25.32 23.92
C VAL D 54 23.55 25.12 23.43
N ASP D 55 24.12 23.95 23.73
CA ASP D 55 25.51 23.66 23.39
C ASP D 55 25.62 23.26 21.92
N LEU D 56 26.56 23.86 21.21
CA LEU D 56 26.69 23.65 19.76
C LEU D 56 27.96 22.90 19.41
N THR D 57 28.46 22.06 20.32
CA THR D 57 29.70 21.34 20.08
C THR D 57 29.48 20.25 19.04
N SER D 58 30.24 20.30 17.96
CA SER D 58 30.10 19.37 16.85
C SER D 58 31.47 18.88 16.42
N ALA D 59 31.50 17.66 15.91
CA ALA D 59 32.75 17.02 15.51
C ALA D 59 32.95 17.20 14.02
N LEU D 60 34.08 17.80 13.63
CA LEU D 60 34.41 17.92 12.22
C LEU D 60 34.84 16.58 11.65
N THR D 61 35.92 16.02 12.19
CA THR D 61 36.40 14.69 11.84
C THR D 61 36.35 13.82 13.10
N LYS D 62 36.96 12.64 13.03
CA LYS D 62 36.96 11.72 14.15
C LYS D 62 37.81 12.18 15.32
N LYS D 63 38.68 13.18 15.13
CA LYS D 63 39.49 13.71 16.21
C LYS D 63 39.46 15.23 16.34
N ILE D 64 39.02 15.95 15.31
CA ILE D 64 38.90 17.41 15.38
C ILE D 64 37.51 17.74 15.88
N THR D 65 37.42 18.55 16.93
CA THR D 65 36.16 18.95 17.54
C THR D 65 36.04 20.46 17.47
N LEU D 66 34.95 20.94 16.87
CA LEU D 66 34.66 22.35 16.73
C LEU D 66 33.62 22.78 17.76
N LYS D 67 33.52 24.10 17.96
CA LYS D 67 32.57 24.66 18.90
C LYS D 67 31.30 25.15 18.23
N THR D 68 31.32 25.42 16.93
CA THR D 68 30.13 25.74 16.17
C THR D 68 30.10 24.83 14.93
N PRO D 69 28.91 24.37 14.52
CA PRO D 69 28.80 23.44 13.39
C PRO D 69 28.77 24.14 12.04
N LEU D 70 29.67 25.09 11.83
CA LEU D 70 29.68 25.91 10.62
C LEU D 70 31.08 25.91 10.04
N VAL D 71 31.29 25.15 8.97
CA VAL D 71 32.54 25.17 8.25
C VAL D 71 32.29 25.88 6.93
N SER D 72 33.37 26.30 6.30
CA SER D 72 33.27 27.14 5.11
C SER D 72 33.94 26.47 3.93
N SER D 73 33.44 26.78 2.74
CA SER D 73 33.69 25.97 1.55
C SER D 73 35.03 26.32 0.90
N PRO D 74 35.76 25.33 0.39
CA PRO D 74 37.02 25.59 -0.34
C PRO D 74 36.81 26.02 -1.78
N MET D 75 36.39 27.28 -1.94
CA MET D 75 36.17 27.87 -3.24
C MET D 75 37.01 29.14 -3.37
N ASP D 76 37.33 29.51 -4.61
CA ASP D 76 38.23 30.64 -4.82
C ASP D 76 37.58 31.98 -4.58
N THR D 77 36.25 32.04 -4.44
CA THR D 77 35.56 33.27 -4.06
C THR D 77 34.83 33.13 -2.73
N VAL D 78 35.17 32.12 -1.94
CA VAL D 78 34.64 31.98 -0.59
C VAL D 78 35.74 32.15 0.45
N THR D 79 36.74 31.27 0.45
CA THR D 79 37.73 31.23 1.51
C THR D 79 39.16 31.41 1.01
N GLU D 80 39.90 32.24 1.72
CA GLU D 80 41.35 32.30 1.70
C GLU D 80 41.75 32.43 3.17
N ALA D 81 42.97 32.89 3.45
CA ALA D 81 43.40 32.96 4.85
C ALA D 81 42.63 33.98 5.67
N GLY D 82 42.02 35.00 5.05
CA GLY D 82 41.17 35.90 5.82
C GLY D 82 39.93 35.22 6.35
N MET D 83 39.25 34.46 5.49
CA MET D 83 38.12 33.65 5.92
C MET D 83 38.54 32.48 6.78
N ALA D 84 39.74 31.93 6.56
CA ALA D 84 40.21 30.84 7.41
C ALA D 84 40.52 31.33 8.82
N ILE D 85 40.95 32.58 8.97
CA ILE D 85 41.08 33.17 10.30
C ILE D 85 39.70 33.47 10.88
N ALA D 86 38.85 34.12 10.10
CA ALA D 86 37.62 34.69 10.66
C ALA D 86 36.55 33.64 10.92
N MET D 87 36.58 32.50 10.21
CA MET D 87 35.70 31.39 10.56
C MET D 87 36.21 30.63 11.76
N ALA D 88 37.53 30.55 11.93
CA ALA D 88 38.08 29.86 13.08
C ALA D 88 37.86 30.62 14.37
N LEU D 89 37.97 31.96 14.32
CA LEU D 89 37.81 32.75 15.53
C LEU D 89 36.38 32.74 16.06
N THR D 90 35.40 32.55 15.19
CA THR D 90 34.00 32.49 15.60
C THR D 90 33.54 31.07 15.92
N GLY D 91 34.44 30.10 15.91
CA GLY D 91 34.13 28.75 16.35
C GLY D 91 34.29 27.68 15.28
N GLY D 92 34.16 28.03 14.01
CA GLY D 92 34.22 27.07 12.93
C GLY D 92 35.63 26.78 12.45
N ILE D 93 35.74 26.46 11.16
CA ILE D 93 37.03 26.20 10.52
C ILE D 93 36.89 26.64 9.07
N GLY D 94 38.03 26.91 8.43
CA GLY D 94 38.05 27.30 7.04
C GLY D 94 38.86 26.33 6.21
N PHE D 95 38.42 26.11 4.98
CA PHE D 95 39.13 25.28 4.02
C PHE D 95 39.61 26.16 2.88
N ILE D 96 40.91 26.22 2.67
CA ILE D 96 41.50 27.09 1.67
C ILE D 96 41.54 26.37 0.33
N HIS D 97 41.08 27.04 -0.72
CA HIS D 97 40.88 26.44 -2.03
C HIS D 97 42.21 26.07 -2.68
N HIS D 98 42.11 25.26 -3.74
CA HIS D 98 43.28 24.80 -4.48
C HIS D 98 43.28 25.31 -5.91
N ASN D 99 42.61 26.43 -6.18
CA ASN D 99 42.63 27.06 -7.50
C ASN D 99 43.79 28.05 -7.59
N CYS D 100 44.99 27.58 -7.27
CA CYS D 100 46.17 28.42 -7.16
C CYS D 100 47.39 27.52 -7.18
N THR D 101 48.56 28.15 -7.18
CA THR D 101 49.81 27.42 -7.06
C THR D 101 49.94 26.83 -5.65
N PRO D 102 50.65 25.70 -5.49
CA PRO D 102 50.80 25.12 -4.15
C PRO D 102 51.57 26.00 -3.17
N GLU D 103 52.49 26.83 -3.67
CA GLU D 103 53.19 27.76 -2.79
C GLU D 103 52.25 28.83 -2.26
N PHE D 104 51.29 29.27 -3.08
CA PHE D 104 50.31 30.25 -2.63
C PHE D 104 49.39 29.67 -1.56
N GLN D 105 48.94 28.42 -1.77
CA GLN D 105 48.04 27.79 -0.81
C GLN D 105 48.76 27.49 0.50
N ALA D 106 50.03 27.06 0.43
CA ALA D 106 50.83 26.88 1.63
C ALA D 106 51.10 28.21 2.33
N ASN D 107 51.21 29.30 1.56
CA ASN D 107 51.35 30.63 2.16
C ASN D 107 50.08 31.03 2.90
N GLU D 108 48.92 30.70 2.34
CA GLU D 108 47.66 31.04 3.03
C GLU D 108 47.48 30.20 4.29
N VAL D 109 47.89 28.93 4.25
CA VAL D 109 47.78 28.07 5.42
C VAL D 109 48.75 28.50 6.52
N ARG D 110 49.98 28.91 6.17
CA ARG D 110 50.84 29.43 7.20
C ARG D 110 50.48 30.85 7.61
N LYS D 111 49.67 31.55 6.80
CA LYS D 111 49.19 32.87 7.20
C LYS D 111 48.09 32.76 8.25
N VAL D 112 47.18 31.80 8.10
CA VAL D 112 46.18 31.59 9.14
C VAL D 112 46.80 30.89 10.36
N LYS D 113 47.81 30.04 10.15
CA LYS D 113 48.36 29.29 11.27
C LYS D 113 49.26 30.16 12.16
N LYS D 114 49.84 31.22 11.62
CA LYS D 114 50.69 32.14 12.36
C LYS D 114 49.87 33.33 12.92
N TYR D 115 48.55 33.19 13.02
CA TYR D 115 47.73 34.29 13.51
C TYR D 115 47.77 34.36 15.03
N TYR D 238 36.15 34.89 19.55
CA TYR D 238 37.36 34.57 20.33
C TYR D 238 37.25 33.90 21.72
N PRO D 239 36.11 33.94 22.45
CA PRO D 239 35.99 33.03 23.61
C PRO D 239 36.00 31.56 23.24
N LEU D 240 35.42 31.20 22.11
CA LEU D 240 35.34 29.81 21.64
C LEU D 240 35.92 29.83 20.22
N ALA D 241 37.24 29.67 20.13
CA ALA D 241 37.99 30.04 18.93
C ALA D 241 38.61 28.86 18.20
N SER D 242 38.30 27.61 18.58
CA SER D 242 38.61 26.38 17.84
C SER D 242 40.11 26.21 17.56
N LYS D 243 40.91 26.11 18.61
CA LYS D 243 42.36 26.11 18.47
C LYS D 243 42.96 24.81 18.99
N ASP D 244 44.11 24.44 18.44
CA ASP D 244 44.69 23.13 18.68
C ASP D 244 45.53 23.12 19.96
N ALA D 245 46.35 22.08 20.13
CA ALA D 245 47.13 21.92 21.35
C ALA D 245 48.25 22.95 21.46
N LYS D 246 48.73 23.48 20.33
CA LYS D 246 49.74 24.52 20.34
C LYS D 246 49.14 25.92 20.35
N LYS D 247 47.84 26.04 20.64
CA LYS D 247 47.10 27.29 20.75
C LYS D 247 47.12 28.10 19.45
N GLN D 248 47.25 27.42 18.32
CA GLN D 248 47.16 28.02 17.00
C GLN D 248 45.80 27.73 16.39
N LEU D 249 45.39 28.55 15.43
CA LEU D 249 44.07 28.42 14.84
C LEU D 249 43.99 27.19 13.93
N LEU D 250 42.88 26.49 14.01
CA LEU D 250 42.62 25.36 13.13
C LEU D 250 42.46 25.83 11.69
N CYS D 251 42.96 25.03 10.76
CA CYS D 251 42.84 25.35 9.34
C CYS D 251 42.67 24.08 8.53
N GLY D 252 42.02 24.22 7.37
CA GLY D 252 41.90 23.13 6.44
C GLY D 252 42.28 23.60 5.05
N ALA D 253 42.56 22.63 4.18
CA ALA D 253 42.96 22.94 2.83
C ALA D 253 42.47 21.86 1.89
N ALA D 254 42.09 22.27 0.69
CA ALA D 254 41.61 21.32 -0.31
C ALA D 254 42.75 20.90 -1.23
N ILE D 255 42.78 19.61 -1.56
CA ILE D 255 43.69 19.08 -2.56
C ILE D 255 42.88 18.22 -3.51
N GLY D 256 43.39 18.05 -4.72
CA GLY D 256 42.80 17.13 -5.67
C GLY D 256 43.31 15.72 -5.45
N THR D 257 42.95 14.84 -6.40
CA THR D 257 43.33 13.44 -6.33
C THR D 257 44.33 13.05 -7.40
N HIS D 258 44.88 14.01 -8.12
CA HIS D 258 45.87 13.73 -9.15
C HIS D 258 47.22 13.45 -8.49
N GLU D 259 48.13 12.85 -9.27
CA GLU D 259 49.44 12.49 -8.74
C GLU D 259 50.32 13.73 -8.48
N ASP D 260 50.07 14.82 -9.21
CA ASP D 260 50.80 16.05 -8.97
C ASP D 260 50.44 16.73 -7.65
N ASP D 261 49.33 16.34 -7.03
CA ASP D 261 48.87 16.95 -5.79
C ASP D 261 49.52 16.33 -4.56
N LYS D 262 50.34 15.30 -4.71
CA LYS D 262 51.13 14.81 -3.58
C LYS D 262 52.18 15.83 -3.15
N TYR D 263 52.74 16.57 -4.11
CA TYR D 263 53.65 17.66 -3.77
C TYR D 263 52.92 18.81 -3.09
N ARG D 264 51.69 19.10 -3.51
CA ARG D 264 50.86 20.09 -2.81
C ARG D 264 50.55 19.64 -1.40
N LEU D 265 50.26 18.34 -1.21
CA LEU D 265 50.01 17.80 0.11
C LEU D 265 51.24 17.90 1.01
N ASP D 266 52.42 17.61 0.46
CA ASP D 266 53.66 17.74 1.24
C ASP D 266 53.94 19.19 1.61
N LEU D 267 53.67 20.12 0.69
CA LEU D 267 53.94 21.52 0.96
C LEU D 267 52.89 22.14 1.88
N LEU D 268 51.69 21.55 1.95
CA LEU D 268 50.71 21.99 2.94
C LEU D 268 50.94 21.36 4.30
N ALA D 269 51.42 20.13 4.35
CA ALA D 269 51.73 19.49 5.62
C ALA D 269 53.00 20.03 6.25
N GLN D 270 53.92 20.59 5.45
CA GLN D 270 55.02 21.34 6.03
C GLN D 270 54.54 22.66 6.63
N ALA D 271 53.47 23.24 6.08
CA ALA D 271 52.88 24.44 6.66
C ALA D 271 52.07 24.14 7.91
N GLY D 272 51.77 22.88 8.18
CA GLY D 272 51.08 22.50 9.40
C GLY D 272 49.58 22.50 9.29
N VAL D 273 49.05 21.99 8.18
CA VAL D 273 47.60 21.90 8.03
C VAL D 273 47.07 20.80 8.94
N ASP D 274 45.87 21.02 9.48
CA ASP D 274 45.31 20.09 10.45
C ASP D 274 44.36 19.09 9.82
N VAL D 275 43.73 19.44 8.71
CA VAL D 275 42.77 18.56 8.04
C VAL D 275 42.79 18.90 6.56
N VAL D 276 42.68 17.88 5.71
CA VAL D 276 42.59 18.08 4.27
C VAL D 276 41.29 17.50 3.77
N VAL D 277 40.67 18.19 2.82
CA VAL D 277 39.49 17.70 2.13
C VAL D 277 39.88 17.39 0.68
N LEU D 278 39.43 16.26 0.18
CA LEU D 278 39.79 15.80 -1.15
C LEU D 278 38.66 16.26 -2.08
N ASP D 279 38.89 17.39 -2.76
CA ASP D 279 37.83 18.10 -3.46
C ASP D 279 37.56 17.44 -4.80
N SER D 280 36.42 16.80 -4.92
CA SER D 280 35.94 16.27 -6.18
C SER D 280 34.42 16.17 -6.12
N SER D 281 33.77 16.33 -7.28
CA SER D 281 32.32 16.23 -7.33
C SER D 281 31.84 14.79 -7.25
N GLN D 282 32.73 13.82 -7.46
CA GLN D 282 32.40 12.40 -7.40
C GLN D 282 33.49 11.71 -6.60
N GLY D 283 33.18 11.37 -5.36
CA GLY D 283 34.20 10.89 -4.44
C GLY D 283 34.51 9.43 -4.47
N ASN D 284 33.71 8.62 -5.16
CA ASN D 284 33.90 7.17 -5.17
C ASN D 284 34.70 6.75 -6.40
N SER D 285 35.96 7.18 -6.44
CA SER D 285 36.87 6.80 -7.50
C SER D 285 38.04 6.02 -6.93
N ILE D 286 38.76 5.32 -7.81
CA ILE D 286 39.95 4.62 -7.37
C ILE D 286 41.06 5.63 -7.05
N PHE D 287 41.02 6.81 -7.68
CA PHE D 287 42.05 7.82 -7.48
C PHE D 287 41.99 8.38 -6.06
N GLN D 288 40.78 8.67 -5.59
CA GLN D 288 40.62 9.22 -4.25
C GLN D 288 40.86 8.17 -3.17
N ILE D 289 40.52 6.90 -3.45
CA ILE D 289 40.79 5.84 -2.47
C ILE D 289 42.30 5.60 -2.35
N ASN D 290 43.02 5.62 -3.48
CA ASN D 290 44.49 5.52 -3.41
C ASN D 290 45.10 6.74 -2.75
N MET D 291 44.53 7.94 -2.92
CA MET D 291 45.06 9.11 -2.25
C MET D 291 44.81 9.05 -0.74
N ILE D 292 43.65 8.53 -0.32
CA ILE D 292 43.37 8.38 1.11
C ILE D 292 44.31 7.34 1.73
N LYS D 293 44.55 6.23 1.05
CA LYS D 293 45.50 5.25 1.57
C LYS D 293 46.94 5.73 1.47
N TYR D 294 47.22 6.76 0.67
CA TYR D 294 48.54 7.39 0.69
C TYR D 294 48.70 8.32 1.88
N ILE D 295 47.65 9.08 2.21
CA ILE D 295 47.74 10.02 3.32
C ILE D 295 47.75 9.28 4.65
N LYS D 296 46.94 8.23 4.78
CA LYS D 296 46.80 7.55 6.07
C LYS D 296 48.01 6.73 6.48
N ASP D 297 49.01 6.56 5.62
CA ASP D 297 50.28 6.02 6.10
C ASP D 297 51.46 6.97 5.92
N LYS D 298 51.42 7.92 4.98
CA LYS D 298 52.51 8.88 4.95
C LYS D 298 52.36 9.93 6.04
N TYR D 299 51.13 10.35 6.35
CA TYR D 299 50.86 11.37 7.37
C TYR D 299 49.84 10.79 8.33
N PRO D 300 50.29 10.08 9.37
CA PRO D 300 49.34 9.33 10.21
C PRO D 300 48.53 10.21 11.16
N ASN D 301 48.97 11.44 11.43
CA ASN D 301 48.22 12.33 12.30
C ASN D 301 47.45 13.40 11.53
N LEU D 302 47.24 13.20 10.23
CA LEU D 302 46.53 14.15 9.40
C LEU D 302 45.13 13.61 9.12
N GLN D 303 44.12 14.45 9.33
CA GLN D 303 42.73 14.07 9.15
C GLN D 303 42.32 14.31 7.70
N VAL D 304 41.60 13.36 7.12
CA VAL D 304 41.14 13.48 5.74
C VAL D 304 39.61 13.56 5.71
N ILE D 305 39.10 14.28 4.72
CA ILE D 305 37.67 14.40 4.49
C ILE D 305 37.41 14.01 3.04
N GLY D 306 36.65 12.94 2.84
CA GLY D 306 36.36 12.44 1.52
C GLY D 306 35.03 12.96 1.01
N GLY D 307 34.91 13.05 -0.31
CA GLY D 307 33.70 13.55 -0.91
C GLY D 307 33.94 13.87 -2.37
N ASN D 308 32.84 14.20 -3.07
CA ASN D 308 31.48 14.24 -2.53
C ASN D 308 30.77 12.90 -2.66
N VAL D 309 30.00 12.54 -1.64
CA VAL D 309 29.23 11.31 -1.65
C VAL D 309 27.76 11.66 -1.42
N VAL D 310 26.88 10.87 -2.04
CA VAL D 310 25.45 11.01 -1.79
C VAL D 310 24.77 9.69 -1.44
N THR D 311 25.34 8.54 -1.78
CA THR D 311 24.74 7.26 -1.45
C THR D 311 25.55 6.56 -0.37
N ALA D 312 25.02 5.44 0.11
CA ALA D 312 25.69 4.70 1.17
C ALA D 312 26.79 3.78 0.65
N ALA D 313 26.75 3.39 -0.62
CA ALA D 313 27.81 2.55 -1.18
C ALA D 313 29.11 3.33 -1.32
N GLN D 314 29.01 4.61 -1.65
CA GLN D 314 30.18 5.47 -1.76
C GLN D 314 30.77 5.73 -0.38
N ALA D 315 29.91 5.90 0.62
CA ALA D 315 30.36 6.00 2.00
C ALA D 315 31.01 4.70 2.46
N LYS D 316 30.56 3.56 1.97
CA LYS D 316 31.21 2.30 2.29
C LYS D 316 32.60 2.22 1.68
N ASN D 317 32.74 2.62 0.41
CA ASN D 317 34.04 2.55 -0.24
C ASN D 317 35.03 3.57 0.31
N LEU D 318 34.54 4.68 0.87
CA LEU D 318 35.49 5.64 1.43
C LEU D 318 35.78 5.43 2.92
N ILE D 319 34.81 4.94 3.71
CA ILE D 319 35.08 4.66 5.12
C ILE D 319 36.02 3.46 5.26
N ASP D 320 35.83 2.44 4.41
CA ASP D 320 36.73 1.28 4.43
C ASP D 320 38.13 1.62 3.93
N ALA D 321 38.29 2.71 3.19
CA ALA D 321 39.61 3.20 2.81
C ALA D 321 40.32 3.93 3.95
N GLY D 322 39.60 4.25 5.02
CA GLY D 322 40.19 4.89 6.17
C GLY D 322 39.94 6.37 6.30
N VAL D 323 38.80 6.86 5.80
CA VAL D 323 38.54 8.29 5.84
C VAL D 323 38.09 8.69 7.24
N ASP D 324 38.25 9.97 7.57
CA ASP D 324 37.90 10.48 8.89
C ASP D 324 36.63 11.31 8.92
N ALA D 325 36.19 11.83 7.77
CA ALA D 325 34.92 12.52 7.68
C ALA D 325 34.44 12.44 6.23
N LEU D 326 33.16 12.67 6.03
CA LEU D 326 32.57 12.65 4.71
C LEU D 326 32.00 14.03 4.39
N ARG D 327 31.79 14.26 3.09
CA ARG D 327 31.32 15.55 2.58
C ARG D 327 30.15 15.27 1.66
N VAL D 328 28.93 15.54 2.12
CA VAL D 328 27.73 15.01 1.50
C VAL D 328 27.08 16.08 0.62
N GLY D 329 26.84 15.74 -0.64
CA GLY D 329 26.12 16.60 -1.55
C GLY D 329 26.69 16.69 -2.93
N MET D 330 25.86 16.37 -3.93
CA MET D 330 26.24 16.42 -5.34
C MET D 330 25.04 16.92 -6.13
N GLY D 331 25.19 18.06 -6.77
CA GLY D 331 24.13 18.60 -7.61
C GLY D 331 23.18 19.55 -6.93
N SER D 332 23.49 20.01 -5.72
CA SER D 332 22.57 20.85 -4.97
C SER D 332 23.15 22.23 -4.66
N GLY D 333 24.32 22.56 -5.20
CA GLY D 333 24.86 23.88 -5.00
C GLY D 333 24.11 24.94 -5.79
N SER D 334 24.22 26.17 -5.32
CA SER D 334 23.56 27.29 -5.99
C SER D 334 24.24 27.65 -7.30
N ILE D 335 25.54 27.40 -7.41
CA ILE D 335 26.30 27.62 -8.63
C ILE D 335 26.54 26.31 -9.37
N CYS D 336 25.67 25.33 -9.21
CA CYS D 336 25.91 23.97 -9.67
C CYS D 336 24.93 23.61 -10.77
N ILE D 337 25.45 23.11 -11.89
CA ILE D 337 24.65 22.60 -13.00
C ILE D 337 25.04 21.16 -13.31
N THR D 338 25.47 20.41 -12.28
CA THR D 338 25.82 19.00 -12.47
C THR D 338 24.59 18.17 -12.82
N GLN D 339 23.45 18.45 -12.17
CA GLN D 339 22.24 17.69 -12.46
C GLN D 339 21.64 18.05 -13.82
N GLU D 340 21.99 19.23 -14.36
CA GLU D 340 21.45 19.68 -15.63
C GLU D 340 22.43 19.54 -16.80
N VAL D 341 23.63 19.02 -16.55
CA VAL D 341 24.58 18.69 -17.60
C VAL D 341 24.99 17.22 -17.53
N LEU D 342 25.33 16.73 -16.34
CA LEU D 342 25.79 15.37 -16.16
C LEU D 342 24.70 14.45 -15.61
N ALA D 343 23.51 14.98 -15.32
CA ALA D 343 22.30 14.20 -15.01
C ALA D 343 22.45 13.31 -13.78
N CYS D 344 23.20 13.76 -12.78
CA CYS D 344 23.59 12.88 -11.70
C CYS D 344 23.59 13.64 -10.39
N GLY D 345 23.46 12.89 -9.30
CA GLY D 345 23.32 13.45 -7.97
C GLY D 345 22.07 12.89 -7.29
N ARG D 346 21.67 13.55 -6.22
CA ARG D 346 20.39 13.29 -5.57
C ARG D 346 20.02 14.51 -4.73
N PRO D 347 18.74 14.66 -4.33
CA PRO D 347 18.37 15.78 -3.45
C PRO D 347 19.11 15.76 -2.12
N GLN D 348 19.30 16.96 -1.56
CA GLN D 348 20.32 17.17 -0.53
C GLN D 348 19.92 16.58 0.82
N ALA D 349 18.65 16.73 1.21
CA ALA D 349 18.22 16.26 2.54
C ALA D 349 18.24 14.74 2.62
N THR D 350 17.78 14.08 1.55
CA THR D 350 17.85 12.62 1.49
C THR D 350 19.29 12.15 1.46
N ALA D 351 20.18 12.90 0.78
CA ALA D 351 21.59 12.56 0.74
C ALA D 351 22.22 12.63 2.12
N VAL D 352 21.93 13.71 2.87
CA VAL D 352 22.47 13.89 4.21
C VAL D 352 21.98 12.79 5.14
N TYR D 353 20.69 12.43 5.05
CA TYR D 353 20.17 11.38 5.92
C TYR D 353 20.75 10.02 5.57
N LYS D 354 20.83 9.68 4.28
CA LYS D 354 21.28 8.34 3.90
C LYS D 354 22.78 8.16 4.12
N VAL D 355 23.58 9.22 4.01
CA VAL D 355 24.99 9.03 4.30
C VAL D 355 25.25 9.13 5.81
N SER D 356 24.46 9.92 6.55
CA SER D 356 24.66 10.03 7.98
C SER D 356 24.26 8.75 8.70
N GLU D 357 23.16 8.12 8.27
CA GLU D 357 22.70 6.89 8.89
C GLU D 357 23.66 5.73 8.63
N TYR D 358 24.41 5.78 7.54
CA TYR D 358 25.44 4.78 7.33
C TYR D 358 26.73 5.13 8.08
N ALA D 359 27.09 6.41 8.11
CA ALA D 359 28.37 6.80 8.67
C ALA D 359 28.36 6.85 10.19
N ARG D 360 27.18 6.82 10.83
CA ARG D 360 27.17 6.70 12.28
C ARG D 360 27.44 5.28 12.74
N ARG D 361 27.41 4.29 11.84
CA ARG D 361 27.73 2.93 12.21
C ARG D 361 29.21 2.78 12.55
N PHE D 362 30.06 3.63 11.99
CA PHE D 362 31.50 3.55 12.14
C PHE D 362 32.08 4.73 12.88
N GLY D 363 31.24 5.66 13.37
CA GLY D 363 31.74 6.81 14.08
C GLY D 363 32.42 7.83 13.19
N VAL D 364 31.84 8.13 12.04
CA VAL D 364 32.42 9.04 11.06
C VAL D 364 31.45 10.20 10.86
N PRO D 365 31.83 11.43 11.18
CA PRO D 365 30.94 12.57 10.90
C PRO D 365 30.85 12.85 9.42
N VAL D 366 29.77 13.52 9.02
CA VAL D 366 29.62 13.96 7.65
C VAL D 366 29.47 15.47 7.62
N ILE D 367 29.65 16.05 6.44
CA ILE D 367 29.60 17.49 6.25
C ILE D 367 28.62 17.77 5.12
N ALA D 368 27.55 18.49 5.43
CA ALA D 368 26.55 18.82 4.42
C ALA D 368 26.96 20.08 3.69
N ASP D 369 27.25 19.96 2.40
CA ASP D 369 27.44 21.14 1.56
C ASP D 369 26.42 21.15 0.42
N GLY D 370 26.07 22.34 -0.02
CA GLY D 370 25.08 22.51 -1.08
C GLY D 370 23.67 22.63 -0.54
N GLY D 371 22.91 23.52 -1.17
CA GLY D 371 21.51 23.69 -0.83
C GLY D 371 21.22 24.61 0.33
N ILE D 372 22.23 25.05 1.07
CA ILE D 372 22.00 25.90 2.24
C ILE D 372 21.75 27.32 1.77
N GLN D 373 20.58 27.85 2.10
CA GLN D 373 20.17 29.19 1.72
C GLN D 373 19.93 30.11 2.90
N ASN D 374 19.64 29.57 4.09
CA ASN D 374 19.27 30.36 5.25
C ASN D 374 19.59 29.56 6.50
N VAL D 375 19.11 30.03 7.65
CA VAL D 375 19.43 29.37 8.91
C VAL D 375 18.59 28.10 9.08
N GLY D 376 17.40 28.07 8.50
CA GLY D 376 16.54 26.91 8.60
C GLY D 376 17.09 25.70 7.89
N HIS D 377 17.77 25.90 6.77
CA HIS D 377 18.41 24.78 6.09
C HIS D 377 19.57 24.23 6.89
N ILE D 378 20.29 25.09 7.63
CA ILE D 378 21.35 24.64 8.50
C ILE D 378 20.78 23.81 9.64
N ALA D 379 19.67 24.27 10.22
CA ALA D 379 19.05 23.53 11.32
C ALA D 379 18.48 22.19 10.86
N LYS D 380 17.89 22.14 9.66
CA LYS D 380 17.41 20.85 9.14
C LYS D 380 18.56 19.92 8.79
N ALA D 381 19.67 20.45 8.27
CA ALA D 381 20.82 19.61 7.95
C ALA D 381 21.45 19.05 9.20
N LEU D 382 21.53 19.84 10.27
CA LEU D 382 22.06 19.33 11.53
C LEU D 382 21.09 18.37 12.20
N ALA D 383 19.79 18.52 11.96
CA ALA D 383 18.84 17.58 12.53
C ALA D 383 18.72 16.29 11.73
N LEU D 384 19.21 16.24 10.49
CA LEU D 384 19.16 15.00 9.72
C LEU D 384 20.41 14.15 9.87
N GLY D 385 21.39 14.57 10.65
CA GLY D 385 22.51 13.70 10.92
C GLY D 385 23.87 14.29 10.57
N ALA D 386 23.89 15.43 9.89
CA ALA D 386 25.16 16.07 9.59
C ALA D 386 25.74 16.70 10.84
N SER D 387 27.04 16.49 11.05
CA SER D 387 27.69 17.05 12.22
C SER D 387 28.03 18.53 11.99
N THR D 388 28.58 18.86 10.84
CA THR D 388 28.86 20.25 10.48
C THR D 388 28.22 20.54 9.13
N VAL D 389 28.07 21.84 8.84
CA VAL D 389 27.41 22.33 7.65
C VAL D 389 28.38 23.24 6.90
N MET D 390 28.56 22.98 5.61
CA MET D 390 29.47 23.75 4.77
C MET D 390 28.69 24.72 3.89
N MET D 391 29.14 25.97 3.86
CA MET D 391 28.43 27.06 3.20
C MET D 391 29.37 27.79 2.28
N GLY D 392 29.04 27.86 0.99
CA GLY D 392 29.78 28.70 0.08
C GLY D 392 29.06 29.98 -0.31
N SER D 393 27.78 29.88 -0.61
CA SER D 393 27.04 31.04 -1.11
C SER D 393 26.50 31.92 0.01
N LEU D 394 26.18 31.33 1.16
CA LEU D 394 25.70 32.12 2.29
C LEU D 394 26.84 32.88 2.96
N LEU D 395 28.08 32.47 2.73
CA LEU D 395 29.24 33.19 3.22
C LEU D 395 29.96 33.99 2.15
N ALA D 396 29.53 33.88 0.89
CA ALA D 396 30.08 34.72 -0.16
C ALA D 396 29.57 36.14 -0.03
N ALA D 397 30.33 37.07 -0.64
CA ALA D 397 30.11 38.52 -0.56
C ALA D 397 30.08 39.03 0.88
N THR D 398 30.85 38.39 1.74
CA THR D 398 31.12 38.90 3.07
C THR D 398 32.39 39.77 2.96
N THR D 399 32.73 40.47 4.04
CA THR D 399 33.90 41.34 4.02
C THR D 399 35.19 40.53 3.91
N GLU D 400 35.24 39.37 4.55
CA GLU D 400 36.45 38.56 4.55
C GLU D 400 36.59 37.69 3.31
N ALA D 401 35.57 37.60 2.47
CA ALA D 401 35.67 36.79 1.26
C ALA D 401 36.58 37.48 0.24
N PRO D 402 37.37 36.72 -0.51
CA PRO D 402 38.30 37.36 -1.46
C PRO D 402 37.57 37.96 -2.65
N GLY D 403 38.17 39.00 -3.20
CA GLY D 403 37.57 39.76 -4.28
C GLY D 403 37.29 41.19 -3.85
N GLU D 404 36.69 41.94 -4.77
CA GLU D 404 36.35 43.33 -4.52
C GLU D 404 34.93 43.59 -4.99
N TYR D 405 34.31 44.60 -4.38
CA TYR D 405 32.91 44.92 -4.66
C TYR D 405 32.77 45.70 -5.95
N PHE D 406 31.58 45.61 -6.53
CA PHE D 406 31.20 46.43 -7.67
C PHE D 406 29.68 46.60 -7.64
N PHE D 407 29.14 47.27 -8.64
CA PHE D 407 27.72 47.62 -8.64
C PHE D 407 27.06 47.15 -9.92
N SER D 408 25.79 46.74 -9.80
CA SER D 408 24.98 46.32 -10.93
C SER D 408 23.53 46.61 -10.61
N ASP D 409 22.92 47.50 -11.40
CA ASP D 409 21.56 48.02 -11.20
C ASP D 409 21.42 48.66 -9.81
N GLY D 410 22.47 49.36 -9.39
CA GLY D 410 22.47 50.03 -8.11
C GLY D 410 22.50 49.12 -6.90
N ILE D 411 23.10 47.93 -7.04
CA ILE D 411 23.16 46.95 -5.96
C ILE D 411 24.62 46.57 -5.74
N ARG D 412 25.09 46.73 -4.51
CA ARG D 412 26.45 46.36 -4.12
C ARG D 412 26.55 44.85 -4.01
N LEU D 413 27.41 44.23 -4.81
CA LEU D 413 27.51 42.77 -4.84
C LEU D 413 28.89 42.34 -5.29
N LYS D 414 29.32 41.19 -4.77
CA LYS D 414 30.63 40.61 -5.03
C LYS D 414 30.49 39.41 -5.95
N LYS D 415 31.47 39.21 -6.83
CA LYS D 415 31.48 38.09 -7.76
C LYS D 415 31.64 36.76 -7.03
N TYR D 416 30.93 35.74 -7.50
CA TYR D 416 30.93 34.42 -6.88
C TYR D 416 30.71 33.38 -7.97
N ARG D 417 31.76 32.60 -8.27
CA ARG D 417 31.69 31.58 -9.30
C ARG D 417 32.03 30.21 -8.72
N GLY D 418 31.53 29.18 -9.38
CA GLY D 418 31.84 27.82 -8.99
C GLY D 418 33.19 27.37 -9.50
N MET D 419 33.66 26.25 -8.95
CA MET D 419 34.97 25.74 -9.32
C MET D 419 34.95 25.08 -10.69
N GLY D 420 33.80 24.54 -11.09
CA GLY D 420 33.67 23.92 -12.40
C GLY D 420 33.34 24.87 -13.52
N SER D 421 33.07 26.13 -13.20
CA SER D 421 32.82 27.14 -14.21
C SER D 421 34.06 27.40 -15.04
N LEU D 422 33.86 27.68 -16.34
CA LEU D 422 34.98 27.88 -17.26
C LEU D 422 35.74 29.16 -16.98
N ASP D 423 35.18 30.11 -16.24
CA ASP D 423 35.94 31.26 -15.80
C ASP D 423 36.86 30.95 -14.64
N ALA D 424 36.69 29.79 -13.98
CA ALA D 424 37.56 29.36 -12.90
C ALA D 424 38.55 28.28 -13.33
N MET D 425 38.35 27.66 -14.48
CA MET D 425 39.30 26.67 -14.98
C MET D 425 40.46 27.32 -15.72
N ILE D 442 38.32 19.20 -24.88
CA ILE D 442 37.19 20.08 -24.58
C ILE D 442 36.78 19.96 -23.11
N LYS D 443 36.58 21.11 -22.48
CA LYS D 443 36.23 21.16 -21.06
C LYS D 443 34.74 21.39 -20.91
N VAL D 444 34.09 20.52 -20.14
CA VAL D 444 32.68 20.68 -19.80
C VAL D 444 32.57 21.49 -18.52
N ALA D 445 31.59 22.39 -18.47
CA ALA D 445 31.39 23.25 -17.32
C ALA D 445 30.38 22.63 -16.35
N GLN D 446 30.77 22.52 -15.09
CA GLN D 446 29.86 22.09 -14.03
C GLN D 446 29.45 23.25 -13.12
N GLY D 447 29.70 24.49 -13.54
CA GLY D 447 29.39 25.62 -12.69
C GLY D 447 29.08 26.87 -13.50
N VAL D 448 28.43 27.81 -12.84
CA VAL D 448 28.14 29.10 -13.41
C VAL D 448 28.97 30.15 -12.69
N SER D 449 28.98 31.37 -13.24
CA SER D 449 29.79 32.47 -12.72
C SER D 449 28.87 33.63 -12.44
N GLY D 450 28.40 33.73 -11.20
CA GLY D 450 27.43 34.74 -10.86
C GLY D 450 27.90 35.73 -9.82
N ALA D 451 26.96 36.33 -9.10
CA ALA D 451 27.27 37.28 -8.05
C ALA D 451 26.14 37.30 -7.04
N VAL D 452 26.48 37.64 -5.80
CA VAL D 452 25.52 37.64 -4.71
C VAL D 452 25.74 38.91 -3.89
N GLN D 453 24.66 39.38 -3.25
CA GLN D 453 24.65 40.67 -2.58
C GLN D 453 25.47 40.64 -1.29
N ASP D 454 25.90 41.83 -0.87
CA ASP D 454 26.76 41.98 0.30
C ASP D 454 26.05 41.59 1.59
N LYS D 455 26.79 40.94 2.49
CA LYS D 455 26.27 40.49 3.77
C LYS D 455 27.04 41.06 4.94
N GLY D 456 27.82 42.11 4.72
CA GLY D 456 28.52 42.76 5.82
C GLY D 456 29.78 42.00 6.22
N SER D 457 30.07 42.05 7.53
CA SER D 457 31.19 41.33 8.09
C SER D 457 30.72 39.97 8.62
N ILE D 458 31.69 39.12 8.96
CA ILE D 458 31.36 37.75 9.35
C ILE D 458 31.41 37.55 10.86
N HIS D 459 31.99 38.49 11.61
CA HIS D 459 31.85 38.48 13.06
C HIS D 459 30.50 39.01 13.50
N LYS D 460 29.72 39.58 12.58
CA LYS D 460 28.35 39.98 12.82
C LYS D 460 27.34 39.00 12.23
N PHE D 461 27.78 38.12 11.34
CA PHE D 461 26.89 37.21 10.62
C PHE D 461 26.89 35.80 11.18
N VAL D 462 28.05 35.27 11.56
CA VAL D 462 28.15 33.95 12.19
C VAL D 462 27.47 33.90 13.58
N PRO D 463 27.59 34.92 14.47
CA PRO D 463 26.76 34.86 15.70
C PRO D 463 25.26 34.91 15.45
N TYR D 464 24.82 35.51 14.34
CA TYR D 464 23.40 35.41 13.97
C TYR D 464 23.03 33.97 13.62
N LEU D 465 23.89 33.26 12.90
CA LEU D 465 23.64 31.85 12.59
C LEU D 465 23.67 31.01 13.85
N ILE D 466 24.56 31.35 14.79
CA ILE D 466 24.63 30.66 16.08
C ILE D 466 23.33 30.82 16.87
N ALA D 467 22.83 32.06 16.94
CA ALA D 467 21.59 32.31 17.66
C ALA D 467 20.38 31.69 16.96
N GLY D 468 20.41 31.62 15.63
CA GLY D 468 19.32 30.95 14.92
C GLY D 468 19.31 29.45 15.13
N ILE D 469 20.48 28.82 15.14
CA ILE D 469 20.56 27.39 15.43
C ILE D 469 20.16 27.11 16.87
N GLN D 470 20.51 28.01 17.80
CA GLN D 470 20.12 27.82 19.20
C GLN D 470 18.62 27.97 19.39
N HIS D 471 17.99 28.94 18.73
CA HIS D 471 16.54 29.06 18.83
C HIS D 471 15.81 27.91 18.13
N SER D 472 16.38 27.38 17.06
CA SER D 472 15.78 26.22 16.41
C SER D 472 15.92 24.96 17.25
N CYS D 473 17.05 24.78 17.94
CA CYS D 473 17.19 23.68 18.87
C CYS D 473 16.36 23.88 20.13
N GLN D 474 15.99 25.12 20.45
CA GLN D 474 15.05 25.33 21.54
C GLN D 474 13.64 24.90 21.13
N ASP D 475 13.21 25.27 19.92
CA ASP D 475 11.88 24.85 19.48
C ASP D 475 11.80 23.36 19.20
N ILE D 476 12.89 22.73 18.79
CA ILE D 476 12.95 21.27 18.74
C ILE D 476 12.80 20.69 20.14
N GLY D 477 13.47 21.27 21.12
CA GLY D 477 13.40 20.83 22.49
C GLY D 477 14.62 20.11 23.01
N ALA D 478 15.79 20.34 22.41
CA ALA D 478 17.02 19.65 22.81
C ALA D 478 18.09 20.67 23.14
N LYS D 479 18.87 20.38 24.19
CA LYS D 479 19.88 21.30 24.69
C LYS D 479 21.19 21.21 23.93
N SER D 480 21.33 20.31 22.97
CA SER D 480 22.56 20.17 22.23
C SER D 480 22.26 19.49 20.90
N LEU D 481 23.19 19.64 19.95
CA LEU D 481 23.05 18.98 18.65
C LEU D 481 23.17 17.47 18.77
N THR D 482 23.97 16.99 19.73
CA THR D 482 24.02 15.55 19.99
C THR D 482 22.67 15.05 20.48
N GLN D 483 21.98 15.87 21.28
CA GLN D 483 20.64 15.49 21.70
C GLN D 483 19.64 15.58 20.56
N VAL D 484 19.84 16.51 19.62
CA VAL D 484 18.97 16.59 18.44
C VAL D 484 19.09 15.33 17.60
N ARG D 485 20.32 14.91 17.30
CA ARG D 485 20.49 13.69 16.52
C ARG D 485 20.11 12.44 17.31
N ALA D 486 20.27 12.45 18.63
CA ALA D 486 19.85 11.31 19.43
C ALA D 486 18.33 11.19 19.49
N MET D 487 17.62 12.31 19.55
CA MET D 487 16.17 12.29 19.44
C MET D 487 15.72 11.90 18.04
N MET D 488 16.52 12.22 17.02
CA MET D 488 16.13 11.88 15.66
C MET D 488 16.28 10.39 15.39
N TYR D 489 17.41 9.80 15.79
CA TYR D 489 17.60 8.38 15.52
C TYR D 489 16.80 7.48 16.44
N SER D 490 16.36 7.98 17.60
CA SER D 490 15.52 7.20 18.49
C SER D 490 14.06 7.21 18.11
N GLY D 491 13.65 8.04 17.16
CA GLY D 491 12.27 8.17 16.79
C GLY D 491 11.47 9.17 17.61
N GLU D 492 12.11 9.87 18.54
CA GLU D 492 11.41 10.84 19.36
C GLU D 492 11.19 12.15 18.62
N LEU D 493 12.16 12.58 17.82
CA LEU D 493 12.06 13.79 17.04
C LEU D 493 11.36 13.47 15.73
N LYS D 494 10.25 14.14 15.45
CA LYS D 494 9.38 13.80 14.35
C LYS D 494 9.31 14.90 13.31
N PHE D 495 8.98 14.50 12.09
CA PHE D 495 9.00 15.35 10.90
C PHE D 495 7.62 15.37 10.26
N GLU D 496 7.48 16.18 9.21
CA GLU D 496 6.22 16.29 8.48
C GLU D 496 6.54 16.75 7.07
N LYS D 497 6.01 16.03 6.07
CA LYS D 497 6.23 16.41 4.68
C LYS D 497 5.41 17.64 4.35
N ARG D 498 5.89 18.44 3.40
CA ARG D 498 5.31 19.74 3.11
C ARG D 498 5.06 19.87 1.61
N THR D 499 3.84 20.23 1.22
CA THR D 499 3.46 20.37 -0.18
C THR D 499 3.95 21.71 -0.72
N SER D 500 3.62 21.99 -1.98
CA SER D 500 4.11 23.21 -2.62
C SER D 500 3.37 24.46 -2.14
N SER D 501 2.06 24.39 -1.97
CA SER D 501 1.32 25.52 -1.45
C SER D 501 1.49 25.71 0.05
N ALA D 502 1.95 24.67 0.76
CA ALA D 502 2.42 24.84 2.12
C ALA D 502 3.86 25.32 2.20
N GLN D 503 4.61 25.24 1.09
CA GLN D 503 5.87 25.99 0.98
C GLN D 503 5.61 27.45 0.67
N VAL D 504 4.51 27.74 -0.02
CA VAL D 504 4.15 29.13 -0.29
C VAL D 504 3.75 29.85 1.00
N GLU D 505 2.99 29.19 1.88
CA GLU D 505 2.62 29.84 3.13
C GLU D 505 3.76 29.86 4.13
N GLY D 506 4.79 29.04 3.93
CA GLY D 506 5.90 29.00 4.88
C GLY D 506 6.78 30.22 4.83
N GLY D 507 6.87 30.85 3.66
CA GLY D 507 7.57 32.11 3.51
C GLY D 507 6.66 33.29 3.79
N VAL D 508 6.89 34.38 3.06
CA VAL D 508 6.10 35.59 3.20
C VAL D 508 5.10 35.63 2.07
N HIS D 509 3.83 35.87 2.41
CA HIS D 509 2.76 36.00 1.43
C HIS D 509 1.83 37.12 1.89
N SER D 510 0.78 37.36 1.09
CA SER D 510 -0.36 38.22 1.42
C SER D 510 0.04 39.67 1.76
N LEU D 511 1.17 40.12 1.23
CA LEU D 511 1.64 41.48 1.46
C LEU D 511 1.92 42.16 0.13
N HIS D 512 1.91 43.49 0.15
CA HIS D 512 2.27 44.23 -1.05
C HIS D 512 3.78 44.26 -1.24
N SER D 513 4.52 44.65 -0.21
CA SER D 513 5.98 44.70 -0.24
C SER D 513 6.48 44.73 1.19
N TYR D 514 7.55 43.98 1.46
CA TYR D 514 8.07 43.86 2.82
C TYR D 514 9.55 44.20 2.85
N GLU D 515 10.01 44.58 4.03
CA GLU D 515 11.39 45.00 4.29
C GLU D 515 11.95 44.01 5.32
N LYS D 516 12.57 42.95 4.84
CA LYS D 516 13.07 41.89 5.70
C LYS D 516 14.47 42.25 6.20
N ARG D 517 14.63 42.27 7.52
CA ARG D 517 15.92 42.53 8.16
C ARG D 517 16.19 41.34 9.09
N LEU D 518 17.15 40.51 8.70
CA LEU D 518 17.42 39.30 9.48
C LEU D 518 18.18 39.64 10.77
N PHE D 519 19.13 40.55 10.68
CA PHE D 519 19.96 40.91 11.82
C PHE D 519 20.39 42.38 11.71
N MET E 6 34.91 13.89 21.62
CA MET E 6 35.11 13.79 20.18
C MET E 6 33.99 12.99 19.51
N ALA E 7 34.23 12.52 18.28
CA ALA E 7 33.18 12.02 17.41
C ALA E 7 32.59 10.69 17.85
N ASP E 8 33.19 10.00 18.82
CA ASP E 8 32.57 8.78 19.35
C ASP E 8 31.32 9.08 20.16
N TYR E 9 31.17 10.30 20.66
CA TYR E 9 30.02 10.72 21.44
C TYR E 9 29.19 11.79 20.75
N LEU E 10 29.81 12.67 19.97
CA LEU E 10 29.14 13.85 19.45
C LEU E 10 28.20 13.58 18.28
N ILE E 11 28.24 12.39 17.69
CA ILE E 11 27.40 12.13 16.52
C ILE E 11 25.99 11.74 16.95
N SER E 12 25.87 10.64 17.71
CA SER E 12 24.57 10.11 18.08
C SER E 12 24.26 10.24 19.56
N GLY E 13 25.06 10.99 20.30
CA GLY E 13 24.78 11.22 21.70
C GLY E 13 25.10 10.05 22.61
N GLY E 14 26.03 9.19 22.21
CA GLY E 14 26.47 8.08 23.04
C GLY E 14 25.68 6.80 22.86
N THR E 15 24.43 6.90 22.41
CA THR E 15 23.63 5.71 22.15
C THR E 15 24.18 4.98 20.93
N SER E 16 24.18 3.64 21.02
CA SER E 16 24.80 2.82 19.98
C SER E 16 23.90 2.75 18.74
N TYR E 17 24.36 1.97 17.75
CA TYR E 17 23.67 1.93 16.46
C TYR E 17 22.34 1.19 16.56
N VAL E 18 22.37 -0.07 16.99
CA VAL E 18 21.21 -0.94 17.20
C VAL E 18 20.42 -1.11 15.91
N PRO E 19 20.86 -2.00 15.00
CA PRO E 19 20.21 -2.15 13.68
C PRO E 19 18.73 -2.48 13.78
N ASP E 20 17.92 -1.69 13.07
CA ASP E 20 16.47 -1.78 13.17
C ASP E 20 16.00 -3.05 12.47
N ASP E 21 15.32 -3.93 13.22
CA ASP E 21 14.87 -5.20 12.68
C ASP E 21 13.69 -5.68 13.48
N GLY E 22 12.53 -5.81 12.84
CA GLY E 22 11.31 -6.20 13.50
C GLY E 22 10.29 -5.07 13.47
N LEU E 23 9.15 -5.35 14.09
CA LEU E 23 8.03 -4.42 14.14
C LEU E 23 7.72 -4.05 15.57
N THR E 24 7.41 -2.78 15.80
CA THR E 24 6.95 -2.35 17.11
C THR E 24 5.50 -2.79 17.33
N ALA E 25 5.00 -2.57 18.54
CA ALA E 25 3.62 -2.95 18.83
C ALA E 25 2.62 -2.05 18.14
N GLN E 26 2.99 -0.79 17.89
CA GLN E 26 2.12 0.10 17.14
C GLN E 26 2.08 -0.27 15.66
N GLN E 27 3.18 -0.78 15.13
CA GLN E 27 3.22 -1.19 13.73
C GLN E 27 2.61 -2.56 13.50
N LEU E 28 2.40 -3.35 14.56
CA LEU E 28 1.89 -4.70 14.44
C LEU E 28 0.38 -4.78 14.62
N PHE E 29 -0.17 -4.04 15.59
CA PHE E 29 -1.59 -4.13 15.92
C PHE E 29 -2.42 -3.02 15.29
N ASN E 30 -1.84 -2.25 14.38
CA ASN E 30 -2.59 -1.28 13.59
C ASN E 30 -2.64 -1.65 12.12
N CYS E 31 -2.40 -2.92 11.81
CA CYS E 31 -2.55 -3.43 10.45
C CYS E 31 -3.99 -3.77 10.12
N GLY E 32 -4.90 -3.67 11.09
CA GLY E 32 -6.30 -4.02 10.89
C GLY E 32 -6.62 -5.47 11.16
N ASP E 33 -5.65 -6.36 11.01
CA ASP E 33 -5.85 -7.78 11.24
C ASP E 33 -5.79 -8.08 12.73
N GLY E 34 -6.66 -8.98 13.18
CA GLY E 34 -6.78 -9.30 14.59
C GLY E 34 -5.92 -10.46 15.03
N LEU E 35 -4.94 -10.19 15.89
CA LEU E 35 -3.97 -11.19 16.30
C LEU E 35 -4.29 -11.70 17.70
N THR E 36 -4.08 -12.99 17.92
CA THR E 36 -4.15 -13.57 19.24
C THR E 36 -2.73 -13.82 19.75
N TYR E 37 -2.62 -14.54 20.88
CA TYR E 37 -1.32 -14.77 21.51
C TYR E 37 -0.42 -15.64 20.64
N ASN E 38 -0.97 -16.59 19.91
CA ASN E 38 -0.17 -17.51 19.12
C ASN E 38 0.19 -16.96 17.75
N ASP E 39 -0.21 -15.73 17.43
CA ASP E 39 0.03 -15.17 16.10
C ASP E 39 1.27 -14.30 16.03
N PHE E 40 1.99 -14.13 17.14
CA PHE E 40 3.18 -13.30 17.14
C PHE E 40 4.14 -13.84 18.18
N LEU E 41 5.29 -13.18 18.30
CA LEU E 41 6.31 -13.47 19.30
C LEU E 41 7.19 -12.24 19.49
N ILE E 42 7.93 -12.24 20.59
CA ILE E 42 8.72 -11.10 21.01
C ILE E 42 10.17 -11.31 20.55
N LEU E 43 10.75 -10.29 19.93
CA LEU E 43 12.15 -10.41 19.54
C LEU E 43 13.06 -10.13 20.74
N PRO E 44 14.10 -10.93 20.93
CA PRO E 44 14.97 -10.77 22.09
C PRO E 44 15.93 -9.59 21.97
N GLY E 45 16.57 -9.28 23.09
CA GLY E 45 17.47 -8.15 23.19
C GLY E 45 18.76 -8.45 23.91
N TYR E 46 19.17 -7.55 24.81
CA TYR E 46 20.47 -7.60 25.46
C TYR E 46 20.32 -7.97 26.93
N ILE E 47 21.21 -8.84 27.42
CA ILE E 47 21.21 -9.29 28.80
C ILE E 47 22.42 -8.73 29.52
N ASP E 48 22.19 -8.06 30.65
CA ASP E 48 23.27 -7.74 31.57
C ASP E 48 22.85 -8.02 33.02
N PHE E 49 22.05 -9.06 33.23
CA PHE E 49 21.47 -9.37 34.53
C PHE E 49 21.01 -10.81 34.55
N THR E 50 21.06 -11.42 35.73
CA THR E 50 20.54 -12.77 35.88
C THR E 50 19.03 -12.76 36.01
N ALA E 51 18.42 -13.94 35.91
CA ALA E 51 16.97 -14.05 35.91
C ALA E 51 16.34 -13.85 37.27
N ASP E 52 17.07 -14.14 38.35
CA ASP E 52 16.50 -14.08 39.69
C ASP E 52 16.31 -12.66 40.21
N GLN E 53 16.93 -11.67 39.58
CA GLN E 53 16.77 -10.28 39.98
C GLN E 53 15.86 -9.49 39.04
N VAL E 54 14.85 -10.16 38.48
CA VAL E 54 13.82 -9.53 37.67
C VAL E 54 12.65 -9.22 38.59
N ASP E 55 12.34 -7.94 38.76
CA ASP E 55 11.29 -7.50 39.67
C ASP E 55 9.93 -7.65 38.98
N LEU E 56 8.98 -8.26 39.69
CA LEU E 56 7.68 -8.56 39.11
C LEU E 56 6.56 -7.73 39.74
N THR E 57 6.88 -6.55 40.25
CA THR E 57 5.88 -5.71 40.90
C THR E 57 4.91 -5.15 39.88
N SER E 58 3.63 -5.43 40.07
CA SER E 58 2.59 -5.01 39.15
C SER E 58 1.42 -4.45 39.92
N ALA E 59 0.71 -3.50 39.29
CA ALA E 59 -0.39 -2.81 39.93
C ALA E 59 -1.71 -3.48 39.53
N LEU E 60 -2.48 -3.92 40.52
CA LEU E 60 -3.79 -4.48 40.24
C LEU E 60 -4.78 -3.38 39.87
N THR E 61 -5.00 -2.45 40.78
CA THR E 61 -5.82 -1.27 40.56
C THR E 61 -4.93 -0.03 40.74
N LYS E 62 -5.56 1.15 40.78
CA LYS E 62 -4.83 2.38 40.91
C LYS E 62 -4.20 2.58 42.29
N LYS E 63 -4.59 1.79 43.29
CA LYS E 63 -4.00 1.87 44.61
C LYS E 63 -3.56 0.54 45.20
N ILE E 64 -4.03 -0.59 44.66
CA ILE E 64 -3.59 -1.91 45.12
C ILE E 64 -2.39 -2.33 44.29
N THR E 65 -1.31 -2.69 44.96
CA THR E 65 -0.07 -3.11 44.31
C THR E 65 0.26 -4.53 44.74
N LEU E 66 0.42 -5.41 43.76
CA LEU E 66 0.77 -6.80 43.97
C LEU E 66 2.24 -7.04 43.69
N LYS E 67 2.74 -8.17 44.18
CA LYS E 67 4.13 -8.54 43.98
C LYS E 67 4.34 -9.50 42.82
N THR E 68 3.31 -10.21 42.40
CA THR E 68 3.35 -11.04 41.20
C THR E 68 2.16 -10.67 40.32
N PRO E 69 2.33 -10.66 39.00
CA PRO E 69 1.24 -10.25 38.09
C PRO E 69 0.29 -11.39 37.74
N LEU E 70 -0.15 -12.13 38.76
CA LEU E 70 -0.98 -13.32 38.55
C LEU E 70 -2.19 -13.22 39.47
N VAL E 71 -3.34 -12.88 38.91
CA VAL E 71 -4.57 -12.89 39.65
C VAL E 71 -5.39 -14.08 39.14
N SER E 72 -6.39 -14.46 39.93
CA SER E 72 -7.14 -15.68 39.65
C SER E 72 -8.61 -15.35 39.46
N SER E 73 -9.27 -16.17 38.66
CA SER E 73 -10.56 -15.82 38.07
C SER E 73 -11.71 -16.09 39.04
N PRO E 74 -12.73 -15.22 39.06
CA PRO E 74 -13.92 -15.46 39.90
C PRO E 74 -14.92 -16.43 39.27
N MET E 75 -14.57 -17.70 39.32
CA MET E 75 -15.41 -18.77 38.79
C MET E 75 -15.68 -19.78 39.90
N ASP E 76 -16.79 -20.50 39.78
CA ASP E 76 -17.20 -21.41 40.84
C ASP E 76 -16.37 -22.68 40.89
N THR E 77 -15.56 -22.96 39.87
CA THR E 77 -14.63 -24.09 39.92
C THR E 77 -13.18 -23.63 39.81
N VAL E 78 -12.91 -22.35 40.06
CA VAL E 78 -11.54 -21.85 40.15
C VAL E 78 -11.21 -21.39 41.56
N THR E 79 -11.92 -20.37 42.07
CA THR E 79 -11.55 -19.74 43.33
C THR E 79 -12.67 -19.79 44.36
N GLU E 80 -12.28 -20.13 45.58
CA GLU E 80 -13.04 -19.87 46.80
C GLU E 80 -12.00 -19.38 47.79
N ALA E 81 -12.30 -19.43 49.10
CA ALA E 81 -11.35 -18.89 50.06
C ALA E 81 -10.05 -19.68 50.15
N GLY E 82 -10.03 -20.96 49.75
CA GLY E 82 -8.76 -21.68 49.70
C GLY E 82 -7.83 -21.13 48.64
N MET E 83 -8.36 -20.90 47.44
CA MET E 83 -7.59 -20.26 46.39
C MET E 83 -7.34 -18.79 46.68
N ALA E 84 -8.25 -18.12 47.38
CA ALA E 84 -8.02 -16.71 47.73
C ALA E 84 -6.91 -16.58 48.76
N ILE E 85 -6.74 -17.57 49.63
CA ILE E 85 -5.58 -17.60 50.51
C ILE E 85 -4.32 -17.93 49.72
N ALA E 86 -4.38 -19.01 48.93
CA ALA E 86 -3.17 -19.57 48.35
C ALA E 86 -2.63 -18.74 47.19
N MET E 87 -3.48 -17.97 46.51
CA MET E 87 -2.96 -17.03 45.52
C MET E 87 -2.40 -15.78 46.17
N ALA E 88 -2.95 -15.37 47.31
CA ALA E 88 -2.43 -14.20 48.00
C ALA E 88 -1.09 -14.48 48.64
N LEU E 89 -0.89 -15.69 49.19
CA LEU E 89 0.37 -16.00 49.86
C LEU E 89 1.53 -16.11 48.89
N THR E 90 1.28 -16.45 47.64
CA THR E 90 2.32 -16.54 46.64
C THR E 90 2.53 -15.24 45.87
N GLY E 91 1.85 -14.16 46.26
CA GLY E 91 2.07 -12.85 45.70
C GLY E 91 0.88 -12.23 44.99
N GLY E 92 -0.03 -13.05 44.47
CA GLY E 92 -1.16 -12.56 43.71
C GLY E 92 -2.34 -12.18 44.57
N ILE E 93 -3.54 -12.32 44.01
CA ILE E 93 -4.78 -12.04 44.72
C ILE E 93 -5.83 -13.01 44.14
N GLY E 94 -6.88 -13.24 44.92
CA GLY E 94 -7.97 -14.10 44.49
C GLY E 94 -9.28 -13.35 44.46
N PHE E 95 -10.12 -13.70 43.49
CA PHE E 95 -11.47 -13.13 43.38
C PHE E 95 -12.47 -14.26 43.61
N ILE E 96 -13.30 -14.11 44.62
CA ILE E 96 -14.25 -15.14 45.02
C ILE E 96 -15.53 -14.96 44.20
N HIS E 97 -16.03 -16.06 43.64
CA HIS E 97 -17.14 -16.02 42.69
C HIS E 97 -18.44 -15.64 43.38
N HIS E 98 -19.44 -15.31 42.56
CA HIS E 98 -20.76 -14.93 43.06
C HIS E 98 -21.84 -15.91 42.64
N ASN E 99 -21.47 -17.17 42.37
CA ASN E 99 -22.46 -18.20 42.06
C ASN E 99 -22.91 -18.90 43.34
N CYS E 100 -23.37 -18.10 44.31
CA CYS E 100 -23.71 -18.56 45.63
C CYS E 100 -24.54 -17.49 46.32
N THR E 101 -25.01 -17.82 47.52
CA THR E 101 -25.72 -16.84 48.34
C THR E 101 -24.74 -15.78 48.83
N PRO E 102 -25.21 -14.55 49.07
CA PRO E 102 -24.30 -13.50 49.55
C PRO E 102 -23.70 -13.77 50.92
N GLU E 103 -24.41 -14.51 51.78
CA GLU E 103 -23.85 -14.89 53.07
C GLU E 103 -22.69 -15.86 52.91
N PHE E 104 -22.78 -16.77 51.93
CA PHE E 104 -21.69 -17.70 51.66
C PHE E 104 -20.46 -16.97 51.13
N GLN E 105 -20.66 -16.01 50.22
CA GLN E 105 -19.53 -15.28 49.64
C GLN E 105 -18.89 -14.37 50.69
N ALA E 106 -19.69 -13.75 51.56
CA ALA E 106 -19.13 -12.98 52.66
C ALA E 106 -18.41 -13.88 53.66
N ASN E 107 -18.88 -15.12 53.84
CA ASN E 107 -18.18 -16.07 54.68
C ASN E 107 -16.82 -16.43 54.08
N GLU E 108 -16.75 -16.59 52.77
CA GLU E 108 -15.47 -16.91 52.13
C GLU E 108 -14.50 -15.73 52.21
N VAL E 109 -15.01 -14.51 52.08
CA VAL E 109 -14.16 -13.32 52.16
C VAL E 109 -13.66 -13.10 53.59
N ARG E 110 -14.50 -13.34 54.60
CA ARG E 110 -13.98 -13.25 55.96
C ARG E 110 -13.15 -14.48 56.33
N LYS E 111 -13.26 -15.58 55.59
CA LYS E 111 -12.41 -16.72 55.83
C LYS E 111 -10.99 -16.48 55.33
N VAL E 112 -10.85 -15.85 54.16
CA VAL E 112 -9.51 -15.49 53.69
C VAL E 112 -8.97 -14.29 54.46
N LYS E 113 -9.84 -13.38 54.90
CA LYS E 113 -9.36 -12.17 55.56
C LYS E 113 -8.90 -12.44 57.00
N LYS E 114 -9.42 -13.48 57.64
CA LYS E 114 -9.04 -13.87 58.99
C LYS E 114 -7.90 -14.92 58.98
N TYR E 115 -7.17 -15.03 57.88
CA TYR E 115 -6.11 -16.02 57.80
C TYR E 115 -4.85 -15.53 58.50
N TYR E 238 5.01 -16.82 50.97
CA TYR E 238 4.95 -15.99 52.18
C TYR E 238 6.03 -14.89 52.43
N PRO E 239 7.23 -14.91 51.80
CA PRO E 239 8.05 -13.69 51.87
C PRO E 239 7.44 -12.49 51.19
N LEU E 240 6.72 -12.70 50.09
CA LEU E 240 6.07 -11.63 49.33
C LEU E 240 4.60 -12.03 49.21
N ALA E 241 3.81 -11.64 50.21
CA ALA E 241 2.51 -12.25 50.46
C ALA E 241 1.33 -11.33 50.23
N SER E 242 1.54 -10.12 49.68
CA SER E 242 0.50 -9.21 49.19
C SER E 242 -0.53 -8.84 50.25
N LYS E 243 -0.10 -8.20 51.32
CA LYS E 243 -0.97 -7.94 52.47
C LYS E 243 -1.11 -6.44 52.70
N ASP E 244 -2.24 -6.07 53.30
CA ASP E 244 -2.63 -4.67 53.40
C ASP E 244 -2.00 -4.02 54.64
N ALA E 245 -2.51 -2.83 55.01
CA ALA E 245 -1.93 -2.08 56.11
C ALA E 245 -2.20 -2.74 57.46
N LYS E 246 -3.26 -3.52 57.58
CA LYS E 246 -3.56 -4.25 58.80
C LYS E 246 -2.94 -5.64 58.82
N LYS E 247 -2.00 -5.91 57.91
CA LYS E 247 -1.26 -7.18 57.79
C LYS E 247 -2.18 -8.38 57.55
N GLN E 248 -3.33 -8.15 56.93
CA GLN E 248 -4.25 -9.19 56.52
C GLN E 248 -4.12 -9.44 55.02
N LEU E 249 -4.52 -10.62 54.59
CA LEU E 249 -4.37 -10.99 53.19
C LEU E 249 -5.34 -10.23 52.30
N LEU E 250 -4.85 -9.80 51.14
CA LEU E 250 -5.68 -9.16 50.14
C LEU E 250 -6.70 -10.13 49.57
N CYS E 251 -7.91 -9.64 49.31
CA CYS E 251 -8.94 -10.48 48.73
C CYS E 251 -9.81 -9.65 47.79
N GLY E 252 -10.40 -10.34 46.81
CA GLY E 252 -11.34 -9.73 45.91
C GLY E 252 -12.59 -10.57 45.81
N ALA E 253 -13.66 -9.95 45.32
CA ALA E 253 -14.93 -10.65 45.20
C ALA E 253 -15.68 -10.10 44.00
N ALA E 254 -16.40 -10.99 43.33
CA ALA E 254 -17.18 -10.60 42.17
C ALA E 254 -18.61 -10.31 42.57
N ILE E 255 -19.19 -9.27 41.99
CA ILE E 255 -20.59 -8.95 42.12
C ILE E 255 -21.15 -8.68 40.73
N GLY E 256 -22.46 -8.86 40.59
CA GLY E 256 -23.14 -8.50 39.37
C GLY E 256 -23.52 -7.03 39.36
N THR E 257 -24.30 -6.67 38.35
CA THR E 257 -24.73 -5.28 38.18
C THR E 257 -26.23 -5.10 38.41
N HIS E 258 -26.91 -6.13 38.92
CA HIS E 258 -28.33 -6.04 39.20
C HIS E 258 -28.54 -5.26 40.50
N GLU E 259 -29.77 -4.80 40.71
CA GLU E 259 -30.10 -4.00 41.89
C GLU E 259 -30.07 -4.85 43.17
N ASP E 260 -30.31 -6.15 43.07
CA ASP E 260 -30.23 -7.03 44.22
C ASP E 260 -28.81 -7.24 44.72
N ASP E 261 -27.80 -6.90 43.91
CA ASP E 261 -26.41 -7.09 44.28
C ASP E 261 -25.84 -5.95 45.12
N LYS E 262 -26.62 -4.89 45.36
CA LYS E 262 -26.19 -3.88 46.31
C LYS E 262 -26.16 -4.42 47.74
N TYR E 263 -27.09 -5.32 48.07
CA TYR E 263 -27.05 -5.99 49.36
C TYR E 263 -25.86 -6.93 49.47
N ARG E 264 -25.50 -7.61 48.36
CA ARG E 264 -24.29 -8.42 48.34
C ARG E 264 -23.05 -7.57 48.51
N LEU E 265 -23.03 -6.40 47.87
CA LEU E 265 -21.91 -5.46 48.03
C LEU E 265 -21.78 -4.98 49.47
N ASP E 266 -22.90 -4.66 50.11
CA ASP E 266 -22.87 -4.23 51.51
C ASP E 266 -22.40 -5.35 52.42
N LEU E 267 -22.83 -6.59 52.15
CA LEU E 267 -22.45 -7.71 53.00
C LEU E 267 -21.00 -8.15 52.75
N LEU E 268 -20.45 -7.85 51.58
CA LEU E 268 -19.03 -8.10 51.32
C LEU E 268 -18.15 -6.97 51.86
N ALA E 269 -18.63 -5.73 51.84
CA ALA E 269 -17.87 -4.63 52.40
C ALA E 269 -17.89 -4.63 53.92
N GLN E 270 -18.90 -5.24 54.54
CA GLN E 270 -18.83 -5.47 55.98
C GLN E 270 -17.80 -6.54 56.31
N ALA E 271 -17.59 -7.49 55.41
CA ALA E 271 -16.55 -8.50 55.59
C ALA E 271 -15.15 -7.94 55.35
N GLY E 272 -15.04 -6.76 54.75
CA GLY E 272 -13.75 -6.11 54.56
C GLY E 272 -13.08 -6.49 53.26
N VAL E 273 -13.83 -6.55 52.16
CA VAL E 273 -13.23 -6.83 50.87
C VAL E 273 -12.43 -5.60 50.42
N ASP E 274 -11.32 -5.85 49.73
CA ASP E 274 -10.41 -4.78 49.32
C ASP E 274 -10.65 -4.30 47.91
N VAL E 275 -11.19 -5.15 47.05
CA VAL E 275 -11.44 -4.81 45.65
C VAL E 275 -12.61 -5.65 45.16
N VAL E 276 -13.47 -5.06 44.34
CA VAL E 276 -14.58 -5.79 43.73
C VAL E 276 -14.44 -5.72 42.22
N VAL E 277 -14.76 -6.82 41.56
CA VAL E 277 -14.84 -6.89 40.11
C VAL E 277 -16.30 -7.05 39.72
N LEU E 278 -16.73 -6.30 38.71
CA LEU E 278 -18.11 -6.30 38.28
C LEU E 278 -18.21 -7.29 37.13
N ASP E 279 -18.65 -8.50 37.43
CA ASP E 279 -18.52 -9.63 36.52
C ASP E 279 -19.65 -9.58 35.50
N SER E 280 -19.29 -9.28 34.25
CA SER E 280 -20.20 -9.37 33.13
C SER E 280 -19.39 -9.58 31.87
N SER E 281 -19.98 -10.28 30.91
CA SER E 281 -19.30 -10.51 29.64
C SER E 281 -19.30 -9.28 28.74
N GLN E 282 -20.14 -8.30 29.04
CA GLN E 282 -20.21 -7.05 28.27
C GLN E 282 -20.25 -5.91 29.27
N GLY E 283 -19.14 -5.20 29.41
CA GLY E 283 -19.00 -4.22 30.46
C GLY E 283 -19.50 -2.83 30.18
N ASN E 284 -19.84 -2.54 28.93
CA ASN E 284 -20.25 -1.19 28.56
C ASN E 284 -21.77 -1.07 28.55
N SER E 285 -22.36 -1.20 29.73
CA SER E 285 -23.79 -1.07 29.90
C SER E 285 -24.08 0.10 30.83
N ILE E 286 -25.33 0.56 30.80
CA ILE E 286 -25.74 1.61 31.73
C ILE E 286 -25.84 1.05 33.15
N PHE E 287 -26.08 -0.25 33.27
CA PHE E 287 -26.23 -0.88 34.59
C PHE E 287 -24.90 -0.89 35.33
N GLN E 288 -23.82 -1.24 34.64
CA GLN E 288 -22.52 -1.28 35.26
C GLN E 288 -21.97 0.12 35.53
N ILE E 289 -22.29 1.09 34.68
CA ILE E 289 -21.86 2.47 34.94
C ILE E 289 -22.59 3.06 36.15
N ASN E 290 -23.88 2.77 36.28
CA ASN E 290 -24.59 3.20 37.49
C ASN E 290 -24.10 2.47 38.74
N MET E 291 -23.70 1.21 38.60
CA MET E 291 -23.17 0.49 39.76
C MET E 291 -21.80 1.05 40.17
N ILE E 292 -20.96 1.42 39.20
CA ILE E 292 -19.66 2.02 39.52
C ILE E 292 -19.85 3.39 40.18
N LYS E 293 -20.78 4.20 39.68
CA LYS E 293 -21.05 5.47 40.33
C LYS E 293 -21.77 5.31 41.67
N TYR E 294 -22.36 4.15 41.93
CA TYR E 294 -22.90 3.86 43.26
C TYR E 294 -21.79 3.48 44.24
N ILE E 295 -20.81 2.70 43.78
CA ILE E 295 -19.74 2.27 44.67
C ILE E 295 -18.79 3.43 44.97
N LYS E 296 -18.49 4.26 43.97
CA LYS E 296 -17.50 5.32 44.15
C LYS E 296 -17.95 6.46 45.04
N ASP E 297 -19.22 6.52 45.44
CA ASP E 297 -19.59 7.45 46.49
C ASP E 297 -20.14 6.77 47.74
N LYS E 298 -20.70 5.57 47.66
CA LYS E 298 -21.08 4.91 48.90
C LYS E 298 -19.88 4.32 49.62
N TYR E 299 -18.90 3.79 48.89
CA TYR E 299 -17.70 3.18 49.45
C TYR E 299 -16.49 3.84 48.81
N PRO E 300 -16.02 4.96 49.36
CA PRO E 300 -14.99 5.74 48.66
C PRO E 300 -13.60 5.13 48.71
N ASN E 301 -13.33 4.19 49.63
CA ASN E 301 -12.04 3.54 49.71
C ASN E 301 -12.05 2.14 49.13
N LEU E 302 -13.07 1.80 48.34
CA LEU E 302 -13.19 0.49 47.73
C LEU E 302 -12.81 0.58 46.26
N GLN E 303 -11.94 -0.33 45.81
CA GLN E 303 -11.45 -0.34 44.44
C GLN E 303 -12.39 -1.17 43.58
N VAL E 304 -12.71 -0.67 42.39
CA VAL E 304 -13.59 -1.39 41.47
C VAL E 304 -12.81 -1.79 40.23
N ILE E 305 -13.21 -2.91 39.64
CA ILE E 305 -12.64 -3.41 38.40
C ILE E 305 -13.79 -3.63 37.43
N GLY E 306 -13.80 -2.90 36.33
CA GLY E 306 -14.85 -3.00 35.35
C GLY E 306 -14.47 -3.93 34.21
N GLY E 307 -15.48 -4.52 33.60
CA GLY E 307 -15.25 -5.45 32.51
C GLY E 307 -16.52 -6.23 32.21
N ASN E 308 -16.47 -7.00 31.13
CA ASN E 308 -15.31 -7.14 30.23
C ASN E 308 -15.34 -6.13 29.10
N VAL E 309 -14.17 -5.58 28.78
CA VAL E 309 -14.03 -4.64 27.67
C VAL E 309 -13.02 -5.19 26.68
N VAL E 310 -13.25 -4.88 25.41
CA VAL E 310 -12.27 -5.22 24.37
C VAL E 310 -11.91 -4.05 23.48
N THR E 311 -12.73 -3.01 23.38
CA THR E 311 -12.42 -1.84 22.55
C THR E 311 -12.09 -0.65 23.43
N ALA E 312 -11.66 0.43 22.79
CA ALA E 312 -11.28 1.63 23.53
C ALA E 312 -12.47 2.51 23.89
N ALA E 313 -13.59 2.38 23.18
CA ALA E 313 -14.78 3.16 23.51
C ALA E 313 -15.40 2.69 24.81
N GLN E 314 -15.35 1.39 25.05
CA GLN E 314 -15.86 0.83 26.30
C GLN E 314 -14.96 1.20 27.46
N ALA E 315 -13.66 1.24 27.22
CA ALA E 315 -12.72 1.74 28.22
C ALA E 315 -12.95 3.23 28.49
N LYS E 316 -13.37 3.99 27.48
CA LYS E 316 -13.71 5.39 27.71
C LYS E 316 -14.95 5.52 28.58
N ASN E 317 -15.99 4.74 28.29
CA ASN E 317 -17.22 4.84 29.07
C ASN E 317 -17.05 4.33 30.50
N LEU E 318 -16.10 3.42 30.74
CA LEU E 318 -15.91 2.96 32.11
C LEU E 318 -14.88 3.75 32.90
N ILE E 319 -13.82 4.27 32.26
CA ILE E 319 -12.85 5.10 32.97
C ILE E 319 -13.48 6.44 33.37
N ASP E 320 -14.30 7.01 32.49
CA ASP E 320 -15.00 8.25 32.81
C ASP E 320 -16.05 8.06 33.89
N ALA E 321 -16.53 6.83 34.11
CA ALA E 321 -17.41 6.54 35.23
C ALA E 321 -16.67 6.45 36.55
N GLY E 322 -15.36 6.40 36.54
CA GLY E 322 -14.56 6.36 37.74
C GLY E 322 -14.01 5.01 38.11
N VAL E 323 -13.73 4.15 37.15
CA VAL E 323 -13.26 2.81 37.47
C VAL E 323 -11.78 2.86 37.83
N ASP E 324 -11.32 1.85 38.57
CA ASP E 324 -9.94 1.80 39.03
C ASP E 324 -9.09 0.78 38.27
N ALA E 325 -9.70 -0.20 37.62
CA ALA E 325 -8.98 -1.13 36.77
C ALA E 325 -9.95 -1.69 35.75
N LEU E 326 -9.39 -2.24 34.67
CA LEU E 326 -10.20 -2.83 33.62
C LEU E 326 -9.89 -4.31 33.51
N ARG E 327 -10.79 -5.05 32.88
CA ARG E 327 -10.69 -6.50 32.75
C ARG E 327 -10.93 -6.82 31.28
N VAL E 328 -9.86 -7.15 30.56
CA VAL E 328 -9.86 -7.17 29.10
C VAL E 328 -10.03 -8.59 28.59
N GLY E 329 -11.02 -8.79 27.73
CA GLY E 329 -11.21 -10.07 27.06
C GLY E 329 -12.65 -10.53 26.98
N MET E 330 -13.11 -10.79 25.76
CA MET E 330 -14.46 -11.25 25.49
C MET E 330 -14.41 -12.25 24.34
N GLY E 331 -14.77 -13.49 24.62
CA GLY E 331 -14.81 -14.50 23.58
C GLY E 331 -13.55 -15.32 23.42
N SER E 332 -12.61 -15.23 24.36
CA SER E 332 -11.32 -15.91 24.23
C SER E 332 -11.08 -16.94 25.33
N GLY E 333 -12.06 -17.17 26.20
CA GLY E 333 -11.89 -18.18 27.22
C GLY E 333 -11.94 -19.59 26.64
N SER E 334 -11.34 -20.51 27.38
CA SER E 334 -11.31 -21.91 26.95
C SER E 334 -12.67 -22.57 27.10
N ILE E 335 -13.49 -22.11 28.03
CA ILE E 335 -14.85 -22.59 28.23
C ILE E 335 -15.87 -21.62 27.64
N CYS E 336 -15.49 -20.86 26.63
CA CYS E 336 -16.28 -19.75 26.14
C CYS E 336 -16.77 -20.02 24.73
N ILE E 337 -18.08 -19.87 24.52
CA ILE E 337 -18.69 -19.99 23.20
C ILE E 337 -19.46 -18.71 22.87
N THR E 338 -18.98 -17.57 23.37
CA THR E 338 -19.62 -16.29 23.08
C THR E 338 -19.45 -15.91 21.61
N GLN E 339 -18.27 -16.16 21.04
CA GLN E 339 -18.06 -15.85 19.63
C GLN E 339 -18.79 -16.81 18.70
N GLU E 340 -19.17 -17.99 19.18
CA GLU E 340 -19.84 -18.97 18.36
C GLU E 340 -21.34 -19.06 18.63
N VAL E 341 -21.87 -18.25 19.54
CA VAL E 341 -23.30 -18.13 19.78
C VAL E 341 -23.77 -16.69 19.60
N LEU E 342 -23.06 -15.74 20.20
CA LEU E 342 -23.44 -14.33 20.16
C LEU E 342 -22.62 -13.53 19.16
N ALA E 343 -21.65 -14.16 18.48
CA ALA E 343 -20.93 -13.61 17.33
C ALA E 343 -20.18 -12.32 17.66
N CYS E 344 -19.65 -12.21 18.86
CA CYS E 344 -19.14 -10.93 19.32
C CYS E 344 -17.88 -11.14 20.15
N GLY E 345 -17.07 -10.10 20.24
CA GLY E 345 -15.77 -10.13 20.87
C GLY E 345 -14.69 -9.65 19.92
N ARG E 346 -13.45 -9.94 20.28
CA ARG E 346 -12.30 -9.74 19.40
C ARG E 346 -11.17 -10.62 19.90
N PRO E 347 -10.14 -10.88 19.05
CA PRO E 347 -8.99 -11.65 19.53
C PRO E 347 -8.26 -11.00 20.69
N GLN E 348 -7.64 -11.83 21.53
CA GLN E 348 -7.27 -11.43 22.88
C GLN E 348 -6.07 -10.50 22.91
N ALA E 349 -5.05 -10.76 22.08
CA ALA E 349 -3.83 -9.94 22.11
C ALA E 349 -4.09 -8.53 21.60
N THR E 350 -4.89 -8.42 20.53
CA THR E 350 -5.29 -7.10 20.04
C THR E 350 -6.16 -6.37 21.06
N ALA E 351 -7.01 -7.12 21.77
CA ALA E 351 -7.86 -6.52 22.80
C ALA E 351 -7.01 -5.95 23.93
N VAL E 352 -6.02 -6.72 24.40
CA VAL E 352 -5.14 -6.27 25.48
C VAL E 352 -4.35 -5.05 25.06
N TYR E 353 -3.84 -5.03 23.83
CA TYR E 353 -3.07 -3.87 23.38
C TYR E 353 -3.95 -2.63 23.22
N LYS E 354 -5.13 -2.78 22.61
CA LYS E 354 -5.97 -1.61 22.35
C LYS E 354 -6.59 -1.05 23.61
N VAL E 355 -6.87 -1.88 24.61
CA VAL E 355 -7.40 -1.31 25.84
C VAL E 355 -6.26 -0.79 26.72
N SER E 356 -5.08 -1.41 26.67
CA SER E 356 -3.95 -0.93 27.49
C SER E 356 -3.42 0.40 26.99
N GLU E 357 -3.36 0.58 25.67
CA GLU E 357 -2.87 1.83 25.10
C GLU E 357 -3.82 2.98 25.37
N TYR E 358 -5.11 2.70 25.55
CA TYR E 358 -6.03 3.75 25.95
C TYR E 358 -5.99 3.98 27.45
N ALA E 359 -5.88 2.91 28.24
CA ALA E 359 -5.99 3.03 29.68
C ALA E 359 -4.72 3.53 30.33
N ARG E 360 -3.58 3.54 29.62
CA ARG E 360 -2.40 4.18 30.17
C ARG E 360 -2.45 5.69 30.08
N ARG E 361 -3.40 6.25 29.32
CA ARG E 361 -3.55 7.69 29.24
C ARG E 361 -4.05 8.27 30.56
N PHE E 362 -4.79 7.47 31.33
CA PHE E 362 -5.42 7.90 32.56
C PHE E 362 -4.85 7.23 33.79
N GLY E 363 -3.82 6.40 33.63
CA GLY E 363 -3.23 5.70 34.76
C GLY E 363 -4.11 4.60 35.33
N VAL E 364 -4.71 3.79 34.47
CA VAL E 364 -5.62 2.73 34.87
C VAL E 364 -5.03 1.40 34.40
N PRO E 365 -4.71 0.48 35.29
CA PRO E 365 -4.23 -0.84 34.85
C PRO E 365 -5.37 -1.66 34.26
N VAL E 366 -4.99 -2.64 33.44
CA VAL E 366 -5.96 -3.57 32.89
C VAL E 366 -5.57 -4.98 33.31
N ILE E 367 -6.53 -5.90 33.17
CA ILE E 367 -6.37 -7.29 33.58
C ILE E 367 -6.73 -8.16 32.38
N ALA E 368 -5.77 -8.92 31.89
CA ALA E 368 -6.02 -9.80 30.75
C ALA E 368 -6.57 -11.13 31.24
N ASP E 369 -7.82 -11.43 30.89
CA ASP E 369 -8.36 -12.77 31.12
C ASP E 369 -8.78 -13.40 29.80
N GLY E 370 -8.70 -14.72 29.76
CA GLY E 370 -9.04 -15.46 28.56
C GLY E 370 -7.84 -15.68 27.66
N GLY E 371 -7.78 -16.88 27.08
CA GLY E 371 -6.74 -17.21 26.13
C GLY E 371 -5.43 -17.68 26.70
N ILE E 372 -5.25 -17.60 28.02
CA ILE E 372 -3.98 -17.98 28.63
C ILE E 372 -3.94 -19.50 28.74
N GLN E 373 -2.93 -20.10 28.10
CA GLN E 373 -2.76 -21.55 28.09
C GLN E 373 -1.45 -22.00 28.72
N ASN E 374 -0.45 -21.14 28.78
CA ASN E 374 0.87 -21.51 29.27
C ASN E 374 1.58 -20.25 29.77
N VAL E 375 2.89 -20.37 30.02
CA VAL E 375 3.64 -19.24 30.58
C VAL E 375 3.92 -18.21 29.50
N GLY E 376 4.06 -18.66 28.25
CA GLY E 376 4.34 -17.74 27.15
C GLY E 376 3.21 -16.78 26.87
N HIS E 377 1.97 -17.23 27.04
CA HIS E 377 0.83 -16.33 26.87
C HIS E 377 0.79 -15.29 27.98
N ILE E 378 1.20 -15.66 29.19
CA ILE E 378 1.29 -14.70 30.28
C ILE E 378 2.35 -13.66 29.99
N ALA E 379 3.50 -14.09 29.48
CA ALA E 379 4.58 -13.16 29.16
C ALA E 379 4.20 -12.22 28.00
N LYS E 380 3.50 -12.73 26.99
CA LYS E 380 3.04 -11.87 25.90
C LYS E 380 1.97 -10.90 26.37
N ALA E 381 1.06 -11.34 27.26
CA ALA E 381 0.03 -10.45 27.77
C ALA E 381 0.62 -9.34 28.62
N LEU E 382 1.64 -9.66 29.43
CA LEU E 382 2.31 -8.63 30.22
C LEU E 382 3.15 -7.72 29.34
N ALA E 383 3.66 -8.23 28.22
CA ALA E 383 4.42 -7.37 27.32
C ALA E 383 3.55 -6.51 26.42
N LEU E 384 2.26 -6.81 26.28
CA LEU E 384 1.38 -5.98 25.48
C LEU E 384 0.68 -4.89 26.25
N GLY E 385 0.91 -4.78 27.55
CA GLY E 385 0.36 -3.66 28.28
C GLY E 385 -0.49 -4.02 29.47
N ALA E 386 -0.83 -5.30 29.62
CA ALA E 386 -1.60 -5.73 30.77
C ALA E 386 -0.74 -5.72 32.01
N SER E 387 -1.27 -5.17 33.10
CA SER E 387 -0.52 -5.12 34.35
C SER E 387 -0.55 -6.46 35.06
N THR E 388 -1.73 -7.07 35.16
CA THR E 388 -1.88 -8.40 35.74
C THR E 388 -2.60 -9.30 34.76
N VAL E 389 -2.49 -10.60 34.98
CA VAL E 389 -3.04 -11.63 34.11
C VAL E 389 -3.96 -12.52 34.93
N MET E 390 -5.19 -12.72 34.43
CA MET E 390 -6.18 -13.54 35.12
C MET E 390 -6.31 -14.89 34.45
N MET E 391 -6.30 -15.95 35.26
CA MET E 391 -6.25 -17.32 34.79
C MET E 391 -7.34 -18.12 35.46
N GLY E 392 -8.22 -18.73 34.66
CA GLY E 392 -9.19 -19.66 35.19
C GLY E 392 -8.87 -21.11 34.90
N SER E 393 -8.47 -21.41 33.67
CA SER E 393 -8.26 -22.80 33.27
C SER E 393 -6.87 -23.30 33.62
N LEU E 394 -5.87 -22.42 33.62
CA LEU E 394 -4.52 -22.82 33.99
C LEU E 394 -4.38 -23.02 35.49
N LEU E 395 -5.30 -22.47 36.28
CA LEU E 395 -5.35 -22.70 37.71
C LEU E 395 -6.44 -23.67 38.13
N ALA E 396 -7.27 -24.12 37.21
CA ALA E 396 -8.26 -25.14 37.54
C ALA E 396 -7.59 -26.50 37.68
N ALA E 397 -8.28 -27.39 38.39
CA ALA E 397 -7.79 -28.73 38.77
C ALA E 397 -6.48 -28.67 39.54
N THR E 398 -6.29 -27.61 40.31
CA THR E 398 -5.23 -27.54 41.29
C THR E 398 -5.78 -28.08 42.60
N THR E 399 -4.91 -28.25 43.60
CA THR E 399 -5.35 -28.81 44.88
C THR E 399 -6.27 -27.85 45.61
N GLU E 400 -6.02 -26.55 45.50
CA GLU E 400 -6.82 -25.56 46.21
C GLU E 400 -8.10 -25.18 45.48
N ALA E 401 -8.29 -25.63 44.25
CA ALA E 401 -9.52 -25.31 43.53
C ALA E 401 -10.68 -26.12 44.10
N PRO E 402 -11.88 -25.54 44.18
CA PRO E 402 -13.01 -26.26 44.77
C PRO E 402 -13.49 -27.40 43.87
N GLY E 403 -14.04 -28.42 44.51
CA GLY E 403 -14.46 -29.62 43.85
C GLY E 403 -13.66 -30.82 44.31
N GLU E 404 -13.95 -31.96 43.70
CA GLU E 404 -13.27 -33.21 44.03
C GLU E 404 -12.87 -33.92 42.75
N TYR E 405 -11.83 -34.74 42.85
CA TYR E 405 -11.28 -35.42 41.71
C TYR E 405 -12.11 -36.64 41.32
N PHE E 406 -12.00 -37.02 40.05
CA PHE E 406 -12.58 -38.26 39.55
C PHE E 406 -11.72 -38.72 38.37
N PHE E 407 -12.13 -39.81 37.74
CA PHE E 407 -11.33 -40.42 36.69
C PHE E 407 -12.15 -40.60 35.43
N SER E 408 -11.48 -40.47 34.29
CA SER E 408 -12.10 -40.67 32.98
C SER E 408 -11.02 -41.13 32.01
N ASP E 409 -11.17 -42.35 31.49
CA ASP E 409 -10.19 -43.03 30.64
C ASP E 409 -8.83 -43.14 31.34
N GLY E 410 -8.87 -43.40 32.64
CA GLY E 410 -7.66 -43.54 33.43
C GLY E 410 -6.88 -42.26 33.64
N ILE E 411 -7.55 -41.11 33.65
CA ILE E 411 -6.89 -39.82 33.79
C ILE E 411 -7.54 -39.08 34.95
N ARG E 412 -6.73 -38.67 35.93
CA ARG E 412 -7.20 -37.91 37.09
C ARG E 412 -7.47 -36.47 36.67
N LEU E 413 -8.71 -36.02 36.81
CA LEU E 413 -9.10 -34.70 36.35
C LEU E 413 -10.28 -34.18 37.15
N LYS E 414 -10.31 -32.85 37.31
CA LYS E 414 -11.33 -32.15 38.08
C LYS E 414 -12.27 -31.41 37.13
N LYS E 415 -13.55 -31.34 37.51
CA LYS E 415 -14.56 -30.67 36.72
C LYS E 415 -14.32 -29.16 36.67
N TYR E 416 -14.57 -28.57 35.51
CA TYR E 416 -14.33 -27.14 35.29
C TYR E 416 -15.35 -26.63 34.28
N ARG E 417 -16.30 -25.82 34.73
CA ARG E 417 -17.34 -25.28 33.87
C ARG E 417 -17.33 -23.76 33.90
N GLY E 418 -17.83 -23.17 32.82
CA GLY E 418 -17.96 -21.73 32.76
C GLY E 418 -19.18 -21.23 33.50
N MET E 419 -19.20 -19.91 33.71
CA MET E 419 -20.29 -19.30 34.45
C MET E 419 -21.56 -19.20 33.62
N GLY E 420 -21.42 -19.10 32.30
CA GLY E 420 -22.57 -19.04 31.42
C GLY E 420 -23.12 -20.39 31.01
N SER E 421 -22.44 -21.47 31.38
CA SER E 421 -22.94 -22.81 31.11
C SER E 421 -24.23 -23.09 31.88
N LEU E 422 -25.12 -23.85 31.28
CA LEU E 422 -26.42 -24.14 31.88
C LEU E 422 -26.33 -25.03 33.11
N ASP E 423 -25.21 -25.73 33.30
CA ASP E 423 -24.99 -26.47 34.52
C ASP E 423 -24.57 -25.56 35.67
N ALA E 424 -24.19 -24.31 35.39
CA ALA E 424 -23.83 -23.35 36.41
C ALA E 424 -24.92 -22.30 36.65
N MET E 425 -25.92 -22.21 35.78
CA MET E 425 -27.03 -21.29 35.98
C MET E 425 -28.10 -21.90 36.88
N ILE E 442 -36.32 -18.33 28.29
CA ILE E 442 -35.31 -19.26 27.79
C ILE E 442 -33.90 -18.70 28.03
N LYS E 443 -33.02 -19.55 28.54
CA LYS E 443 -31.66 -19.17 28.87
C LYS E 443 -30.71 -19.64 27.78
N VAL E 444 -29.92 -18.70 27.25
CA VAL E 444 -28.88 -19.02 26.29
C VAL E 444 -27.58 -19.31 27.03
N ALA E 445 -26.85 -20.32 26.56
CA ALA E 445 -25.61 -20.72 27.20
C ALA E 445 -24.42 -20.02 26.54
N GLN E 446 -23.59 -19.38 27.36
CA GLN E 446 -22.34 -18.80 26.90
C GLN E 446 -21.14 -19.59 27.37
N GLY E 447 -21.34 -20.82 27.84
CA GLY E 447 -20.24 -21.61 28.35
C GLY E 447 -20.49 -23.09 28.21
N VAL E 448 -19.40 -23.85 28.29
CA VAL E 448 -19.45 -25.29 28.27
C VAL E 448 -19.04 -25.81 29.65
N SER E 449 -19.27 -27.10 29.88
CA SER E 449 -19.01 -27.73 31.17
C SER E 449 -18.05 -28.89 30.95
N GLY E 450 -16.76 -28.62 31.11
CA GLY E 450 -15.76 -29.62 30.82
C GLY E 450 -14.93 -30.04 32.02
N ALA E 451 -13.72 -30.52 31.75
CA ALA E 451 -12.82 -30.94 32.80
C ALA E 451 -11.39 -30.82 32.30
N VAL E 452 -10.46 -30.62 33.23
CA VAL E 452 -9.05 -30.41 32.90
C VAL E 452 -8.21 -31.22 33.87
N GLN E 453 -7.03 -31.65 33.43
CA GLN E 453 -6.19 -32.57 34.18
C GLN E 453 -5.56 -31.90 35.39
N ASP E 454 -5.18 -32.73 36.36
CA ASP E 454 -4.61 -32.27 37.62
C ASP E 454 -3.27 -31.58 37.42
N LYS E 455 -3.04 -30.51 38.19
CA LYS E 455 -1.80 -29.74 38.13
C LYS E 455 -1.10 -29.67 39.48
N GLY E 456 -1.47 -30.54 40.42
CA GLY E 456 -0.79 -30.58 41.69
C GLY E 456 -1.25 -29.48 42.63
N SER E 457 -0.32 -28.99 43.44
CA SER E 457 -0.58 -27.88 44.35
C SER E 457 -0.18 -26.57 43.69
N ILE E 458 -0.57 -25.46 44.33
CA ILE E 458 -0.38 -24.16 43.72
C ILE E 458 0.81 -23.41 44.33
N HIS E 459 1.33 -23.87 45.46
CA HIS E 459 2.60 -23.36 45.96
C HIS E 459 3.78 -23.96 45.21
N LYS E 460 3.53 -24.98 44.39
CA LYS E 460 4.53 -25.55 43.49
C LYS E 460 4.36 -25.08 42.06
N PHE E 461 3.20 -24.53 41.72
CA PHE E 461 2.86 -24.15 40.35
C PHE E 461 3.04 -22.66 40.07
N VAL E 462 2.63 -21.79 41.00
CA VAL E 462 2.84 -20.35 40.86
C VAL E 462 4.31 -19.95 40.88
N PRO E 463 5.21 -20.51 41.72
CA PRO E 463 6.65 -20.20 41.53
C PRO E 463 7.22 -20.65 40.20
N TYR E 464 6.66 -21.69 39.58
CA TYR E 464 7.05 -22.03 38.21
C TYR E 464 6.66 -20.94 37.23
N LEU E 465 5.45 -20.38 37.38
CA LEU E 465 5.03 -19.27 36.54
C LEU E 465 5.89 -18.03 36.78
N ILE E 466 6.29 -17.81 38.04
CA ILE E 466 7.17 -16.70 38.40
C ILE E 466 8.52 -16.83 37.71
N ALA E 467 9.11 -18.04 37.78
CA ALA E 467 10.41 -18.26 37.13
C ALA E 467 10.30 -18.21 35.61
N GLY E 468 9.18 -18.63 35.05
CA GLY E 468 8.99 -18.52 33.60
C GLY E 468 8.87 -17.08 33.14
N ILE E 469 8.13 -16.25 33.88
CA ILE E 469 8.02 -14.83 33.55
C ILE E 469 9.38 -14.13 33.73
N GLN E 470 10.15 -14.54 34.74
CA GLN E 470 11.47 -13.94 34.93
C GLN E 470 12.45 -14.32 33.82
N HIS E 471 12.42 -15.59 33.37
CA HIS E 471 13.28 -15.96 32.26
C HIS E 471 12.84 -15.33 30.95
N SER E 472 11.53 -15.12 30.78
CA SER E 472 11.07 -14.43 29.57
C SER E 472 11.42 -12.96 29.58
N CYS E 473 11.37 -12.31 30.74
CA CYS E 473 11.84 -10.93 30.85
C CYS E 473 13.34 -10.83 30.78
N GLN E 474 14.07 -11.92 31.05
CA GLN E 474 15.50 -11.91 30.81
C GLN E 474 15.80 -11.96 29.31
N ASP E 475 15.09 -12.83 28.58
CA ASP E 475 15.32 -12.90 27.13
C ASP E 475 14.83 -11.66 26.40
N ILE E 476 13.78 -11.00 26.91
CA ILE E 476 13.41 -9.69 26.41
C ILE E 476 14.53 -8.69 26.65
N GLY E 477 15.11 -8.72 27.84
CA GLY E 477 16.19 -7.83 28.20
C GLY E 477 15.84 -6.73 29.17
N ALA E 478 14.79 -6.91 29.98
CA ALA E 478 14.33 -5.88 30.91
C ALA E 478 14.27 -6.46 32.31
N LYS E 479 14.66 -5.64 33.29
CA LYS E 479 14.77 -6.08 34.68
C LYS E 479 13.45 -6.00 35.42
N SER E 480 12.39 -5.50 34.80
CA SER E 480 11.09 -5.38 35.45
C SER E 480 10.01 -5.31 34.39
N LEU E 481 8.78 -5.60 34.82
CA LEU E 481 7.63 -5.51 33.91
C LEU E 481 7.34 -4.07 33.52
N THR E 482 7.62 -3.12 34.40
CA THR E 482 7.51 -1.71 34.04
C THR E 482 8.50 -1.36 32.95
N GLN E 483 9.70 -1.95 33.00
CA GLN E 483 10.67 -1.74 31.94
C GLN E 483 10.25 -2.46 30.65
N VAL E 484 9.55 -3.60 30.76
CA VAL E 484 9.05 -4.29 29.57
C VAL E 484 8.03 -3.42 28.85
N ARG E 485 7.05 -2.88 29.60
CA ARG E 485 6.05 -2.02 28.97
C ARG E 485 6.63 -0.69 28.53
N ALA E 486 7.66 -0.18 29.22
CA ALA E 486 8.30 1.06 28.80
C ALA E 486 9.10 0.86 27.52
N MET E 487 9.76 -0.29 27.36
CA MET E 487 10.40 -0.62 26.10
C MET E 487 9.39 -0.87 25.00
N MET E 488 8.21 -1.36 25.34
CA MET E 488 7.20 -1.64 24.33
C MET E 488 6.59 -0.34 23.80
N TYR E 489 6.20 0.58 24.69
CA TYR E 489 5.58 1.81 24.22
C TYR E 489 6.58 2.79 23.60
N SER E 490 7.87 2.65 23.91
CA SER E 490 8.87 3.53 23.31
C SER E 490 9.32 3.07 21.94
N GLY E 491 8.90 1.87 21.51
CA GLY E 491 9.35 1.33 20.25
C GLY E 491 10.64 0.56 20.29
N GLU E 492 11.23 0.39 21.48
CA GLU E 492 12.49 -0.34 21.59
C GLU E 492 12.26 -1.84 21.57
N LEU E 493 11.19 -2.31 22.19
CA LEU E 493 10.85 -3.73 22.22
C LEU E 493 10.06 -4.06 20.97
N LYS E 494 10.55 -5.00 20.17
CA LYS E 494 10.00 -5.28 18.85
C LYS E 494 9.41 -6.67 18.76
N PHE E 495 8.49 -6.82 17.83
CA PHE E 495 7.67 -8.02 17.66
C PHE E 495 7.86 -8.56 16.24
N GLU E 496 7.24 -9.71 15.98
CA GLU E 496 7.30 -10.35 14.67
C GLU E 496 6.06 -11.21 14.49
N LYS E 497 5.35 -11.04 13.39
CA LYS E 497 4.16 -11.83 13.12
C LYS E 497 4.57 -13.25 12.74
N ARG E 498 3.70 -14.22 13.04
CA ARG E 498 4.04 -15.62 12.90
C ARG E 498 2.95 -16.35 12.12
N THR E 499 3.34 -17.06 11.07
CA THR E 499 2.41 -17.78 10.21
C THR E 499 1.99 -19.10 10.87
N SER E 500 1.16 -19.89 10.17
CA SER E 500 0.65 -21.12 10.75
C SER E 500 1.69 -22.23 10.80
N SER E 501 2.50 -22.38 9.75
CA SER E 501 3.55 -23.38 9.77
C SER E 501 4.74 -22.96 10.62
N ALA E 502 4.87 -21.67 10.92
CA ALA E 502 5.80 -21.22 11.94
C ALA E 502 5.23 -21.32 13.34
N GLN E 503 3.91 -21.50 13.48
CA GLN E 503 3.33 -21.95 14.73
C GLN E 503 3.51 -23.43 14.93
N VAL E 504 3.57 -24.19 13.83
CA VAL E 504 3.82 -25.62 13.92
C VAL E 504 5.25 -25.89 14.40
N GLU E 505 6.23 -25.13 13.90
CA GLU E 505 7.60 -25.35 14.35
C GLU E 505 7.85 -24.76 15.73
N GLY E 506 6.97 -23.87 16.21
CA GLY E 506 7.18 -23.25 17.51
C GLY E 506 6.94 -24.20 18.66
N GLY E 507 6.06 -25.17 18.47
CA GLY E 507 5.84 -26.22 19.45
C GLY E 507 6.80 -27.37 19.26
N VAL E 508 6.31 -28.58 19.53
CA VAL E 508 7.09 -29.79 19.36
C VAL E 508 6.67 -30.47 18.07
N HIS E 509 7.66 -30.82 17.25
CA HIS E 509 7.44 -31.52 16.00
C HIS E 509 8.53 -32.57 15.82
N SER E 510 8.45 -33.30 14.70
CA SER E 510 9.51 -34.20 14.22
C SER E 510 9.88 -35.31 15.21
N LEU E 511 8.96 -35.67 16.10
CA LEU E 511 9.20 -36.72 17.07
C LEU E 511 8.09 -37.76 16.99
N HIS E 512 8.39 -38.96 17.48
CA HIS E 512 7.39 -39.99 17.55
C HIS E 512 6.44 -39.77 18.72
N SER E 513 7.00 -39.59 19.92
CA SER E 513 6.24 -39.34 21.13
C SER E 513 7.17 -38.74 22.17
N TYR E 514 6.69 -37.73 22.89
CA TYR E 514 7.52 -37.02 23.85
C TYR E 514 6.85 -37.00 25.22
N GLU E 515 7.68 -36.81 26.24
CA GLU E 515 7.27 -36.80 27.65
C GLU E 515 7.63 -35.42 28.19
N LYS E 516 6.68 -34.50 28.10
CA LYS E 516 6.90 -33.11 28.51
C LYS E 516 6.68 -32.96 30.01
N ARG E 517 7.70 -32.47 30.71
CA ARG E 517 7.62 -32.19 32.14
C ARG E 517 7.99 -30.73 32.32
N LEU E 518 7.00 -29.90 32.66
CA LEU E 518 7.25 -28.47 32.77
C LEU E 518 8.00 -28.15 34.05
N PHE E 519 7.63 -28.80 35.15
CA PHE E 519 8.22 -28.54 36.45
C PHE E 519 8.22 -29.82 37.29
N MET F 6 26.76 -4.93 -33.73
CA MET F 6 25.48 -4.36 -34.08
C MET F 6 24.46 -4.50 -32.95
N ALA F 7 23.17 -4.35 -33.27
CA ALA F 7 22.14 -4.16 -32.26
C ALA F 7 21.82 -5.40 -31.45
N ASP F 8 22.34 -6.57 -31.84
CA ASP F 8 22.15 -7.76 -31.01
C ASP F 8 22.95 -7.69 -29.71
N TYR F 9 24.01 -6.87 -29.68
CA TYR F 9 24.85 -6.69 -28.51
C TYR F 9 24.76 -5.29 -27.91
N LEU F 10 24.56 -4.27 -28.74
CA LEU F 10 24.69 -2.89 -28.30
C LEU F 10 23.51 -2.38 -27.48
N ILE F 11 22.40 -3.11 -27.43
CA ILE F 11 21.24 -2.62 -26.70
C ILE F 11 21.36 -2.92 -25.21
N SER F 12 21.47 -4.19 -24.85
CA SER F 12 21.47 -4.60 -23.46
C SER F 12 22.81 -5.17 -23.00
N GLY F 13 23.85 -5.02 -23.81
CA GLY F 13 25.17 -5.47 -23.40
C GLY F 13 25.36 -6.97 -23.44
N GLY F 14 24.63 -7.68 -24.29
CA GLY F 14 24.79 -9.10 -24.47
C GLY F 14 23.96 -9.96 -23.55
N THR F 15 23.59 -9.45 -22.38
CA THR F 15 22.74 -10.20 -21.47
C THR F 15 21.33 -10.32 -22.03
N SER F 16 20.73 -11.49 -21.86
CA SER F 16 19.44 -11.79 -22.46
C SER F 16 18.31 -11.09 -21.72
N TYR F 17 17.08 -11.34 -22.17
CA TYR F 17 15.93 -10.61 -21.63
C TYR F 17 15.59 -11.06 -20.22
N VAL F 18 15.32 -12.36 -20.04
CA VAL F 18 15.03 -13.00 -18.74
C VAL F 18 13.81 -12.37 -18.09
N PRO F 19 12.60 -12.75 -18.50
CA PRO F 19 11.35 -12.12 -18.00
C PRO F 19 11.22 -12.18 -16.48
N ASP F 20 11.00 -11.02 -15.89
CA ASP F 20 10.98 -10.90 -14.44
C ASP F 20 9.72 -11.55 -13.87
N ASP F 21 9.90 -12.54 -13.00
CA ASP F 21 8.78 -13.28 -12.45
C ASP F 21 9.19 -13.88 -11.12
N GLY F 22 8.54 -13.48 -10.06
CA GLY F 22 8.87 -13.91 -8.71
C GLY F 22 9.38 -12.76 -7.86
N LEU F 23 9.75 -13.10 -6.63
CA LEU F 23 10.22 -12.13 -5.66
C LEU F 23 11.64 -12.48 -5.24
N THR F 24 12.47 -11.45 -5.07
CA THR F 24 13.79 -11.64 -4.53
C THR F 24 13.71 -11.86 -3.02
N ALA F 25 14.86 -12.18 -2.41
CA ALA F 25 14.88 -12.42 -0.97
C ALA F 25 14.71 -11.13 -0.20
N GLN F 26 15.12 -10.00 -0.76
CA GLN F 26 14.90 -8.72 -0.10
C GLN F 26 13.44 -8.30 -0.20
N GLN F 27 12.76 -8.66 -1.27
CA GLN F 27 11.34 -8.34 -1.42
C GLN F 27 10.44 -9.28 -0.65
N LEU F 28 10.95 -10.43 -0.23
CA LEU F 28 10.15 -11.44 0.45
C LEU F 28 10.22 -11.33 1.98
N PHE F 29 11.40 -11.08 2.53
CA PHE F 29 11.60 -11.07 3.97
C PHE F 29 11.60 -9.67 4.56
N ASN F 30 11.20 -8.66 3.79
CA ASN F 30 11.00 -7.31 4.30
C ASN F 30 9.54 -6.91 4.22
N CYS F 31 8.63 -7.87 4.12
CA CYS F 31 7.20 -7.61 4.19
C CYS F 31 6.69 -7.48 5.62
N GLY F 32 7.55 -7.72 6.61
CA GLY F 32 7.17 -7.67 8.00
C GLY F 32 6.66 -8.99 8.56
N ASP F 33 6.11 -9.84 7.70
CA ASP F 33 5.59 -11.13 8.12
C ASP F 33 6.72 -12.14 8.27
N GLY F 34 6.62 -12.97 9.30
CA GLY F 34 7.68 -13.90 9.63
C GLY F 34 7.49 -15.27 9.00
N LEU F 35 8.40 -15.63 8.10
CA LEU F 35 8.29 -16.86 7.33
C LEU F 35 9.24 -17.93 7.87
N THR F 36 8.77 -19.17 7.87
CA THR F 36 9.62 -20.30 8.16
C THR F 36 9.97 -21.02 6.86
N TYR F 37 10.59 -22.20 6.97
CA TYR F 37 11.06 -22.95 5.81
C TYR F 37 9.90 -23.41 4.94
N ASN F 38 8.77 -23.77 5.53
CA ASN F 38 7.65 -24.30 4.77
C ASN F 38 6.75 -23.22 4.18
N ASP F 39 7.09 -21.94 4.37
CA ASP F 39 6.23 -20.85 3.91
C ASP F 39 6.65 -20.30 2.56
N PHE F 40 7.72 -20.82 1.96
CA PHE F 40 8.17 -20.33 0.68
C PHE F 40 8.83 -21.47 -0.08
N LEU F 41 9.30 -21.16 -1.29
CA LEU F 41 10.05 -22.08 -2.13
C LEU F 41 10.86 -21.29 -3.15
N ILE F 42 11.84 -21.96 -3.74
CA ILE F 42 12.80 -21.33 -4.64
C ILE F 42 12.34 -21.54 -6.07
N LEU F 43 12.34 -20.47 -6.87
CA LEU F 43 11.99 -20.62 -8.27
C LEU F 43 13.19 -21.13 -9.06
N PRO F 44 12.98 -22.10 -9.96
CA PRO F 44 14.09 -22.68 -10.70
C PRO F 44 14.61 -21.78 -11.81
N GLY F 45 15.76 -22.19 -12.37
CA GLY F 45 16.44 -21.43 -13.39
C GLY F 45 16.95 -22.27 -14.54
N TYR F 46 18.20 -22.02 -14.96
CA TYR F 46 18.77 -22.61 -16.15
C TYR F 46 19.85 -23.62 -15.78
N ILE F 47 19.86 -24.75 -16.48
CA ILE F 47 20.82 -25.83 -16.26
C ILE F 47 21.76 -25.91 -17.45
N ASP F 48 23.07 -25.85 -17.19
CA ASP F 48 24.07 -26.23 -18.18
C ASP F 48 25.16 -27.10 -17.56
N PHE F 49 24.79 -27.96 -16.60
CA PHE F 49 25.74 -28.75 -15.84
C PHE F 49 25.02 -29.91 -15.20
N THR F 50 25.73 -31.02 -15.02
CA THR F 50 25.16 -32.16 -14.32
C THR F 50 25.23 -31.94 -12.81
N ALA F 51 24.53 -32.80 -12.06
CA ALA F 51 24.42 -32.63 -10.62
C ALA F 51 25.69 -33.03 -9.87
N ASP F 52 26.49 -33.93 -10.43
CA ASP F 52 27.66 -34.44 -9.71
C ASP F 52 28.81 -33.44 -9.67
N GLN F 53 28.79 -32.40 -10.48
CA GLN F 53 29.84 -31.38 -10.47
C GLN F 53 29.39 -30.09 -9.79
N VAL F 54 28.54 -30.21 -8.77
CA VAL F 54 28.14 -29.09 -7.93
C VAL F 54 29.04 -29.07 -6.71
N ASP F 55 29.82 -28.02 -6.58
CA ASP F 55 30.79 -27.90 -5.49
C ASP F 55 30.08 -27.45 -4.21
N LEU F 56 30.35 -28.15 -3.10
CA LEU F 56 29.66 -27.89 -1.85
C LEU F 56 30.59 -27.30 -0.79
N THR F 57 31.63 -26.59 -1.21
CA THR F 57 32.59 -26.03 -0.27
C THR F 57 31.96 -24.88 0.50
N SER F 58 31.94 -24.99 1.82
CA SER F 58 31.32 -23.99 2.68
C SER F 58 32.24 -23.68 3.84
N ALA F 59 32.16 -22.45 4.33
CA ALA F 59 33.01 -21.97 5.40
C ALA F 59 32.29 -22.10 6.74
N LEU F 60 32.90 -22.84 7.66
CA LEU F 60 32.33 -22.95 9.00
C LEU F 60 32.54 -21.65 9.78
N THR F 61 33.79 -21.27 9.99
CA THR F 61 34.17 -20.01 10.59
C THR F 61 34.97 -19.20 9.58
N LYS F 62 35.58 -18.11 10.04
CA LYS F 62 36.35 -17.24 9.15
C LYS F 62 37.65 -17.87 8.67
N LYS F 63 38.10 -18.97 9.29
CA LYS F 63 39.31 -19.66 8.84
C LYS F 63 39.15 -21.15 8.67
N ILE F 64 38.11 -21.77 9.22
CA ILE F 64 37.85 -23.19 9.02
C ILE F 64 36.96 -23.36 7.81
N THR F 65 37.39 -24.19 6.86
CA THR F 65 36.67 -24.44 5.62
C THR F 65 36.32 -25.92 5.54
N LEU F 66 35.04 -26.21 5.40
CA LEU F 66 34.52 -27.57 5.26
C LEU F 66 34.22 -27.89 3.80
N LYS F 67 34.08 -29.18 3.54
CA LYS F 67 33.76 -29.65 2.20
C LYS F 67 32.29 -29.93 1.99
N THR F 68 31.53 -30.15 3.05
CA THR F 68 30.08 -30.27 2.98
C THR F 68 29.47 -29.32 4.00
N PRO F 69 28.35 -28.68 3.68
CA PRO F 69 27.72 -27.70 4.58
C PRO F 69 26.82 -28.33 5.64
N LEU F 70 27.31 -29.38 6.30
CA LEU F 70 26.51 -30.15 7.24
C LEU F 70 27.31 -30.30 8.52
N VAL F 71 26.96 -29.54 9.54
CA VAL F 71 27.56 -29.69 10.86
C VAL F 71 26.50 -30.31 11.76
N SER F 72 26.94 -30.85 12.89
CA SER F 72 26.07 -31.62 13.76
C SER F 72 26.02 -30.99 15.14
N SER F 73 24.90 -31.17 15.82
CA SER F 73 24.52 -30.35 16.96
C SER F 73 25.18 -30.87 18.24
N PRO F 74 25.61 -29.95 19.12
CA PRO F 74 26.18 -30.36 20.42
C PRO F 74 25.12 -30.70 21.46
N MET F 75 24.52 -31.87 21.31
CA MET F 75 23.51 -32.37 22.22
C MET F 75 23.94 -33.73 22.75
N ASP F 76 23.44 -34.09 23.93
CA ASP F 76 23.89 -35.31 24.57
C ASP F 76 23.31 -36.57 23.93
N THR F 77 22.32 -36.46 23.06
CA THR F 77 21.82 -37.59 22.30
C THR F 77 22.00 -37.41 20.80
N VAL F 78 22.87 -36.49 20.39
CA VAL F 78 23.25 -36.35 18.99
C VAL F 78 24.71 -36.70 18.76
N THR F 79 25.63 -35.97 19.38
CA THR F 79 27.05 -36.11 19.09
C THR F 79 27.88 -36.46 20.30
N GLU F 80 28.77 -37.42 20.11
CA GLU F 80 29.93 -37.68 20.96
C GLU F 80 31.08 -37.91 19.99
N ALA F 81 32.16 -38.55 20.43
CA ALA F 81 33.30 -38.74 19.55
C ALA F 81 33.01 -39.69 18.38
N GLY F 82 32.03 -40.57 18.49
CA GLY F 82 31.66 -41.39 17.34
C GLY F 82 31.05 -40.56 16.22
N MET F 83 30.11 -39.69 16.58
CA MET F 83 29.56 -38.76 15.60
C MET F 83 30.56 -37.69 15.19
N ALA F 84 31.47 -37.29 16.08
CA ALA F 84 32.49 -36.32 15.69
C ALA F 84 33.48 -36.91 14.71
N ILE F 85 33.75 -38.21 14.78
CA ILE F 85 34.52 -38.87 13.74
C ILE F 85 33.71 -38.99 12.46
N ALA F 86 32.48 -39.50 12.57
CA ALA F 86 31.74 -39.92 11.39
C ALA F 86 31.17 -38.73 10.61
N MET F 87 30.95 -37.58 11.26
CA MET F 87 30.58 -36.39 10.51
C MET F 87 31.79 -35.75 9.86
N ALA F 88 32.96 -35.86 10.48
CA ALA F 88 34.16 -35.30 9.89
C ALA F 88 34.61 -36.09 8.68
N LEU F 89 34.49 -37.43 8.72
CA LEU F 89 34.95 -38.24 7.60
C LEU F 89 34.10 -38.06 6.36
N THR F 90 32.84 -37.68 6.50
CA THR F 90 31.96 -37.46 5.37
C THR F 90 31.96 -36.00 4.90
N GLY F 91 32.82 -35.16 5.47
CA GLY F 91 33.01 -33.81 5.01
C GLY F 91 32.66 -32.72 6.01
N GLY F 92 31.79 -33.00 6.96
CA GLY F 92 31.34 -32.01 7.92
C GLY F 92 32.24 -31.90 9.13
N ILE F 93 31.64 -31.53 10.26
CA ILE F 93 32.35 -31.43 11.53
C ILE F 93 31.34 -31.77 12.62
N GLY F 94 31.85 -32.17 13.78
CA GLY F 94 31.01 -32.50 14.92
C GLY F 94 31.32 -31.62 16.10
N PHE F 95 30.30 -31.29 16.87
CA PHE F 95 30.43 -30.52 18.10
C PHE F 95 30.03 -31.41 19.26
N ILE F 96 30.96 -31.64 20.18
CA ILE F 96 30.74 -32.54 21.30
C ILE F 96 30.10 -31.77 22.44
N HIS F 97 29.04 -32.33 23.01
CA HIS F 97 28.21 -31.65 23.99
C HIS F 97 28.96 -31.44 25.31
N HIS F 98 28.39 -30.57 26.15
CA HIS F 98 28.96 -30.26 27.45
C HIS F 98 28.06 -30.69 28.60
N ASN F 99 27.21 -31.69 28.37
CA ASN F 99 26.39 -32.26 29.45
C ASN F 99 27.14 -33.40 30.14
N CYS F 100 28.35 -33.11 30.59
CA CYS F 100 29.25 -34.11 31.15
C CYS F 100 30.36 -33.38 31.90
N THR F 101 31.22 -34.17 32.54
CA THR F 101 32.39 -33.62 33.20
C THR F 101 33.38 -33.12 32.14
N PRO F 102 34.19 -32.11 32.48
CA PRO F 102 35.17 -31.61 31.49
C PRO F 102 36.23 -32.62 31.10
N GLU F 103 36.57 -33.55 31.99
CA GLU F 103 37.52 -34.60 31.64
C GLU F 103 36.92 -35.56 30.61
N PHE F 104 35.62 -35.83 30.72
CA PHE F 104 34.95 -36.69 29.73
C PHE F 104 34.89 -36.02 28.37
N GLN F 105 34.59 -34.72 28.33
CA GLN F 105 34.51 -34.02 27.05
C GLN F 105 35.88 -33.87 26.41
N ALA F 106 36.91 -33.62 27.22
CA ALA F 106 38.27 -33.61 26.69
C ALA F 106 38.72 -34.98 26.22
N ASN F 107 38.22 -36.04 26.88
CA ASN F 107 38.48 -37.41 26.41
C ASN F 107 37.84 -37.66 25.05
N GLU F 108 36.62 -37.16 24.85
CA GLU F 108 35.95 -37.35 23.56
C GLU F 108 36.65 -36.55 22.46
N VAL F 109 37.13 -35.35 22.78
CA VAL F 109 37.84 -34.53 21.80
C VAL F 109 39.19 -35.14 21.44
N ARG F 110 39.91 -35.68 22.42
CA ARG F 110 41.14 -36.37 22.05
C ARG F 110 40.87 -37.75 21.44
N LYS F 111 39.67 -38.30 21.61
CA LYS F 111 39.34 -39.55 20.96
C LYS F 111 39.08 -39.34 19.47
N VAL F 112 38.38 -38.25 19.11
CA VAL F 112 38.20 -37.95 17.69
C VAL F 112 39.49 -37.40 17.08
N LYS F 113 40.30 -36.69 17.87
CA LYS F 113 41.50 -36.07 17.31
C LYS F 113 42.61 -37.09 17.05
N LYS F 114 42.62 -38.20 17.78
CA LYS F 114 43.60 -39.26 17.62
C LYS F 114 43.10 -40.35 16.64
N TYR F 115 42.12 -40.03 15.81
CA TYR F 115 41.59 -41.02 14.89
C TYR F 115 42.48 -41.17 13.67
N TYR F 238 35.64 -40.29 3.27
CA TYR F 238 37.10 -40.18 3.35
C TYR F 238 37.91 -39.55 2.17
N PRO F 239 37.40 -39.47 0.92
CA PRO F 239 38.10 -38.61 -0.05
C PRO F 239 38.09 -37.14 0.32
N LEU F 240 37.01 -36.66 0.93
CA LEU F 240 36.88 -35.26 1.33
C LEU F 240 36.52 -35.28 2.82
N ALA F 241 37.56 -35.30 3.65
CA ALA F 241 37.42 -35.72 5.05
C ALA F 241 37.66 -34.61 6.06
N SER F 242 37.80 -33.35 5.62
CA SER F 242 37.80 -32.15 6.46
C SER F 242 38.87 -32.17 7.55
N LYS F 243 40.14 -32.22 7.17
CA LYS F 243 41.23 -32.42 8.11
C LYS F 243 42.18 -31.22 8.08
N ASP F 244 42.85 -31.00 9.21
CA ASP F 244 43.63 -29.79 9.42
C ASP F 244 45.05 -29.96 8.85
N ALA F 245 45.95 -29.04 9.23
CA ALA F 245 47.31 -29.04 8.69
C ALA F 245 48.13 -30.22 9.19
N LYS F 246 47.79 -30.76 10.36
CA LYS F 246 48.48 -31.94 10.89
C LYS F 246 47.81 -33.23 10.48
N LYS F 247 46.91 -33.18 9.48
CA LYS F 247 46.19 -34.33 8.91
C LYS F 247 45.35 -35.08 9.96
N GLN F 248 44.90 -34.37 10.99
CA GLN F 248 43.99 -34.90 11.98
C GLN F 248 42.58 -34.39 11.72
N LEU F 249 41.60 -35.12 12.23
CA LEU F 249 40.21 -34.77 11.96
C LEU F 249 39.79 -33.51 12.70
N LEU F 250 39.02 -32.67 12.03
CA LEU F 250 38.46 -31.48 12.65
C LEU F 250 37.44 -31.85 13.72
N CYS F 251 37.42 -31.09 14.81
CA CYS F 251 36.47 -31.34 15.88
C CYS F 251 36.04 -30.01 16.51
N GLY F 252 34.83 -30.02 17.06
CA GLY F 252 34.34 -28.88 17.80
C GLY F 252 33.80 -29.34 19.14
N ALA F 253 33.64 -28.38 20.05
CA ALA F 253 33.15 -28.68 21.37
C ALA F 253 32.36 -27.50 21.91
N ALA F 254 31.31 -27.80 22.66
CA ALA F 254 30.48 -26.76 23.23
C ALA F 254 30.93 -26.46 24.65
N ILE F 255 30.94 -25.18 25.00
CA ILE F 255 31.17 -24.73 26.37
C ILE F 255 30.09 -23.72 26.72
N GLY F 256 29.83 -23.57 28.01
CA GLY F 256 28.94 -22.54 28.49
C GLY F 256 29.66 -21.22 28.66
N THR F 257 28.95 -20.27 29.26
CA THR F 257 29.48 -18.93 29.48
C THR F 257 29.73 -18.63 30.95
N HIS F 258 29.63 -19.64 31.82
CA HIS F 258 29.88 -19.44 33.24
C HIS F 258 31.38 -19.39 33.49
N GLU F 259 31.76 -18.89 34.67
CA GLU F 259 33.16 -18.73 35.01
C GLU F 259 33.84 -20.07 35.25
N ASP F 260 33.09 -21.09 35.65
CA ASP F 260 33.64 -22.43 35.83
C ASP F 260 34.01 -23.11 34.52
N ASP F 261 33.52 -22.59 33.39
CA ASP F 261 33.79 -23.19 32.08
C ASP F 261 35.10 -22.72 31.46
N LYS F 262 35.83 -21.81 32.11
CA LYS F 262 37.17 -21.47 31.66
C LYS F 262 38.12 -22.65 31.87
N TYR F 263 37.92 -23.41 32.94
CA TYR F 263 38.70 -24.63 33.15
C TYR F 263 38.36 -25.69 32.11
N ARG F 264 37.08 -25.79 31.74
CA ARG F 264 36.68 -26.69 30.65
C ARG F 264 37.30 -26.26 29.33
N LEU F 265 37.35 -24.95 29.08
CA LEU F 265 37.98 -24.44 27.87
C LEU F 265 39.47 -24.74 27.84
N ASP F 266 40.16 -24.60 28.97
CA ASP F 266 41.58 -24.93 29.05
C ASP F 266 41.81 -26.42 28.85
N LEU F 267 40.95 -27.26 29.41
CA LEU F 267 41.13 -28.71 29.27
C LEU F 267 40.73 -29.20 27.89
N LEU F 268 39.89 -28.47 27.17
CA LEU F 268 39.60 -28.80 25.78
C LEU F 268 40.66 -28.27 24.82
N ALA F 269 41.24 -27.12 25.12
CA ALA F 269 42.30 -26.59 24.29
C ALA F 269 43.62 -27.34 24.47
N GLN F 270 43.82 -27.98 25.63
CA GLN F 270 44.94 -28.88 25.75
C GLN F 270 44.72 -30.15 24.93
N ALA F 271 43.46 -30.55 24.75
CA ALA F 271 43.16 -31.68 23.88
C ALA F 271 43.26 -31.33 22.40
N GLY F 272 43.34 -30.05 22.06
CA GLY F 272 43.55 -29.64 20.69
C GLY F 272 42.26 -29.43 19.92
N VAL F 273 41.27 -28.81 20.54
CA VAL F 273 40.02 -28.51 19.84
C VAL F 273 40.28 -27.39 18.84
N ASP F 274 39.59 -27.46 17.70
CA ASP F 274 39.82 -26.51 16.62
C ASP F 274 38.83 -25.36 16.62
N VAL F 275 37.63 -25.57 17.17
CA VAL F 275 36.59 -24.55 17.20
C VAL F 275 35.71 -24.82 18.40
N VAL F 276 35.27 -23.76 19.08
CA VAL F 276 34.35 -23.89 20.20
C VAL F 276 33.09 -23.11 19.88
N VAL F 277 31.95 -23.67 20.28
CA VAL F 277 30.66 -22.99 20.18
C VAL F 277 30.20 -22.68 21.59
N LEU F 278 29.70 -21.47 21.79
CA LEU F 278 29.27 -21.01 23.12
C LEU F 278 27.77 -21.27 23.21
N ASP F 279 27.42 -22.38 23.86
CA ASP F 279 26.07 -22.92 23.78
C ASP F 279 25.17 -22.17 24.75
N SER F 280 24.25 -21.37 24.21
CA SER F 280 23.22 -20.73 25.00
C SER F 280 22.04 -20.42 24.07
N SER F 281 20.84 -20.45 24.64
CA SER F 281 19.65 -20.15 23.86
C SER F 281 19.50 -18.65 23.58
N GLN F 282 20.23 -17.81 24.30
CA GLN F 282 20.19 -16.36 24.13
C GLN F 282 21.63 -15.86 24.13
N GLY F 283 22.14 -15.54 22.94
CA GLY F 283 23.55 -15.25 22.81
C GLY F 283 23.98 -13.83 23.07
N ASN F 284 23.05 -12.90 23.22
CA ASN F 284 23.40 -11.49 23.39
C ASN F 284 23.40 -11.13 24.87
N SER F 285 24.33 -11.72 25.61
CA SER F 285 24.50 -11.43 27.02
C SER F 285 25.88 -10.84 27.25
N ILE F 286 26.06 -10.21 28.41
CA ILE F 286 27.37 -9.71 28.78
C ILE F 286 28.31 -10.86 29.11
N PHE F 287 27.75 -12.00 29.55
CA PHE F 287 28.56 -13.15 29.94
C PHE F 287 29.25 -13.75 28.72
N GLN F 288 28.50 -13.90 27.62
CA GLN F 288 29.07 -14.47 26.41
C GLN F 288 30.02 -13.51 25.71
N ILE F 289 29.78 -12.20 25.80
CA ILE F 289 30.70 -11.23 25.21
C ILE F 289 32.01 -11.20 25.99
N ASN F 290 31.95 -11.28 27.33
CA ASN F 290 33.18 -11.38 28.10
C ASN F 290 33.90 -12.71 27.87
N MET F 291 33.16 -13.79 27.62
CA MET F 291 33.83 -15.06 27.33
C MET F 291 34.50 -15.03 25.96
N ILE F 292 33.87 -14.39 24.97
CA ILE F 292 34.49 -14.25 23.65
C ILE F 292 35.74 -13.39 23.72
N LYS F 293 35.69 -12.28 24.47
CA LYS F 293 36.89 -11.47 24.64
C LYS F 293 37.94 -12.13 25.52
N TYR F 294 37.56 -13.15 26.29
CA TYR F 294 38.54 -13.95 27.02
C TYR F 294 39.24 -14.96 26.09
N ILE F 295 38.48 -15.58 25.18
CA ILE F 295 39.06 -16.57 24.29
C ILE F 295 39.93 -15.89 23.24
N LYS F 296 39.49 -14.75 22.71
CA LYS F 296 40.22 -14.12 21.60
C LYS F 296 41.55 -13.49 22.00
N ASP F 297 41.88 -13.42 23.28
CA ASP F 297 43.24 -13.08 23.65
C ASP F 297 43.97 -14.17 24.42
N LYS F 298 43.27 -15.06 25.13
CA LYS F 298 44.01 -16.16 25.74
C LYS F 298 44.37 -17.24 24.72
N TYR F 299 43.49 -17.49 23.75
CA TYR F 299 43.72 -18.50 22.72
C TYR F 299 43.53 -17.84 21.36
N PRO F 300 44.58 -17.23 20.80
CA PRO F 300 44.40 -16.41 19.60
C PRO F 300 44.18 -17.20 18.32
N ASN F 301 44.51 -18.49 18.30
CA ASN F 301 44.30 -19.31 17.12
C ASN F 301 43.08 -20.23 17.26
N LEU F 302 42.20 -19.95 18.21
CA LEU F 302 41.00 -20.75 18.44
C LEU F 302 39.80 -20.01 17.88
N GLN F 303 38.99 -20.71 17.10
CA GLN F 303 37.81 -20.14 16.47
C GLN F 303 36.61 -20.26 17.40
N VAL F 304 35.83 -19.20 17.50
CA VAL F 304 34.65 -19.20 18.36
C VAL F 304 33.40 -19.06 17.51
N ILE F 305 32.32 -19.67 17.98
CA ILE F 305 31.00 -19.57 17.35
C ILE F 305 30.02 -19.09 18.41
N GLY F 306 29.44 -17.92 18.17
CA GLY F 306 28.51 -17.32 19.11
C GLY F 306 27.07 -17.64 18.74
N GLY F 307 26.21 -17.66 19.75
CA GLY F 307 24.81 -17.96 19.52
C GLY F 307 24.12 -18.25 20.83
N ASN F 308 22.80 -18.38 20.76
CA ASN F 308 21.99 -18.27 19.53
C ASN F 308 21.52 -16.84 19.30
N VAL F 309 21.56 -16.42 18.04
CA VAL F 309 21.09 -15.10 17.65
C VAL F 309 20.00 -15.25 16.61
N VAL F 310 19.03 -14.33 16.64
CA VAL F 310 18.00 -14.27 15.61
C VAL F 310 17.84 -12.90 14.99
N THR F 311 18.25 -11.82 15.63
CA THR F 311 18.13 -10.48 15.09
C THR F 311 19.51 -9.96 14.71
N ALA F 312 19.51 -8.79 14.05
CA ALA F 312 20.76 -8.20 13.60
C ALA F 312 21.48 -7.41 14.70
N ALA F 313 20.76 -6.97 15.73
CA ALA F 313 21.41 -6.26 16.83
C ALA F 313 22.27 -7.20 17.66
N GLN F 314 21.82 -8.44 17.82
CA GLN F 314 22.60 -9.44 18.54
C GLN F 314 23.83 -9.84 17.75
N ALA F 315 23.68 -9.93 16.42
CA ALA F 315 24.82 -10.15 15.54
C ALA F 315 25.79 -8.98 15.61
N LYS F 316 25.29 -7.76 15.80
CA LYS F 316 26.19 -6.62 15.96
C LYS F 316 26.96 -6.71 17.27
N ASN F 317 26.29 -7.07 18.36
CA ASN F 317 26.98 -7.15 19.65
C ASN F 317 27.95 -8.32 19.71
N LEU F 318 27.73 -9.38 18.93
CA LEU F 318 28.68 -10.48 18.97
C LEU F 318 29.80 -10.37 17.94
N ILE F 319 29.54 -9.79 16.76
CA ILE F 319 30.62 -9.61 15.78
C ILE F 319 31.61 -8.56 16.25
N ASP F 320 31.11 -7.48 16.88
CA ASP F 320 32.00 -6.46 17.43
C ASP F 320 32.80 -6.97 18.63
N ALA F 321 32.35 -8.04 19.28
CA ALA F 321 33.14 -8.68 20.32
C ALA F 321 34.26 -9.55 19.76
N GLY F 322 34.26 -9.82 18.47
CA GLY F 322 35.31 -10.58 17.84
C GLY F 322 34.97 -12.02 17.52
N VAL F 323 33.71 -12.33 17.26
CA VAL F 323 33.32 -13.71 17.01
C VAL F 323 33.70 -14.09 15.59
N ASP F 324 33.85 -15.41 15.36
CA ASP F 324 34.26 -15.92 14.06
C ASP F 324 33.13 -16.56 13.27
N ALA F 325 32.04 -16.96 13.93
CA ALA F 325 30.87 -17.48 13.25
C ALA F 325 29.67 -17.27 14.16
N LEU F 326 28.49 -17.31 13.57
CA LEU F 326 27.25 -17.16 14.32
C LEU F 326 26.42 -18.43 14.19
N ARG F 327 25.47 -18.58 15.12
CA ARG F 327 24.63 -19.77 15.21
C ARG F 327 23.20 -19.27 15.30
N VAL F 328 22.44 -19.40 14.21
CA VAL F 328 21.18 -18.70 14.05
C VAL F 328 20.01 -19.62 14.35
N GLY F 329 19.13 -19.20 15.26
CA GLY F 329 17.91 -19.91 15.54
C GLY F 329 17.56 -20.02 17.01
N MET F 330 16.37 -19.55 17.35
CA MET F 330 15.86 -19.59 18.72
C MET F 330 14.37 -19.87 18.67
N GLY F 331 13.96 -21.01 19.22
CA GLY F 331 12.56 -21.35 19.28
C GLY F 331 12.04 -22.19 18.13
N SER F 332 12.93 -22.74 17.30
CA SER F 332 12.51 -23.49 16.12
C SER F 332 12.96 -24.94 16.14
N GLY F 333 13.56 -25.40 17.24
CA GLY F 333 13.93 -26.80 17.33
C GLY F 333 12.72 -27.70 17.50
N SER F 334 12.91 -28.97 17.13
CA SER F 334 11.83 -29.94 17.23
C SER F 334 11.58 -30.34 18.69
N ILE F 335 12.61 -30.26 19.53
CA ILE F 335 12.48 -30.53 20.96
C ILE F 335 12.43 -29.23 21.76
N CYS F 336 11.95 -28.15 21.17
CA CYS F 336 12.07 -26.82 21.74
C CYS F 336 10.70 -26.29 22.10
N ILE F 337 10.55 -25.82 23.34
CA ILE F 337 9.34 -25.16 23.80
C ILE F 337 9.67 -23.77 24.34
N THR F 338 10.70 -23.13 23.78
CA THR F 338 11.06 -21.78 24.20
C THR F 338 9.99 -20.77 23.82
N GLN F 339 9.41 -20.91 22.62
CA GLN F 339 8.36 -19.99 22.20
C GLN F 339 7.06 -20.21 22.95
N GLU F 340 6.87 -21.39 23.54
CA GLU F 340 5.63 -21.71 24.24
C GLU F 340 5.78 -21.65 25.75
N VAL F 341 6.96 -21.32 26.27
CA VAL F 341 7.17 -21.08 27.69
C VAL F 341 7.74 -19.69 27.94
N LEU F 342 8.75 -19.30 27.17
CA LEU F 342 9.42 -18.02 27.35
C LEU F 342 8.99 -16.98 26.33
N ALA F 343 8.11 -17.34 25.38
CA ALA F 343 7.42 -16.43 24.46
C ALA F 343 8.37 -15.63 23.58
N CYS F 344 9.49 -16.22 23.17
CA CYS F 344 10.55 -15.45 22.56
C CYS F 344 11.19 -16.25 21.45
N GLY F 345 11.82 -15.55 20.52
CA GLY F 345 12.39 -16.13 19.31
C GLY F 345 11.85 -15.45 18.08
N ARG F 346 12.05 -16.09 16.93
CA ARG F 346 11.43 -15.68 15.68
C ARG F 346 11.45 -16.88 14.75
N PRO F 347 10.63 -16.87 13.67
CA PRO F 347 10.68 -17.96 12.70
C PRO F 347 12.04 -18.09 12.03
N GLN F 348 12.36 -19.33 11.63
CA GLN F 348 13.74 -19.73 11.36
C GLN F 348 14.27 -19.15 10.06
N ALA F 349 13.46 -19.14 8.99
CA ALA F 349 13.94 -18.68 7.70
C ALA F 349 14.20 -17.18 7.70
N THR F 350 13.32 -16.41 8.33
CA THR F 350 13.53 -14.98 8.50
C THR F 350 14.75 -14.70 9.37
N ALA F 351 14.96 -15.53 10.40
CA ALA F 351 16.14 -15.40 11.26
C ALA F 351 17.43 -15.62 10.48
N VAL F 352 17.46 -16.66 9.67
CA VAL F 352 18.65 -16.98 8.87
C VAL F 352 18.94 -15.86 7.88
N TYR F 353 17.90 -15.34 7.22
CA TYR F 353 18.12 -14.26 6.26
C TYR F 353 18.57 -12.97 6.94
N LYS F 354 17.94 -12.59 8.05
CA LYS F 354 18.27 -11.32 8.68
C LYS F 354 19.63 -11.35 9.37
N VAL F 355 20.07 -12.51 9.87
CA VAL F 355 21.40 -12.52 10.45
C VAL F 355 22.45 -12.71 9.36
N SER F 356 22.14 -13.43 8.27
CA SER F 356 23.11 -13.62 7.21
C SER F 356 23.38 -12.33 6.44
N GLU F 357 22.33 -11.54 6.20
CA GLU F 357 22.48 -10.28 5.48
C GLU F 357 23.27 -9.26 6.29
N TYR F 358 23.24 -9.37 7.62
CA TYR F 358 24.09 -8.50 8.43
C TYR F 358 25.51 -9.05 8.54
N ALA F 359 25.64 -10.38 8.66
CA ALA F 359 26.95 -10.97 8.92
C ALA F 359 27.81 -11.08 7.67
N ARG F 360 27.22 -10.92 6.48
CA ARG F 360 28.05 -10.86 5.29
C ARG F 360 28.74 -9.52 5.12
N ARG F 361 28.34 -8.50 5.89
CA ARG F 361 29.00 -7.20 5.84
C ARG F 361 30.40 -7.27 6.41
N PHE F 362 30.64 -8.20 7.33
CA PHE F 362 31.90 -8.32 8.03
C PHE F 362 32.64 -9.61 7.70
N GLY F 363 32.12 -10.42 6.78
CA GLY F 363 32.76 -11.67 6.43
C GLY F 363 32.67 -12.73 7.50
N VAL F 364 31.50 -12.90 8.10
CA VAL F 364 31.28 -13.83 9.20
C VAL F 364 30.22 -14.83 8.75
N PRO F 365 30.54 -16.13 8.67
CA PRO F 365 29.52 -17.12 8.32
C PRO F 365 28.55 -17.33 9.47
N VAL F 366 27.36 -17.82 9.14
CA VAL F 366 26.38 -18.17 10.17
C VAL F 366 26.04 -19.65 10.02
N ILE F 367 25.44 -20.19 11.08
CA ILE F 367 25.08 -21.61 11.15
C ILE F 367 23.61 -21.69 11.49
N ALA F 368 22.82 -22.27 10.59
CA ALA F 368 21.39 -22.42 10.81
C ALA F 368 21.13 -23.70 11.61
N ASP F 369 20.64 -23.57 12.83
CA ASP F 369 20.14 -24.72 13.57
C ASP F 369 18.66 -24.54 13.92
N GLY F 370 17.97 -25.66 14.01
CA GLY F 370 16.55 -25.65 14.31
C GLY F 370 15.70 -25.59 13.06
N GLY F 371 14.60 -26.34 13.09
CA GLY F 371 13.64 -26.33 12.01
C GLY F 371 13.95 -27.25 10.85
N ILE F 372 15.12 -27.85 10.81
CA ILE F 372 15.50 -28.72 9.69
C ILE F 372 14.83 -30.08 9.86
N GLN F 373 14.00 -30.45 8.88
CA GLN F 373 13.27 -31.70 8.91
C GLN F 373 13.63 -32.63 7.76
N ASN F 374 14.14 -32.10 6.66
CA ASN F 374 14.42 -32.89 5.47
C ASN F 374 15.51 -32.19 4.66
N VAL F 375 15.71 -32.64 3.41
CA VAL F 375 16.78 -32.09 2.59
C VAL F 375 16.38 -30.73 2.05
N GLY F 376 15.08 -30.52 1.82
CA GLY F 376 14.61 -29.25 1.29
C GLY F 376 14.82 -28.09 2.24
N HIS F 377 14.69 -28.33 3.55
CA HIS F 377 14.96 -27.28 4.52
C HIS F 377 16.44 -26.94 4.55
N ILE F 378 17.32 -27.92 4.34
CA ILE F 378 18.75 -27.66 4.25
C ILE F 378 19.05 -26.80 3.02
N ALA F 379 18.43 -27.13 1.89
CA ALA F 379 18.65 -26.37 0.67
C ALA F 379 18.13 -24.94 0.78
N LYS F 380 16.96 -24.75 1.42
CA LYS F 380 16.45 -23.40 1.63
C LYS F 380 17.30 -22.61 2.61
N ALA F 381 17.83 -23.27 3.65
CA ALA F 381 18.68 -22.58 4.62
C ALA F 381 19.99 -22.16 3.98
N LEU F 382 20.56 -23.01 3.12
CA LEU F 382 21.78 -22.63 2.41
C LEU F 382 21.51 -21.56 1.36
N ALA F 383 20.31 -21.53 0.79
CA ALA F 383 19.99 -20.50 -0.18
C ALA F 383 19.62 -19.17 0.45
N LEU F 384 19.31 -19.13 1.75
CA LEU F 384 19.00 -17.87 2.41
C LEU F 384 20.21 -17.19 3.04
N GLY F 385 21.39 -17.78 2.94
CA GLY F 385 22.57 -17.09 3.42
C GLY F 385 23.38 -17.84 4.45
N ALA F 386 22.85 -18.94 4.97
CA ALA F 386 23.60 -19.74 5.92
C ALA F 386 24.72 -20.50 5.21
N SER F 387 25.91 -20.47 5.78
CA SER F 387 27.03 -21.18 5.18
C SER F 387 26.98 -22.66 5.49
N THR F 388 26.71 -23.02 6.74
CA THR F 388 26.53 -24.41 7.14
C THR F 388 25.21 -24.57 7.86
N VAL F 389 24.75 -25.81 7.95
CA VAL F 389 23.46 -26.16 8.53
C VAL F 389 23.69 -27.16 9.65
N MET F 390 23.12 -26.87 10.83
CA MET F 390 23.28 -27.72 12.00
C MET F 390 22.01 -28.54 12.23
N MET F 391 22.18 -29.84 12.46
CA MET F 391 21.07 -30.78 12.54
C MET F 391 21.21 -31.60 13.81
N GLY F 392 20.19 -31.56 14.65
CA GLY F 392 20.16 -32.45 15.80
C GLY F 392 19.17 -33.61 15.65
N SER F 393 17.97 -33.32 15.15
CA SER F 393 16.95 -34.35 15.09
C SER F 393 17.03 -35.19 13.83
N LEU F 394 17.51 -34.62 12.72
CA LEU F 394 17.66 -35.38 11.50
C LEU F 394 18.86 -36.31 11.56
N LEU F 395 19.79 -36.07 12.49
CA LEU F 395 20.91 -36.97 12.73
C LEU F 395 20.76 -37.81 13.98
N ALA F 396 19.71 -37.59 14.76
CA ALA F 396 19.44 -38.44 15.90
C ALA F 396 18.89 -39.79 15.44
N ALA F 397 19.03 -40.78 16.33
CA ALA F 397 18.71 -42.20 16.08
C ALA F 397 19.44 -42.75 14.87
N THR F 398 20.65 -42.26 14.63
CA THR F 398 21.56 -42.86 13.68
C THR F 398 22.40 -43.89 14.45
N THR F 399 23.20 -44.68 13.73
CA THR F 399 24.01 -45.71 14.39
C THR F 399 25.09 -45.08 15.25
N GLU F 400 25.67 -43.96 14.81
CA GLU F 400 26.75 -43.33 15.55
C GLU F 400 26.28 -42.42 16.67
N ALA F 401 24.98 -42.15 16.78
CA ALA F 401 24.48 -41.32 17.86
C ALA F 401 24.53 -42.09 19.18
N PRO F 402 24.85 -41.42 20.29
CA PRO F 402 24.96 -42.13 21.56
C PRO F 402 23.60 -42.57 22.09
N GLY F 403 23.63 -43.65 22.84
CA GLY F 403 22.42 -44.28 23.36
C GLY F 403 22.24 -45.68 22.78
N GLU F 404 21.13 -46.30 23.15
CA GLU F 404 20.81 -47.63 22.69
C GLU F 404 19.35 -47.68 22.25
N TYR F 405 19.06 -48.61 21.35
CA TYR F 405 17.75 -48.74 20.76
C TYR F 405 16.78 -49.44 21.70
N PHE F 406 15.49 -49.15 21.50
CA PHE F 406 14.42 -49.86 22.17
C PHE F 406 13.20 -49.82 21.26
N PHE F 407 12.09 -50.37 21.73
CA PHE F 407 10.90 -50.52 20.91
C PHE F 407 9.69 -49.91 21.60
N SER F 408 8.79 -49.35 20.79
CA SER F 408 7.55 -48.77 21.27
C SER F 408 6.52 -48.87 20.15
N ASP F 409 5.44 -49.62 20.41
CA ASP F 409 4.40 -49.96 19.44
C ASP F 409 4.99 -50.63 18.20
N GLY F 410 5.98 -51.50 18.43
CA GLY F 410 6.63 -52.22 17.34
C GLY F 410 7.48 -51.37 16.43
N ILE F 411 8.05 -50.28 16.94
CA ILE F 411 8.85 -49.36 16.13
C ILE F 411 10.20 -49.18 16.81
N ARG F 412 11.27 -49.46 16.06
CA ARG F 412 12.64 -49.29 16.55
C ARG F 412 12.99 -47.82 16.57
N LEU F 413 13.30 -47.29 17.75
CA LEU F 413 13.56 -45.87 17.89
C LEU F 413 14.48 -45.60 19.07
N LYS F 414 15.28 -44.55 18.95
CA LYS F 414 16.27 -44.15 19.94
C LYS F 414 15.79 -42.88 20.66
N LYS F 415 16.12 -42.79 21.95
CA LYS F 415 15.74 -41.64 22.76
C LYS F 415 16.47 -40.39 22.32
N TYR F 416 15.76 -39.25 22.35
CA TYR F 416 16.29 -37.98 21.89
C TYR F 416 15.65 -36.86 22.70
N ARG F 417 16.41 -36.23 23.58
CA ARG F 417 15.91 -35.16 24.43
C ARG F 417 16.70 -33.88 24.22
N GLY F 418 16.07 -32.76 24.51
CA GLY F 418 16.72 -31.48 24.43
C GLY F 418 17.58 -31.20 25.65
N MET F 419 18.43 -30.18 25.51
CA MET F 419 19.34 -29.84 26.59
C MET F 419 18.63 -29.11 27.72
N GLY F 420 17.55 -28.41 27.42
CA GLY F 420 16.78 -27.72 28.45
C GLY F 420 15.74 -28.57 29.13
N SER F 421 15.54 -29.80 28.65
CA SER F 421 14.60 -30.71 29.28
C SER F 421 15.09 -31.10 30.67
N LEU F 422 14.15 -31.30 31.59
CA LEU F 422 14.49 -31.61 32.98
C LEU F 422 15.10 -32.99 33.15
N ASP F 423 14.94 -33.88 32.18
CA ASP F 423 15.64 -35.15 32.20
C ASP F 423 17.10 -35.01 31.79
N ALA F 424 17.49 -33.88 31.21
CA ALA F 424 18.88 -33.61 30.86
C ALA F 424 19.58 -32.66 31.81
N MET F 425 18.84 -31.97 32.67
CA MET F 425 19.45 -31.09 33.67
C MET F 425 19.87 -31.87 34.90
N ILE F 442 14.00 -23.15 41.51
CA ILE F 442 13.14 -23.87 40.59
C ILE F 442 13.67 -23.76 39.15
N LYS F 443 13.72 -24.90 38.47
CA LYS F 443 14.24 -24.97 37.11
C LYS F 443 13.08 -24.99 36.11
N VAL F 444 13.13 -24.08 35.15
CA VAL F 444 12.16 -24.06 34.06
C VAL F 444 12.70 -24.91 32.91
N ALA F 445 11.81 -25.65 32.27
CA ALA F 445 12.19 -26.53 31.17
C ALA F 445 12.02 -25.82 29.84
N GLN F 446 13.08 -25.83 29.03
CA GLN F 446 13.01 -25.32 27.66
C GLN F 446 13.05 -26.45 26.64
N GLY F 447 12.83 -27.68 27.06
CA GLY F 447 12.91 -28.81 26.14
C GLY F 447 12.04 -29.96 26.57
N VAL F 448 11.76 -30.84 25.62
CA VAL F 448 11.01 -32.05 25.86
C VAL F 448 11.96 -33.24 25.70
N SER F 449 11.49 -34.41 26.11
CA SER F 449 12.30 -35.63 26.09
C SER F 449 11.55 -36.68 25.29
N GLY F 450 11.86 -36.76 24.00
CA GLY F 450 11.14 -37.65 23.12
C GLY F 450 11.99 -38.72 22.50
N ALA F 451 11.56 -39.22 21.34
CA ALA F 451 12.28 -40.26 20.63
C ALA F 451 11.95 -40.16 19.14
N VAL F 452 12.88 -40.61 18.31
CA VAL F 452 12.75 -40.52 16.87
C VAL F 452 13.22 -41.84 16.27
N GLN F 453 12.64 -42.19 15.11
CA GLN F 453 12.85 -43.50 14.49
C GLN F 453 14.26 -43.62 13.92
N ASP F 454 14.69 -44.88 13.78
CA ASP F 454 16.03 -45.21 13.30
C ASP F 454 16.25 -44.76 11.86
N LYS F 455 17.46 -44.27 11.57
CA LYS F 455 17.83 -43.80 10.25
C LYS F 455 19.05 -44.53 9.70
N GLY F 456 19.41 -45.66 10.28
CA GLY F 456 20.51 -46.44 9.77
C GLY F 456 21.86 -45.88 10.19
N SER F 457 22.84 -46.03 9.30
CA SER F 457 24.17 -45.49 9.50
C SER F 457 24.28 -44.12 8.87
N ILE F 458 25.37 -43.41 9.18
CA ILE F 458 25.51 -42.04 8.73
C ILE F 458 26.46 -41.91 7.53
N HIS F 459 27.22 -42.96 7.21
CA HIS F 459 27.94 -42.99 5.95
C HIS F 459 27.03 -43.34 4.78
N LYS F 460 25.81 -43.76 5.07
CA LYS F 460 24.78 -43.98 4.08
C LYS F 460 23.76 -42.84 4.01
N PHE F 461 23.71 -42.00 5.03
CA PHE F 461 22.72 -40.94 5.16
C PHE F 461 23.24 -39.57 4.75
N VAL F 462 24.46 -39.22 5.13
CA VAL F 462 25.07 -37.95 4.72
C VAL F 462 25.34 -37.88 3.21
N PRO F 463 25.81 -38.93 2.50
CA PRO F 463 25.84 -38.82 1.03
C PRO F 463 24.49 -38.65 0.37
N TYR F 464 23.41 -39.13 0.99
CA TYR F 464 22.07 -38.82 0.49
C TYR F 464 21.76 -37.34 0.62
N LEU F 465 22.14 -36.73 1.75
CA LEU F 465 21.96 -35.29 1.91
C LEU F 465 22.82 -34.51 0.92
N ILE F 466 24.02 -35.00 0.64
CA ILE F 466 24.92 -34.39 -0.33
C ILE F 466 24.30 -34.40 -1.72
N ALA F 467 23.78 -35.57 -2.13
CA ALA F 467 23.15 -35.67 -3.44
C ALA F 467 21.86 -34.86 -3.53
N GLY F 468 21.13 -34.74 -2.43
CA GLY F 468 19.94 -33.91 -2.43
C GLY F 468 20.25 -32.42 -2.56
N ILE F 469 21.28 -31.95 -1.86
CA ILE F 469 21.71 -30.57 -1.98
C ILE F 469 22.26 -30.29 -3.39
N GLN F 470 22.95 -31.27 -3.98
CA GLN F 470 23.47 -31.09 -5.34
C GLN F 470 22.35 -31.05 -6.37
N HIS F 471 21.32 -31.89 -6.23
CA HIS F 471 20.20 -31.82 -7.16
C HIS F 471 19.37 -30.55 -6.96
N SER F 472 19.29 -30.06 -5.72
CA SER F 472 18.57 -28.80 -5.49
C SER F 472 19.34 -27.61 -6.04
N CYS F 473 20.68 -27.62 -5.94
CA CYS F 473 21.48 -26.58 -6.58
C CYS F 473 21.51 -26.72 -8.09
N GLN F 474 21.22 -27.91 -8.62
CA GLN F 474 21.06 -28.04 -10.05
C GLN F 474 19.75 -27.40 -10.51
N ASP F 475 18.65 -27.65 -9.78
CA ASP F 475 17.38 -27.04 -10.17
C ASP F 475 17.36 -25.54 -9.93
N ILE F 476 18.10 -25.04 -8.93
CA ILE F 476 18.31 -23.61 -8.81
C ILE F 476 19.06 -23.08 -10.02
N GLY F 477 20.09 -23.79 -10.45
CA GLY F 477 20.88 -23.40 -11.59
C GLY F 477 22.28 -22.88 -11.28
N ALA F 478 22.84 -23.24 -10.13
CA ALA F 478 24.15 -22.74 -9.71
C ALA F 478 25.08 -23.91 -9.41
N LYS F 479 26.34 -23.77 -9.81
CA LYS F 479 27.31 -24.84 -9.68
C LYS F 479 27.95 -24.90 -8.31
N SER F 480 27.63 -23.99 -7.40
CA SER F 480 28.22 -23.98 -6.07
C SER F 480 27.31 -23.21 -5.14
N LEU F 481 27.49 -23.45 -3.83
CA LEU F 481 26.73 -22.72 -2.82
C LEU F 481 27.09 -21.25 -2.79
N THR F 482 28.35 -20.92 -3.09
CA THR F 482 28.75 -19.53 -3.21
C THR F 482 28.00 -18.87 -4.37
N GLN F 483 27.79 -19.61 -5.45
CA GLN F 483 27.01 -19.07 -6.55
C GLN F 483 25.53 -18.98 -6.20
N VAL F 484 25.02 -19.88 -5.35
CA VAL F 484 23.64 -19.80 -4.88
C VAL F 484 23.42 -18.52 -4.08
N ARG F 485 24.30 -18.26 -3.11
CA ARG F 485 24.16 -17.04 -2.32
C ARG F 485 24.47 -15.79 -3.13
N ALA F 486 25.36 -15.88 -4.12
CA ALA F 486 25.64 -14.73 -4.97
C ALA F 486 24.46 -14.40 -5.88
N MET F 487 23.78 -15.42 -6.39
CA MET F 487 22.53 -15.21 -7.13
C MET F 487 21.42 -14.69 -6.23
N MET F 488 21.44 -15.07 -4.95
CA MET F 488 20.39 -14.62 -4.05
C MET F 488 20.56 -13.15 -3.68
N TYR F 489 21.79 -12.74 -3.32
CA TYR F 489 21.98 -11.34 -2.93
C TYR F 489 21.97 -10.39 -4.12
N SER F 490 22.22 -10.88 -5.34
CA SER F 490 22.17 -10.02 -6.51
C SER F 490 20.77 -9.82 -7.04
N GLY F 491 19.78 -10.55 -6.53
CA GLY F 491 18.43 -10.47 -7.03
C GLY F 491 18.12 -11.38 -8.20
N GLU F 492 19.09 -12.21 -8.62
CA GLU F 492 18.85 -13.11 -9.74
C GLU F 492 18.06 -14.34 -9.31
N LEU F 493 18.34 -14.86 -8.11
CA LEU F 493 17.63 -16.03 -7.60
C LEU F 493 16.36 -15.54 -6.91
N LYS F 494 15.22 -16.05 -7.36
CA LYS F 494 13.93 -15.54 -6.94
C LYS F 494 13.11 -16.57 -6.18
N PHE F 495 12.20 -16.08 -5.35
CA PHE F 495 11.43 -16.87 -4.42
C PHE F 495 9.94 -16.67 -4.68
N GLU F 496 9.12 -17.41 -3.94
CA GLU F 496 7.66 -17.32 -4.06
C GLU F 496 7.04 -17.76 -2.75
N LYS F 497 6.14 -16.93 -2.20
CA LYS F 497 5.47 -17.27 -0.96
C LYS F 497 4.45 -18.37 -1.21
N ARG F 498 4.19 -19.19 -0.19
CA ARG F 498 3.37 -20.37 -0.35
C ARG F 498 2.30 -20.41 0.73
N THR F 499 1.04 -20.58 0.32
CA THR F 499 -0.09 -20.60 1.25
C THR F 499 -0.20 -21.97 1.91
N SER F 500 -1.23 -22.15 2.74
CA SER F 500 -1.37 -23.40 3.49
C SER F 500 -1.85 -24.56 2.62
N SER F 501 -2.80 -24.31 1.73
CA SER F 501 -3.26 -25.36 0.83
C SER F 501 -2.28 -25.63 -0.31
N ALA F 502 -1.37 -24.69 -0.58
CA ALA F 502 -0.22 -24.99 -1.43
C ALA F 502 0.92 -25.66 -0.68
N GLN F 503 0.90 -25.64 0.65
CA GLN F 503 1.74 -26.54 1.43
C GLN F 503 1.16 -27.94 1.48
N VAL F 504 -0.16 -28.05 1.39
CA VAL F 504 -0.81 -29.36 1.35
C VAL F 504 -0.48 -30.08 0.04
N GLU F 505 -0.49 -29.36 -1.09
CA GLU F 505 -0.17 -30.01 -2.35
C GLU F 505 1.33 -30.22 -2.52
N GLY F 506 2.16 -29.55 -1.72
CA GLY F 506 3.59 -29.69 -1.86
C GLY F 506 4.12 -31.02 -1.36
N GLY F 507 3.43 -31.61 -0.39
CA GLY F 507 3.73 -32.95 0.08
C GLY F 507 3.02 -34.00 -0.73
N VAL F 508 2.62 -35.08 -0.05
CA VAL F 508 1.90 -36.17 -0.67
C VAL F 508 0.43 -36.03 -0.32
N HIS F 509 -0.43 -36.11 -1.34
CA HIS F 509 -1.88 -36.05 -1.16
C HIS F 509 -2.52 -37.04 -2.12
N SER F 510 -3.85 -37.11 -2.07
CA SER F 510 -4.69 -37.82 -3.04
C SER F 510 -4.38 -39.32 -3.15
N LEU F 511 -3.83 -39.90 -2.09
CA LEU F 511 -3.51 -41.32 -2.06
C LEU F 511 -4.14 -41.97 -0.84
N HIS F 512 -4.32 -43.29 -0.92
CA HIS F 512 -4.81 -44.03 0.23
C HIS F 512 -3.71 -44.25 1.25
N SER F 513 -2.57 -44.78 0.82
CA SER F 513 -1.43 -45.02 1.68
C SER F 513 -0.20 -45.19 0.80
N TYR F 514 0.92 -44.60 1.22
CA TYR F 514 2.13 -44.61 0.41
C TYR F 514 3.30 -45.15 1.23
N GLU F 515 4.31 -45.65 0.51
CA GLU F 515 5.51 -46.26 1.07
C GLU F 515 6.69 -45.40 0.59
N LYS F 516 7.04 -44.41 1.39
CA LYS F 516 8.10 -43.47 1.03
C LYS F 516 9.46 -44.04 1.41
N ARG F 517 10.35 -44.14 0.41
CA ARG F 517 11.72 -44.60 0.63
C ARG F 517 12.63 -43.50 0.07
N LEU F 518 13.30 -42.79 0.98
CA LEU F 518 14.14 -41.67 0.55
C LEU F 518 15.42 -42.16 -0.09
N PHE F 519 16.03 -43.19 0.50
CA PHE F 519 17.31 -43.72 0.03
C PHE F 519 17.38 -45.21 0.30
N MET G 6 -30.75 7.67 -29.57
CA MET G 6 -30.80 8.56 -28.42
C MET G 6 -29.92 8.06 -27.27
N ALA G 7 -30.16 8.58 -26.06
CA ALA G 7 -29.23 8.43 -24.94
C ALA G 7 -29.17 7.02 -24.38
N ASP G 8 -30.08 6.12 -24.76
CA ASP G 8 -29.96 4.73 -24.33
C ASP G 8 -28.79 4.02 -24.97
N TYR G 9 -28.32 4.52 -26.11
CA TYR G 9 -27.19 3.95 -26.83
C TYR G 9 -25.97 4.86 -26.89
N LEU G 10 -26.18 6.18 -26.92
CA LEU G 10 -25.09 7.11 -27.18
C LEU G 10 -24.17 7.34 -26.00
N ILE G 11 -24.53 6.89 -24.79
CA ILE G 11 -23.67 7.17 -23.63
C ILE G 11 -22.54 6.16 -23.55
N SER G 12 -22.87 4.87 -23.43
CA SER G 12 -21.87 3.83 -23.21
C SER G 12 -21.72 2.90 -24.40
N GLY G 13 -22.33 3.22 -25.54
CA GLY G 13 -22.16 2.41 -26.73
C GLY G 13 -22.94 1.12 -26.73
N GLY G 14 -24.06 1.07 -26.00
CA GLY G 14 -24.92 -0.09 -25.99
C GLY G 14 -24.58 -1.13 -24.94
N THR G 15 -23.33 -1.19 -24.51
CA THR G 15 -22.94 -2.13 -23.47
C THR G 15 -23.54 -1.71 -22.13
N SER G 16 -24.00 -2.70 -21.36
CA SER G 16 -24.72 -2.43 -20.13
C SER G 16 -23.75 -1.99 -19.03
N TYR G 17 -24.30 -1.76 -17.83
CA TYR G 17 -23.52 -1.21 -16.73
C TYR G 17 -22.54 -2.23 -16.18
N VAL G 18 -23.03 -3.38 -15.71
CA VAL G 18 -22.25 -4.51 -15.20
C VAL G 18 -21.41 -4.07 -14.00
N PRO G 19 -22.00 -3.99 -12.80
CA PRO G 19 -21.28 -3.48 -11.61
C PRO G 19 -20.02 -4.26 -11.30
N ASP G 20 -18.92 -3.52 -11.15
CA ASP G 20 -17.61 -4.12 -10.98
C ASP G 20 -17.48 -4.73 -9.60
N ASP G 21 -17.24 -6.04 -9.54
CA ASP G 21 -17.17 -6.75 -8.27
C ASP G 21 -16.31 -7.99 -8.45
N GLY G 22 -15.20 -8.05 -7.73
CA GLY G 22 -14.26 -9.14 -7.85
C GLY G 22 -12.93 -8.67 -8.40
N LEU G 23 -12.02 -9.62 -8.58
CA LEU G 23 -10.67 -9.36 -9.06
C LEU G 23 -10.44 -10.11 -10.36
N THR G 24 -9.76 -9.46 -11.29
CA THR G 24 -9.34 -10.13 -12.50
C THR G 24 -8.15 -11.05 -12.23
N ALA G 25 -7.76 -11.81 -13.24
CA ALA G 25 -6.64 -12.73 -13.06
C ALA G 25 -5.32 -11.99 -12.97
N GLN G 26 -5.23 -10.83 -13.61
CA GLN G 26 -4.02 -10.02 -13.48
C GLN G 26 -3.92 -9.35 -12.12
N GLN G 27 -5.07 -9.01 -11.51
CA GLN G 27 -5.06 -8.41 -10.20
C GLN G 27 -4.92 -9.43 -9.08
N LEU G 28 -5.11 -10.72 -9.38
CA LEU G 28 -5.05 -11.77 -8.38
C LEU G 28 -3.69 -12.44 -8.28
N PHE G 29 -3.05 -12.70 -9.41
CA PHE G 29 -1.79 -13.44 -9.45
C PHE G 29 -0.57 -12.54 -9.56
N ASN G 30 -0.74 -11.22 -9.40
CA ASN G 30 0.37 -10.29 -9.33
C ASN G 30 0.46 -9.65 -7.95
N CYS G 31 -0.13 -10.27 -6.95
CA CYS G 31 0.00 -9.83 -5.57
C CYS G 31 1.29 -10.32 -4.92
N GLY G 32 2.06 -11.16 -5.61
CA GLY G 32 3.26 -11.75 -5.08
C GLY G 32 3.06 -13.04 -4.33
N ASP G 33 1.87 -13.26 -3.78
CA ASP G 33 1.57 -14.47 -3.04
C ASP G 33 1.23 -15.60 -4.01
N GLY G 34 1.70 -16.80 -3.67
CA GLY G 34 1.53 -17.95 -4.55
C GLY G 34 0.29 -18.77 -4.26
N LEU G 35 -0.63 -18.80 -5.21
CA LEU G 35 -1.93 -19.44 -5.01
C LEU G 35 -1.96 -20.78 -5.73
N THR G 36 -2.60 -21.76 -5.11
CA THR G 36 -2.89 -23.02 -5.76
C THR G 36 -4.36 -23.06 -6.15
N TYR G 37 -4.84 -24.23 -6.58
CA TYR G 37 -6.21 -24.37 -7.08
C TYR G 37 -7.24 -24.14 -5.99
N ASN G 38 -6.94 -24.54 -4.76
CA ASN G 38 -7.90 -24.42 -3.66
C ASN G 38 -7.89 -23.05 -3.00
N ASP G 39 -7.08 -22.11 -3.48
CA ASP G 39 -6.96 -20.81 -2.84
C ASP G 39 -7.83 -19.74 -3.48
N PHE G 40 -8.57 -20.08 -4.53
CA PHE G 40 -9.42 -19.10 -5.19
C PHE G 40 -10.63 -19.83 -5.77
N LEU G 41 -11.49 -19.06 -6.42
CA LEU G 41 -12.66 -19.56 -7.13
C LEU G 41 -13.11 -18.52 -8.14
N ILE G 42 -13.94 -18.97 -9.09
CA ILE G 42 -14.35 -18.16 -10.23
C ILE G 42 -15.71 -17.56 -9.91
N LEU G 43 -15.86 -16.25 -10.14
CA LEU G 43 -17.16 -15.63 -9.94
C LEU G 43 -18.07 -15.89 -11.15
N PRO G 44 -19.32 -16.23 -10.91
CA PRO G 44 -20.23 -16.56 -12.02
C PRO G 44 -20.73 -15.34 -12.77
N GLY G 45 -21.36 -15.61 -13.91
CA GLY G 45 -21.85 -14.58 -14.80
C GLY G 45 -23.24 -14.82 -15.34
N TYR G 46 -23.43 -14.63 -16.64
CA TYR G 46 -24.75 -14.64 -17.27
C TYR G 46 -24.91 -15.87 -18.15
N ILE G 47 -26.09 -16.50 -18.08
CA ILE G 47 -26.39 -17.69 -18.86
C ILE G 47 -27.44 -17.34 -19.90
N ASP G 48 -27.14 -17.65 -21.17
CA ASP G 48 -28.15 -17.66 -22.22
C ASP G 48 -28.02 -18.90 -23.09
N PHE G 49 -27.64 -20.03 -22.50
CA PHE G 49 -27.36 -21.26 -23.25
C PHE G 49 -27.41 -22.43 -22.29
N THR G 50 -27.79 -23.59 -22.82
CA THR G 50 -27.78 -24.81 -22.03
C THR G 50 -26.36 -25.38 -21.96
N ALA G 51 -26.18 -26.35 -21.06
CA ALA G 51 -24.85 -26.89 -20.81
C ALA G 51 -24.36 -27.83 -21.91
N ASP G 52 -25.27 -28.46 -22.65
CA ASP G 52 -24.87 -29.45 -23.64
C ASP G 52 -24.30 -28.84 -24.91
N GLN G 53 -24.47 -27.54 -25.12
CA GLN G 53 -23.92 -26.85 -26.30
C GLN G 53 -22.69 -26.02 -25.94
N VAL G 54 -21.91 -26.48 -24.99
CA VAL G 54 -20.63 -25.86 -24.64
C VAL G 54 -19.54 -26.61 -25.39
N ASP G 55 -18.86 -25.90 -26.29
CA ASP G 55 -17.83 -26.50 -27.13
C ASP G 55 -16.53 -26.63 -26.35
N LEU G 56 -15.92 -27.81 -26.38
CA LEU G 56 -14.72 -28.10 -25.60
C LEU G 56 -13.48 -28.28 -26.47
N THR G 57 -13.46 -27.64 -27.64
CA THR G 57 -12.33 -27.81 -28.55
C THR G 57 -11.11 -27.08 -28.00
N SER G 58 -10.02 -27.82 -27.81
CA SER G 58 -8.80 -27.29 -27.24
C SER G 58 -7.61 -27.76 -28.05
N ALA G 59 -6.57 -26.93 -28.08
CA ALA G 59 -5.37 -27.21 -28.87
C ALA G 59 -4.33 -27.85 -27.98
N LEU G 60 -3.87 -29.04 -28.37
CA LEU G 60 -2.78 -29.69 -27.65
C LEU G 60 -1.46 -29.00 -27.93
N THR G 61 -1.05 -29.00 -29.20
CA THR G 61 0.13 -28.29 -29.67
C THR G 61 -0.32 -27.24 -30.68
N LYS G 62 0.65 -26.65 -31.37
CA LYS G 62 0.36 -25.61 -32.36
C LYS G 62 -0.34 -26.14 -33.60
N LYS G 63 -0.35 -27.46 -33.83
CA LYS G 63 -1.04 -28.03 -34.97
C LYS G 63 -1.95 -29.20 -34.63
N ILE G 64 -1.82 -29.81 -33.46
CA ILE G 64 -2.71 -30.88 -33.03
C ILE G 64 -3.88 -30.27 -32.28
N THR G 65 -5.10 -30.59 -32.70
CA THR G 65 -6.31 -30.06 -32.09
C THR G 65 -7.14 -31.22 -31.57
N LEU G 66 -7.46 -31.18 -30.27
CA LEU G 66 -8.27 -32.17 -29.61
C LEU G 66 -9.70 -31.68 -29.43
N LYS G 67 -10.60 -32.63 -29.15
CA LYS G 67 -12.00 -32.31 -28.93
C LYS G 67 -12.36 -32.18 -27.46
N THR G 68 -11.57 -32.76 -26.56
CA THR G 68 -11.74 -32.58 -25.13
C THR G 68 -10.40 -32.16 -24.53
N PRO G 69 -10.39 -31.25 -23.55
CA PRO G 69 -9.14 -30.76 -22.98
C PRO G 69 -8.58 -31.66 -21.88
N LEU G 70 -8.52 -32.95 -22.13
CA LEU G 70 -8.11 -33.93 -21.14
C LEU G 70 -7.06 -34.84 -21.76
N VAL G 71 -5.81 -34.62 -21.40
CA VAL G 71 -4.74 -35.51 -21.81
C VAL G 71 -4.31 -36.30 -20.58
N SER G 72 -3.59 -37.39 -20.81
CA SER G 72 -3.25 -38.32 -19.75
C SER G 72 -1.74 -38.45 -19.63
N SER G 73 -1.29 -38.74 -18.42
CA SER G 73 0.10 -38.55 -18.02
C SER G 73 0.97 -39.72 -18.46
N PRO G 74 2.20 -39.47 -18.91
CA PRO G 74 3.14 -40.54 -19.26
C PRO G 74 3.83 -41.16 -18.04
N MET G 75 3.09 -41.99 -17.32
CA MET G 75 3.58 -42.68 -16.15
C MET G 75 3.37 -44.17 -16.33
N ASP G 76 4.19 -44.96 -15.65
CA ASP G 76 4.14 -46.41 -15.85
C ASP G 76 2.94 -47.07 -15.19
N THR G 77 2.22 -46.36 -14.33
CA THR G 77 0.97 -46.87 -13.76
C THR G 77 -0.22 -46.02 -14.15
N VAL G 78 -0.09 -45.17 -15.17
CA VAL G 78 -1.21 -44.42 -15.72
C VAL G 78 -1.55 -44.88 -17.14
N THR G 79 -0.61 -44.72 -18.07
CA THR G 79 -0.89 -44.94 -19.49
C THR G 79 0.01 -45.99 -20.11
N GLU G 80 -0.61 -46.87 -20.89
CA GLU G 80 0.03 -47.71 -21.89
C GLU G 80 -0.90 -47.63 -23.10
N ALA G 81 -0.80 -48.59 -24.02
CA ALA G 81 -1.62 -48.52 -25.22
C ALA G 81 -3.11 -48.69 -24.95
N GLY G 82 -3.50 -49.33 -23.84
CA GLY G 82 -4.92 -49.40 -23.50
C GLY G 82 -5.48 -48.04 -23.15
N MET G 83 -4.77 -47.30 -22.30
CA MET G 83 -5.15 -45.92 -22.00
C MET G 83 -4.94 -44.99 -23.18
N ALA G 84 -3.95 -45.25 -24.02
CA ALA G 84 -3.75 -44.41 -25.20
C ALA G 84 -4.87 -44.59 -26.21
N ILE G 85 -5.46 -45.80 -26.29
CA ILE G 85 -6.66 -45.99 -27.09
C ILE G 85 -7.85 -45.32 -26.42
N ALA G 86 -8.05 -45.59 -25.13
CA ALA G 86 -9.30 -45.23 -24.47
C ALA G 86 -9.40 -43.73 -24.16
N MET G 87 -8.27 -43.04 -24.02
CA MET G 87 -8.32 -41.59 -23.92
C MET G 87 -8.52 -40.93 -25.27
N ALA G 88 -8.00 -41.54 -26.33
CA ALA G 88 -8.19 -40.98 -27.67
C ALA G 88 -9.63 -41.14 -28.13
N LEU G 89 -10.26 -42.27 -27.84
CA LEU G 89 -11.62 -42.50 -28.30
C LEU G 89 -12.64 -41.58 -27.64
N THR G 90 -12.36 -41.12 -26.42
CA THR G 90 -13.25 -40.21 -25.72
C THR G 90 -12.92 -38.74 -25.98
N GLY G 91 -11.98 -38.45 -26.87
CA GLY G 91 -11.68 -37.09 -27.29
C GLY G 91 -10.28 -36.61 -26.98
N GLY G 92 -9.63 -37.15 -25.97
CA GLY G 92 -8.32 -36.71 -25.55
C GLY G 92 -7.19 -37.36 -26.32
N ILE G 93 -6.05 -37.51 -25.64
CA ILE G 93 -4.88 -38.17 -26.21
C ILE G 93 -4.14 -38.82 -25.05
N GLY G 94 -3.33 -39.82 -25.36
CA GLY G 94 -2.54 -40.51 -24.36
C GLY G 94 -1.06 -40.40 -24.66
N PHE G 95 -0.27 -40.31 -23.59
CA PHE G 95 1.18 -40.29 -23.68
C PHE G 95 1.72 -41.55 -23.04
N ILE G 96 2.44 -42.36 -23.82
CA ILE G 96 2.94 -43.64 -23.34
C ILE G 96 4.29 -43.43 -22.69
N HIS G 97 4.47 -44.01 -21.50
CA HIS G 97 5.63 -43.76 -20.66
C HIS G 97 6.90 -44.35 -21.28
N HIS G 98 8.04 -43.93 -20.74
CA HIS G 98 9.34 -44.40 -21.19
C HIS G 98 10.08 -45.19 -20.12
N ASN G 99 9.36 -45.78 -19.17
CA ASN G 99 9.96 -46.64 -18.16
C ASN G 99 10.01 -48.09 -18.66
N CYS G 100 10.59 -48.28 -19.84
CA CYS G 100 10.60 -49.55 -20.53
C CYS G 100 11.64 -49.51 -21.62
N THR G 101 11.83 -50.65 -22.29
CA THR G 101 12.72 -50.70 -23.44
C THR G 101 12.08 -49.93 -24.61
N PRO G 102 12.91 -49.38 -25.52
CA PRO G 102 12.34 -48.64 -26.66
C PRO G 102 11.52 -49.49 -27.61
N GLU G 103 11.83 -50.79 -27.71
CA GLU G 103 11.03 -51.68 -28.54
C GLU G 103 9.65 -51.88 -27.94
N PHE G 104 9.56 -51.94 -26.61
CA PHE G 104 8.26 -52.06 -25.95
C PHE G 104 7.41 -50.81 -26.14
N GLN G 105 8.02 -49.64 -26.02
CA GLN G 105 7.27 -48.40 -26.18
C GLN G 105 6.84 -48.19 -27.63
N ALA G 106 7.70 -48.56 -28.58
CA ALA G 106 7.29 -48.54 -29.99
C ALA G 106 6.20 -49.55 -30.29
N ASN G 107 6.21 -50.69 -29.59
CA ASN G 107 5.14 -51.67 -29.72
C ASN G 107 3.82 -51.10 -29.20
N GLU G 108 3.86 -50.36 -28.09
CA GLU G 108 2.62 -49.77 -27.56
C GLU G 108 2.10 -48.67 -28.47
N VAL G 109 3.00 -47.89 -29.09
CA VAL G 109 2.59 -46.83 -30.00
C VAL G 109 2.01 -47.41 -31.29
N ARG G 110 2.60 -48.49 -31.81
CA ARG G 110 1.98 -49.11 -32.97
C ARG G 110 0.75 -49.94 -32.60
N LYS G 111 0.59 -50.27 -31.32
CA LYS G 111 -0.62 -50.96 -30.88
C LYS G 111 -1.81 -50.00 -30.83
N VAL G 112 -1.59 -48.78 -30.33
CA VAL G 112 -2.67 -47.79 -30.36
C VAL G 112 -2.88 -47.24 -31.78
N LYS G 113 -1.82 -47.18 -32.59
CA LYS G 113 -1.95 -46.58 -33.91
C LYS G 113 -2.65 -47.52 -34.89
N LYS G 114 -2.57 -48.83 -34.68
CA LYS G 114 -3.22 -49.82 -35.52
C LYS G 114 -4.63 -50.18 -34.98
N TYR G 115 -5.22 -49.33 -34.15
CA TYR G 115 -6.53 -49.62 -33.61
C TYR G 115 -7.63 -49.30 -34.62
N TYR G 238 -16.38 -42.24 -29.20
CA TYR G 238 -16.20 -42.44 -30.64
C TYR G 238 -16.88 -41.47 -31.65
N PRO G 239 -17.93 -40.69 -31.31
CA PRO G 239 -18.31 -39.61 -32.22
C PRO G 239 -17.26 -38.53 -32.38
N LEU G 240 -16.52 -38.23 -31.32
CA LEU G 240 -15.47 -37.21 -31.33
C LEU G 240 -14.20 -37.90 -30.81
N ALA G 241 -13.47 -38.51 -31.72
CA ALA G 241 -12.48 -39.53 -31.38
C ALA G 241 -11.03 -39.13 -31.64
N SER G 242 -10.78 -37.86 -32.01
CA SER G 242 -9.44 -37.25 -32.06
C SER G 242 -8.48 -37.99 -32.99
N LYS G 243 -8.81 -38.07 -34.27
CA LYS G 243 -8.05 -38.89 -35.20
C LYS G 243 -7.45 -38.03 -36.32
N ASP G 244 -6.33 -38.51 -36.87
CA ASP G 244 -5.53 -37.72 -37.79
C ASP G 244 -6.05 -37.83 -39.21
N ALA G 245 -5.24 -37.39 -40.18
CA ALA G 245 -5.66 -37.36 -41.58
C ALA G 245 -5.80 -38.76 -42.17
N LYS G 246 -5.07 -39.74 -41.64
CA LYS G 246 -5.18 -41.12 -42.09
C LYS G 246 -6.21 -41.91 -41.29
N LYS G 247 -7.07 -41.22 -40.53
CA LYS G 247 -8.17 -41.79 -39.73
C LYS G 247 -7.67 -42.80 -38.70
N GLN G 248 -6.44 -42.62 -38.23
CA GLN G 248 -5.87 -43.40 -37.14
C GLN G 248 -5.89 -42.58 -35.86
N LEU G 249 -5.85 -43.29 -34.72
CA LEU G 249 -5.95 -42.61 -33.44
C LEU G 249 -4.68 -41.84 -33.12
N LEU G 250 -4.86 -40.64 -32.56
CA LEU G 250 -3.74 -39.84 -32.09
C LEU G 250 -3.04 -40.51 -30.91
N CYS G 251 -1.72 -40.39 -30.88
CA CYS G 251 -0.95 -40.95 -29.78
C CYS G 251 0.24 -40.06 -29.47
N GLY G 252 0.69 -40.12 -28.22
CA GLY G 252 1.88 -39.44 -27.80
C GLY G 252 2.79 -40.38 -27.04
N ALA G 253 4.04 -39.98 -26.93
CA ALA G 253 5.02 -40.81 -26.24
C ALA G 253 6.04 -39.93 -25.56
N ALA G 254 6.52 -40.36 -24.40
CA ALA G 254 7.51 -39.62 -23.65
C ALA G 254 8.90 -40.14 -23.97
N ILE G 255 9.85 -39.22 -24.12
CA ILE G 255 11.27 -39.54 -24.26
C ILE G 255 12.04 -38.66 -23.29
N GLY G 256 13.23 -39.13 -22.91
CA GLY G 256 14.12 -38.33 -22.11
C GLY G 256 14.96 -37.41 -22.98
N THR G 257 15.94 -36.78 -22.34
CA THR G 257 16.83 -35.84 -23.03
C THR G 257 18.25 -36.35 -23.12
N HIS G 258 18.49 -37.62 -22.80
CA HIS G 258 19.81 -38.20 -22.89
C HIS G 258 20.11 -38.54 -24.36
N GLU G 259 21.39 -38.75 -24.66
CA GLU G 259 21.81 -39.04 -26.03
C GLU G 259 21.35 -40.41 -26.49
N ASP G 260 21.16 -41.35 -25.55
CA ASP G 260 20.66 -42.68 -25.91
C ASP G 260 19.19 -42.67 -26.32
N ASP G 261 18.47 -41.59 -26.05
CA ASP G 261 17.06 -41.51 -26.38
C ASP G 261 16.80 -41.04 -27.79
N LYS G 262 17.85 -40.70 -28.56
CA LYS G 262 17.65 -40.44 -29.98
C LYS G 262 17.28 -41.70 -30.73
N TYR G 263 17.82 -42.85 -30.32
CA TYR G 263 17.40 -44.12 -30.89
C TYR G 263 15.96 -44.47 -30.52
N ARG G 264 15.55 -44.14 -29.30
CA ARG G 264 14.15 -44.30 -28.90
C ARG G 264 13.24 -43.40 -29.73
N LEU G 265 13.68 -42.16 -29.98
CA LEU G 265 12.93 -41.23 -30.82
C LEU G 265 12.78 -41.75 -32.25
N ASP G 266 13.86 -42.31 -32.81
CA ASP G 266 13.81 -42.87 -34.15
C ASP G 266 12.88 -44.08 -34.20
N LEU G 267 12.92 -44.92 -33.17
CA LEU G 267 12.08 -46.11 -33.17
C LEU G 267 10.62 -45.80 -32.87
N LEU G 268 10.34 -44.66 -32.22
CA LEU G 268 8.97 -44.21 -32.05
C LEU G 268 8.44 -43.48 -33.27
N ALA G 269 9.30 -42.74 -33.97
CA ALA G 269 8.87 -42.06 -35.19
C ALA G 269 8.71 -43.02 -36.36
N GLN G 270 9.39 -44.17 -36.34
CA GLN G 270 9.07 -45.22 -37.30
C GLN G 270 7.72 -45.86 -37.01
N ALA G 271 7.32 -45.88 -35.73
CA ALA G 271 5.99 -46.36 -35.38
C ALA G 271 4.89 -45.36 -35.70
N GLY G 272 5.25 -44.12 -36.00
CA GLY G 272 4.28 -43.12 -36.41
C GLY G 272 3.67 -42.33 -35.28
N VAL G 273 4.50 -41.94 -34.30
CA VAL G 273 4.00 -41.13 -33.20
C VAL G 273 3.71 -39.72 -33.71
N ASP G 274 2.67 -39.10 -33.17
CA ASP G 274 2.23 -37.79 -33.64
C ASP G 274 2.78 -36.64 -32.82
N VAL G 275 3.11 -36.87 -31.55
CA VAL G 275 3.61 -35.84 -30.67
C VAL G 275 4.49 -36.51 -29.63
N VAL G 276 5.59 -35.86 -29.26
CA VAL G 276 6.47 -36.35 -28.21
C VAL G 276 6.54 -35.31 -27.11
N VAL G 277 6.57 -35.79 -25.86
CA VAL G 277 6.79 -34.93 -24.70
C VAL G 277 8.15 -35.28 -24.12
N LEU G 278 8.91 -34.26 -23.77
CA LEU G 278 10.27 -34.45 -23.26
C LEU G 278 10.17 -34.46 -21.75
N ASP G 279 10.15 -35.65 -21.17
CA ASP G 279 9.78 -35.83 -19.77
C ASP G 279 10.97 -35.51 -18.88
N SER G 280 10.88 -34.40 -18.16
CA SER G 280 11.85 -34.06 -17.13
C SER G 280 11.17 -33.15 -16.12
N SER G 281 11.61 -33.23 -14.86
CA SER G 281 11.05 -32.38 -13.82
C SER G 281 11.55 -30.95 -13.91
N GLN G 282 12.63 -30.71 -14.66
CA GLN G 282 13.20 -29.37 -14.84
C GLN G 282 13.50 -29.21 -16.33
N GLY G 283 12.66 -28.44 -17.02
CA GLY G 283 12.73 -28.36 -18.46
C GLY G 283 13.69 -27.37 -19.04
N ASN G 284 14.26 -26.49 -18.24
CA ASN G 284 15.12 -25.44 -18.75
C ASN G 284 16.59 -25.85 -18.63
N SER G 285 16.95 -26.88 -19.39
CA SER G 285 18.32 -27.36 -19.42
C SER G 285 18.87 -27.22 -20.83
N ILE G 286 20.20 -27.27 -20.96
CA ILE G 286 20.81 -27.26 -22.28
C ILE G 286 20.54 -28.57 -23.00
N PHE G 287 20.33 -29.66 -22.25
CA PHE G 287 20.09 -30.97 -22.84
C PHE G 287 18.77 -31.01 -23.57
N GLN G 288 17.73 -30.46 -22.96
CA GLN G 288 16.41 -30.46 -23.57
C GLN G 288 16.32 -29.46 -24.73
N ILE G 289 17.05 -28.35 -24.64
CA ILE G 289 17.06 -27.39 -25.75
C ILE G 289 17.79 -27.98 -26.96
N ASN G 290 18.90 -28.69 -26.73
CA ASN G 290 19.56 -29.38 -27.84
C ASN G 290 18.71 -30.51 -28.39
N MET G 291 17.93 -31.19 -27.55
CA MET G 291 17.06 -32.25 -28.06
C MET G 291 15.91 -31.67 -28.89
N ILE G 292 15.36 -30.52 -28.48
CA ILE G 292 14.31 -29.86 -29.25
C ILE G 292 14.85 -29.38 -30.60
N LYS G 293 16.05 -28.79 -30.61
CA LYS G 293 16.65 -28.40 -31.89
C LYS G 293 17.11 -29.59 -32.72
N TYR G 294 17.24 -30.77 -32.12
CA TYR G 294 17.48 -31.98 -32.89
C TYR G 294 16.21 -32.50 -33.54
N ILE G 295 15.09 -32.44 -32.82
CA ILE G 295 13.83 -32.95 -33.36
C ILE G 295 13.29 -32.02 -34.43
N LYS G 296 13.41 -30.70 -34.23
CA LYS G 296 12.79 -29.75 -35.14
C LYS G 296 13.49 -29.65 -36.50
N ASP G 297 14.65 -30.27 -36.68
CA ASP G 297 15.18 -30.41 -38.03
C ASP G 297 15.32 -31.84 -38.51
N LYS G 298 15.46 -32.83 -37.61
CA LYS G 298 15.45 -34.19 -38.12
C LYS G 298 14.04 -34.67 -38.44
N TYR G 299 13.05 -34.25 -37.65
CA TYR G 299 11.65 -34.65 -37.86
C TYR G 299 10.81 -33.38 -37.92
N PRO G 300 10.66 -32.78 -39.10
CA PRO G 300 10.04 -31.45 -39.18
C PRO G 300 8.53 -31.46 -39.00
N ASN G 301 7.87 -32.61 -39.16
CA ASN G 301 6.43 -32.69 -38.97
C ASN G 301 6.05 -33.32 -37.63
N LEU G 302 6.99 -33.40 -36.69
CA LEU G 302 6.74 -33.99 -35.39
C LEU G 302 6.59 -32.87 -34.35
N GLN G 303 5.53 -32.94 -33.56
CA GLN G 303 5.25 -31.93 -32.55
C GLN G 303 5.95 -32.29 -31.25
N VAL G 304 6.55 -31.29 -30.61
CA VAL G 304 7.25 -31.51 -29.35
C VAL G 304 6.54 -30.75 -28.24
N ILE G 305 6.62 -31.31 -27.03
CA ILE G 305 6.09 -30.69 -25.83
C ILE G 305 7.19 -30.62 -24.80
N GLY G 306 7.58 -29.41 -24.42
CA GLY G 306 8.65 -29.20 -23.48
C GLY G 306 8.13 -29.03 -22.07
N GLY G 307 8.95 -29.38 -21.10
CA GLY G 307 8.57 -29.28 -19.71
C GLY G 307 9.53 -30.06 -18.84
N ASN G 308 9.36 -29.90 -17.52
CA ASN G 308 8.34 -29.06 -16.90
C ASN G 308 8.83 -27.65 -16.65
N VAL G 309 7.96 -26.67 -16.88
CA VAL G 309 8.29 -25.27 -16.65
C VAL G 309 7.27 -24.70 -15.67
N VAL G 310 7.73 -23.75 -14.85
CA VAL G 310 6.84 -23.03 -13.96
C VAL G 310 6.99 -21.52 -14.06
N THR G 311 8.11 -20.99 -14.54
CA THR G 311 8.31 -19.55 -14.67
C THR G 311 8.28 -19.16 -16.13
N ALA G 312 8.31 -17.85 -16.37
CA ALA G 312 8.26 -17.34 -17.73
C ALA G 312 9.62 -17.34 -18.42
N ALA G 313 10.72 -17.35 -17.65
CA ALA G 313 12.05 -17.40 -18.26
C ALA G 313 12.32 -18.75 -18.88
N GLN G 314 11.81 -19.81 -18.26
CA GLN G 314 11.95 -21.15 -18.80
C GLN G 314 11.09 -21.33 -20.05
N ALA G 315 9.91 -20.73 -20.05
CA ALA G 315 9.08 -20.68 -21.24
C ALA G 315 9.75 -19.88 -22.36
N LYS G 316 10.51 -18.85 -22.01
CA LYS G 316 11.27 -18.11 -23.01
C LYS G 316 12.37 -18.98 -23.62
N ASN G 317 13.11 -19.69 -22.78
CA ASN G 317 14.20 -20.51 -23.29
C ASN G 317 13.70 -21.71 -24.08
N LEU G 318 12.49 -22.19 -23.82
CA LEU G 318 12.00 -23.32 -24.61
C LEU G 318 11.19 -22.91 -25.84
N ILE G 319 10.46 -21.80 -25.80
CA ILE G 319 9.73 -21.35 -26.98
C ILE G 319 10.70 -20.85 -28.05
N ASP G 320 11.77 -20.17 -27.64
CA ASP G 320 12.80 -19.73 -28.58
C ASP G 320 13.59 -20.89 -29.17
N ALA G 321 13.61 -22.04 -28.51
CA ALA G 321 14.21 -23.25 -29.07
C ALA G 321 13.32 -23.91 -30.12
N GLY G 322 12.07 -23.49 -30.24
CA GLY G 322 11.17 -24.02 -31.24
C GLY G 322 10.17 -25.02 -30.74
N VAL G 323 9.74 -24.94 -29.48
CA VAL G 323 8.82 -25.93 -28.94
C VAL G 323 7.40 -25.62 -29.43
N ASP G 324 6.55 -26.65 -29.43
CA ASP G 324 5.18 -26.52 -29.91
C ASP G 324 4.14 -26.48 -28.81
N ALA G 325 4.47 -26.96 -27.61
CA ALA G 325 3.59 -26.85 -26.46
C ALA G 325 4.44 -26.92 -25.20
N LEU G 326 3.88 -26.45 -24.10
CA LEU G 326 4.56 -26.47 -22.82
C LEU G 326 3.79 -27.35 -21.84
N ARG G 327 4.47 -27.77 -20.78
CA ARG G 327 3.93 -28.67 -19.79
C ARG G 327 4.22 -28.05 -18.42
N VAL G 328 3.19 -27.49 -17.79
CA VAL G 328 3.36 -26.58 -16.66
C VAL G 328 3.12 -27.32 -15.35
N GLY G 329 4.09 -27.25 -14.45
CA GLY G 329 3.93 -27.79 -13.11
C GLY G 329 5.14 -28.54 -12.59
N MET G 330 5.63 -28.10 -11.43
CA MET G 330 6.78 -28.70 -10.77
C MET G 330 6.53 -28.67 -9.27
N GLY G 331 6.43 -29.83 -8.65
CA GLY G 331 6.26 -29.91 -7.22
C GLY G 331 4.83 -29.97 -6.73
N SER G 332 3.87 -30.19 -7.61
CA SER G 332 2.46 -30.17 -7.25
C SER G 332 1.76 -31.50 -7.48
N GLY G 333 2.48 -32.53 -7.88
CA GLY G 333 1.88 -33.83 -8.04
C GLY G 333 1.53 -34.47 -6.71
N SER G 334 0.58 -35.39 -6.77
CA SER G 334 0.14 -36.10 -5.57
C SER G 334 1.19 -37.11 -5.10
N ILE G 335 1.99 -37.64 -6.02
CA ILE G 335 3.08 -38.55 -5.70
C ILE G 335 4.43 -37.83 -5.73
N CYS G 336 4.45 -36.53 -5.48
CA CYS G 336 5.61 -35.70 -5.70
C CYS G 336 6.15 -35.17 -4.38
N ILE G 337 7.45 -35.35 -4.16
CA ILE G 337 8.14 -34.80 -3.00
C ILE G 337 9.32 -33.95 -3.45
N THR G 338 9.19 -33.31 -4.63
CA THR G 338 10.25 -32.44 -5.12
C THR G 338 10.39 -31.19 -4.24
N GLN G 339 9.27 -30.62 -3.79
CA GLN G 339 9.33 -29.44 -2.94
C GLN G 339 9.83 -29.78 -1.53
N GLU G 340 9.74 -31.03 -1.11
CA GLU G 340 10.14 -31.43 0.23
C GLU G 340 11.48 -32.16 0.25
N VAL G 341 12.14 -32.33 -0.90
CA VAL G 341 13.49 -32.86 -0.98
C VAL G 341 14.42 -31.89 -1.69
N LEU G 342 13.99 -31.37 -2.85
CA LEU G 342 14.81 -30.48 -3.65
C LEU G 342 14.44 -29.02 -3.49
N ALA G 343 13.40 -28.72 -2.69
CA ALA G 343 13.05 -27.35 -2.23
C ALA G 343 12.73 -26.40 -3.38
N CYS G 344 12.11 -26.91 -4.44
CA CYS G 344 12.00 -26.13 -5.66
C CYS G 344 10.66 -26.38 -6.32
N GLY G 345 10.23 -25.44 -7.13
CA GLY G 345 8.92 -25.44 -7.76
C GLY G 345 8.19 -24.15 -7.46
N ARG G 346 6.88 -24.18 -7.72
CA ARG G 346 5.99 -23.11 -7.30
C ARG G 346 4.57 -23.66 -7.26
N PRO G 347 3.62 -22.98 -6.58
CA PRO G 347 2.23 -23.44 -6.59
C PRO G 347 1.63 -23.47 -8.00
N GLN G 348 0.67 -24.38 -8.19
CA GLN G 348 0.29 -24.83 -9.51
C GLN G 348 -0.53 -23.79 -10.27
N ALA G 349 -1.47 -23.12 -9.59
CA ALA G 349 -2.34 -22.16 -10.28
C ALA G 349 -1.57 -20.94 -10.74
N THR G 350 -0.66 -20.44 -9.90
CA THR G 350 0.21 -19.33 -10.29
C THR G 350 1.13 -19.75 -11.42
N ALA G 351 1.61 -21.00 -11.40
CA ALA G 351 2.46 -21.51 -12.48
C ALA G 351 1.72 -21.54 -13.81
N VAL G 352 0.48 -22.05 -13.80
CA VAL G 352 -0.33 -22.13 -15.01
C VAL G 352 -0.61 -20.74 -15.56
N TYR G 353 -0.94 -19.78 -14.68
CA TYR G 353 -1.22 -18.43 -15.16
C TYR G 353 0.03 -17.74 -15.71
N LYS G 354 1.16 -17.86 -15.01
CA LYS G 354 2.36 -17.15 -15.43
C LYS G 354 2.98 -17.74 -16.68
N VAL G 355 2.84 -19.05 -16.90
CA VAL G 355 3.38 -19.59 -18.14
C VAL G 355 2.38 -19.41 -19.28
N SER G 356 1.07 -19.42 -19.00
CA SER G 356 0.08 -19.23 -20.05
C SER G 356 0.08 -17.80 -20.57
N GLU G 357 0.24 -16.82 -19.67
CA GLU G 357 0.25 -15.42 -20.08
C GLU G 357 1.49 -15.10 -20.91
N TYR G 358 2.59 -15.82 -20.71
CA TYR G 358 3.74 -15.64 -21.57
C TYR G 358 3.61 -16.42 -22.87
N ALA G 359 3.06 -17.62 -22.82
CA ALA G 359 3.02 -18.49 -23.98
C ALA G 359 1.91 -18.12 -24.96
N ARG G 360 0.95 -17.29 -24.55
CA ARG G 360 -0.02 -16.81 -25.51
C ARG G 360 0.53 -15.69 -26.39
N ARG G 361 1.69 -15.13 -26.04
CA ARG G 361 2.32 -14.11 -26.87
C ARG G 361 2.82 -14.70 -28.19
N PHE G 362 3.15 -16.00 -28.18
CA PHE G 362 3.74 -16.67 -29.33
C PHE G 362 2.83 -17.73 -29.91
N GLY G 363 1.61 -17.88 -29.40
CA GLY G 363 0.70 -18.89 -29.90
C GLY G 363 1.09 -20.31 -29.54
N VAL G 364 1.49 -20.53 -28.30
CA VAL G 364 1.94 -21.83 -27.82
C VAL G 364 1.02 -22.28 -26.71
N PRO G 365 0.30 -23.39 -26.84
CA PRO G 365 -0.53 -23.89 -25.75
C PRO G 365 0.34 -24.46 -24.64
N VAL G 366 -0.23 -24.51 -23.43
CA VAL G 366 0.44 -25.14 -22.30
C VAL G 366 -0.44 -26.28 -21.79
N ILE G 367 0.17 -27.15 -20.99
CA ILE G 367 -0.48 -28.33 -20.45
C ILE G 367 -0.28 -28.31 -18.94
N ALA G 368 -1.38 -28.22 -18.19
CA ALA G 368 -1.30 -28.21 -16.75
C ALA G 368 -1.27 -29.64 -16.22
N ASP G 369 -0.16 -30.05 -15.60
CA ASP G 369 -0.12 -31.30 -14.87
C ASP G 369 0.21 -31.05 -13.41
N GLY G 370 -0.28 -31.94 -12.56
CA GLY G 370 -0.06 -31.82 -11.13
C GLY G 370 -1.15 -31.01 -10.44
N GLY G 371 -1.54 -31.47 -9.26
CA GLY G 371 -2.49 -30.76 -8.44
C GLY G 371 -3.94 -31.03 -8.75
N ILE G 372 -4.25 -31.74 -9.83
CA ILE G 372 -5.64 -31.98 -10.22
C ILE G 372 -6.19 -33.10 -9.36
N GLN G 373 -7.25 -32.81 -8.61
CA GLN G 373 -7.89 -33.75 -7.71
C GLN G 373 -9.33 -34.04 -8.06
N ASN G 374 -10.00 -33.14 -8.77
CA ASN G 374 -11.43 -33.27 -9.07
C ASN G 374 -11.72 -32.47 -10.34
N VAL G 375 -13.02 -32.29 -10.62
CA VAL G 375 -13.42 -31.59 -11.83
C VAL G 375 -13.22 -30.09 -11.69
N GLY G 376 -13.34 -29.57 -10.47
CA GLY G 376 -13.17 -28.15 -10.24
C GLY G 376 -11.76 -27.66 -10.49
N HIS G 377 -10.77 -28.49 -10.18
CA HIS G 377 -9.39 -28.13 -10.48
C HIS G 377 -9.14 -28.10 -11.98
N ILE G 378 -9.79 -28.99 -12.74
CA ILE G 378 -9.69 -28.97 -14.19
C ILE G 378 -10.31 -27.70 -14.75
N ALA G 379 -11.47 -27.31 -14.21
CA ALA G 379 -12.13 -26.09 -14.68
C ALA G 379 -11.34 -24.84 -14.35
N LYS G 380 -10.72 -24.79 -13.16
CA LYS G 380 -9.88 -23.65 -12.81
C LYS G 380 -8.60 -23.62 -13.65
N ALA G 381 -8.02 -24.77 -13.95
CA ALA G 381 -6.81 -24.81 -14.78
C ALA G 381 -7.11 -24.37 -16.20
N LEU G 382 -8.26 -24.78 -16.74
CA LEU G 382 -8.64 -24.32 -18.07
C LEU G 382 -9.04 -22.85 -18.07
N ALA G 383 -9.54 -22.33 -16.95
CA ALA G 383 -9.86 -20.91 -16.89
C ALA G 383 -8.66 -20.03 -16.63
N LEU G 384 -7.53 -20.58 -16.19
CA LEU G 384 -6.34 -19.77 -15.98
C LEU G 384 -5.41 -19.72 -17.18
N GLY G 385 -5.75 -20.38 -18.28
CA GLY G 385 -4.95 -20.23 -19.47
C GLY G 385 -4.42 -21.52 -20.06
N ALA G 386 -4.55 -22.62 -19.32
CA ALA G 386 -4.10 -23.90 -19.85
C ALA G 386 -5.06 -24.39 -20.92
N SER G 387 -4.51 -24.86 -22.03
CA SER G 387 -5.36 -25.37 -23.11
C SER G 387 -5.84 -26.78 -22.82
N THR G 388 -4.95 -27.65 -22.36
CA THR G 388 -5.31 -29.00 -21.96
C THR G 388 -4.81 -29.26 -20.54
N VAL G 389 -5.38 -30.28 -19.91
CA VAL G 389 -5.10 -30.63 -18.53
C VAL G 389 -4.62 -32.08 -18.48
N MET G 390 -3.48 -32.31 -17.84
CA MET G 390 -2.89 -33.64 -17.73
C MET G 390 -3.14 -34.22 -16.35
N MET G 391 -3.60 -35.47 -16.32
CA MET G 391 -4.04 -36.13 -15.09
C MET G 391 -3.36 -37.48 -14.96
N GLY G 392 -2.64 -37.68 -13.87
CA GLY G 392 -2.10 -39.00 -13.58
C GLY G 392 -2.84 -39.73 -12.48
N SER G 393 -3.17 -39.04 -11.39
CA SER G 393 -3.77 -39.70 -10.24
C SER G 393 -5.28 -39.81 -10.36
N LEU G 394 -5.93 -38.87 -11.04
CA LEU G 394 -7.37 -38.94 -11.22
C LEU G 394 -7.75 -39.98 -12.27
N LEU G 395 -6.80 -40.39 -13.11
CA LEU G 395 -7.01 -41.46 -14.07
C LEU G 395 -6.35 -42.77 -13.65
N ALA G 396 -5.61 -42.78 -12.56
CA ALA G 396 -5.05 -44.03 -12.04
C ALA G 396 -6.15 -44.85 -11.39
N ALA G 397 -5.88 -46.16 -11.27
CA ALA G 397 -6.81 -47.18 -10.79
C ALA G 397 -8.12 -47.20 -11.59
N THR G 398 -8.05 -46.87 -12.86
CA THR G 398 -9.14 -47.08 -13.79
C THR G 398 -8.96 -48.48 -14.38
N THR G 399 -9.95 -48.94 -15.15
CA THR G 399 -9.88 -50.27 -15.73
C THR G 399 -8.79 -50.36 -16.78
N GLU G 400 -8.58 -49.29 -17.56
CA GLU G 400 -7.59 -49.30 -18.63
C GLU G 400 -6.18 -49.01 -18.15
N ALA G 401 -6.00 -48.60 -16.89
CA ALA G 401 -4.66 -48.33 -16.38
C ALA G 401 -3.90 -49.64 -16.19
N PRO G 402 -2.60 -49.68 -16.45
CA PRO G 402 -1.86 -50.93 -16.32
C PRO G 402 -1.66 -51.32 -14.87
N GLY G 403 -1.57 -52.62 -14.65
CA GLY G 403 -1.47 -53.20 -13.32
C GLY G 403 -2.68 -54.08 -13.03
N GLU G 404 -2.71 -54.58 -11.80
CA GLU G 404 -3.79 -55.44 -11.35
C GLU G 404 -4.24 -55.01 -9.97
N TYR G 405 -5.50 -55.31 -9.66
CA TYR G 405 -6.11 -54.90 -8.42
C TYR G 405 -5.69 -55.79 -7.26
N PHE G 406 -5.75 -55.21 -6.06
CA PHE G 406 -5.57 -55.96 -4.82
C PHE G 406 -6.37 -55.27 -3.74
N PHE G 407 -6.28 -55.78 -2.51
CA PHE G 407 -7.10 -55.29 -1.42
C PHE G 407 -6.23 -54.89 -0.23
N SER G 408 -6.68 -53.86 0.47
CA SER G 408 -6.00 -53.38 1.68
C SER G 408 -7.06 -52.73 2.58
N ASP G 409 -7.25 -53.32 3.76
CA ASP G 409 -8.30 -52.95 4.73
C ASP G 409 -9.67 -53.02 4.09
N GLY G 410 -9.89 -54.04 3.26
CA GLY G 410 -11.17 -54.23 2.60
C GLY G 410 -11.50 -53.20 1.54
N ILE G 411 -10.49 -52.62 0.89
CA ILE G 411 -10.70 -51.58 -0.11
C ILE G 411 -9.98 -52.00 -1.40
N ARG G 412 -10.73 -52.06 -2.49
CA ARG G 412 -10.19 -52.40 -3.80
C ARG G 412 -9.42 -51.21 -4.35
N LEU G 413 -8.12 -51.40 -4.59
CA LEU G 413 -7.27 -50.30 -5.03
C LEU G 413 -6.09 -50.82 -5.83
N LYS G 414 -5.64 -50.00 -6.78
CA LYS G 414 -4.55 -50.32 -7.69
C LYS G 414 -3.30 -49.52 -7.30
N LYS G 415 -2.13 -50.12 -7.48
CA LYS G 415 -0.87 -49.48 -7.17
C LYS G 415 -0.60 -48.31 -8.12
N TYR G 416 -0.02 -47.25 -7.57
CA TYR G 416 0.25 -46.02 -8.33
C TYR G 416 1.48 -45.36 -7.74
N ARG G 417 2.59 -45.38 -8.48
CA ARG G 417 3.85 -44.81 -8.04
C ARG G 417 4.34 -43.75 -9.01
N GLY G 418 5.13 -42.82 -8.51
CA GLY G 418 5.73 -41.81 -9.34
C GLY G 418 6.95 -42.32 -10.07
N MET G 419 7.37 -41.53 -11.06
CA MET G 419 8.51 -41.93 -11.89
C MET G 419 9.83 -41.75 -11.16
N GLY G 420 9.88 -40.80 -10.22
CA GLY G 420 11.09 -40.58 -9.44
C GLY G 420 11.22 -41.47 -8.22
N SER G 421 10.18 -42.23 -7.91
CA SER G 421 10.24 -43.17 -6.79
C SER G 421 11.26 -44.27 -7.07
N LEU G 422 11.92 -44.73 -6.00
CA LEU G 422 12.97 -45.73 -6.14
C LEU G 422 12.44 -47.11 -6.52
N ASP G 423 11.14 -47.35 -6.36
CA ASP G 423 10.55 -48.57 -6.87
C ASP G 423 10.32 -48.51 -8.38
N ALA G 424 10.40 -47.33 -8.98
CA ALA G 424 10.26 -47.17 -10.42
C ALA G 424 11.59 -46.94 -11.13
N MET G 425 12.66 -46.65 -10.40
CA MET G 425 13.98 -46.50 -11.00
C MET G 425 14.67 -47.85 -11.18
N ILE G 442 24.59 -42.64 -5.81
CA ILE G 442 23.40 -42.64 -4.98
C ILE G 442 22.23 -41.94 -5.68
N LYS G 443 21.06 -42.57 -5.65
CA LYS G 443 19.87 -42.06 -6.31
C LYS G 443 18.96 -41.38 -5.29
N VAL G 444 18.60 -40.14 -5.56
CA VAL G 444 17.63 -39.42 -4.74
C VAL G 444 16.23 -39.67 -5.30
N ALA G 445 15.27 -39.83 -4.40
CA ALA G 445 13.90 -40.11 -4.78
C ALA G 445 13.10 -38.82 -4.85
N GLN G 446 12.43 -38.60 -5.99
CA GLN G 446 11.51 -37.49 -6.16
C GLN G 446 10.06 -37.96 -6.15
N GLY G 447 9.79 -39.19 -5.72
CA GLY G 447 8.44 -39.70 -5.76
C GLY G 447 8.20 -40.74 -4.68
N VAL G 448 6.92 -40.96 -4.40
CA VAL G 448 6.50 -41.99 -3.47
C VAL G 448 5.79 -43.09 -4.26
N SER G 449 5.54 -44.21 -3.59
CA SER G 449 4.93 -45.39 -4.22
C SER G 449 3.69 -45.75 -3.43
N GLY G 450 2.54 -45.24 -3.89
CA GLY G 450 1.31 -45.43 -3.16
C GLY G 450 0.26 -46.20 -3.91
N ALA G 451 -1.00 -45.98 -3.56
CA ALA G 451 -2.12 -46.63 -4.21
C ALA G 451 -3.36 -45.77 -4.07
N VAL G 452 -4.28 -45.91 -5.02
CA VAL G 452 -5.48 -45.09 -5.07
C VAL G 452 -6.65 -46.01 -5.42
N GLN G 453 -7.85 -45.63 -4.95
CA GLN G 453 -9.03 -46.48 -5.04
C GLN G 453 -9.55 -46.56 -6.47
N ASP G 454 -10.29 -47.63 -6.75
CA ASP G 454 -10.82 -47.91 -8.07
C ASP G 454 -11.84 -46.87 -8.51
N LYS G 455 -11.79 -46.52 -9.80
CA LYS G 455 -12.69 -45.53 -10.38
C LYS G 455 -13.49 -46.10 -11.55
N GLY G 456 -13.55 -47.41 -11.68
CA GLY G 456 -14.35 -48.02 -12.72
C GLY G 456 -13.66 -47.99 -14.08
N SER G 457 -14.47 -47.84 -15.12
CA SER G 457 -13.98 -47.73 -16.49
C SER G 457 -13.83 -46.25 -16.85
N ILE G 458 -13.19 -46.00 -17.98
CA ILE G 458 -12.86 -44.63 -18.37
C ILE G 458 -13.81 -44.10 -19.45
N HIS G 459 -14.58 -44.97 -20.10
CA HIS G 459 -15.67 -44.50 -20.94
C HIS G 459 -16.88 -44.07 -20.14
N LYS G 460 -16.88 -44.35 -18.84
CA LYS G 460 -17.89 -43.87 -17.91
C LYS G 460 -17.40 -42.69 -17.07
N PHE G 461 -16.09 -42.46 -17.03
CA PHE G 461 -15.49 -41.45 -16.18
C PHE G 461 -15.12 -40.17 -16.92
N VAL G 462 -14.58 -40.27 -18.12
CA VAL G 462 -14.28 -39.10 -18.95
C VAL G 462 -15.54 -38.35 -19.39
N PRO G 463 -16.66 -38.97 -19.80
CA PRO G 463 -17.88 -38.15 -20.02
C PRO G 463 -18.41 -37.45 -18.78
N TYR G 464 -18.14 -37.98 -17.58
CA TYR G 464 -18.46 -37.23 -16.37
C TYR G 464 -17.61 -35.97 -16.25
N LEU G 465 -16.32 -36.07 -16.58
CA LEU G 465 -15.45 -34.89 -16.58
C LEU G 465 -15.89 -33.90 -17.65
N ILE G 466 -16.34 -34.40 -18.80
CA ILE G 466 -16.84 -33.55 -19.87
C ILE G 466 -18.07 -32.77 -19.42
N ALA G 467 -19.02 -33.46 -18.79
CA ALA G 467 -20.23 -32.80 -18.32
C ALA G 467 -19.94 -31.84 -17.17
N GLY G 468 -18.95 -32.14 -16.33
CA GLY G 468 -18.57 -31.22 -15.28
C GLY G 468 -17.93 -29.96 -15.80
N ILE G 469 -17.05 -30.09 -16.81
CA ILE G 469 -16.44 -28.91 -17.44
C ILE G 469 -17.50 -28.08 -18.17
N GLN G 470 -18.48 -28.75 -18.78
CA GLN G 470 -19.54 -28.02 -19.47
C GLN G 470 -20.45 -27.27 -18.50
N HIS G 471 -20.78 -27.88 -17.36
CA HIS G 471 -21.59 -27.16 -16.36
C HIS G 471 -20.80 -26.04 -15.70
N SER G 472 -19.49 -26.20 -15.54
CA SER G 472 -18.67 -25.13 -14.99
C SER G 472 -18.52 -23.97 -15.97
N CYS G 473 -18.40 -24.26 -17.27
CA CYS G 473 -18.40 -23.22 -18.27
C CYS G 473 -19.78 -22.60 -18.46
N GLN G 474 -20.85 -23.30 -18.08
CA GLN G 474 -22.16 -22.66 -18.06
C GLN G 474 -22.26 -21.67 -16.92
N ASP G 475 -21.79 -22.05 -15.73
CA ASP G 475 -21.86 -21.12 -14.60
C ASP G 475 -20.90 -19.94 -14.76
N ILE G 476 -19.77 -20.15 -15.42
CA ILE G 476 -18.93 -19.02 -15.82
C ILE G 476 -19.68 -18.11 -16.78
N GLY G 477 -20.37 -18.69 -17.74
CA GLY G 477 -21.14 -17.93 -18.71
C GLY G 477 -20.56 -17.89 -20.10
N ALA G 478 -19.74 -18.85 -20.48
CA ALA G 478 -19.09 -18.86 -21.78
C ALA G 478 -19.39 -20.17 -22.51
N LYS G 479 -19.62 -20.08 -23.81
CA LYS G 479 -20.02 -21.23 -24.60
C LYS G 479 -18.85 -22.08 -25.08
N SER G 480 -17.61 -21.68 -24.77
CA SER G 480 -16.45 -22.43 -25.21
C SER G 480 -15.28 -22.07 -24.30
N LEU G 481 -14.27 -22.95 -24.29
CA LEU G 481 -13.06 -22.69 -23.53
C LEU G 481 -12.27 -21.51 -24.08
N THR G 482 -12.33 -21.31 -25.40
CA THR G 482 -11.71 -20.13 -25.99
C THR G 482 -12.40 -18.87 -25.49
N GLN G 483 -13.71 -18.94 -25.30
CA GLN G 483 -14.43 -17.80 -24.73
C GLN G 483 -14.12 -17.63 -23.26
N VAL G 484 -13.85 -18.73 -22.53
CA VAL G 484 -13.45 -18.64 -21.12
C VAL G 484 -12.12 -17.91 -20.99
N ARG G 485 -11.13 -18.31 -21.78
CA ARG G 485 -9.84 -17.64 -21.72
C ARG G 485 -9.89 -16.23 -22.28
N ALA G 486 -10.77 -15.98 -23.27
CA ALA G 486 -10.91 -14.63 -23.79
C ALA G 486 -11.56 -13.70 -22.79
N MET G 487 -12.54 -14.20 -22.03
CA MET G 487 -13.10 -13.42 -20.93
C MET G 487 -12.10 -13.23 -19.80
N MET G 488 -11.20 -14.19 -19.61
CA MET G 488 -10.22 -14.07 -18.53
C MET G 488 -9.16 -13.03 -18.86
N TYR G 489 -8.60 -13.07 -20.08
CA TYR G 489 -7.56 -12.10 -20.41
C TYR G 489 -8.09 -10.70 -20.69
N SER G 490 -9.38 -10.57 -21.00
CA SER G 490 -9.96 -9.25 -21.21
C SER G 490 -10.37 -8.57 -19.90
N GLY G 491 -10.32 -9.27 -18.79
CA GLY G 491 -10.77 -8.72 -17.52
C GLY G 491 -12.24 -8.87 -17.23
N GLU G 492 -12.99 -9.54 -18.11
CA GLU G 492 -14.42 -9.71 -17.89
C GLU G 492 -14.70 -10.83 -16.89
N LEU G 493 -13.92 -11.90 -16.96
CA LEU G 493 -14.08 -13.03 -16.04
C LEU G 493 -13.28 -12.74 -14.78
N LYS G 494 -13.97 -12.75 -13.64
CA LYS G 494 -13.38 -12.28 -12.39
C LYS G 494 -13.28 -13.41 -11.36
N PHE G 495 -12.35 -13.23 -10.43
CA PHE G 495 -11.96 -14.23 -9.45
C PHE G 495 -12.14 -13.67 -8.04
N GLU G 496 -11.89 -14.51 -7.05
CA GLU G 496 -12.00 -14.12 -5.66
C GLU G 496 -11.11 -15.03 -4.83
N LYS G 497 -10.25 -14.44 -4.00
CA LYS G 497 -9.36 -15.22 -3.15
C LYS G 497 -10.18 -15.85 -2.01
N ARG G 498 -9.72 -17.00 -1.53
CA ARG G 498 -10.48 -17.80 -0.58
C ARG G 498 -9.59 -18.17 0.61
N THR G 499 -10.07 -17.89 1.82
CA THR G 499 -9.32 -18.17 3.04
C THR G 499 -9.44 -19.64 3.41
N SER G 500 -8.85 -20.03 4.54
CA SER G 500 -8.83 -21.43 4.94
C SER G 500 -10.18 -21.90 5.47
N SER G 501 -10.87 -21.08 6.27
CA SER G 501 -12.18 -21.47 6.75
C SER G 501 -13.26 -21.30 5.70
N ALA G 502 -12.99 -20.54 4.64
CA ALA G 502 -13.84 -20.56 3.46
C ALA G 502 -13.50 -21.71 2.52
N GLN G 503 -12.34 -22.35 2.69
CA GLN G 503 -12.10 -23.64 2.06
C GLN G 503 -12.78 -24.76 2.84
N VAL G 504 -12.95 -24.58 4.15
CA VAL G 504 -13.67 -25.56 4.95
C VAL G 504 -15.15 -25.58 4.57
N GLU G 505 -15.77 -24.42 4.36
CA GLU G 505 -17.17 -24.41 3.98
C GLU G 505 -17.37 -24.77 2.52
N GLY G 506 -16.32 -24.73 1.70
CA GLY G 506 -16.47 -25.03 0.29
C GLY G 506 -16.69 -26.51 0.02
N GLY G 507 -16.17 -27.36 0.88
CA GLY G 507 -16.43 -28.79 0.83
C GLY G 507 -17.68 -29.16 1.58
N VAL G 508 -17.65 -30.34 2.19
CA VAL G 508 -18.76 -30.86 2.98
C VAL G 508 -18.43 -30.65 4.46
N HIS G 509 -19.38 -30.07 5.19
CA HIS G 509 -19.24 -29.83 6.62
C HIS G 509 -20.59 -30.10 7.27
N SER G 510 -20.62 -29.94 8.61
CA SER G 510 -21.85 -29.93 9.42
C SER G 510 -22.69 -31.20 9.31
N LEU G 511 -22.05 -32.33 8.96
CA LEU G 511 -22.73 -33.60 8.84
C LEU G 511 -22.03 -34.65 9.68
N HIS G 512 -22.76 -35.70 10.03
CA HIS G 512 -22.16 -36.81 10.76
C HIS G 512 -21.35 -37.69 9.82
N SER G 513 -21.97 -38.14 8.73
CA SER G 513 -21.30 -38.97 7.73
C SER G 513 -22.11 -38.89 6.45
N TYR G 514 -21.42 -38.80 5.32
CA TYR G 514 -22.08 -38.62 4.03
C TYR G 514 -21.61 -39.69 3.05
N GLU G 515 -22.46 -39.93 2.04
CA GLU G 515 -22.23 -40.93 1.00
C GLU G 515 -22.18 -40.19 -0.32
N LYS G 516 -20.98 -39.79 -0.72
CA LYS G 516 -20.79 -39.00 -1.93
C LYS G 516 -20.70 -39.91 -3.15
N ARG G 517 -21.58 -39.67 -4.12
CA ARG G 517 -21.58 -40.39 -5.38
C ARG G 517 -21.48 -39.36 -6.49
N LEU G 518 -20.32 -39.30 -7.15
CA LEU G 518 -20.10 -38.29 -8.16
C LEU G 518 -20.86 -38.63 -9.45
N PHE G 519 -20.85 -39.90 -9.83
CA PHE G 519 -21.48 -40.33 -11.07
C PHE G 519 -22.00 -41.75 -10.91
N MET H 6 -22.61 26.51 25.79
CA MET H 6 -21.18 26.71 25.86
C MET H 6 -20.41 25.56 25.20
N ALA H 7 -19.11 25.45 25.50
CA ALA H 7 -18.20 24.61 24.74
C ALA H 7 -18.41 23.12 24.94
N ASP H 8 -19.22 22.70 25.90
CA ASP H 8 -19.55 21.28 26.03
C ASP H 8 -20.44 20.79 24.90
N TYR H 9 -21.16 21.69 24.23
CA TYR H 9 -22.03 21.35 23.11
C TYR H 9 -21.56 21.95 21.79
N LEU H 10 -20.93 23.12 21.80
CA LEU H 10 -20.66 23.85 20.58
C LEU H 10 -19.49 23.31 19.79
N ILE H 11 -18.69 22.39 20.33
CA ILE H 11 -17.52 21.91 19.59
C ILE H 11 -17.92 20.80 18.62
N SER H 12 -18.48 19.71 19.14
CA SER H 12 -18.79 18.54 18.32
C SER H 12 -20.28 18.31 18.17
N GLY H 13 -21.12 19.26 18.58
CA GLY H 13 -22.54 19.10 18.38
C GLY H 13 -23.22 18.15 19.34
N GLY H 14 -22.65 17.94 20.52
CA GLY H 14 -23.26 17.10 21.53
C GLY H 14 -22.88 15.64 21.46
N THR H 15 -22.50 15.15 20.28
CA THR H 15 -22.05 13.77 20.15
C THR H 15 -20.71 13.58 20.83
N SER H 16 -20.56 12.45 21.51
CA SER H 16 -19.37 12.18 22.33
C SER H 16 -18.17 11.84 21.45
N TYR H 17 -17.04 11.55 22.10
CA TYR H 17 -15.79 11.35 21.38
C TYR H 17 -15.79 10.02 20.61
N VAL H 18 -16.00 8.90 21.31
CA VAL H 18 -16.09 7.55 20.76
C VAL H 18 -14.81 7.19 20.01
N PRO H 19 -13.75 6.77 20.71
CA PRO H 19 -12.44 6.49 20.08
C PRO H 19 -12.53 5.46 18.97
N ASP H 20 -12.00 5.81 17.81
CA ASP H 20 -12.12 4.99 16.62
C ASP H 20 -11.22 3.77 16.74
N ASP H 21 -11.83 2.59 16.69
CA ASP H 21 -11.07 1.34 16.86
C ASP H 21 -11.83 0.23 16.16
N GLY H 22 -11.21 -0.38 15.17
CA GLY H 22 -11.83 -1.42 14.37
C GLY H 22 -12.03 -0.97 12.93
N LEU H 23 -12.64 -1.86 12.16
CA LEU H 23 -12.87 -1.65 10.74
C LEU H 23 -14.37 -1.68 10.46
N THR H 24 -14.82 -0.79 9.58
CA THR H 24 -16.19 -0.83 9.13
C THR H 24 -16.38 -1.97 8.12
N ALA H 25 -17.63 -2.19 7.72
CA ALA H 25 -17.90 -3.26 6.76
C ALA H 25 -17.41 -2.89 5.37
N GLN H 26 -17.36 -1.60 5.04
CA GLN H 26 -16.81 -1.18 3.76
C GLN H 26 -15.30 -1.31 3.74
N GLN H 27 -14.64 -1.12 4.88
CA GLN H 27 -13.20 -1.26 4.96
C GLN H 27 -12.75 -2.71 5.07
N LEU H 28 -13.66 -3.61 5.41
CA LEU H 28 -13.32 -5.02 5.62
C LEU H 28 -13.53 -5.87 4.37
N PHE H 29 -14.62 -5.66 3.64
CA PHE H 29 -14.98 -6.48 2.51
C PHE H 29 -14.59 -5.88 1.17
N ASN H 30 -13.80 -4.81 1.18
CA ASN H 30 -13.23 -4.25 -0.04
C ASN H 30 -11.72 -4.38 -0.06
N CYS H 31 -11.18 -5.30 0.73
CA CYS H 31 -9.76 -5.63 0.70
C CYS H 31 -9.41 -6.60 -0.42
N GLY H 32 -10.40 -7.12 -1.14
CA GLY H 32 -10.20 -8.07 -2.19
C GLY H 32 -10.22 -9.52 -1.73
N ASP H 33 -9.89 -9.76 -0.47
CA ASP H 33 -9.87 -11.10 0.08
C ASP H 33 -11.29 -11.54 0.46
N GLY H 34 -11.59 -12.81 0.19
CA GLY H 34 -12.92 -13.33 0.41
C GLY H 34 -13.13 -13.95 1.78
N LEU H 35 -13.99 -13.35 2.59
CA LEU H 35 -14.19 -13.77 3.96
C LEU H 35 -15.49 -14.55 4.09
N THR H 36 -15.48 -15.58 4.94
CA THR H 36 -16.67 -16.29 5.32
C THR H 36 -17.08 -15.85 6.73
N TYR H 37 -18.05 -16.56 7.32
CA TYR H 37 -18.59 -16.20 8.61
C TYR H 37 -17.57 -16.35 9.72
N ASN H 38 -16.70 -17.35 9.63
CA ASN H 38 -15.73 -17.62 10.68
C ASN H 38 -14.47 -16.78 10.56
N ASP H 39 -14.37 -15.90 9.58
CA ASP H 39 -13.17 -15.11 9.35
C ASP H 39 -13.22 -13.74 9.99
N PHE H 40 -14.31 -13.38 10.65
CA PHE H 40 -14.42 -12.07 11.27
C PHE H 40 -15.31 -12.19 12.49
N LEU H 41 -15.51 -11.06 13.16
CA LEU H 41 -16.41 -10.94 14.30
C LEU H 41 -16.78 -9.47 14.49
N ILE H 42 -17.85 -9.24 15.24
CA ILE H 42 -18.44 -7.92 15.42
C ILE H 42 -17.90 -7.31 16.71
N LEU H 43 -17.45 -6.06 16.65
CA LEU H 43 -17.01 -5.40 17.87
C LEU H 43 -18.21 -4.88 18.65
N PRO H 44 -18.22 -5.07 19.97
CA PRO H 44 -19.37 -4.65 20.78
C PRO H 44 -19.41 -3.15 21.01
N GLY H 45 -20.56 -2.71 21.54
CA GLY H 45 -20.82 -1.30 21.77
C GLY H 45 -21.44 -1.00 23.12
N TYR H 46 -22.48 -0.16 23.12
CA TYR H 46 -23.06 0.37 24.35
C TYR H 46 -24.45 -0.22 24.57
N ILE H 47 -24.75 -0.58 25.82
CA ILE H 47 -26.03 -1.16 26.20
C ILE H 47 -26.79 -0.16 27.06
N ASP H 48 -28.02 0.15 26.67
CA ASP H 48 -28.97 0.83 27.54
C ASP H 48 -30.35 0.18 27.48
N PHE H 49 -30.40 -1.13 27.33
CA PHE H 49 -31.65 -1.86 27.12
C PHE H 49 -31.42 -3.33 27.45
N THR H 50 -32.47 -3.99 27.93
CA THR H 50 -32.40 -5.42 28.16
C THR H 50 -32.59 -6.19 26.86
N ALA H 51 -32.30 -7.50 26.91
CA ALA H 51 -32.32 -8.32 25.70
C ALA H 51 -33.72 -8.65 25.23
N ASP H 52 -34.71 -8.67 26.13
CA ASP H 52 -36.05 -9.10 25.75
C ASP H 52 -36.81 -8.05 24.95
N GLN H 53 -36.35 -6.81 24.92
CA GLN H 53 -36.99 -5.75 24.15
C GLN H 53 -36.24 -5.42 22.87
N VAL H 54 -35.61 -6.43 22.27
CA VAL H 54 -34.95 -6.29 20.97
C VAL H 54 -35.95 -6.75 19.92
N ASP H 55 -36.35 -5.83 19.04
CA ASP H 55 -37.34 -6.11 18.03
C ASP H 55 -36.69 -6.83 16.84
N LEU H 56 -37.31 -7.92 16.40
CA LEU H 56 -36.73 -8.76 15.36
C LEU H 56 -37.53 -8.71 14.06
N THR H 57 -38.22 -7.60 13.81
CA THR H 57 -39.05 -7.48 12.62
C THR H 57 -38.17 -7.35 11.39
N SER H 58 -38.36 -8.26 10.44
CA SER H 58 -37.55 -8.31 9.23
C SER H 58 -38.45 -8.51 8.03
N ALA H 59 -38.02 -7.99 6.89
CA ALA H 59 -38.80 -8.04 5.66
C ALA H 59 -38.33 -9.21 4.81
N LEU H 60 -39.25 -10.12 4.48
CA LEU H 60 -38.92 -11.22 3.58
C LEU H 60 -38.78 -10.72 2.16
N THR H 61 -39.85 -10.17 1.60
CA THR H 61 -39.86 -9.54 0.29
C THR H 61 -40.22 -8.07 0.47
N LYS H 62 -40.50 -7.39 -0.64
CA LYS H 62 -40.82 -5.97 -0.60
C LYS H 62 -42.19 -5.68 0.00
N LYS H 63 -43.05 -6.69 0.16
CA LYS H 63 -44.35 -6.50 0.79
C LYS H 63 -44.67 -7.50 1.90
N ILE H 64 -43.97 -8.62 1.98
CA ILE H 64 -44.17 -9.59 3.06
C ILE H 64 -43.24 -9.23 4.20
N THR H 65 -43.80 -9.09 5.40
CA THR H 65 -43.05 -8.72 6.59
C THR H 65 -43.21 -9.82 7.63
N LEU H 66 -42.08 -10.36 8.09
CA LEU H 66 -42.04 -11.40 9.09
C LEU H 66 -41.68 -10.82 10.45
N LYS H 67 -41.94 -11.61 11.50
CA LYS H 67 -41.64 -11.20 12.86
C LYS H 67 -40.32 -11.75 13.38
N THR H 68 -39.81 -12.83 12.78
CA THR H 68 -38.49 -13.34 13.08
C THR H 68 -37.73 -13.51 11.78
N PRO H 69 -36.42 -13.23 11.76
CA PRO H 69 -35.63 -13.30 10.52
C PRO H 69 -35.12 -14.71 10.22
N LEU H 70 -35.99 -15.70 10.32
CA LEU H 70 -35.61 -17.10 10.16
C LEU H 70 -36.57 -17.75 9.18
N VAL H 71 -36.12 -17.97 7.96
CA VAL H 71 -36.88 -18.71 6.98
C VAL H 71 -36.20 -20.06 6.80
N SER H 72 -36.93 -20.99 6.22
CA SER H 72 -36.47 -22.37 6.14
C SER H 72 -36.39 -22.82 4.68
N SER H 73 -35.48 -23.74 4.42
CA SER H 73 -34.99 -24.00 3.07
C SER H 73 -35.93 -24.95 2.32
N PRO H 74 -36.16 -24.72 1.03
CA PRO H 74 -36.97 -25.64 0.21
C PRO H 74 -36.21 -26.88 -0.25
N MET H 75 -36.03 -27.80 0.68
CA MET H 75 -35.35 -29.06 0.42
C MET H 75 -36.26 -30.21 0.82
N ASP H 76 -36.05 -31.37 0.19
CA ASP H 76 -36.95 -32.50 0.41
C ASP H 76 -36.76 -33.17 1.76
N THR H 77 -35.68 -32.86 2.48
CA THR H 77 -35.48 -33.35 3.84
C THR H 77 -35.42 -32.22 4.85
N VAL H 78 -35.88 -31.03 4.49
CA VAL H 78 -36.01 -29.92 5.43
C VAL H 78 -37.48 -29.56 5.65
N THR H 79 -38.17 -29.12 4.60
CA THR H 79 -39.51 -28.57 4.75
C THR H 79 -40.55 -29.31 3.93
N GLU H 80 -41.69 -29.57 4.57
CA GLU H 80 -42.95 -29.91 3.93
C GLU H 80 -43.99 -29.09 4.71
N ALA H 81 -45.26 -29.46 4.63
CA ALA H 81 -46.29 -28.66 5.30
C ALA H 81 -46.19 -28.69 6.81
N GLY H 82 -45.57 -29.71 7.41
CA GLY H 82 -45.36 -29.69 8.85
C GLY H 82 -44.38 -28.60 9.26
N MET H 83 -43.25 -28.50 8.56
CA MET H 83 -42.31 -27.42 8.78
C MET H 83 -42.85 -26.08 8.31
N ALA H 84 -43.68 -26.07 7.27
CA ALA H 84 -44.26 -24.80 6.82
C ALA H 84 -45.27 -24.26 7.84
N ILE H 85 -45.95 -25.15 8.57
CA ILE H 85 -46.78 -24.71 9.68
C ILE H 85 -45.90 -24.26 10.84
N ALA H 86 -44.93 -25.08 11.22
CA ALA H 86 -44.22 -24.88 12.48
C ALA H 86 -43.21 -23.74 12.41
N MET H 87 -42.70 -23.42 11.22
CA MET H 87 -41.88 -22.22 11.08
C MET H 87 -42.73 -20.96 11.04
N ALA H 88 -43.94 -21.05 10.48
CA ALA H 88 -44.80 -19.89 10.44
C ALA H 88 -45.34 -19.53 11.82
N LEU H 89 -45.66 -20.54 12.63
CA LEU H 89 -46.23 -20.27 13.95
C LEU H 89 -45.22 -19.62 14.90
N THR H 90 -43.93 -19.88 14.70
CA THR H 90 -42.89 -19.30 15.54
C THR H 90 -42.37 -17.97 14.99
N GLY H 91 -42.96 -17.45 13.92
CA GLY H 91 -42.63 -16.14 13.40
C GLY H 91 -42.07 -16.12 11.99
N GLY H 92 -41.45 -17.20 11.54
CA GLY H 92 -40.82 -17.25 10.23
C GLY H 92 -41.78 -17.64 9.12
N ILE H 93 -41.24 -18.29 8.10
CA ILE H 93 -42.02 -18.79 6.97
C ILE H 93 -41.33 -20.04 6.48
N GLY H 94 -42.07 -20.89 5.77
CA GLY H 94 -41.53 -22.11 5.20
C GLY H 94 -41.69 -22.13 3.70
N PHE H 95 -40.70 -22.71 3.03
CA PHE H 95 -40.72 -22.90 1.58
C PHE H 95 -40.78 -24.40 1.30
N ILE H 96 -41.84 -24.82 0.62
CA ILE H 96 -42.07 -26.23 0.35
C ILE H 96 -41.35 -26.61 -0.93
N HIS H 97 -40.60 -27.72 -0.89
CA HIS H 97 -39.72 -28.12 -1.97
C HIS H 97 -40.51 -28.56 -3.21
N HIS H 98 -39.80 -28.66 -4.33
CA HIS H 98 -40.38 -29.07 -5.59
C HIS H 98 -39.83 -30.39 -6.10
N ASN H 99 -39.34 -31.24 -5.19
CA ASN H 99 -38.88 -32.58 -5.55
C ASN H 99 -40.04 -33.57 -5.46
N CYS H 100 -41.13 -33.25 -6.14
CA CYS H 100 -42.38 -34.01 -6.05
C CYS H 100 -43.26 -33.61 -7.22
N THR H 101 -44.40 -34.28 -7.32
CA THR H 101 -45.40 -33.92 -8.31
C THR H 101 -46.04 -32.58 -7.94
N PRO H 102 -46.51 -31.81 -8.92
CA PRO H 102 -47.14 -30.52 -8.60
C PRO H 102 -48.42 -30.64 -7.79
N GLU H 103 -49.15 -31.74 -7.93
CA GLU H 103 -50.34 -31.96 -7.12
C GLU H 103 -49.97 -32.18 -5.66
N PHE H 104 -48.86 -32.86 -5.40
CA PHE H 104 -48.40 -33.07 -4.04
C PHE H 104 -47.95 -31.76 -3.40
N GLN H 105 -47.23 -30.92 -4.14
CA GLN H 105 -46.77 -29.65 -3.60
C GLN H 105 -47.93 -28.69 -3.36
N ALA H 106 -48.92 -28.69 -4.26
CA ALA H 106 -50.13 -27.90 -4.04
C ALA H 106 -50.93 -28.43 -2.86
N ASN H 107 -50.90 -29.74 -2.63
CA ASN H 107 -51.54 -30.32 -1.46
C ASN H 107 -50.85 -29.87 -0.18
N GLU H 108 -49.51 -29.79 -0.19
CA GLU H 108 -48.81 -29.32 1.01
C GLU H 108 -49.05 -27.85 1.27
N VAL H 109 -49.16 -27.04 0.20
CA VAL H 109 -49.42 -25.61 0.36
C VAL H 109 -50.85 -25.38 0.86
N ARG H 110 -51.82 -26.13 0.36
CA ARG H 110 -53.16 -25.98 0.92
C ARG H 110 -53.29 -26.66 2.28
N LYS H 111 -52.36 -27.55 2.65
CA LYS H 111 -52.37 -28.13 3.98
C LYS H 111 -51.88 -27.13 5.02
N VAL H 112 -50.83 -26.38 4.70
CA VAL H 112 -50.39 -25.33 5.62
C VAL H 112 -51.35 -24.13 5.58
N LYS H 113 -51.97 -23.85 4.45
CA LYS H 113 -52.82 -22.68 4.34
C LYS H 113 -54.16 -22.87 5.03
N LYS H 114 -54.63 -24.11 5.17
CA LYS H 114 -55.88 -24.43 5.85
C LYS H 114 -55.65 -24.75 7.34
N TYR H 115 -54.53 -24.33 7.90
CA TYR H 115 -54.23 -24.62 9.29
C TYR H 115 -54.98 -23.66 10.22
N TYR H 238 -47.02 -18.77 18.49
CA TYR H 238 -48.35 -18.26 18.18
C TYR H 238 -48.78 -16.81 18.60
N PRO H 239 -48.11 -16.14 19.56
CA PRO H 239 -48.36 -14.68 19.69
C PRO H 239 -47.92 -13.87 18.49
N LEU H 240 -46.83 -14.27 17.83
CA LEU H 240 -46.29 -13.58 16.66
C LEU H 240 -46.15 -14.65 15.58
N ALA H 241 -47.23 -14.86 14.82
CA ALA H 241 -47.41 -16.06 14.04
C ALA H 241 -47.39 -15.84 12.52
N SER H 242 -47.05 -14.63 12.06
CA SER H 242 -46.75 -14.31 10.65
C SER H 242 -47.90 -14.65 9.71
N LYS H 243 -49.05 -14.03 9.88
CA LYS H 243 -50.24 -14.41 9.14
C LYS H 243 -50.75 -13.24 8.31
N ASP H 244 -51.44 -13.57 7.22
CA ASP H 244 -51.80 -12.58 6.20
C ASP H 244 -53.11 -11.88 6.57
N ALA H 245 -53.69 -11.18 5.60
CA ALA H 245 -54.90 -10.39 5.85
C ALA H 245 -56.12 -11.27 6.10
N LYS H 246 -56.13 -12.49 5.58
CA LYS H 246 -57.22 -13.43 5.83
C LYS H 246 -56.97 -14.32 7.05
N LYS H 247 -55.99 -13.95 7.88
CA LYS H 247 -55.63 -14.64 9.13
C LYS H 247 -55.22 -16.09 8.90
N GLN H 248 -54.69 -16.39 7.72
CA GLN H 248 -54.13 -17.69 7.40
C GLN H 248 -52.60 -17.62 7.45
N LEU H 249 -51.98 -18.78 7.63
CA LEU H 249 -50.53 -18.82 7.79
C LEU H 249 -49.83 -18.54 6.47
N LEU H 250 -48.74 -17.77 6.56
CA LEU H 250 -47.90 -17.51 5.39
C LEU H 250 -47.20 -18.77 4.94
N CYS H 251 -47.07 -18.94 3.63
CA CYS H 251 -46.38 -20.09 3.07
C CYS H 251 -45.63 -19.69 1.81
N GLY H 252 -44.56 -20.44 1.53
CA GLY H 252 -43.82 -20.28 0.31
C GLY H 252 -43.61 -21.61 -0.37
N ALA H 253 -43.27 -21.55 -1.65
CA ALA H 253 -43.07 -22.77 -2.41
C ALA H 253 -42.00 -22.52 -3.47
N ALA H 254 -41.20 -23.55 -3.74
CA ALA H 254 -40.15 -23.45 -4.74
C ALA H 254 -40.65 -23.98 -6.07
N ILE H 255 -40.28 -23.29 -7.14
CA ILE H 255 -40.52 -23.76 -8.50
C ILE H 255 -39.21 -23.62 -9.27
N GLY H 256 -39.08 -24.42 -10.33
CA GLY H 256 -37.96 -24.28 -11.23
C GLY H 256 -38.23 -23.22 -12.28
N THR H 257 -37.32 -23.16 -13.26
CA THR H 257 -37.41 -22.18 -14.33
C THR H 257 -37.71 -22.82 -15.68
N HIS H 258 -38.05 -24.10 -15.70
CA HIS H 258 -38.39 -24.77 -16.94
C HIS H 258 -39.82 -24.40 -17.35
N GLU H 259 -40.14 -24.66 -18.63
CA GLU H 259 -41.46 -24.31 -19.15
C GLU H 259 -42.57 -25.18 -18.57
N ASP H 260 -42.23 -26.40 -18.15
CA ASP H 260 -43.23 -27.27 -17.51
C ASP H 260 -43.62 -26.80 -16.12
N ASP H 261 -42.87 -25.89 -15.52
CA ASP H 261 -43.16 -25.40 -14.17
C ASP H 261 -44.15 -24.25 -14.16
N LYS H 262 -44.61 -23.78 -15.32
CA LYS H 262 -45.71 -22.82 -15.33
C LYS H 262 -47.00 -23.47 -14.88
N TYR H 263 -47.20 -24.74 -15.20
CA TYR H 263 -48.36 -25.48 -14.68
C TYR H 263 -48.26 -25.69 -13.18
N ARG H 264 -47.05 -25.94 -12.68
CA ARG H 264 -46.84 -26.03 -11.23
C ARG H 264 -47.12 -24.69 -10.55
N LEU H 265 -46.70 -23.60 -11.18
CA LEU H 265 -46.99 -22.26 -10.67
C LEU H 265 -48.48 -21.97 -10.63
N ASP H 266 -49.21 -22.36 -11.68
CA ASP H 266 -50.65 -22.17 -11.70
C ASP H 266 -51.34 -23.01 -10.63
N LEU H 267 -50.87 -24.25 -10.43
CA LEU H 267 -51.49 -25.12 -9.44
C LEU H 267 -51.13 -24.73 -8.02
N LEU H 268 -50.00 -24.04 -7.82
CA LEU H 268 -49.67 -23.50 -6.50
C LEU H 268 -50.37 -22.17 -6.24
N ALA H 269 -50.57 -21.35 -7.26
CA ALA H 269 -51.30 -20.10 -7.07
C ALA H 269 -52.79 -20.32 -6.92
N GLN H 270 -53.34 -21.43 -7.43
CA GLN H 270 -54.71 -21.79 -7.08
C GLN H 270 -54.82 -22.23 -5.64
N ALA H 271 -53.74 -22.81 -5.08
CA ALA H 271 -53.73 -23.17 -3.66
C ALA H 271 -53.53 -21.96 -2.76
N GLY H 272 -53.15 -20.81 -3.32
CA GLY H 272 -53.03 -19.60 -2.55
C GLY H 272 -51.67 -19.38 -1.93
N VAL H 273 -50.61 -19.67 -2.68
CA VAL H 273 -49.27 -19.42 -2.17
C VAL H 273 -49.00 -17.92 -2.15
N ASP H 274 -48.26 -17.47 -1.14
CA ASP H 274 -48.01 -16.05 -0.94
C ASP H 274 -46.71 -15.57 -1.54
N VAL H 275 -45.73 -16.45 -1.68
CA VAL H 275 -44.42 -16.09 -2.22
C VAL H 275 -43.84 -17.33 -2.88
N VAL H 276 -43.16 -17.15 -4.01
CA VAL H 276 -42.47 -18.25 -4.67
C VAL H 276 -40.99 -17.91 -4.76
N VAL H 277 -40.15 -18.93 -4.59
CA VAL H 277 -38.72 -18.81 -4.78
C VAL H 277 -38.35 -19.65 -6.00
N LEU H 278 -37.51 -19.08 -6.86
CA LEU H 278 -37.12 -19.72 -8.10
C LEU H 278 -35.82 -20.45 -7.84
N ASP H 279 -35.93 -21.76 -7.58
CA ASP H 279 -34.83 -22.53 -7.02
C ASP H 279 -33.86 -22.91 -8.13
N SER H 280 -32.67 -22.31 -8.12
CA SER H 280 -31.58 -22.69 -8.99
C SER H 280 -30.28 -22.28 -8.33
N SER H 281 -29.22 -23.05 -8.61
CA SER H 281 -27.91 -22.74 -8.06
C SER H 281 -27.25 -21.56 -8.76
N GLN H 282 -27.74 -21.18 -9.94
CA GLN H 282 -27.21 -20.06 -10.70
C GLN H 282 -28.39 -19.24 -11.20
N GLY H 283 -28.62 -18.09 -10.56
CA GLY H 283 -29.83 -17.34 -10.79
C GLY H 283 -29.80 -16.37 -11.94
N ASN H 284 -28.65 -16.10 -12.53
CA ASN H 284 -28.53 -15.11 -13.59
C ASN H 284 -28.59 -15.79 -14.96
N SER H 285 -29.75 -16.36 -15.26
CA SER H 285 -29.98 -16.98 -16.54
C SER H 285 -31.10 -16.26 -17.26
N ILE H 286 -31.20 -16.49 -18.57
CA ILE H 286 -32.31 -15.93 -19.34
C ILE H 286 -33.61 -16.65 -18.98
N PHE H 287 -33.52 -17.90 -18.53
CA PHE H 287 -34.69 -18.69 -18.20
C PHE H 287 -35.39 -18.13 -16.96
N GLN H 288 -34.61 -17.78 -15.94
CA GLN H 288 -35.18 -17.25 -14.73
C GLN H 288 -35.68 -15.82 -14.91
N ILE H 289 -35.02 -15.03 -15.76
CA ILE H 289 -35.49 -13.67 -16.04
C ILE H 289 -36.81 -13.70 -16.80
N ASN H 290 -36.94 -14.62 -17.78
CA ASN H 290 -38.23 -14.78 -18.46
C ASN H 290 -39.30 -15.33 -17.53
N MET H 291 -38.94 -16.19 -16.58
CA MET H 291 -39.94 -16.68 -15.64
C MET H 291 -40.40 -15.57 -14.68
N ILE H 292 -39.48 -14.71 -14.25
CA ILE H 292 -39.85 -13.58 -13.39
C ILE H 292 -40.75 -12.60 -14.15
N LYS H 293 -40.43 -12.31 -15.41
CA LYS H 293 -41.31 -11.44 -16.19
C LYS H 293 -42.62 -12.12 -16.58
N TYR H 294 -42.68 -13.45 -16.49
CA TYR H 294 -43.96 -14.14 -16.66
C TYR H 294 -44.82 -14.04 -15.40
N ILE H 295 -44.20 -14.16 -14.22
CA ILE H 295 -44.97 -14.11 -12.98
C ILE H 295 -45.44 -12.68 -12.70
N LYS H 296 -44.59 -11.68 -12.96
CA LYS H 296 -44.93 -10.31 -12.60
C LYS H 296 -46.02 -9.68 -13.46
N ASP H 297 -46.45 -10.33 -14.54
CA ASP H 297 -47.67 -9.87 -15.19
C ASP H 297 -48.80 -10.88 -15.19
N LYS H 298 -48.52 -12.19 -15.09
CA LYS H 298 -49.64 -13.10 -14.96
C LYS H 298 -50.21 -13.11 -13.53
N TYR H 299 -49.35 -12.97 -12.52
CA TYR H 299 -49.78 -12.95 -11.12
C TYR H 299 -49.21 -11.70 -10.48
N PRO H 300 -49.93 -10.58 -10.55
CA PRO H 300 -49.35 -9.29 -10.13
C PRO H 300 -49.25 -9.12 -8.62
N ASN H 301 -49.99 -9.91 -7.83
CA ASN H 301 -49.91 -9.83 -6.38
C ASN H 301 -49.08 -10.95 -5.76
N LEU H 302 -48.29 -11.64 -6.58
CA LEU H 302 -47.46 -12.74 -6.10
C LEU H 302 -46.02 -12.27 -5.99
N GLN H 303 -45.39 -12.55 -4.84
CA GLN H 303 -44.03 -12.13 -4.57
C GLN H 303 -43.06 -13.19 -5.07
N VAL H 304 -41.98 -12.76 -5.73
CA VAL H 304 -40.99 -13.69 -6.25
C VAL H 304 -39.67 -13.46 -5.51
N ILE H 305 -38.91 -14.55 -5.38
CA ILE H 305 -37.58 -14.52 -4.79
C ILE H 305 -36.62 -15.16 -5.78
N GLY H 306 -35.67 -14.38 -6.27
CA GLY H 306 -34.71 -14.85 -7.25
C GLY H 306 -33.43 -15.31 -6.59
N GLY H 307 -32.74 -16.24 -7.25
CA GLY H 307 -31.51 -16.77 -6.72
C GLY H 307 -31.11 -18.03 -7.46
N ASN H 308 -29.90 -18.51 -7.16
CA ASN H 308 -28.97 -17.93 -6.20
C ASN H 308 -28.03 -16.93 -6.85
N VAL H 309 -27.77 -15.83 -6.15
CA VAL H 309 -26.85 -14.81 -6.63
C VAL H 309 -25.75 -14.62 -5.60
N VAL H 310 -24.55 -14.30 -6.08
CA VAL H 310 -23.44 -13.95 -5.21
C VAL H 310 -22.77 -12.65 -5.57
N THR H 311 -22.88 -12.16 -6.80
CA THR H 311 -22.25 -10.91 -7.20
C THR H 311 -23.32 -9.85 -7.40
N ALA H 312 -22.87 -8.62 -7.64
CA ALA H 312 -23.79 -7.50 -7.81
C ALA H 312 -24.33 -7.40 -9.23
N ALA H 313 -23.64 -7.98 -10.22
CA ALA H 313 -24.15 -7.95 -11.59
C ALA H 313 -25.37 -8.85 -11.74
N GLN H 314 -25.37 -9.98 -11.02
CA GLN H 314 -26.51 -10.88 -11.04
C GLN H 314 -27.70 -10.26 -10.33
N ALA H 315 -27.44 -9.54 -9.24
CA ALA H 315 -28.47 -8.77 -8.57
C ALA H 315 -29.01 -7.66 -9.47
N LYS H 316 -28.16 -7.08 -10.33
CA LYS H 316 -28.63 -6.09 -11.27
C LYS H 316 -29.56 -6.72 -12.32
N ASN H 317 -29.17 -7.88 -12.86
CA ASN H 317 -29.99 -8.52 -13.87
C ASN H 317 -31.30 -9.07 -13.30
N LEU H 318 -31.34 -9.39 -12.01
CA LEU H 318 -32.61 -9.88 -11.47
C LEU H 318 -33.50 -8.79 -10.88
N ILE H 319 -32.93 -7.72 -10.30
CA ILE H 319 -33.74 -6.63 -9.79
C ILE H 319 -34.38 -5.86 -10.93
N ASP H 320 -33.65 -5.65 -12.03
CA ASP H 320 -34.21 -4.99 -13.20
C ASP H 320 -35.27 -5.84 -13.90
N ALA H 321 -35.28 -7.15 -13.68
CA ALA H 321 -36.36 -8.00 -14.17
C ALA H 321 -37.62 -7.89 -13.33
N GLY H 322 -37.56 -7.27 -12.17
CA GLY H 322 -38.71 -7.06 -11.33
C GLY H 322 -38.82 -7.99 -10.14
N VAL H 323 -37.71 -8.46 -9.59
CA VAL H 323 -37.78 -9.40 -8.49
C VAL H 323 -38.09 -8.66 -7.20
N ASP H 324 -38.63 -9.39 -6.22
CA ASP H 324 -39.02 -8.80 -4.95
C ASP H 324 -38.08 -9.13 -3.80
N ALA H 325 -37.28 -10.18 -3.92
CA ALA H 325 -36.26 -10.51 -2.93
C ALA H 325 -35.18 -11.32 -3.62
N LEU H 326 -34.01 -11.36 -3.00
CA LEU H 326 -32.90 -12.14 -3.52
C LEU H 326 -32.52 -13.23 -2.53
N ARG H 327 -31.80 -14.23 -3.03
CA ARG H 327 -31.41 -15.40 -2.25
C ARG H 327 -29.91 -15.59 -2.45
N VAL H 328 -29.12 -15.24 -1.45
CA VAL H 328 -27.68 -15.05 -1.62
C VAL H 328 -26.93 -16.28 -1.12
N GLY H 329 -26.09 -16.84 -1.98
CA GLY H 329 -25.20 -17.92 -1.60
C GLY H 329 -25.09 -19.03 -2.62
N MET H 330 -23.86 -19.31 -3.03
CA MET H 330 -23.56 -20.36 -4.00
C MET H 330 -22.25 -21.02 -3.59
N GLY H 331 -22.31 -22.30 -3.26
CA GLY H 331 -21.11 -23.04 -2.92
C GLY H 331 -20.77 -23.08 -1.46
N SER H 332 -21.67 -22.66 -0.57
CA SER H 332 -21.39 -22.58 0.85
C SER H 332 -22.29 -23.47 1.70
N GLY H 333 -23.13 -24.28 1.08
CA GLY H 333 -23.94 -25.21 1.83
C GLY H 333 -23.13 -26.35 2.42
N SER H 334 -23.68 -26.94 3.48
CA SER H 334 -23.02 -28.05 4.13
C SER H 334 -23.08 -29.33 3.30
N ILE H 335 -24.11 -29.47 2.47
CA ILE H 335 -24.26 -30.59 1.56
C ILE H 335 -23.89 -30.20 0.13
N CYS H 336 -23.01 -29.22 -0.02
CA CYS H 336 -22.75 -28.61 -1.32
C CYS H 336 -21.32 -28.90 -1.77
N ILE H 337 -21.19 -29.40 -2.98
CA ILE H 337 -19.89 -29.63 -3.62
C ILE H 337 -19.81 -28.88 -4.95
N THR H 338 -20.50 -27.73 -5.03
CA THR H 338 -20.45 -26.93 -6.26
C THR H 338 -19.06 -26.32 -6.46
N GLN H 339 -18.42 -25.86 -5.38
CA GLN H 339 -17.09 -25.30 -5.51
C GLN H 339 -16.03 -26.35 -5.78
N GLU H 340 -16.30 -27.62 -5.48
CA GLU H 340 -15.34 -28.69 -5.67
C GLU H 340 -15.64 -29.55 -6.89
N VAL H 341 -16.70 -29.24 -7.64
CA VAL H 341 -16.99 -29.90 -8.91
C VAL H 341 -17.09 -28.88 -10.04
N LEU H 342 -17.83 -27.80 -9.82
CA LEU H 342 -18.05 -26.79 -10.85
C LEU H 342 -17.19 -25.55 -10.65
N ALA H 343 -16.38 -25.51 -9.58
CA ALA H 343 -15.31 -24.52 -9.37
C ALA H 343 -15.83 -23.09 -9.32
N CYS H 344 -17.02 -22.88 -8.77
CA CYS H 344 -17.69 -21.60 -8.90
C CYS H 344 -18.42 -21.26 -7.62
N GLY H 345 -18.66 -19.97 -7.43
CA GLY H 345 -19.25 -19.43 -6.22
C GLY H 345 -18.36 -18.35 -5.63
N ARG H 346 -18.63 -18.03 -4.37
CA ARG H 346 -17.76 -17.15 -3.58
C ARG H 346 -18.05 -17.40 -2.11
N PRO H 347 -17.15 -16.99 -1.20
CA PRO H 347 -17.44 -17.13 0.24
C PRO H 347 -18.68 -16.36 0.67
N GLN H 348 -19.34 -16.87 1.71
CA GLN H 348 -20.73 -16.53 2.00
C GLN H 348 -20.88 -15.13 2.58
N ALA H 349 -19.99 -14.73 3.49
CA ALA H 349 -20.12 -13.43 4.14
C ALA H 349 -19.88 -12.28 3.16
N THR H 350 -18.87 -12.43 2.30
CA THR H 350 -18.62 -11.45 1.25
C THR H 350 -19.78 -11.41 0.26
N ALA H 351 -20.38 -12.56 -0.04
CA ALA H 351 -21.54 -12.63 -0.93
C ALA H 351 -22.72 -11.87 -0.35
N VAL H 352 -23.01 -12.09 0.93
CA VAL H 352 -24.13 -11.41 1.60
C VAL H 352 -23.91 -9.91 1.63
N TYR H 353 -22.68 -9.47 1.92
CA TYR H 353 -22.42 -8.03 1.96
C TYR H 353 -22.51 -7.40 0.57
N LYS H 354 -21.92 -8.04 -0.44
CA LYS H 354 -21.88 -7.43 -1.76
C LYS H 354 -23.25 -7.44 -2.44
N VAL H 355 -24.10 -8.43 -2.15
CA VAL H 355 -25.43 -8.37 -2.75
C VAL H 355 -26.35 -7.46 -1.92
N SER H 356 -26.15 -7.39 -0.60
CA SER H 356 -26.99 -6.53 0.23
C SER H 356 -26.73 -5.07 -0.03
N GLU H 357 -25.45 -4.70 -0.21
CA GLU H 357 -25.10 -3.30 -0.47
C GLU H 357 -25.61 -2.84 -1.83
N TYR H 358 -25.77 -3.75 -2.78
CA TYR H 358 -26.37 -3.37 -4.05
C TYR H 358 -27.90 -3.37 -3.95
N ALA H 359 -28.48 -4.33 -3.24
CA ALA H 359 -29.93 -4.48 -3.23
C ALA H 359 -30.61 -3.50 -2.29
N ARG H 360 -29.87 -2.83 -1.41
CA ARG H 360 -30.49 -1.76 -0.63
C ARG H 360 -30.67 -0.48 -1.43
N ARG H 361 -30.04 -0.38 -2.61
CA ARG H 361 -30.23 0.78 -3.47
C ARG H 361 -31.65 0.84 -4.03
N PHE H 362 -32.29 -0.32 -4.18
CA PHE H 362 -33.59 -0.43 -4.80
C PHE H 362 -34.66 -0.89 -3.82
N GLY H 363 -34.33 -1.06 -2.54
CA GLY H 363 -35.31 -1.50 -1.57
C GLY H 363 -35.70 -2.96 -1.71
N VAL H 364 -34.73 -3.84 -1.94
CA VAL H 364 -34.95 -5.26 -2.15
C VAL H 364 -34.25 -6.03 -1.05
N PRO H 365 -34.95 -6.78 -0.22
CA PRO H 365 -34.28 -7.60 0.79
C PRO H 365 -33.59 -8.79 0.16
N VAL H 366 -32.59 -9.33 0.86
CA VAL H 366 -31.92 -10.53 0.41
C VAL H 366 -32.07 -11.60 1.50
N ILE H 367 -31.80 -12.84 1.10
CA ILE H 367 -31.95 -14.00 1.98
C ILE H 367 -30.64 -14.76 1.95
N ALA H 368 -29.98 -14.87 3.10
CA ALA H 368 -28.72 -15.58 3.19
C ALA H 368 -28.98 -17.06 3.41
N ASP H 369 -28.62 -17.90 2.44
CA ASP H 369 -28.63 -19.34 2.66
C ASP H 369 -27.23 -19.92 2.47
N GLY H 370 -26.96 -21.00 3.17
CA GLY H 370 -25.65 -21.64 3.11
C GLY H 370 -24.69 -21.10 4.14
N GLY H 371 -23.91 -22.00 4.72
CA GLY H 371 -22.88 -21.63 5.67
C GLY H 371 -23.33 -21.45 7.10
N ILE H 372 -24.63 -21.46 7.37
CA ILE H 372 -25.12 -21.25 8.72
C ILE H 372 -24.97 -22.53 9.52
N GLN H 373 -24.20 -22.45 10.60
CA GLN H 373 -23.93 -23.59 11.47
C GLN H 373 -24.43 -23.41 12.89
N ASN H 374 -24.61 -22.18 13.35
CA ASN H 374 -24.97 -21.89 14.73
C ASN H 374 -25.67 -20.53 14.77
N VAL H 375 -25.86 -20.00 15.98
CA VAL H 375 -26.57 -18.75 16.14
C VAL H 375 -25.68 -17.57 15.75
N GLY H 376 -24.37 -17.71 15.95
CA GLY H 376 -23.46 -16.64 15.62
C GLY H 376 -23.38 -16.35 14.14
N HIS H 377 -23.49 -17.38 13.30
CA HIS H 377 -23.54 -17.17 11.86
C HIS H 377 -24.81 -16.45 11.43
N ILE H 378 -25.92 -16.72 12.12
CA ILE H 378 -27.17 -16.01 11.84
C ILE H 378 -27.03 -14.54 12.22
N ALA H 379 -26.40 -14.26 13.37
CA ALA H 379 -26.21 -12.89 13.79
C ALA H 379 -25.27 -12.13 12.88
N LYS H 380 -24.20 -12.77 12.41
CA LYS H 380 -23.30 -12.12 11.46
C LYS H 380 -23.96 -11.89 10.11
N ALA H 381 -24.78 -12.85 9.65
CA ALA H 381 -25.48 -12.68 8.38
C ALA H 381 -26.50 -11.55 8.44
N LEU H 382 -27.20 -11.42 9.57
CA LEU H 382 -28.14 -10.31 9.73
C LEU H 382 -27.41 -8.99 9.91
N ALA H 383 -26.20 -9.01 10.46
CA ALA H 383 -25.44 -7.78 10.61
C ALA H 383 -24.73 -7.36 9.32
N LEU H 384 -24.59 -8.25 8.34
CA LEU H 384 -23.96 -7.88 7.08
C LEU H 384 -24.94 -7.40 6.03
N GLY H 385 -26.24 -7.37 6.33
CA GLY H 385 -27.16 -6.79 5.38
C GLY H 385 -28.30 -7.69 4.96
N ALA H 386 -28.22 -8.97 5.32
CA ALA H 386 -29.32 -9.89 4.99
C ALA H 386 -30.51 -9.61 5.88
N SER H 387 -31.70 -9.56 5.28
CA SER H 387 -32.90 -9.31 6.05
C SER H 387 -33.38 -10.57 6.76
N THR H 388 -33.41 -11.70 6.05
CA THR H 388 -33.74 -12.97 6.64
C THR H 388 -32.63 -13.98 6.34
N VAL H 389 -32.63 -15.06 7.11
CA VAL H 389 -31.61 -16.10 7.05
C VAL H 389 -32.28 -17.43 6.77
N MET H 390 -31.80 -18.16 5.77
CA MET H 390 -32.36 -19.45 5.38
C MET H 390 -31.47 -20.57 5.87
N MET H 391 -32.09 -21.58 6.48
CA MET H 391 -31.38 -22.66 7.15
C MET H 391 -31.93 -23.99 6.67
N GLY H 392 -31.06 -24.84 6.12
CA GLY H 392 -31.45 -26.19 5.81
C GLY H 392 -30.90 -27.23 6.77
N SER H 393 -29.61 -27.11 7.12
CA SER H 393 -28.98 -28.13 7.94
C SER H 393 -29.20 -27.91 9.43
N LEU H 394 -29.32 -26.66 9.85
CA LEU H 394 -29.56 -26.38 11.26
C LEU H 394 -31.01 -26.68 11.64
N LEU H 395 -31.90 -26.78 10.67
CA LEU H 395 -33.28 -27.19 10.92
C LEU H 395 -33.56 -28.63 10.50
N ALA H 396 -32.59 -29.31 9.89
CA ALA H 396 -32.76 -30.72 9.58
C ALA H 396 -32.65 -31.55 10.85
N ALA H 397 -33.21 -32.76 10.77
CA ALA H 397 -33.33 -33.71 11.89
C ALA H 397 -34.06 -33.11 13.08
N THR H 398 -35.00 -32.22 12.81
CA THR H 398 -35.94 -31.75 13.81
C THR H 398 -37.15 -32.67 13.75
N THR H 399 -38.08 -32.52 14.70
CA THR H 399 -39.25 -33.38 14.75
C THR H 399 -40.17 -33.12 13.56
N GLU H 400 -40.29 -31.87 13.13
CA GLU H 400 -41.18 -31.53 12.03
C GLU H 400 -40.58 -31.76 10.65
N ALA H 401 -39.29 -32.07 10.57
CA ALA H 401 -38.67 -32.32 9.28
C ALA H 401 -39.13 -33.67 8.73
N PRO H 402 -39.33 -33.79 7.42
CA PRO H 402 -39.83 -35.06 6.87
C PRO H 402 -38.77 -36.15 6.90
N GLY H 403 -39.24 -37.38 7.01
CA GLY H 403 -38.38 -38.53 7.16
C GLY H 403 -38.60 -39.21 8.50
N GLU H 404 -37.80 -40.25 8.74
CA GLU H 404 -37.88 -41.02 9.97
C GLU H 404 -36.49 -41.24 10.52
N TYR H 405 -36.41 -41.44 11.83
CA TYR H 405 -35.15 -41.58 12.52
C TYR H 405 -34.58 -42.98 12.35
N PHE H 406 -33.26 -43.08 12.48
CA PHE H 406 -32.57 -44.36 12.54
C PHE H 406 -31.31 -44.15 13.36
N PHE H 407 -30.50 -45.21 13.48
CA PHE H 407 -29.34 -45.18 14.35
C PHE H 407 -28.09 -45.58 13.58
N SER H 408 -26.97 -44.97 13.96
CA SER H 408 -25.67 -45.27 13.38
C SER H 408 -24.60 -44.99 14.43
N ASP H 409 -23.88 -46.04 14.83
CA ASP H 409 -22.89 -46.00 15.92
C ASP H 409 -23.52 -45.50 17.21
N GLY H 410 -24.76 -45.93 17.46
CA GLY H 410 -25.46 -45.55 18.68
C GLY H 410 -25.87 -44.10 18.74
N ILE H 411 -26.11 -43.45 17.59
CA ILE H 411 -26.46 -42.04 17.55
C ILE H 411 -27.75 -41.89 16.75
N ARG H 412 -28.75 -41.26 17.36
CA ARG H 412 -30.03 -41.02 16.72
C ARG H 412 -29.88 -39.86 15.74
N LEU H 413 -30.14 -40.13 14.45
CA LEU H 413 -29.94 -39.13 13.42
C LEU H 413 -30.86 -39.39 12.24
N LYS H 414 -31.26 -38.30 11.58
CA LYS H 414 -32.16 -38.32 10.44
C LYS H 414 -31.38 -38.03 9.15
N LYS H 415 -31.81 -38.68 8.06
CA LYS H 415 -31.17 -38.50 6.76
C LYS H 415 -31.39 -37.09 6.23
N TYR H 416 -30.37 -36.54 5.58
CA TYR H 416 -30.39 -35.18 5.07
C TYR H 416 -29.51 -35.12 3.82
N ARG H 417 -30.14 -34.97 2.65
CA ARG H 417 -29.42 -34.92 1.38
C ARG H 417 -29.71 -33.62 0.66
N GLY H 418 -28.78 -33.22 -0.20
CA GLY H 418 -28.96 -32.05 -1.02
C GLY H 418 -29.82 -32.34 -2.24
N MET H 419 -30.27 -31.25 -2.87
CA MET H 419 -31.14 -31.38 -4.03
C MET H 419 -30.37 -31.82 -5.27
N GLY H 420 -29.08 -31.48 -5.35
CA GLY H 420 -28.26 -31.89 -6.47
C GLY H 420 -27.65 -33.27 -6.34
N SER H 421 -27.81 -33.91 -5.18
CA SER H 421 -27.31 -35.26 -4.98
C SER H 421 -28.07 -36.24 -5.86
N LEU H 422 -27.36 -37.28 -6.33
CA LEU H 422 -27.94 -38.25 -7.24
C LEU H 422 -28.99 -39.13 -6.58
N ASP H 423 -29.02 -39.19 -5.25
CA ASP H 423 -30.10 -39.88 -4.56
C ASP H 423 -31.37 -39.05 -4.51
N ALA H 424 -31.29 -37.75 -4.82
CA ALA H 424 -32.46 -36.88 -4.87
C ALA H 424 -32.91 -36.58 -6.30
N MET H 425 -32.10 -36.89 -7.31
CA MET H 425 -32.51 -36.69 -8.70
C MET H 425 -33.32 -37.87 -9.21
N ILE H 442 -25.74 -37.80 -19.05
CA ILE H 442 -25.06 -38.02 -17.79
C ILE H 442 -25.35 -36.86 -16.82
N LYS H 443 -25.68 -37.21 -15.58
CA LYS H 443 -26.03 -36.24 -14.55
C LYS H 443 -24.84 -36.01 -13.63
N VAL H 444 -24.46 -34.75 -13.48
CA VAL H 444 -23.42 -34.36 -12.52
C VAL H 444 -24.06 -34.06 -11.19
N ALA H 445 -23.39 -34.48 -10.11
CA ALA H 445 -23.92 -34.29 -8.77
C ALA H 445 -23.35 -33.01 -8.16
N GLN H 446 -24.24 -32.15 -7.67
CA GLN H 446 -23.86 -30.96 -6.93
C GLN H 446 -24.14 -31.10 -5.43
N GLY H 447 -24.39 -32.31 -4.96
CA GLY H 447 -24.73 -32.50 -3.56
C GLY H 447 -24.33 -33.86 -3.06
N VAL H 448 -24.24 -33.96 -1.73
CA VAL H 448 -23.97 -35.23 -1.06
C VAL H 448 -25.23 -35.65 -0.31
N SER H 449 -25.22 -36.90 0.16
CA SER H 449 -26.38 -37.48 0.84
C SER H 449 -25.93 -37.96 2.22
N GLY H 450 -26.09 -37.10 3.21
CA GLY H 450 -25.60 -37.41 4.54
C GLY H 450 -26.68 -37.50 5.59
N ALA H 451 -26.30 -37.27 6.84
CA ALA H 451 -27.23 -37.31 7.95
C ALA H 451 -26.71 -36.43 9.07
N VAL H 452 -27.62 -35.91 9.88
CA VAL H 452 -27.29 -34.98 10.95
C VAL H 452 -28.09 -35.38 12.18
N GLN H 453 -27.54 -35.09 13.36
CA GLN H 453 -28.08 -35.56 14.63
C GLN H 453 -29.37 -34.83 14.99
N ASP H 454 -30.17 -35.48 15.83
CA ASP H 454 -31.47 -34.97 16.24
C ASP H 454 -31.36 -33.68 17.04
N LYS H 455 -32.29 -32.75 16.80
CA LYS H 455 -32.33 -31.47 17.48
C LYS H 455 -33.64 -31.24 18.21
N GLY H 456 -34.43 -32.29 18.43
CA GLY H 456 -35.66 -32.16 19.18
C GLY H 456 -36.79 -31.58 18.34
N SER H 457 -37.64 -30.80 19.01
CA SER H 457 -38.75 -30.12 18.35
C SER H 457 -38.31 -28.71 17.97
N ILE H 458 -39.14 -28.04 17.16
CA ILE H 458 -38.77 -26.74 16.61
C ILE H 458 -39.46 -25.59 17.34
N HIS H 459 -40.49 -25.88 18.15
CA HIS H 459 -41.02 -24.87 19.05
C HIS H 459 -40.15 -24.69 20.28
N LYS H 460 -39.16 -25.57 20.47
CA LYS H 460 -38.15 -25.44 21.51
C LYS H 460 -36.83 -24.93 20.97
N PHE H 461 -36.62 -24.99 19.65
CA PHE H 461 -35.36 -24.66 19.01
C PHE H 461 -35.34 -23.26 18.40
N VAL H 462 -36.41 -22.84 17.74
CA VAL H 462 -36.52 -21.50 17.18
C VAL H 462 -36.56 -20.41 18.26
N PRO H 463 -37.27 -20.55 19.41
CA PRO H 463 -37.09 -19.53 20.47
C PRO H 463 -35.68 -19.45 21.04
N TYR H 464 -34.90 -20.53 20.99
CA TYR H 464 -33.49 -20.43 21.34
C TYR H 464 -32.72 -19.57 20.35
N LEU H 465 -33.02 -19.72 19.06
CA LEU H 465 -32.39 -18.87 18.05
C LEU H 465 -32.83 -17.41 18.21
N ILE H 466 -34.09 -17.20 18.59
CA ILE H 466 -34.61 -15.86 18.85
C ILE H 466 -33.87 -15.20 19.99
N ALA H 467 -33.70 -15.93 21.10
CA ALA H 467 -32.99 -15.39 22.25
C ALA H 467 -31.51 -15.19 21.97
N GLY H 468 -30.90 -16.03 21.13
CA GLY H 468 -29.52 -15.83 20.76
C GLY H 468 -29.31 -14.60 19.89
N ILE H 469 -30.22 -14.38 18.93
CA ILE H 469 -30.15 -13.17 18.10
C ILE H 469 -30.39 -11.93 18.94
N GLN H 470 -31.29 -12.01 19.94
CA GLN H 470 -31.55 -10.87 20.80
C GLN H 470 -30.36 -10.55 21.70
N HIS H 471 -29.70 -11.57 22.24
CA HIS H 471 -28.50 -11.31 23.05
C HIS H 471 -27.33 -10.82 22.20
N SER H 472 -27.24 -11.27 20.94
CA SER H 472 -26.20 -10.76 20.07
C SER H 472 -26.46 -9.32 19.64
N CYS H 473 -27.72 -8.95 19.42
CA CYS H 473 -28.06 -7.56 19.16
C CYS H 473 -27.95 -6.70 20.41
N GLN H 474 -28.01 -7.30 21.60
CA GLN H 474 -27.72 -6.54 22.80
C GLN H 474 -26.23 -6.23 22.91
N ASP H 475 -25.38 -7.22 22.64
CA ASP H 475 -23.94 -6.97 22.71
C ASP H 475 -23.45 -6.06 21.58
N ILE H 476 -24.11 -6.11 20.42
CA ILE H 476 -23.84 -5.10 19.39
C ILE H 476 -24.23 -3.71 19.89
N GLY H 477 -25.38 -3.61 20.54
CA GLY H 477 -25.86 -2.36 21.08
C GLY H 477 -27.02 -1.74 20.35
N ALA H 478 -27.81 -2.51 19.62
CA ALA H 478 -28.92 -2.00 18.83
C ALA H 478 -30.20 -2.71 19.23
N LYS H 479 -31.29 -1.95 19.29
CA LYS H 479 -32.58 -2.47 19.75
C LYS H 479 -33.37 -3.16 18.65
N SER H 480 -32.88 -3.19 17.42
CA SER H 480 -33.59 -3.83 16.32
C SER H 480 -32.58 -4.18 15.23
N LEU H 481 -32.99 -5.10 14.36
CA LEU H 481 -32.16 -5.47 13.21
C LEU H 481 -32.02 -4.33 12.22
N THR H 482 -33.05 -3.50 12.09
CA THR H 482 -32.95 -2.31 11.27
C THR H 482 -31.91 -1.36 11.83
N GLN H 483 -31.82 -1.27 13.15
CA GLN H 483 -30.77 -0.45 13.76
C GLN H 483 -29.40 -1.10 13.60
N VAL H 484 -29.33 -2.44 13.58
CA VAL H 484 -28.05 -3.13 13.34
C VAL H 484 -27.52 -2.81 11.95
N ARG H 485 -28.38 -2.93 10.93
CA ARG H 485 -27.96 -2.63 9.57
C ARG H 485 -27.73 -1.13 9.37
N ALA H 486 -28.48 -0.28 10.08
CA ALA H 486 -28.26 1.16 9.97
C ALA H 486 -26.94 1.58 10.61
N MET H 487 -26.56 0.95 11.73
CA MET H 487 -25.24 1.16 12.31
C MET H 487 -24.15 0.59 11.43
N MET H 488 -24.43 -0.48 10.69
CA MET H 488 -23.42 -1.07 9.84
C MET H 488 -23.14 -0.21 8.60
N TYR H 489 -24.19 0.27 7.93
CA TYR H 489 -23.96 1.06 6.73
C TYR H 489 -23.50 2.48 7.04
N SER H 490 -23.75 2.98 8.25
CA SER H 490 -23.28 4.31 8.62
C SER H 490 -21.82 4.33 9.07
N GLY H 491 -21.21 3.16 9.26
CA GLY H 491 -19.86 3.08 9.75
C GLY H 491 -19.73 3.08 11.26
N GLU H 492 -20.84 3.08 11.99
CA GLU H 492 -20.79 3.06 13.45
C GLU H 492 -20.51 1.67 13.98
N LEU H 493 -21.07 0.65 13.36
CA LEU H 493 -20.87 -0.73 13.78
C LEU H 493 -19.60 -1.25 13.10
N LYS H 494 -18.64 -1.70 13.90
CA LYS H 494 -17.31 -2.02 13.42
C LYS H 494 -16.99 -3.49 13.58
N PHE H 495 -16.07 -3.97 12.74
CA PHE H 495 -15.72 -5.37 12.62
C PHE H 495 -14.23 -5.55 12.87
N GLU H 496 -13.78 -6.81 12.87
CA GLU H 496 -12.38 -7.14 13.08
C GLU H 496 -12.09 -8.48 12.42
N LYS H 497 -11.06 -8.54 11.59
CA LYS H 497 -10.69 -9.77 10.93
C LYS H 497 -10.06 -10.73 11.94
N ARG H 498 -10.20 -12.03 11.70
CA ARG H 498 -9.81 -13.04 12.67
C ARG H 498 -8.94 -14.10 11.99
N THR H 499 -7.78 -14.37 12.56
CA THR H 499 -6.84 -15.34 12.00
C THR H 499 -7.27 -16.76 12.37
N SER H 500 -6.47 -17.75 11.96
CA SER H 500 -6.83 -19.14 12.19
C SER H 500 -6.66 -19.57 13.64
N SER H 501 -5.57 -19.15 14.29
CA SER H 501 -5.38 -19.47 15.69
C SER H 501 -6.25 -18.63 16.62
N ALA H 502 -6.77 -17.50 16.12
CA ALA H 502 -7.82 -16.79 16.83
C ALA H 502 -9.21 -17.36 16.54
N GLN H 503 -9.34 -18.20 15.51
CA GLN H 503 -10.53 -19.05 15.36
C GLN H 503 -10.45 -20.25 16.29
N VAL H 504 -9.23 -20.71 16.58
CA VAL H 504 -9.06 -21.82 17.51
C VAL H 504 -9.44 -21.39 18.93
N GLU H 505 -9.05 -20.18 19.34
CA GLU H 505 -9.42 -19.73 20.69
C GLU H 505 -10.87 -19.29 20.77
N GLY H 506 -11.52 -19.04 19.63
CA GLY H 506 -12.90 -18.59 19.66
C GLY H 506 -13.88 -19.67 20.05
N GLY H 507 -13.55 -20.92 19.75
CA GLY H 507 -14.34 -22.06 20.19
C GLY H 507 -13.90 -22.53 21.56
N VAL H 508 -13.98 -23.84 21.75
CA VAL H 508 -13.59 -24.48 23.01
C VAL H 508 -12.20 -25.08 22.84
N HIS H 509 -11.30 -24.76 23.77
CA HIS H 509 -9.96 -25.31 23.77
C HIS H 509 -9.56 -25.62 25.20
N SER H 510 -8.34 -26.13 25.37
CA SER H 510 -7.66 -26.30 26.67
C SER H 510 -8.44 -27.19 27.65
N LEU H 511 -9.27 -28.09 27.14
CA LEU H 511 -10.04 -29.00 27.97
C LEU H 511 -9.82 -30.43 27.51
N HIS H 512 -10.07 -31.36 28.43
CA HIS H 512 -9.98 -32.77 28.07
C HIS H 512 -11.22 -33.21 27.28
N SER H 513 -12.41 -32.94 27.82
CA SER H 513 -13.66 -33.28 27.18
C SER H 513 -14.76 -32.43 27.81
N TYR H 514 -15.66 -31.91 26.98
CA TYR H 514 -16.71 -31.02 27.45
C TYR H 514 -18.08 -31.53 27.03
N GLU H 515 -19.09 -31.09 27.77
CA GLU H 515 -20.49 -31.48 27.58
C GLU H 515 -21.25 -30.20 27.27
N LYS H 516 -21.36 -29.88 25.97
CA LYS H 516 -22.00 -28.65 25.54
C LYS H 516 -23.50 -28.83 25.45
N ARG H 517 -24.25 -27.99 26.16
CA ARG H 517 -25.71 -27.99 26.13
C ARG H 517 -26.13 -26.58 25.75
N LEU H 518 -26.64 -26.42 24.52
CA LEU H 518 -26.99 -25.09 24.05
C LEU H 518 -28.30 -24.62 24.69
N PHE H 519 -29.27 -25.51 24.81
CA PHE H 519 -30.58 -25.16 25.35
C PHE H 519 -31.18 -26.36 26.07
#